data_8SQW
#
_entry.id   8SQW
#
_cell.length_a   1.00
_cell.length_b   1.00
_cell.length_c   1.00
_cell.angle_alpha   90.00
_cell.angle_beta   90.00
_cell.angle_gamma   90.00
#
_symmetry.space_group_name_H-M   'P 1'
#
loop_
_entity.id
_entity.type
_entity.pdbx_description
1 polymer 'Particulate methane monooxygenase alpha subunit'
2 polymer 'Particulate methane monooxygenase beta subunit'
3 polymer 'Ammonia monooxygenase/methane monooxygenase, subunit C family protein'
4 non-polymer DECANE
5 non-polymer 'COPPER (II) ION'
6 non-polymer 'DIUNDECYL PHOSPHATIDYL CHOLINE'
7 non-polymer 1,2-DIDECANOYL-SN-GLYCERO-3-PHOSPHOCHOLINE
8 non-polymer 1,2-dihexanoyl-sn-glycero-3-phosphocholine
9 non-polymer TRIFLUOROETHANOL
10 water water
#
loop_
_entity_poly.entity_id
_entity_poly.type
_entity_poly.pdbx_seq_one_letter_code
_entity_poly.pdbx_strand_id
1 'polypeptide(L)'
;HGEKSQAAFMRMRTIHWYDLSWSKEKVKINETVEIKGKFHVFEGWPETVDEPDVAFLNVGMPGPVFIRKESYIGGQLVPR
SVRLEIGKTYDFRVVLKARRPGDWHVHTMMNVQGGGPIIGPGKWITVEGSMSEFRNPVTTLTGQTVDLENYNEGNTYFWH
AFWFAIGVAWIGYWSRRPIFIPRLLMVDAGRADELVSATDRKVAMGFLAATILIVVMAMSSANSKYPITIPLQAGTMRGM
KPLELPAPTVSVKVEDATYRVPGRAMRMKLTITNHGNSPIRLGEFYTASVRFLDSDVYKDTTGYPEDLLAEDGLSVSDNS
PLAPGETRTVDVTASDAAWEVYRLSDIIYDPDSRFAGLLFFFDATGNRQVVQIDAPLIPSFM
;
A,E,I
2 'polypeptide(L)'
;AVRSHAEAVQVSRTIDWMALFVVFFVIVGSYHIHAMLTMGDWDFWSDWKDRRLWVTVTPIVLVTFPAAVQSYLWERYRLP
WGATVCVLGLLLGEWINRYFNFWGWTYFPINFVFPASLVPGAIILDTVLMLSGSYLFTAIVGAMGWGLIFYPGNWPIIAP
LHVPVEYNGMLMSIADIQGYNYVRTGTPEYIRMVEKGTLRTFGKDVAPVSAFFSAFMSILIYFMWHFIGRWFSNERFLQS
T
;
B,F,J
3 'polypeptide(L)'
;LLDKKWLTFALAIYTVFYLWVRWYEGVYGWSAGLDSFAPEFETYWMNFLYTEIVLEIVTASILWGYLWKTRDRNLAALTP
REELRRNFTHLVWLVAYAWAIYWGASYFTEQDGTWHQTIVRDTDFTPSHIIEFYLSYPIYIITGFAAFIYAKTRLPFFAK
GISLPYLVLVVGPFMILPNVGLNEWGHTFWFMEELFVAPLHYGFVIFGWLALAVMGTLTQTFYSFAQGGLGQSLCE
;
C,G,K
#
loop_
_chem_comp.id
_chem_comp.type
_chem_comp.name
_chem_comp.formula
CU non-polymer 'COPPER (II) ION' 'Cu 2'
D10 non-polymer DECANE 'C10 H22'
ETF non-polymer TRIFLUOROETHANOL 'C2 H3 F3 O'
HXG non-polymer 1,2-dihexanoyl-sn-glycero-3-phosphocholine 'C20 H41 N O8 P 1'
P1O non-polymer 1,2-DIDECANOYL-SN-GLYCERO-3-PHOSPHOCHOLINE 'C28 H57 N O8 P 1'
PLC non-polymer 'DIUNDECYL PHOSPHATIDYL CHOLINE' 'C32 H65 N O8 P 1'
#
# COMPACT_ATOMS: atom_id res chain seq x y z
N HIS A 1 23.39 -8.93 -24.14
CA HIS A 1 24.54 -9.34 -23.36
C HIS A 1 23.92 -9.58 -22.00
N GLY A 2 22.67 -9.08 -21.84
CA GLY A 2 21.93 -9.26 -20.58
C GLY A 2 21.03 -10.48 -20.62
N GLU A 3 21.03 -11.26 -21.70
CA GLU A 3 20.25 -12.52 -21.67
C GLU A 3 21.23 -13.66 -21.33
N LYS A 4 20.85 -14.93 -21.50
CA LYS A 4 21.69 -16.08 -21.07
C LYS A 4 21.69 -16.14 -19.55
N SER A 5 21.05 -15.17 -18.88
CA SER A 5 20.96 -15.13 -17.39
C SER A 5 19.48 -15.17 -17.00
N GLN A 6 18.60 -14.66 -17.86
CA GLN A 6 17.18 -14.77 -17.57
C GLN A 6 16.71 -16.22 -17.68
N ALA A 7 15.57 -16.49 -17.04
CA ALA A 7 15.03 -17.83 -17.04
C ALA A 7 14.73 -18.30 -18.46
N ALA A 8 15.09 -19.56 -18.73
CA ALA A 8 14.94 -20.11 -20.08
C ALA A 8 13.49 -20.11 -20.52
N PHE A 9 12.58 -20.51 -19.64
CA PHE A 9 11.17 -20.57 -20.02
C PHE A 9 10.60 -19.18 -20.23
N MET A 10 11.10 -18.19 -19.49
CA MET A 10 10.63 -16.82 -19.67
C MET A 10 11.15 -16.23 -20.98
N ARG A 11 12.38 -16.57 -21.35
CA ARG A 11 12.88 -16.17 -22.66
C ARG A 11 12.13 -16.88 -23.78
N MET A 12 11.71 -18.12 -23.55
CA MET A 12 10.98 -18.86 -24.56
C MET A 12 9.57 -18.32 -24.75
N ARG A 13 8.87 -18.01 -23.67
CA ARG A 13 7.49 -17.56 -23.78
C ARG A 13 7.37 -16.14 -23.23
N THR A 14 7.88 -15.17 -23.98
CA THR A 14 7.42 -13.80 -23.85
C THR A 14 7.11 -13.19 -25.20
N ILE A 15 8.11 -13.15 -26.06
CA ILE A 15 8.08 -12.44 -27.33
C ILE A 15 9.01 -13.16 -28.30
N HIS A 16 8.49 -13.50 -29.48
CA HIS A 16 9.28 -14.21 -30.48
C HIS A 16 9.65 -13.25 -31.60
N TRP A 17 10.95 -13.03 -31.78
CA TRP A 17 11.47 -12.15 -32.81
C TRP A 17 11.81 -12.97 -34.05
N TYR A 18 11.32 -12.53 -35.21
CA TYR A 18 11.64 -13.21 -36.46
C TYR A 18 11.58 -12.19 -37.59
N ASP A 19 12.04 -12.63 -38.77
CA ASP A 19 12.22 -11.76 -39.92
C ASP A 19 13.13 -10.57 -39.60
N LEU A 20 14.08 -10.78 -38.69
CA LEU A 20 15.00 -9.72 -38.33
C LEU A 20 15.99 -9.45 -39.45
N SER A 21 16.28 -8.18 -39.67
CA SER A 21 17.24 -7.79 -40.70
C SER A 21 18.02 -6.58 -40.20
N TRP A 22 19.26 -6.46 -40.68
CA TRP A 22 20.11 -5.33 -40.37
C TRP A 22 20.60 -4.72 -41.67
N SER A 23 20.45 -3.39 -41.79
CA SER A 23 20.80 -2.73 -43.04
C SER A 23 22.30 -2.82 -43.31
N LYS A 24 23.12 -2.69 -42.27
CA LYS A 24 24.57 -2.72 -42.41
C LYS A 24 25.17 -3.45 -41.23
N GLU A 25 26.36 -4.01 -41.45
CA GLU A 25 27.12 -4.69 -40.40
C GLU A 25 28.28 -3.86 -39.89
N LYS A 26 28.76 -2.91 -40.68
CA LYS A 26 29.88 -2.05 -40.32
C LYS A 26 29.58 -0.64 -40.80
N VAL A 27 29.73 0.34 -39.91
CA VAL A 27 29.31 1.70 -40.18
C VAL A 27 30.40 2.68 -39.79
N LYS A 28 30.30 3.88 -40.35
CA LYS A 28 31.15 5.00 -39.96
C LYS A 28 30.43 5.85 -38.91
N ILE A 29 31.19 6.74 -38.27
CA ILE A 29 30.58 7.73 -37.38
C ILE A 29 29.62 8.59 -38.18
N ASN A 30 28.46 8.88 -37.59
CA ASN A 30 27.35 9.63 -38.18
C ASN A 30 26.59 8.84 -39.23
N GLU A 31 27.00 7.62 -39.55
CA GLU A 31 26.28 6.80 -40.49
C GLU A 31 25.12 6.10 -39.80
N THR A 32 24.07 5.81 -40.57
CA THR A 32 22.84 5.25 -40.04
C THR A 32 22.78 3.75 -40.36
N VAL A 33 22.34 2.97 -39.36
CA VAL A 33 22.08 1.55 -39.52
C VAL A 33 20.65 1.29 -39.06
N GLU A 34 19.90 0.53 -39.86
CA GLU A 34 18.49 0.30 -39.60
C GLU A 34 18.27 -1.17 -39.27
N ILE A 35 17.49 -1.42 -38.21
CA ILE A 35 17.15 -2.77 -37.77
C ILE A 35 15.65 -2.95 -37.95
N LYS A 36 15.27 -3.98 -38.69
CA LYS A 36 13.88 -4.28 -38.99
C LYS A 36 13.56 -5.70 -38.55
N GLY A 37 12.26 -5.98 -38.44
CA GLY A 37 11.82 -7.32 -38.09
C GLY A 37 10.41 -7.31 -37.57
N LYS A 38 10.00 -8.48 -37.10
CA LYS A 38 8.68 -8.68 -36.50
C LYS A 38 8.84 -9.33 -35.13
N PHE A 39 7.93 -9.01 -34.23
CA PHE A 39 7.86 -9.71 -32.95
C PHE A 39 6.42 -10.10 -32.68
N HIS A 40 6.23 -11.29 -32.12
CA HIS A 40 4.92 -11.82 -31.79
C HIS A 40 4.83 -11.96 -30.28
N VAL A 41 3.76 -11.40 -29.70
CA VAL A 41 3.53 -11.51 -28.27
C VAL A 41 2.86 -12.84 -27.99
N PHE A 42 3.53 -13.69 -27.20
CA PHE A 42 3.06 -15.04 -26.97
C PHE A 42 1.76 -15.04 -26.19
N GLU A 43 0.83 -15.93 -26.58
CA GLU A 43 -0.46 -16.01 -25.91
C GLU A 43 -0.31 -16.48 -24.47
N GLY A 44 0.57 -17.45 -24.22
CA GLY A 44 0.80 -17.93 -22.87
C GLY A 44 1.76 -17.04 -22.09
N TRP A 45 1.44 -15.75 -22.04
CA TRP A 45 2.27 -14.79 -21.33
C TRP A 45 2.36 -15.18 -19.86
N PRO A 46 3.57 -15.29 -19.30
CA PRO A 46 3.69 -15.75 -17.91
C PRO A 46 3.02 -14.79 -16.94
N GLU A 47 2.37 -15.35 -15.93
CA GLU A 47 1.65 -14.52 -14.97
C GLU A 47 2.58 -13.66 -14.14
N THR A 48 3.84 -14.07 -13.99
CA THR A 48 4.80 -13.27 -13.24
C THR A 48 5.20 -12.00 -13.97
N VAL A 49 5.01 -11.96 -15.29
CA VAL A 49 5.24 -10.75 -16.07
C VAL A 49 3.91 -10.05 -16.27
N ASP A 50 3.87 -8.77 -15.94
CA ASP A 50 2.68 -7.99 -16.19
C ASP A 50 2.39 -7.95 -17.68
N GLU A 51 1.10 -7.88 -18.01
CA GLU A 51 0.70 -7.83 -19.40
C GLU A 51 1.30 -6.61 -20.08
N PRO A 52 1.68 -6.72 -21.34
CA PRO A 52 2.36 -5.60 -22.00
C PRO A 52 1.44 -4.43 -22.30
N ASP A 53 0.69 -4.00 -21.28
CA ASP A 53 -0.14 -2.81 -21.42
C ASP A 53 0.71 -1.56 -21.62
N VAL A 54 1.88 -1.50 -20.99
CA VAL A 54 2.82 -0.39 -21.14
C VAL A 54 4.16 -1.02 -21.51
N ALA A 55 4.58 -0.84 -22.76
CA ALA A 55 5.82 -1.42 -23.25
C ALA A 55 6.59 -0.36 -24.04
N PHE A 56 7.91 -0.48 -24.01
CA PHE A 56 8.80 0.44 -24.70
C PHE A 56 9.74 -0.32 -25.61
N LEU A 57 9.83 0.10 -26.87
CA LEU A 57 10.75 -0.48 -27.83
C LEU A 57 12.13 0.14 -27.58
N ASN A 58 13.03 -0.64 -27.01
CA ASN A 58 14.34 -0.18 -26.62
C ASN A 58 15.43 -0.85 -27.46
N VAL A 59 16.67 -0.44 -27.24
CA VAL A 59 17.82 -1.00 -27.91
C VAL A 59 18.81 -1.48 -26.84
N GLY A 60 19.22 -2.74 -26.94
CA GLY A 60 20.21 -3.28 -26.03
C GLY A 60 21.62 -2.98 -26.50
N MET A 61 22.34 -2.16 -25.76
CA MET A 61 23.64 -1.68 -26.20
C MET A 61 24.40 -1.13 -25.00
N PRO A 62 25.73 -1.09 -25.06
CA PRO A 62 26.51 -0.60 -23.92
C PRO A 62 26.61 0.91 -23.88
N GLY A 63 25.53 1.60 -23.49
CA GLY A 63 25.52 3.03 -23.49
C GLY A 63 25.36 3.59 -24.88
N PRO A 64 25.34 4.91 -25.01
CA PRO A 64 25.02 5.53 -26.32
C PRO A 64 26.15 5.41 -27.33
N VAL A 65 26.56 4.17 -27.62
CA VAL A 65 27.46 3.94 -28.75
C VAL A 65 26.74 4.19 -30.06
N PHE A 66 25.41 4.08 -30.08
CA PHE A 66 24.57 4.57 -31.15
C PHE A 66 23.55 5.51 -30.51
N ILE A 67 23.00 6.42 -31.28
CA ILE A 67 21.85 7.18 -30.84
C ILE A 67 20.62 6.70 -31.61
N ARG A 68 19.51 6.56 -30.90
CA ARG A 68 18.27 6.11 -31.53
C ARG A 68 17.65 7.30 -32.26
N LYS A 69 17.84 7.36 -33.57
CA LYS A 69 17.25 8.42 -34.36
C LYS A 69 15.74 8.26 -34.48
N GLU A 70 15.29 7.05 -34.78
CA GLU A 70 13.87 6.77 -34.93
C GLU A 70 13.59 5.35 -34.50
N SER A 71 12.35 5.11 -34.10
CA SER A 71 11.87 3.78 -33.77
C SER A 71 10.39 3.71 -34.14
N TYR A 72 9.98 2.61 -34.76
CA TYR A 72 8.62 2.47 -35.24
C TYR A 72 8.04 1.13 -34.81
N ILE A 73 6.77 1.13 -34.43
CA ILE A 73 5.98 -0.09 -34.26
C ILE A 73 4.81 0.02 -35.22
N GLY A 74 4.71 -0.92 -36.15
CA GLY A 74 3.76 -0.78 -37.23
C GLY A 74 4.37 0.05 -38.34
N GLY A 75 3.99 1.32 -38.42
CA GLY A 75 4.61 2.24 -39.34
C GLY A 75 4.76 3.63 -38.76
N GLN A 76 4.48 3.76 -37.47
CA GLN A 76 4.41 5.05 -36.80
C GLN A 76 5.48 5.15 -35.71
N LEU A 77 6.01 6.37 -35.53
CA LEU A 77 7.09 6.59 -34.59
C LEU A 77 6.62 6.38 -33.16
N VAL A 78 7.48 5.78 -32.34
CA VAL A 78 7.12 5.43 -30.96
C VAL A 78 8.18 5.95 -30.00
N PRO A 79 8.31 7.26 -29.80
CA PRO A 79 9.28 7.77 -28.82
C PRO A 79 8.85 7.56 -27.38
N ARG A 80 7.61 7.16 -27.14
CA ARG A 80 7.08 6.93 -25.81
C ARG A 80 6.72 5.46 -25.64
N SER A 81 6.27 5.10 -24.45
CA SER A 81 5.81 3.75 -24.20
C SER A 81 4.54 3.47 -25.00
N VAL A 82 4.33 2.20 -25.33
CA VAL A 82 3.21 1.80 -26.17
C VAL A 82 2.49 0.64 -25.52
N ARG A 83 1.26 0.41 -25.97
CA ARG A 83 0.44 -0.70 -25.51
C ARG A 83 0.45 -1.80 -26.56
N LEU A 84 0.79 -3.01 -26.13
CA LEU A 84 0.80 -4.17 -27.00
C LEU A 84 -0.28 -5.15 -26.55
N GLU A 85 -0.81 -5.91 -27.51
CA GLU A 85 -1.87 -6.88 -27.24
C GLU A 85 -1.28 -8.28 -27.33
N ILE A 86 -1.62 -9.12 -26.33
CA ILE A 86 -1.14 -10.49 -26.29
C ILE A 86 -1.72 -11.26 -27.46
N GLY A 87 -0.86 -12.02 -28.16
CA GLY A 87 -1.26 -12.78 -29.31
C GLY A 87 -1.10 -12.07 -30.63
N LYS A 88 -0.79 -10.78 -30.62
CA LYS A 88 -0.65 -10.02 -31.85
C LYS A 88 0.80 -10.00 -32.32
N THR A 89 0.97 -9.86 -33.62
CA THR A 89 2.28 -9.74 -34.24
C THR A 89 2.45 -8.31 -34.74
N TYR A 90 3.56 -7.69 -34.40
CA TYR A 90 3.87 -6.34 -34.83
C TYR A 90 5.19 -6.32 -35.58
N ASP A 91 5.30 -5.41 -36.53
CA ASP A 91 6.56 -5.18 -37.22
C ASP A 91 7.18 -3.91 -36.67
N PHE A 92 8.51 -3.90 -36.56
CA PHE A 92 9.23 -2.80 -35.96
C PHE A 92 10.39 -2.37 -36.85
N ARG A 93 10.87 -1.16 -36.60
CA ARG A 93 11.99 -0.61 -37.34
C ARG A 93 12.69 0.41 -36.45
N VAL A 94 13.96 0.19 -36.17
CA VAL A 94 14.76 1.08 -35.35
C VAL A 94 15.91 1.62 -36.20
N VAL A 95 16.05 2.94 -36.22
CA VAL A 95 17.12 3.61 -36.94
C VAL A 95 18.15 4.10 -35.94
N LEU A 96 19.39 3.66 -36.10
CA LEU A 96 20.49 4.01 -35.21
C LEU A 96 21.55 4.79 -35.97
N LYS A 97 22.14 5.78 -35.31
CA LYS A 97 23.23 6.56 -35.87
C LYS A 97 24.48 6.30 -35.04
N ALA A 98 25.56 5.93 -35.71
CA ALA A 98 26.79 5.56 -35.01
C ALA A 98 27.41 6.76 -34.33
N ARG A 99 27.86 6.56 -33.10
CA ARG A 99 28.41 7.63 -32.28
C ARG A 99 29.77 7.31 -31.71
N ARG A 100 30.03 6.06 -31.32
CA ARG A 100 31.26 5.69 -30.67
C ARG A 100 31.93 4.54 -31.40
N PRO A 101 33.22 4.67 -31.75
CA PRO A 101 33.88 3.59 -32.48
C PRO A 101 34.04 2.33 -31.63
N GLY A 102 34.05 1.19 -32.31
CA GLY A 102 34.25 -0.08 -31.63
C GLY A 102 33.39 -1.19 -32.20
N ASP A 103 33.39 -2.34 -31.52
CA ASP A 103 32.56 -3.48 -31.89
C ASP A 103 31.48 -3.65 -30.84
N TRP A 104 30.23 -3.43 -31.22
CA TRP A 104 29.13 -3.39 -30.28
C TRP A 104 28.09 -4.47 -30.61
N HIS A 105 27.58 -5.10 -29.57
CA HIS A 105 26.55 -6.12 -29.69
C HIS A 105 25.20 -5.43 -29.52
N VAL A 106 24.50 -5.21 -30.62
CA VAL A 106 23.28 -4.43 -30.62
C VAL A 106 22.09 -5.38 -30.58
N HIS A 107 21.27 -5.24 -29.54
CA HIS A 107 20.06 -6.03 -29.36
C HIS A 107 18.84 -5.15 -29.57
N THR A 108 17.80 -5.73 -30.14
CA THR A 108 16.47 -5.10 -30.15
C THR A 108 15.73 -5.71 -28.98
N MET A 109 15.20 -4.87 -28.10
CA MET A 109 14.58 -5.34 -26.89
C MET A 109 13.24 -4.65 -26.64
N MET A 110 12.39 -5.32 -25.87
CA MET A 110 11.12 -4.76 -25.44
C MET A 110 11.08 -4.76 -23.93
N ASN A 111 10.97 -3.57 -23.36
CA ASN A 111 10.83 -3.41 -21.92
C ASN A 111 9.34 -3.35 -21.59
N VAL A 112 8.91 -4.18 -20.65
CA VAL A 112 7.51 -4.24 -20.23
C VAL A 112 7.40 -3.65 -18.84
N GLN A 113 6.35 -2.85 -18.62
CA GLN A 113 6.23 -2.05 -17.40
C GLN A 113 6.39 -2.88 -16.13
N GLY A 114 5.75 -4.05 -16.07
CA GLY A 114 5.84 -4.84 -14.85
C GLY A 114 6.51 -6.18 -15.02
N GLY A 115 7.37 -6.33 -16.03
CA GLY A 115 8.05 -7.59 -16.21
C GLY A 115 9.54 -7.50 -16.47
N GLY A 116 10.04 -6.31 -16.80
CA GLY A 116 11.45 -6.14 -17.06
C GLY A 116 11.80 -6.31 -18.53
N PRO A 117 13.11 -6.49 -18.81
CA PRO A 117 13.57 -6.49 -20.19
C PRO A 117 13.36 -7.80 -20.93
N ILE A 118 12.89 -7.72 -22.18
CA ILE A 118 12.78 -8.88 -23.06
C ILE A 118 13.75 -8.64 -24.20
N ILE A 119 14.91 -9.29 -24.13
CA ILE A 119 15.99 -9.02 -25.07
C ILE A 119 15.88 -9.94 -26.28
N GLY A 120 15.87 -9.35 -27.47
CA GLY A 120 15.86 -10.11 -28.70
C GLY A 120 17.27 -10.48 -29.13
N PRO A 121 17.40 -11.02 -30.34
CA PRO A 121 18.72 -11.39 -30.85
C PRO A 121 19.63 -10.18 -30.97
N GLY A 122 20.89 -10.39 -30.67
CA GLY A 122 21.91 -9.33 -30.75
C GLY A 122 22.89 -9.61 -31.87
N LYS A 123 23.29 -8.55 -32.55
CA LYS A 123 24.19 -8.64 -33.69
C LYS A 123 25.39 -7.73 -33.47
N TRP A 124 26.59 -8.24 -33.78
CA TRP A 124 27.79 -7.43 -33.68
C TRP A 124 27.84 -6.43 -34.83
N ILE A 125 27.92 -5.15 -34.49
CA ILE A 125 28.02 -4.07 -35.47
C ILE A 125 29.28 -3.28 -35.18
N THR A 126 30.13 -3.16 -36.20
CA THR A 126 31.40 -2.45 -36.07
C THR A 126 31.21 -0.98 -36.41
N VAL A 127 31.76 -0.11 -35.57
CA VAL A 127 31.74 1.33 -35.79
C VAL A 127 33.18 1.79 -35.93
N GLU A 128 33.46 2.54 -36.99
CA GLU A 128 34.79 3.08 -37.22
C GLU A 128 34.71 4.60 -37.38
N GLY A 129 35.80 5.27 -37.00
CA GLY A 129 35.87 6.71 -37.03
C GLY A 129 36.30 7.26 -35.68
N SER A 130 35.92 8.51 -35.42
CA SER A 130 36.22 9.18 -34.17
C SER A 130 34.94 9.73 -33.57
N MET A 131 34.84 9.64 -32.24
CA MET A 131 33.69 10.20 -31.54
C MET A 131 33.61 11.71 -31.73
N SER A 132 34.76 12.37 -31.92
CA SER A 132 34.77 13.82 -32.11
C SER A 132 34.06 14.24 -33.39
N GLU A 133 33.92 13.34 -34.37
CA GLU A 133 33.22 13.67 -35.60
C GLU A 133 31.70 13.54 -35.48
N PHE A 134 31.21 12.97 -34.39
CA PHE A 134 29.77 12.75 -34.24
C PHE A 134 29.04 14.08 -34.08
N ARG A 135 27.94 14.22 -34.81
CA ARG A 135 27.06 15.37 -34.69
C ARG A 135 25.63 14.87 -34.53
N ASN A 136 24.85 15.57 -33.71
CA ASN A 136 23.43 15.27 -33.51
C ASN A 136 22.63 16.55 -33.70
N PRO A 137 22.57 17.07 -34.92
CA PRO A 137 21.82 18.31 -35.16
C PRO A 137 20.32 18.09 -35.04
N VAL A 138 19.62 19.15 -34.64
CA VAL A 138 18.17 19.14 -34.57
C VAL A 138 17.68 20.56 -34.78
N THR A 139 16.55 20.71 -35.47
CA THR A 139 15.97 22.02 -35.73
C THR A 139 14.69 22.18 -34.91
N THR A 140 14.61 23.25 -34.15
CA THR A 140 13.47 23.51 -33.28
C THR A 140 12.37 24.24 -34.05
N LEU A 141 11.18 24.29 -33.45
CA LEU A 141 10.08 25.04 -34.03
C LEU A 141 10.28 26.54 -33.91
N THR A 142 11.30 26.98 -33.17
CA THR A 142 11.64 28.40 -33.10
C THR A 142 12.64 28.81 -34.17
N GLY A 143 13.01 27.90 -35.07
CA GLY A 143 13.86 28.24 -36.19
C GLY A 143 15.35 28.28 -35.91
N GLN A 144 15.85 27.48 -34.96
CA GLN A 144 17.27 27.43 -34.69
C GLN A 144 17.73 25.98 -34.73
N THR A 145 18.93 25.76 -35.25
CA THR A 145 19.53 24.44 -35.34
C THR A 145 20.62 24.33 -34.29
N VAL A 146 20.52 23.31 -33.43
CA VAL A 146 21.47 23.10 -32.35
C VAL A 146 22.02 21.68 -32.45
N ASP A 147 23.20 21.49 -31.88
CA ASP A 147 23.80 20.17 -31.77
C ASP A 147 23.56 19.63 -30.37
N LEU A 148 22.84 18.52 -30.29
CA LEU A 148 22.46 17.94 -29.00
C LEU A 148 23.64 17.45 -28.18
N GLU A 149 24.81 17.30 -28.80
CA GLU A 149 26.00 16.87 -28.06
C GLU A 149 26.46 17.91 -27.04
N ASN A 150 26.33 19.20 -27.37
CA ASN A 150 26.87 20.24 -26.50
C ASN A 150 25.90 21.40 -26.27
N TYR A 151 24.68 21.34 -26.80
CA TYR A 151 23.70 22.40 -26.57
C TYR A 151 23.40 22.53 -25.09
N ASN A 152 23.40 23.76 -24.59
CA ASN A 152 23.09 24.14 -23.21
C ASN A 152 24.18 23.72 -22.22
N GLU A 153 25.25 23.07 -22.67
CA GLU A 153 26.30 22.63 -21.77
C GLU A 153 26.98 23.81 -21.08
N GLY A 154 27.29 24.86 -21.85
CA GLY A 154 27.92 26.03 -21.26
C GLY A 154 27.04 26.70 -20.24
N ASN A 155 25.75 26.85 -20.55
CA ASN A 155 24.82 27.46 -19.62
C ASN A 155 24.69 26.65 -18.34
N THR A 156 24.59 25.32 -18.47
CA THR A 156 24.51 24.46 -17.29
C THR A 156 25.76 24.60 -16.42
N TYR A 157 26.93 24.52 -17.04
CA TYR A 157 28.18 24.67 -16.31
C TYR A 157 28.24 26.02 -15.61
N PHE A 158 27.86 27.08 -16.32
CA PHE A 158 27.94 28.43 -15.76
C PHE A 158 27.05 28.56 -14.52
N TRP A 159 25.79 28.13 -14.63
CA TRP A 159 24.88 28.31 -13.51
C TRP A 159 25.29 27.45 -12.32
N HIS A 160 25.71 26.21 -12.57
CA HIS A 160 26.12 25.35 -11.47
C HIS A 160 27.36 25.91 -10.79
N ALA A 161 28.34 26.38 -11.57
CA ALA A 161 29.54 26.98 -10.99
C ALA A 161 29.20 28.25 -10.20
N PHE A 162 28.27 29.05 -10.72
CA PHE A 162 27.89 30.28 -10.03
C PHE A 162 27.28 29.98 -8.67
N TRP A 163 26.34 29.04 -8.62
CA TRP A 163 25.70 28.75 -7.33
C TRP A 163 26.66 28.05 -6.38
N PHE A 164 27.52 27.16 -6.90
CA PHE A 164 28.53 26.55 -6.06
C PHE A 164 29.48 27.60 -5.48
N ALA A 165 29.84 28.59 -6.30
CA ALA A 165 30.70 29.68 -5.83
C ALA A 165 30.01 30.50 -4.75
N ILE A 166 28.71 30.74 -4.89
CA ILE A 166 27.97 31.48 -3.86
C ILE A 166 28.01 30.71 -2.55
N GLY A 167 27.74 29.40 -2.59
CA GLY A 167 27.77 28.61 -1.37
C GLY A 167 29.16 28.56 -0.75
N VAL A 168 30.19 28.39 -1.59
CA VAL A 168 31.56 28.36 -1.09
C VAL A 168 31.94 29.70 -0.48
N ALA A 169 31.46 30.80 -1.06
CA ALA A 169 31.72 32.12 -0.51
C ALA A 169 31.10 32.27 0.88
N TRP A 170 29.86 31.80 1.02
CA TRP A 170 29.20 31.82 2.35
C TRP A 170 30.03 31.03 3.37
N ILE A 171 30.40 29.81 3.01
CA ILE A 171 31.14 28.94 3.93
C ILE A 171 32.49 29.55 4.27
N GLY A 172 33.20 30.09 3.27
CA GLY A 172 34.50 30.68 3.54
C GLY A 172 34.42 31.94 4.38
N TYR A 173 33.39 32.75 4.14
CA TYR A 173 33.15 33.92 4.97
C TYR A 173 33.04 33.52 6.43
N TRP A 174 32.28 32.45 6.70
CA TRP A 174 32.20 32.00 8.08
C TRP A 174 33.44 31.21 8.52
N SER A 175 34.26 30.75 7.59
CA SER A 175 35.42 29.93 7.91
C SER A 175 36.70 30.72 8.07
N ARG A 176 36.69 32.02 7.81
CA ARG A 176 37.91 32.81 8.05
C ARG A 176 38.28 32.80 9.52
N ARG A 177 37.30 32.91 10.41
CA ARG A 177 37.54 32.83 11.85
C ARG A 177 37.71 31.38 12.27
N PRO A 178 38.21 31.14 13.49
CA PRO A 178 38.29 29.76 13.98
C PRO A 178 36.92 29.09 14.01
N ILE A 179 36.91 27.78 13.73
CA ILE A 179 35.67 27.11 13.35
C ILE A 179 35.07 26.26 14.47
N PHE A 180 35.78 25.24 14.92
CA PHE A 180 35.13 24.17 15.68
C PHE A 180 35.33 24.28 17.19
N ILE A 181 36.57 24.17 17.67
CA ILE A 181 36.78 23.94 19.09
C ILE A 181 36.60 25.23 19.89
N PRO A 182 37.20 26.37 19.52
CA PRO A 182 36.92 27.60 20.27
C PRO A 182 35.46 28.00 20.24
N ARG A 183 34.76 27.82 19.12
CA ARG A 183 33.34 28.14 19.07
C ARG A 183 32.53 27.20 19.95
N LEU A 184 32.88 25.91 19.96
CA LEU A 184 32.21 24.96 20.84
C LEU A 184 32.41 25.34 22.30
N LEU A 185 33.64 25.72 22.67
CA LEU A 185 33.90 26.11 24.05
C LEU A 185 33.15 27.39 24.41
N MET A 186 33.08 28.35 23.49
CA MET A 186 32.34 29.58 23.76
C MET A 186 30.85 29.30 23.94
N VAL A 187 30.28 28.43 23.12
CA VAL A 187 28.87 28.11 23.25
C VAL A 187 28.60 27.36 24.56
N ASP A 188 29.48 26.41 24.91
CA ASP A 188 29.27 25.63 26.13
C ASP A 188 29.45 26.48 27.39
N ALA A 189 30.63 27.07 27.55
CA ALA A 189 30.93 27.84 28.74
C ALA A 189 30.23 29.19 28.70
N GLY A 190 29.05 29.26 29.29
CA GLY A 190 28.28 30.49 29.31
C GLY A 190 27.55 30.73 28.01
N ARG A 191 26.78 31.81 27.99
CA ARG A 191 26.08 32.21 26.78
C ARG A 191 27.10 32.66 25.73
N ALA A 192 26.84 32.31 24.47
CA ALA A 192 27.82 32.65 23.45
C ALA A 192 27.64 34.09 23.00
N ASP A 193 26.58 34.36 22.24
CA ASP A 193 26.12 35.71 21.90
C ASP A 193 27.25 36.65 21.51
N GLU A 194 28.36 36.08 21.02
CA GLU A 194 29.52 36.88 20.70
C GLU A 194 30.12 36.47 19.36
N LEU A 195 29.86 35.23 18.94
CA LEU A 195 30.41 34.74 17.68
C LEU A 195 29.51 35.06 16.49
N VAL A 196 28.29 35.52 16.74
CA VAL A 196 27.40 35.99 15.68
C VAL A 196 26.95 37.40 16.03
N SER A 197 27.66 38.39 15.50
CA SER A 197 27.34 39.79 15.75
C SER A 197 27.54 40.58 14.47
N ALA A 198 26.82 41.70 14.36
CA ALA A 198 26.97 42.59 13.21
C ALA A 198 28.44 42.89 12.97
N THR A 199 28.84 42.88 11.69
CA THR A 199 27.92 42.82 10.56
C THR A 199 27.65 41.42 9.99
N ASP A 200 27.76 40.39 10.83
CA ASP A 200 27.45 39.04 10.36
C ASP A 200 25.97 38.93 9.95
N ARG A 201 25.08 39.52 10.75
CA ARG A 201 23.67 39.50 10.40
C ARG A 201 23.41 40.28 9.12
N LYS A 202 24.12 41.40 8.92
CA LYS A 202 23.98 42.15 7.69
C LYS A 202 24.47 41.36 6.49
N VAL A 203 25.56 40.62 6.65
CA VAL A 203 26.07 39.79 5.56
C VAL A 203 25.07 38.69 5.23
N ALA A 204 24.48 38.08 6.25
CA ALA A 204 23.48 37.03 6.00
C ALA A 204 22.24 37.59 5.33
N MET A 205 21.78 38.77 5.75
CA MET A 205 20.65 39.41 5.08
C MET A 205 20.97 39.72 3.63
N GLY A 206 22.19 40.20 3.36
CA GLY A 206 22.60 40.42 1.99
C GLY A 206 22.62 39.14 1.18
N PHE A 207 23.13 38.06 1.77
CA PHE A 207 23.14 36.77 1.07
C PHE A 207 21.74 36.31 0.73
N LEU A 208 20.82 36.39 1.69
CA LEU A 208 19.45 35.94 1.47
C LEU A 208 18.75 36.78 0.40
N ALA A 209 18.84 38.11 0.53
CA ALA A 209 18.20 38.99 -0.44
C ALA A 209 18.80 38.82 -1.83
N ALA A 210 20.13 38.71 -1.91
CA ALA A 210 20.78 38.51 -3.20
C ALA A 210 20.38 37.19 -3.81
N THR A 211 20.28 36.13 -3.01
CA THR A 211 19.87 34.83 -3.53
C THR A 211 18.48 34.91 -4.14
N ILE A 212 17.53 35.47 -3.38
CA ILE A 212 16.16 35.55 -3.89
C ILE A 212 16.10 36.42 -5.14
N LEU A 213 16.76 37.57 -5.10
CA LEU A 213 16.72 38.49 -6.23
C LEU A 213 17.37 37.89 -7.48
N ILE A 214 18.49 37.19 -7.30
CA ILE A 214 19.18 36.58 -8.42
C ILE A 214 18.34 35.45 -9.01
N VAL A 215 17.67 34.66 -8.16
CA VAL A 215 16.81 33.61 -8.68
C VAL A 215 15.68 34.21 -9.51
N VAL A 216 15.05 35.28 -8.99
CA VAL A 216 13.95 35.89 -9.71
C VAL A 216 14.42 36.49 -11.02
N MET A 217 15.55 37.22 -10.99
CA MET A 217 16.06 37.85 -12.20
C MET A 217 16.49 36.81 -13.23
N ALA A 218 17.14 35.72 -12.79
CA ALA A 218 17.54 34.68 -13.71
C ALA A 218 16.33 33.99 -14.34
N MET A 219 15.29 33.74 -13.54
CA MET A 219 14.08 33.16 -14.11
C MET A 219 13.44 34.09 -15.13
N SER A 220 13.38 35.39 -14.82
CA SER A 220 12.80 36.33 -15.77
C SER A 220 13.63 36.41 -17.05
N SER A 221 14.96 36.41 -16.93
CA SER A 221 15.82 36.45 -18.11
C SER A 221 15.68 35.17 -18.94
N ALA A 222 15.59 34.02 -18.29
CA ALA A 222 15.37 32.76 -18.99
C ALA A 222 13.96 32.63 -19.52
N ASN A 223 13.05 33.51 -19.12
CA ASN A 223 11.73 33.58 -19.72
C ASN A 223 11.69 34.54 -20.91
N SER A 224 12.44 35.64 -20.86
CA SER A 224 12.53 36.54 -21.99
C SER A 224 13.25 35.88 -23.16
N LYS A 225 14.43 35.33 -22.90
CA LYS A 225 15.03 34.38 -23.83
C LYS A 225 14.27 33.06 -23.71
N TYR A 226 14.20 32.32 -24.81
CA TYR A 226 13.36 31.12 -24.91
C TYR A 226 11.93 31.42 -24.45
N PRO A 227 11.24 32.38 -25.08
CA PRO A 227 9.88 32.68 -24.65
C PRO A 227 8.90 31.55 -24.94
N ILE A 228 9.25 30.62 -25.81
CA ILE A 228 8.39 29.51 -26.18
C ILE A 228 9.00 28.23 -25.61
N THR A 229 8.33 27.64 -24.63
CA THR A 229 8.74 26.37 -24.04
C THR A 229 7.52 25.48 -23.89
N ILE A 230 7.77 24.17 -23.93
CA ILE A 230 6.72 23.18 -23.73
C ILE A 230 7.16 22.21 -22.64
N PRO A 231 6.23 21.60 -21.92
CA PRO A 231 6.63 20.59 -20.93
C PRO A 231 7.13 19.33 -21.60
N LEU A 232 7.72 18.46 -20.78
CA LEU A 232 8.17 17.17 -21.27
C LEU A 232 6.99 16.38 -21.82
N GLN A 233 7.17 15.80 -23.01
CA GLN A 233 6.11 15.06 -23.67
C GLN A 233 6.18 13.59 -23.26
N ALA A 234 5.15 13.13 -22.56
CA ALA A 234 5.13 11.78 -22.02
C ALA A 234 3.72 11.21 -22.14
N GLY A 235 3.62 9.90 -21.94
CA GLY A 235 2.34 9.23 -21.98
C GLY A 235 2.33 8.02 -22.88
N THR A 236 1.83 6.89 -22.37
CA THR A 236 1.75 5.68 -23.18
C THR A 236 0.86 5.90 -24.39
N MET A 237 1.28 5.38 -25.53
CA MET A 237 0.59 5.57 -26.80
C MET A 237 -0.19 4.31 -27.13
N ARG A 238 -1.50 4.45 -27.31
CA ARG A 238 -2.38 3.33 -27.63
C ARG A 238 -2.53 3.22 -29.15
N GLY A 239 -3.29 2.20 -29.56
CA GLY A 239 -3.59 2.02 -30.96
C GLY A 239 -2.40 1.68 -31.83
N MET A 240 -1.52 0.81 -31.34
CA MET A 240 -0.47 0.24 -32.18
C MET A 240 -1.11 -0.70 -33.19
N LYS A 241 -0.74 -0.53 -34.46
CA LYS A 241 -1.37 -1.33 -35.51
C LYS A 241 -0.64 -2.65 -35.67
N PRO A 242 -1.27 -3.77 -35.35
CA PRO A 242 -0.63 -5.07 -35.52
C PRO A 242 -0.73 -5.55 -36.97
N LEU A 243 0.16 -6.49 -37.30
CA LEU A 243 0.14 -7.09 -38.61
C LEU A 243 -1.09 -7.98 -38.78
N GLU A 244 -1.72 -7.89 -39.94
CA GLU A 244 -2.87 -8.73 -40.26
C GLU A 244 -2.38 -9.97 -41.03
N LEU A 245 -1.88 -10.92 -40.25
CA LEU A 245 -1.33 -12.13 -40.85
C LEU A 245 -2.45 -13.04 -41.32
N PRO A 246 -2.27 -13.74 -42.44
CA PRO A 246 -3.26 -14.74 -42.85
C PRO A 246 -3.26 -15.92 -41.89
N ALA A 247 -4.42 -16.56 -41.77
CA ALA A 247 -4.53 -17.72 -40.90
C ALA A 247 -3.63 -18.85 -41.44
N PRO A 248 -2.80 -19.46 -40.59
CA PRO A 248 -1.91 -20.51 -41.07
C PRO A 248 -2.70 -21.71 -41.59
N THR A 249 -2.18 -22.33 -42.65
CA THR A 249 -2.76 -23.54 -43.20
C THR A 249 -2.14 -24.80 -42.61
N VAL A 250 -1.25 -24.66 -41.62
CA VAL A 250 -0.59 -25.78 -40.98
C VAL A 250 -0.99 -25.78 -39.51
N SER A 251 -1.45 -26.92 -39.02
CA SER A 251 -1.74 -27.12 -37.61
C SER A 251 -0.77 -28.15 -37.04
N VAL A 252 -0.15 -27.83 -35.92
CA VAL A 252 0.83 -28.70 -35.29
C VAL A 252 0.40 -28.95 -33.85
N LYS A 253 0.38 -30.21 -33.46
CA LYS A 253 0.09 -30.62 -32.09
C LYS A 253 1.33 -31.27 -31.52
N VAL A 254 1.81 -30.75 -30.38
CA VAL A 254 3.02 -31.26 -29.75
C VAL A 254 2.62 -32.43 -28.86
N GLU A 255 3.11 -33.62 -29.19
CA GLU A 255 2.91 -34.82 -28.38
C GLU A 255 4.22 -35.07 -27.66
N ASP A 256 4.36 -34.48 -26.47
CA ASP A 256 5.51 -34.58 -25.57
C ASP A 256 6.75 -33.89 -26.15
N ALA A 257 7.57 -33.34 -25.28
CA ALA A 257 8.82 -32.69 -25.67
C ALA A 257 9.83 -32.93 -24.55
N THR A 258 11.01 -33.41 -24.92
CA THR A 258 12.01 -33.79 -23.93
C THR A 258 13.37 -33.22 -24.31
N TYR A 259 14.21 -33.02 -23.30
CA TYR A 259 15.59 -32.62 -23.48
C TYR A 259 16.46 -33.39 -22.50
N ARG A 260 17.64 -33.79 -22.96
CA ARG A 260 18.55 -34.58 -22.12
C ARG A 260 19.28 -33.68 -21.14
N VAL A 261 19.42 -34.16 -19.91
CA VAL A 261 20.19 -33.47 -18.88
C VAL A 261 21.35 -34.37 -18.45
N PRO A 262 22.61 -34.02 -18.77
CA PRO A 262 22.97 -32.85 -19.57
C PRO A 262 22.89 -33.12 -21.07
N GLY A 263 22.86 -32.06 -21.87
CA GLY A 263 22.82 -32.23 -23.31
C GLY A 263 22.71 -30.89 -23.99
N ARG A 264 22.81 -30.93 -25.32
CA ARG A 264 22.70 -29.74 -26.15
C ARG A 264 21.57 -29.87 -27.17
N ALA A 265 20.63 -30.77 -26.94
CA ALA A 265 19.58 -31.06 -27.90
C ALA A 265 18.22 -31.08 -27.20
N MET A 266 17.20 -30.71 -27.96
CA MET A 266 15.81 -30.78 -27.51
C MET A 266 15.03 -31.60 -28.51
N ARG A 267 14.24 -32.54 -28.01
CA ARG A 267 13.48 -33.46 -28.85
C ARG A 267 12.00 -33.30 -28.58
N MET A 268 11.20 -33.29 -29.65
CA MET A 268 9.77 -33.20 -29.51
C MET A 268 9.10 -33.97 -30.65
N LYS A 269 7.91 -34.47 -30.36
CA LYS A 269 7.12 -35.23 -31.33
C LYS A 269 5.91 -34.41 -31.73
N LEU A 270 5.80 -34.11 -33.03
CA LEU A 270 4.78 -33.22 -33.54
C LEU A 270 3.85 -33.97 -34.49
N THR A 271 2.56 -33.69 -34.39
CA THR A 271 1.56 -34.17 -35.34
C THR A 271 1.21 -32.98 -36.23
N ILE A 272 1.66 -33.03 -37.48
CA ILE A 272 1.50 -31.92 -38.41
C ILE A 272 0.39 -32.26 -39.40
N THR A 273 -0.61 -31.39 -39.49
CA THR A 273 -1.70 -31.53 -40.45
C THR A 273 -1.59 -30.41 -41.47
N ASN A 274 -1.49 -30.78 -42.74
CA ASN A 274 -1.31 -29.81 -43.82
C ASN A 274 -2.65 -29.51 -44.46
N HIS A 275 -3.14 -28.28 -44.26
CA HIS A 275 -4.29 -27.79 -44.98
C HIS A 275 -3.81 -26.94 -46.17
N GLY A 276 -4.74 -26.34 -46.87
CA GLY A 276 -4.41 -25.61 -48.08
C GLY A 276 -4.13 -26.56 -49.23
N ASN A 277 -3.35 -26.11 -50.21
CA ASN A 277 -3.16 -26.88 -51.43
C ASN A 277 -1.70 -26.89 -51.90
N SER A 278 -0.76 -27.09 -50.99
CA SER A 278 0.64 -27.16 -51.40
C SER A 278 1.43 -28.06 -50.46
N PRO A 279 2.36 -28.86 -50.97
CA PRO A 279 3.19 -29.68 -50.08
C PRO A 279 4.14 -28.84 -49.24
N ILE A 280 4.09 -29.01 -47.93
CA ILE A 280 4.89 -28.21 -47.01
C ILE A 280 6.05 -29.05 -46.47
N ARG A 281 7.06 -28.37 -45.94
CA ARG A 281 8.20 -29.03 -45.31
C ARG A 281 8.67 -28.16 -44.15
N LEU A 282 9.02 -28.80 -43.05
CA LEU A 282 9.48 -28.07 -41.87
C LEU A 282 10.89 -27.54 -42.11
N GLY A 283 11.05 -26.22 -42.01
CA GLY A 283 12.32 -25.61 -42.33
C GLY A 283 13.04 -24.98 -41.16
N GLU A 284 12.32 -24.59 -40.12
CA GLU A 284 12.94 -23.88 -39.01
C GLU A 284 12.17 -24.12 -37.72
N PHE A 285 12.90 -24.09 -36.60
CA PHE A 285 12.32 -24.05 -35.27
C PHE A 285 13.04 -22.96 -34.49
N TYR A 286 12.30 -21.93 -34.12
CA TYR A 286 12.82 -20.82 -33.32
C TYR A 286 12.21 -20.92 -31.93
N THR A 287 13.04 -20.98 -30.90
CA THR A 287 12.57 -21.15 -29.53
C THR A 287 12.82 -19.91 -28.68
N ALA A 288 14.07 -19.48 -28.54
CA ALA A 288 14.38 -18.23 -27.83
C ALA A 288 15.64 -17.65 -28.46
N SER A 289 15.45 -16.79 -29.46
CA SER A 289 16.52 -16.12 -30.19
C SER A 289 17.41 -17.11 -30.93
N VAL A 290 17.13 -18.40 -30.83
CA VAL A 290 17.91 -19.46 -31.46
C VAL A 290 17.10 -20.05 -32.59
N ARG A 291 17.68 -20.08 -33.79
CA ARG A 291 17.01 -20.59 -34.98
C ARG A 291 17.66 -21.92 -35.36
N PHE A 292 16.91 -23.00 -35.18
CA PHE A 292 17.34 -24.31 -35.64
C PHE A 292 16.80 -24.54 -37.05
N LEU A 293 17.71 -24.68 -38.01
CA LEU A 293 17.35 -24.77 -39.42
C LEU A 293 17.56 -26.17 -39.95
N ASP A 294 16.66 -26.61 -40.82
CA ASP A 294 16.85 -27.79 -41.64
C ASP A 294 17.44 -27.32 -42.96
N SER A 295 18.75 -27.51 -43.12
CA SER A 295 19.46 -26.93 -44.25
C SER A 295 18.95 -27.46 -45.58
N ASP A 296 18.41 -28.68 -45.60
CA ASP A 296 17.84 -29.23 -46.82
C ASP A 296 16.56 -28.54 -47.25
N VAL A 297 15.92 -27.78 -46.36
CA VAL A 297 14.63 -27.15 -46.63
C VAL A 297 14.77 -25.64 -46.76
N TYR A 298 15.52 -25.01 -45.87
CA TYR A 298 15.66 -23.56 -45.86
C TYR A 298 17.07 -23.16 -45.44
N LYS A 299 17.55 -22.06 -46.00
CA LYS A 299 18.86 -21.49 -45.67
C LYS A 299 18.68 -20.02 -45.33
N ASP A 300 19.39 -19.57 -44.30
CA ASP A 300 19.30 -18.18 -43.87
C ASP A 300 20.23 -17.30 -44.71
N THR A 301 19.69 -16.20 -45.20
CA THR A 301 20.45 -15.24 -45.99
C THR A 301 20.42 -13.83 -45.42
N THR A 302 19.71 -13.61 -44.31
CA THR A 302 19.55 -12.29 -43.73
C THR A 302 20.70 -11.90 -42.80
N GLY A 303 21.77 -12.68 -42.77
CA GLY A 303 22.88 -12.40 -41.87
C GLY A 303 22.55 -12.54 -40.41
N TYR A 304 21.80 -13.57 -40.05
CA TYR A 304 21.48 -13.82 -38.65
C TYR A 304 22.77 -14.10 -37.87
N PRO A 305 22.83 -13.69 -36.60
CA PRO A 305 24.02 -13.95 -35.79
C PRO A 305 24.37 -15.43 -35.77
N GLU A 306 25.66 -15.72 -36.00
CA GLU A 306 26.09 -17.10 -36.17
C GLU A 306 25.92 -17.91 -34.89
N ASP A 307 26.23 -17.31 -33.74
CA ASP A 307 26.10 -18.02 -32.48
C ASP A 307 24.65 -18.33 -32.12
N LEU A 308 23.70 -17.64 -32.74
CA LEU A 308 22.28 -17.91 -32.57
C LEU A 308 21.68 -18.71 -33.70
N LEU A 309 22.47 -19.06 -34.72
CA LEU A 309 21.97 -19.73 -35.91
C LEU A 309 22.51 -21.15 -35.98
N ALA A 310 21.61 -22.12 -36.04
CA ALA A 310 21.95 -23.53 -36.22
C ALA A 310 21.57 -23.91 -37.64
N GLU A 311 22.57 -23.91 -38.54
CA GLU A 311 22.29 -24.11 -39.95
C GLU A 311 21.69 -25.48 -40.23
N ASP A 312 22.20 -26.52 -39.55
CA ASP A 312 21.66 -27.87 -39.68
C ASP A 312 21.26 -28.42 -38.32
N GLY A 313 20.93 -27.53 -37.38
CA GLY A 313 20.56 -27.94 -36.05
C GLY A 313 19.20 -28.56 -35.90
N LEU A 314 18.37 -28.50 -36.94
CA LEU A 314 17.02 -29.05 -36.92
C LEU A 314 17.00 -30.34 -37.75
N SER A 315 16.79 -31.46 -37.09
CA SER A 315 16.68 -32.75 -37.74
C SER A 315 15.27 -33.29 -37.56
N VAL A 316 14.61 -33.57 -38.69
CA VAL A 316 13.26 -34.11 -38.70
C VAL A 316 13.34 -35.57 -39.13
N SER A 317 12.64 -36.44 -38.40
CA SER A 317 12.71 -37.88 -38.71
C SER A 317 12.24 -38.16 -40.13
N ASP A 318 11.14 -37.53 -40.54
CA ASP A 318 10.63 -37.66 -41.90
C ASP A 318 10.21 -36.26 -42.37
N ASN A 319 11.14 -35.56 -43.02
CA ASN A 319 10.88 -34.22 -43.55
C ASN A 319 10.57 -34.25 -45.05
N SER A 320 10.00 -35.33 -45.54
CA SER A 320 9.51 -35.38 -46.90
C SER A 320 8.33 -34.42 -47.04
N PRO A 321 8.05 -33.94 -48.25
CA PRO A 321 6.94 -32.99 -48.43
C PRO A 321 5.63 -33.57 -47.92
N LEU A 322 4.85 -32.72 -47.25
CA LEU A 322 3.59 -33.13 -46.64
C LEU A 322 2.45 -32.71 -47.56
N ALA A 323 1.81 -33.69 -48.19
CA ALA A 323 0.74 -33.42 -49.14
C ALA A 323 -0.44 -32.76 -48.42
N PRO A 324 -1.18 -31.90 -49.12
CA PRO A 324 -2.34 -31.25 -48.49
C PRO A 324 -3.35 -32.28 -48.00
N GLY A 325 -3.90 -32.04 -46.82
CA GLY A 325 -4.87 -32.94 -46.24
C GLY A 325 -4.26 -34.08 -45.46
N GLU A 326 -2.95 -34.28 -45.63
CA GLU A 326 -2.29 -35.42 -45.01
C GLU A 326 -1.78 -35.04 -43.62
N THR A 327 -1.92 -35.98 -42.68
CA THR A 327 -1.48 -35.80 -41.30
C THR A 327 -0.44 -36.87 -40.97
N ARG A 328 0.70 -36.44 -40.45
CA ARG A 328 1.74 -37.38 -40.04
C ARG A 328 2.40 -36.89 -38.77
N THR A 329 2.95 -37.84 -38.01
CA THR A 329 3.63 -37.56 -36.76
C THR A 329 5.12 -37.86 -36.91
N VAL A 330 5.96 -36.87 -36.60
CA VAL A 330 7.40 -36.99 -36.78
C VAL A 330 8.10 -36.63 -35.47
N ASP A 331 9.34 -37.11 -35.35
CA ASP A 331 10.21 -36.77 -34.24
C ASP A 331 11.16 -35.66 -34.68
N VAL A 332 11.10 -34.52 -34.01
CA VAL A 332 11.89 -33.35 -34.36
C VAL A 332 12.92 -33.12 -33.27
N THR A 333 14.19 -33.04 -33.66
CA THR A 333 15.29 -32.80 -32.74
C THR A 333 15.96 -31.49 -33.10
N ALA A 334 16.04 -30.57 -32.14
CA ALA A 334 16.75 -29.31 -32.30
C ALA A 334 18.02 -29.39 -31.46
N SER A 335 19.17 -29.48 -32.13
CA SER A 335 20.44 -29.70 -31.46
C SER A 335 21.45 -28.68 -31.95
N ASP A 336 22.10 -27.98 -31.02
CA ASP A 336 23.16 -27.04 -31.34
C ASP A 336 23.87 -26.65 -30.06
N ALA A 337 25.12 -26.20 -30.21
CA ALA A 337 25.88 -25.69 -29.06
C ALA A 337 25.20 -24.49 -28.42
N ALA A 338 24.40 -23.73 -29.18
CA ALA A 338 23.67 -22.60 -28.63
C ALA A 338 22.73 -23.00 -27.51
N TRP A 339 22.12 -24.19 -27.57
CA TRP A 339 21.22 -24.66 -26.52
C TRP A 339 21.87 -24.66 -25.14
N GLU A 340 23.19 -24.88 -25.07
CA GLU A 340 23.91 -24.79 -23.82
C GLU A 340 24.64 -23.47 -23.63
N VAL A 341 25.08 -22.82 -24.72
CA VAL A 341 25.77 -21.54 -24.60
C VAL A 341 24.82 -20.48 -24.06
N TYR A 342 23.60 -20.40 -24.59
CA TYR A 342 22.60 -19.44 -24.13
C TYR A 342 21.77 -19.99 -22.97
N ARG A 343 22.28 -21.07 -22.35
CA ARG A 343 21.62 -21.65 -21.14
C ARG A 343 20.14 -21.93 -21.36
N LEU A 344 19.78 -22.51 -22.51
CA LEU A 344 18.37 -22.94 -22.70
C LEU A 344 18.22 -24.30 -22.01
N SER A 345 19.34 -24.96 -21.68
CA SER A 345 19.32 -26.24 -20.94
C SER A 345 19.00 -26.00 -19.47
N ASP A 346 19.15 -24.75 -19.00
CA ASP A 346 18.93 -24.42 -17.56
C ASP A 346 17.44 -24.28 -17.25
N ILE A 347 16.56 -24.72 -18.15
CA ILE A 347 15.10 -24.71 -17.84
C ILE A 347 14.86 -25.75 -16.73
N ILE A 348 15.85 -26.61 -16.46
CA ILE A 348 15.69 -27.55 -15.35
C ILE A 348 15.70 -26.81 -14.02
N TYR A 349 16.33 -25.63 -13.95
CA TYR A 349 16.30 -24.80 -12.76
C TYR A 349 15.03 -23.97 -12.64
N ASP A 350 14.26 -23.86 -13.71
CA ASP A 350 13.11 -22.97 -13.73
C ASP A 350 11.92 -23.59 -12.99
N PRO A 351 11.09 -22.74 -12.37
CA PRO A 351 9.87 -23.23 -11.71
C PRO A 351 8.69 -23.47 -12.66
N ASP A 352 8.90 -23.36 -13.97
CA ASP A 352 7.83 -23.61 -14.94
C ASP A 352 8.49 -24.20 -16.19
N SER A 353 8.49 -25.53 -16.27
CA SER A 353 9.17 -26.23 -17.37
C SER A 353 8.22 -26.38 -18.56
N ARG A 354 7.95 -25.23 -19.18
CA ARG A 354 7.17 -25.19 -20.41
C ARG A 354 7.92 -24.33 -21.42
N PHE A 355 7.90 -24.79 -22.67
CA PHE A 355 8.57 -24.09 -23.75
C PHE A 355 7.55 -23.56 -24.75
N ALA A 356 7.97 -22.56 -25.52
CA ALA A 356 7.19 -22.07 -26.64
C ALA A 356 8.16 -21.72 -27.76
N GLY A 357 7.64 -21.74 -28.99
CA GLY A 357 8.49 -21.43 -30.12
C GLY A 357 7.67 -21.22 -31.38
N LEU A 358 8.38 -21.04 -32.48
CA LEU A 358 7.77 -20.86 -33.79
C LEU A 358 8.32 -21.90 -34.75
N LEU A 359 7.43 -22.56 -35.48
CA LEU A 359 7.81 -23.47 -36.55
C LEU A 359 7.54 -22.80 -37.88
N PHE A 360 8.53 -22.82 -38.77
CA PHE A 360 8.41 -22.23 -40.09
C PHE A 360 8.33 -23.36 -41.11
N PHE A 361 7.23 -23.42 -41.85
CA PHE A 361 6.98 -24.45 -42.85
C PHE A 361 7.09 -23.82 -44.23
N PHE A 362 7.84 -24.47 -45.11
CA PHE A 362 8.09 -23.96 -46.46
C PHE A 362 7.59 -24.97 -47.48
N ASP A 363 6.96 -24.46 -48.54
CA ASP A 363 6.53 -25.28 -49.65
C ASP A 363 7.55 -25.18 -50.79
N ALA A 364 7.23 -25.84 -51.91
CA ALA A 364 8.16 -25.89 -53.03
C ALA A 364 8.40 -24.50 -53.62
N THR A 365 7.32 -23.72 -53.80
CA THR A 365 7.46 -22.40 -54.40
C THR A 365 8.23 -21.42 -53.52
N GLY A 366 8.37 -21.69 -52.23
CA GLY A 366 9.16 -20.88 -51.34
C GLY A 366 8.38 -20.07 -50.32
N ASN A 367 7.07 -19.91 -50.51
CA ASN A 367 6.28 -19.18 -49.54
C ASN A 367 6.17 -19.97 -48.24
N ARG A 368 6.22 -19.26 -47.12
CA ARG A 368 6.40 -19.89 -45.81
C ARG A 368 5.18 -19.66 -44.93
N GLN A 369 5.02 -20.55 -43.96
CA GLN A 369 3.96 -20.50 -42.97
C GLN A 369 4.56 -20.52 -41.58
N VAL A 370 4.03 -19.68 -40.70
CA VAL A 370 4.50 -19.58 -39.32
C VAL A 370 3.43 -20.16 -38.41
N VAL A 371 3.79 -21.19 -37.65
CA VAL A 371 2.90 -21.77 -36.65
C VAL A 371 3.60 -21.75 -35.31
N GLN A 372 2.82 -21.54 -34.26
CA GLN A 372 3.34 -21.41 -32.91
C GLN A 372 3.02 -22.68 -32.12
N ILE A 373 4.02 -23.18 -31.38
CA ILE A 373 3.86 -24.39 -30.58
C ILE A 373 4.29 -24.08 -29.15
N ASP A 374 3.60 -24.70 -28.20
CA ASP A 374 3.96 -24.58 -26.79
C ASP A 374 3.50 -25.84 -26.08
N ALA A 375 4.35 -26.38 -25.20
CA ALA A 375 4.07 -27.62 -24.50
C ALA A 375 4.98 -27.71 -23.30
N PRO A 376 4.66 -28.57 -22.34
CA PRO A 376 5.62 -28.85 -21.25
C PRO A 376 6.89 -29.48 -21.82
N LEU A 377 8.02 -29.14 -21.21
CA LEU A 377 9.32 -29.65 -21.62
C LEU A 377 9.84 -30.54 -20.48
N ILE A 378 9.89 -31.83 -20.73
CA ILE A 378 10.18 -32.83 -19.71
C ILE A 378 11.65 -33.20 -19.79
N PRO A 379 12.44 -32.97 -18.75
CA PRO A 379 13.83 -33.44 -18.77
C PRO A 379 13.92 -34.95 -18.73
N SER A 380 14.97 -35.47 -19.34
CA SER A 380 15.28 -36.89 -19.30
C SER A 380 16.71 -37.07 -18.80
N PHE A 381 16.89 -37.96 -17.83
CA PHE A 381 18.18 -38.11 -17.16
C PHE A 381 18.86 -39.44 -17.47
N MET A 382 18.09 -40.52 -17.60
CA MET A 382 18.67 -41.80 -17.99
C MET A 382 18.31 -42.14 -19.44
N ALA B 1 50.72 19.25 27.65
CA ALA B 1 49.63 20.04 27.09
C ALA B 1 50.08 20.79 25.85
N VAL B 2 49.75 22.07 25.78
CA VAL B 2 50.19 22.93 24.70
C VAL B 2 51.22 23.90 25.28
N ARG B 3 52.19 24.28 24.44
CA ARG B 3 53.29 25.13 24.90
C ARG B 3 52.84 26.53 25.27
N SER B 4 52.11 27.19 24.37
CA SER B 4 51.74 28.58 24.58
C SER B 4 50.39 28.87 23.91
N HIS B 5 49.98 30.14 23.97
CA HIS B 5 48.75 30.58 23.31
C HIS B 5 48.84 30.41 21.80
N ALA B 6 49.99 30.75 21.21
CA ALA B 6 50.13 30.66 19.76
C ALA B 6 50.03 29.21 19.27
N GLU B 7 50.72 28.30 19.96
CA GLU B 7 50.69 26.90 19.55
C GLU B 7 49.29 26.33 19.72
N ALA B 8 48.56 26.77 20.75
CA ALA B 8 47.17 26.35 20.91
C ALA B 8 46.33 26.82 19.73
N VAL B 9 46.57 28.05 19.26
CA VAL B 9 45.82 28.57 18.11
C VAL B 9 46.14 27.76 16.86
N GLN B 10 47.42 27.45 16.64
CA GLN B 10 47.80 26.66 15.47
C GLN B 10 47.18 25.26 15.52
N VAL B 11 47.20 24.63 16.70
CA VAL B 11 46.61 23.32 16.87
C VAL B 11 45.12 23.37 16.60
N SER B 12 44.46 24.43 17.11
CA SER B 12 43.03 24.58 16.87
C SER B 12 42.72 24.76 15.38
N ARG B 13 43.57 25.51 14.67
CA ARG B 13 43.36 25.70 13.23
C ARG B 13 43.52 24.38 12.47
N THR B 14 44.55 23.61 12.82
CA THR B 14 44.75 22.31 12.19
C THR B 14 43.57 21.38 12.46
N ILE B 15 43.09 21.36 13.71
CA ILE B 15 41.91 20.58 14.05
C ILE B 15 40.72 21.07 13.25
N ASP B 16 40.59 22.38 13.07
CA ASP B 16 39.48 22.93 12.30
C ASP B 16 39.48 22.39 10.88
N TRP B 17 40.63 22.43 10.21
CA TRP B 17 40.70 21.94 8.84
C TRP B 17 40.43 20.44 8.76
N MET B 18 41.03 19.66 9.67
CA MET B 18 40.84 18.21 9.62
C MET B 18 39.38 17.84 9.91
N ALA B 19 38.77 18.47 10.90
CA ALA B 19 37.39 18.16 11.25
C ALA B 19 36.43 18.65 10.16
N LEU B 20 36.77 19.76 9.50
CA LEU B 20 35.97 20.20 8.37
C LEU B 20 36.03 19.18 7.25
N PHE B 21 37.21 18.62 6.98
CA PHE B 21 37.32 17.54 6.01
C PHE B 21 36.44 16.35 6.41
N VAL B 22 36.51 15.95 7.68
CA VAL B 22 35.76 14.77 8.13
C VAL B 22 34.27 15.01 7.98
N VAL B 23 33.79 16.15 8.50
CA VAL B 23 32.37 16.50 8.40
C VAL B 23 31.94 16.53 6.94
N PHE B 24 32.71 17.23 6.10
CA PHE B 24 32.30 17.43 4.72
C PHE B 24 32.18 16.11 3.99
N PHE B 25 33.17 15.21 4.15
CA PHE B 25 33.14 14.02 3.32
C PHE B 25 32.26 12.92 3.89
N VAL B 26 32.12 12.83 5.22
CA VAL B 26 31.11 11.91 5.74
C VAL B 26 29.72 12.37 5.31
N ILE B 27 29.46 13.68 5.35
CA ILE B 27 28.20 14.21 4.86
C ILE B 27 28.05 13.92 3.37
N VAL B 28 29.12 14.08 2.59
CA VAL B 28 29.04 13.79 1.16
C VAL B 28 28.58 12.36 0.94
N GLY B 29 29.24 11.41 1.60
CA GLY B 29 28.89 10.01 1.40
C GLY B 29 27.45 9.72 1.80
N SER B 30 27.07 10.08 3.03
CA SER B 30 25.75 9.72 3.54
C SER B 30 24.65 10.45 2.79
N TYR B 31 24.81 11.77 2.61
CA TYR B 31 23.82 12.57 1.92
C TYR B 31 23.68 12.14 0.46
N HIS B 32 24.79 11.81 -0.21
CA HIS B 32 24.71 11.36 -1.59
C HIS B 32 23.98 10.03 -1.69
N ILE B 33 24.28 9.09 -0.78
CA ILE B 33 23.53 7.84 -0.78
C ILE B 33 22.04 8.12 -0.64
N HIS B 34 21.68 8.96 0.34
CA HIS B 34 20.26 9.23 0.60
C HIS B 34 19.61 9.90 -0.60
N ALA B 35 20.27 10.90 -1.18
CA ALA B 35 19.72 11.65 -2.29
C ALA B 35 19.56 10.77 -3.53
N MET B 36 20.64 10.09 -3.92
CA MET B 36 20.60 9.27 -5.12
C MET B 36 19.65 8.09 -4.99
N LEU B 37 19.35 7.63 -3.79
CA LEU B 37 18.37 6.57 -3.63
C LEU B 37 16.99 7.08 -3.22
N THR B 38 16.82 8.41 -3.12
CA THR B 38 15.50 8.99 -2.92
C THR B 38 15.10 9.99 -3.99
N MET B 39 16.05 10.58 -4.71
CA MET B 39 15.71 11.43 -5.84
C MET B 39 16.61 11.22 -7.05
N GLY B 40 17.42 10.17 -7.08
CA GLY B 40 18.49 10.08 -8.07
C GLY B 40 18.00 10.02 -9.50
N ASP B 41 16.93 9.27 -9.74
CA ASP B 41 16.46 9.07 -11.11
C ASP B 41 16.05 10.38 -11.77
N TRP B 42 15.32 11.22 -11.04
CA TRP B 42 15.02 12.55 -11.58
C TRP B 42 16.27 13.39 -11.75
N ASP B 43 17.20 13.30 -10.80
CA ASP B 43 18.44 14.07 -10.88
C ASP B 43 19.36 13.59 -11.98
N PHE B 44 19.19 12.36 -12.46
CA PHE B 44 20.07 11.81 -13.49
C PHE B 44 19.77 12.35 -14.88
N TRP B 45 18.50 12.61 -15.20
CA TRP B 45 18.08 12.79 -16.58
C TRP B 45 17.29 14.07 -16.79
N SER B 46 17.72 14.85 -17.79
CA SER B 46 17.01 16.08 -18.15
C SER B 46 15.59 15.78 -18.60
N ASP B 47 15.37 14.62 -19.24
CA ASP B 47 14.01 14.25 -19.61
C ASP B 47 13.22 13.69 -18.43
N TRP B 48 13.86 13.53 -17.28
CA TRP B 48 13.13 13.29 -16.03
C TRP B 48 12.87 14.56 -15.25
N LYS B 49 13.59 15.64 -15.53
CA LYS B 49 13.38 16.92 -14.83
C LYS B 49 12.07 17.53 -15.29
N ASP B 50 10.96 17.05 -14.71
CA ASP B 50 9.63 17.51 -15.09
C ASP B 50 9.12 18.55 -14.09
N ARG B 51 7.87 18.97 -14.26
CA ARG B 51 7.27 19.99 -13.41
C ARG B 51 6.51 19.42 -12.22
N ARG B 52 6.08 18.16 -12.27
CA ARG B 52 5.31 17.58 -11.16
C ARG B 52 6.17 16.78 -10.20
N LEU B 53 6.77 15.68 -10.68
CA LEU B 53 7.41 14.75 -9.76
C LEU B 53 8.77 15.25 -9.30
N TRP B 54 9.57 15.78 -10.23
CA TRP B 54 10.88 16.31 -9.87
C TRP B 54 10.75 17.44 -8.85
N VAL B 55 9.92 18.43 -9.19
CA VAL B 55 9.68 19.58 -8.32
C VAL B 55 9.10 19.15 -6.97
N THR B 56 8.21 18.16 -6.98
CA THR B 56 7.63 17.69 -5.73
C THR B 56 8.68 16.99 -4.88
N VAL B 57 9.26 15.91 -5.40
CA VAL B 57 10.07 15.01 -4.60
C VAL B 57 11.40 15.62 -4.17
N THR B 58 12.12 16.31 -5.06
CA THR B 58 13.52 16.63 -4.76
C THR B 58 13.70 17.45 -3.48
N PRO B 59 13.03 18.60 -3.29
CA PRO B 59 13.24 19.34 -2.03
C PRO B 59 12.83 18.56 -0.80
N ILE B 60 11.76 17.77 -0.90
CA ILE B 60 11.24 17.04 0.26
C ILE B 60 12.29 16.08 0.80
N VAL B 61 12.87 15.26 -0.07
CA VAL B 61 13.87 14.27 0.35
C VAL B 61 15.24 14.90 0.55
N LEU B 62 15.49 16.08 0.01
CA LEU B 62 16.79 16.71 0.14
C LEU B 62 16.91 17.63 1.35
N VAL B 63 15.79 18.04 1.95
CA VAL B 63 15.86 18.85 3.17
C VAL B 63 16.29 18.05 4.39
N THR B 64 16.37 16.72 4.28
CA THR B 64 16.64 15.86 5.43
C THR B 64 17.97 16.21 6.10
N PHE B 65 19.08 16.00 5.38
CA PHE B 65 20.41 16.22 5.98
C PHE B 65 20.65 17.67 6.38
N PRO B 66 20.26 18.69 5.59
CA PRO B 66 20.41 20.06 6.07
C PRO B 66 19.77 20.32 7.42
N ALA B 67 18.58 19.76 7.68
CA ALA B 67 17.92 19.99 8.96
C ALA B 67 18.76 19.44 10.11
N ALA B 68 19.22 18.20 9.99
CA ALA B 68 19.99 17.58 11.06
C ALA B 68 21.32 18.29 11.28
N VAL B 69 22.05 18.55 10.18
CA VAL B 69 23.35 19.18 10.31
C VAL B 69 23.21 20.60 10.83
N GLN B 70 22.13 21.29 10.48
CA GLN B 70 21.86 22.61 11.06
C GLN B 70 21.61 22.49 12.55
N SER B 71 20.73 21.55 12.94
CA SER B 71 20.40 21.38 14.35
C SER B 71 21.64 21.06 15.19
N TYR B 72 22.66 20.49 14.56
CA TYR B 72 23.90 20.25 15.30
C TYR B 72 24.83 21.46 15.25
N LEU B 73 25.17 21.91 14.04
CA LEU B 73 26.20 22.94 13.89
C LEU B 73 25.78 24.25 14.52
N TRP B 74 24.56 24.72 14.21
CA TRP B 74 24.12 25.99 14.79
C TRP B 74 24.06 25.90 16.31
N GLU B 75 23.46 24.82 16.82
CA GLU B 75 23.27 24.68 18.26
C GLU B 75 24.60 24.61 19.00
N ARG B 76 25.60 23.92 18.45
CA ARG B 76 26.82 23.68 19.20
C ARG B 76 27.95 24.66 18.89
N TYR B 77 27.94 25.33 17.73
CA TYR B 77 29.03 26.21 17.37
C TYR B 77 28.58 27.56 16.84
N ARG B 78 27.27 27.79 16.68
CA ARG B 78 26.76 28.98 15.99
C ARG B 78 27.37 29.12 14.59
N LEU B 79 27.48 27.99 13.89
CA LEU B 79 27.96 27.96 12.51
C LEU B 79 26.76 27.83 11.60
N PRO B 80 26.35 28.88 10.90
CA PRO B 80 25.12 28.85 10.09
C PRO B 80 25.32 28.40 8.65
N TRP B 81 26.01 27.26 8.46
CA TRP B 81 26.16 26.76 7.10
C TRP B 81 25.99 25.24 7.02
N GLY B 82 25.17 24.66 7.89
CA GLY B 82 24.91 23.23 7.78
C GLY B 82 24.22 22.87 6.48
N ALA B 83 23.16 23.61 6.13
CA ALA B 83 22.45 23.35 4.89
C ALA B 83 23.36 23.58 3.69
N THR B 84 24.15 24.66 3.73
CA THR B 84 25.03 24.97 2.61
C THR B 84 26.09 23.90 2.43
N VAL B 85 26.68 23.42 3.52
CA VAL B 85 27.73 22.40 3.40
C VAL B 85 27.13 21.08 2.92
N CYS B 86 25.92 20.74 3.38
CA CYS B 86 25.25 19.53 2.89
C CYS B 86 25.01 19.62 1.39
N VAL B 87 24.46 20.75 0.94
CA VAL B 87 24.11 20.90 -0.47
C VAL B 87 25.37 20.94 -1.32
N LEU B 88 26.42 21.63 -0.86
CA LEU B 88 27.66 21.68 -1.62
C LEU B 88 28.30 20.30 -1.72
N GLY B 89 28.28 19.53 -0.64
CA GLY B 89 28.83 18.18 -0.71
C GLY B 89 28.05 17.29 -1.64
N LEU B 90 26.72 17.36 -1.59
CA LEU B 90 25.90 16.58 -2.51
C LEU B 90 26.18 16.97 -3.94
N LEU B 91 26.27 18.28 -4.23
CA LEU B 91 26.54 18.73 -5.58
C LEU B 91 27.92 18.29 -6.04
N LEU B 92 28.91 18.33 -5.16
CA LEU B 92 30.26 17.92 -5.52
C LEU B 92 30.30 16.43 -5.87
N GLY B 93 29.72 15.59 -5.01
CA GLY B 93 29.68 14.17 -5.31
C GLY B 93 28.92 13.87 -6.60
N GLU B 94 27.76 14.52 -6.77
CA GLU B 94 26.95 14.29 -7.96
C GLU B 94 27.70 14.71 -9.22
N TRP B 95 28.34 15.88 -9.20
CA TRP B 95 29.06 16.36 -10.37
C TRP B 95 30.28 15.50 -10.67
N ILE B 96 30.99 15.06 -9.64
CA ILE B 96 32.13 14.16 -9.86
C ILE B 96 31.66 12.88 -10.55
N ASN B 97 30.58 12.28 -10.06
CA ASN B 97 30.09 11.07 -10.70
C ASN B 97 29.57 11.34 -12.11
N ARG B 98 28.86 12.45 -12.32
CA ARG B 98 28.36 12.76 -13.65
C ARG B 98 29.49 12.90 -14.65
N TYR B 99 30.55 13.61 -14.26
CA TYR B 99 31.64 13.89 -15.20
C TYR B 99 32.52 12.68 -15.44
N PHE B 100 32.84 11.92 -14.39
CA PHE B 100 33.83 10.86 -14.54
C PHE B 100 33.20 9.50 -14.84
N ASN B 101 31.91 9.32 -14.56
CA ASN B 101 31.24 8.04 -14.78
C ASN B 101 30.13 8.15 -15.82
N PHE B 102 29.16 9.06 -15.60
CA PHE B 102 28.10 9.23 -16.58
C PHE B 102 28.64 9.68 -17.93
N TRP B 103 29.55 10.64 -17.93
CA TRP B 103 30.20 11.09 -19.13
C TRP B 103 31.57 10.46 -19.34
N GLY B 104 32.27 10.10 -18.27
CA GLY B 104 33.55 9.45 -18.38
C GLY B 104 33.47 7.98 -18.73
N TRP B 105 32.90 7.16 -17.84
CA TRP B 105 32.76 5.73 -18.08
C TRP B 105 31.82 5.47 -19.25
N THR B 106 30.54 5.75 -19.07
CA THR B 106 29.61 5.82 -20.19
C THR B 106 29.79 7.17 -20.86
N TYR B 107 29.16 7.34 -22.03
CA TYR B 107 29.42 8.59 -22.74
C TYR B 107 28.15 9.40 -22.94
N PHE B 108 27.34 9.50 -21.89
CA PHE B 108 26.19 10.38 -21.89
C PHE B 108 26.64 11.83 -21.79
N PRO B 109 26.07 12.73 -22.59
CA PRO B 109 26.49 14.12 -22.53
C PRO B 109 26.12 14.78 -21.21
N ILE B 110 26.96 15.76 -20.81
CA ILE B 110 26.75 16.47 -19.57
C ILE B 110 25.44 17.25 -19.60
N ASN B 111 25.09 17.80 -20.76
CA ASN B 111 23.82 18.51 -20.88
C ASN B 111 22.63 17.58 -20.77
N PHE B 112 22.86 16.27 -20.80
CA PHE B 112 21.83 15.27 -20.54
C PHE B 112 21.84 14.77 -19.11
N VAL B 113 23.00 14.68 -18.47
CA VAL B 113 23.10 14.06 -17.15
C VAL B 113 23.47 15.06 -16.05
N PHE B 114 23.25 16.36 -16.28
CA PHE B 114 23.58 17.34 -15.26
C PHE B 114 22.67 17.18 -14.04
N PRO B 115 23.17 17.50 -12.84
CA PRO B 115 22.34 17.48 -11.63
C PRO B 115 21.56 18.78 -11.48
N ALA B 116 20.65 18.78 -10.52
CA ALA B 116 19.84 19.94 -10.18
C ALA B 116 20.62 20.89 -9.26
N SER B 117 20.18 22.15 -9.24
CA SER B 117 20.79 23.17 -8.40
C SER B 117 20.00 23.30 -7.09
N LEU B 118 20.73 23.42 -5.97
CA LEU B 118 20.12 23.45 -4.65
C LEU B 118 20.69 24.54 -3.75
N VAL B 119 21.74 25.23 -4.20
CA VAL B 119 22.37 26.26 -3.37
C VAL B 119 21.41 27.36 -2.96
N PRO B 120 20.52 27.87 -3.82
CA PRO B 120 19.57 28.90 -3.34
C PRO B 120 18.73 28.45 -2.16
N GLY B 121 18.18 27.24 -2.22
CA GLY B 121 17.43 26.72 -1.09
C GLY B 121 18.29 26.57 0.15
N ALA B 122 19.53 26.08 -0.02
CA ALA B 122 20.42 25.93 1.12
C ALA B 122 20.72 27.28 1.77
N ILE B 123 20.98 28.30 0.95
CA ILE B 123 21.28 29.63 1.46
C ILE B 123 20.09 30.19 2.21
N ILE B 124 18.88 30.01 1.66
CA ILE B 124 17.68 30.46 2.36
C ILE B 124 17.57 29.77 3.71
N LEU B 125 17.74 28.45 3.74
CA LEU B 125 17.62 27.70 4.97
C LEU B 125 18.63 28.17 6.01
N ASP B 126 19.87 28.45 5.58
CA ASP B 126 20.91 28.85 6.52
C ASP B 126 20.69 30.27 7.04
N THR B 127 20.34 31.20 6.16
CA THR B 127 20.17 32.59 6.59
C THR B 127 18.94 32.74 7.47
N VAL B 128 17.83 32.07 7.11
CA VAL B 128 16.63 32.09 7.93
C VAL B 128 16.87 31.45 9.29
N LEU B 129 17.81 30.51 9.40
CA LEU B 129 18.17 30.00 10.72
C LEU B 129 19.03 30.97 11.51
N MET B 130 20.05 31.56 10.87
CA MET B 130 20.96 32.42 11.62
C MET B 130 20.20 33.65 12.13
N LEU B 131 19.51 34.35 11.23
CA LEU B 131 18.57 35.38 11.63
C LEU B 131 17.39 34.71 12.31
N SER B 132 16.91 35.27 13.42
CA SER B 132 15.77 34.67 14.10
C SER B 132 16.07 33.22 14.45
N GLY B 133 16.99 33.01 15.40
CA GLY B 133 17.59 31.70 15.60
C GLY B 133 16.59 30.58 15.86
N SER B 134 15.31 30.90 15.91
CA SER B 134 14.27 29.90 16.17
C SER B 134 14.30 28.78 15.14
N TYR B 135 14.49 27.55 15.65
CA TYR B 135 14.40 26.37 14.78
C TYR B 135 12.99 26.17 14.26
N LEU B 136 11.96 26.49 15.05
CA LEU B 136 10.59 26.41 14.56
C LEU B 136 10.36 27.40 13.42
N PHE B 137 10.83 28.63 13.57
CA PHE B 137 10.71 29.61 12.50
C PHE B 137 11.45 29.15 11.27
N THR B 138 12.63 28.55 11.44
CA THR B 138 13.35 28.00 10.30
C THR B 138 12.52 26.92 9.62
N ALA B 139 12.06 25.93 10.38
CA ALA B 139 11.28 24.83 9.82
C ALA B 139 10.05 25.32 9.08
N ILE B 140 9.45 26.42 9.52
CA ILE B 140 8.25 26.91 8.86
C ILE B 140 8.56 27.78 7.65
N VAL B 141 9.41 28.80 7.80
CA VAL B 141 9.62 29.78 6.75
C VAL B 141 10.76 29.37 5.82
N GLY B 142 11.90 29.00 6.39
CA GLY B 142 13.05 28.64 5.57
C GLY B 142 12.81 27.39 4.75
N ALA B 143 12.13 26.39 5.34
CA ALA B 143 11.80 25.19 4.57
C ALA B 143 10.77 25.50 3.49
N MET B 144 9.81 26.39 3.79
CA MET B 144 8.90 26.89 2.76
C MET B 144 9.68 27.46 1.58
N GLY B 145 10.64 28.34 1.88
CA GLY B 145 11.43 28.94 0.81
C GLY B 145 12.29 27.92 0.07
N TRP B 146 12.86 26.96 0.81
CA TRP B 146 13.64 25.90 0.20
C TRP B 146 12.82 25.11 -0.79
N GLY B 147 11.59 24.76 -0.43
CA GLY B 147 10.71 24.06 -1.35
C GLY B 147 10.28 24.91 -2.52
N LEU B 148 10.00 26.19 -2.28
CA LEU B 148 9.43 27.04 -3.31
C LEU B 148 10.47 27.49 -4.35
N ILE B 149 11.72 27.69 -3.93
CA ILE B 149 12.73 28.25 -4.83
C ILE B 149 13.42 27.21 -5.68
N PHE B 150 13.10 25.92 -5.50
CA PHE B 150 13.79 24.86 -6.23
C PHE B 150 13.60 25.02 -7.74
N TYR B 151 12.36 24.98 -8.21
CA TYR B 151 12.10 25.07 -9.63
C TYR B 151 12.54 26.40 -10.24
N PRO B 152 12.24 27.56 -9.68
CA PRO B 152 12.79 28.80 -10.25
C PRO B 152 14.29 28.84 -10.26
N GLY B 153 14.95 28.23 -9.26
CA GLY B 153 16.40 28.19 -9.26
C GLY B 153 16.98 27.36 -10.40
N ASN B 154 16.29 26.29 -10.80
CA ASN B 154 16.76 25.43 -11.88
C ASN B 154 16.21 25.83 -13.24
N TRP B 155 15.26 26.76 -13.30
CA TRP B 155 14.70 27.15 -14.59
C TRP B 155 15.72 27.70 -15.57
N PRO B 156 16.68 28.55 -15.19
CA PRO B 156 17.67 29.01 -16.18
C PRO B 156 18.46 27.87 -16.82
N ILE B 157 18.63 26.75 -16.13
CA ILE B 157 19.38 25.63 -16.68
C ILE B 157 18.52 24.81 -17.64
N ILE B 158 17.30 24.49 -17.24
CA ILE B 158 16.48 23.55 -18.01
C ILE B 158 15.58 24.22 -19.05
N ALA B 159 15.39 25.53 -18.98
CA ALA B 159 14.55 26.25 -19.92
C ALA B 159 14.99 26.06 -21.37
N PRO B 160 16.30 26.16 -21.69
CA PRO B 160 16.69 25.89 -23.08
C PRO B 160 16.37 24.49 -23.56
N LEU B 161 16.27 23.52 -22.66
CA LEU B 161 15.95 22.15 -23.02
C LEU B 161 14.46 21.93 -23.24
N HIS B 162 13.63 22.95 -22.99
CA HIS B 162 12.19 22.84 -23.16
C HIS B 162 11.71 23.53 -24.42
N VAL B 163 12.61 23.93 -25.29
CA VAL B 163 12.23 24.51 -26.58
C VAL B 163 11.53 23.43 -27.41
N PRO B 164 10.34 23.69 -27.95
CA PRO B 164 9.64 22.65 -28.71
C PRO B 164 10.34 22.33 -30.01
N VAL B 165 10.30 21.06 -30.39
CA VAL B 165 10.90 20.58 -31.63
C VAL B 165 9.90 19.66 -32.33
N GLU B 166 9.79 19.84 -33.65
CA GLU B 166 8.97 18.95 -34.48
C GLU B 166 9.85 17.79 -34.90
N TYR B 167 9.71 16.65 -34.22
CA TYR B 167 10.61 15.51 -34.37
C TYR B 167 9.86 14.35 -35.01
N ASN B 168 10.05 14.17 -36.32
CA ASN B 168 9.52 13.02 -37.06
C ASN B 168 8.00 12.89 -36.88
N GLY B 169 7.30 14.01 -36.99
CA GLY B 169 5.85 14.02 -36.92
C GLY B 169 5.27 14.20 -35.53
N MET B 170 6.08 14.12 -34.49
CA MET B 170 5.61 14.25 -33.12
C MET B 170 6.27 15.44 -32.45
N LEU B 171 5.53 16.11 -31.57
CA LEU B 171 6.06 17.23 -30.81
C LEU B 171 6.89 16.70 -29.65
N MET B 172 8.12 17.19 -29.53
CA MET B 172 9.01 16.77 -28.46
C MET B 172 9.85 17.96 -28.01
N SER B 173 10.10 18.02 -26.71
CA SER B 173 11.06 18.98 -26.20
C SER B 173 12.48 18.48 -26.45
N ILE B 174 13.45 19.39 -26.28
CA ILE B 174 14.84 19.03 -26.48
C ILE B 174 15.28 17.95 -25.49
N ALA B 175 14.82 18.06 -24.24
CA ALA B 175 15.10 17.03 -23.26
C ALA B 175 14.48 15.70 -23.66
N ASP B 176 13.26 15.74 -24.21
CA ASP B 176 12.63 14.52 -24.71
C ASP B 176 13.47 13.87 -25.80
N ILE B 177 13.99 14.68 -26.72
CA ILE B 177 14.83 14.14 -27.80
C ILE B 177 16.14 13.60 -27.23
N GLN B 178 16.68 14.25 -26.20
CA GLN B 178 17.89 13.72 -25.56
C GLN B 178 17.64 12.34 -24.98
N GLY B 179 16.54 12.20 -24.23
CA GLY B 179 16.21 10.90 -23.67
C GLY B 179 15.92 9.85 -24.74
N TYR B 180 15.32 10.26 -25.84
CA TYR B 180 15.04 9.34 -26.95
C TYR B 180 16.33 8.89 -27.62
N ASN B 181 17.21 9.82 -27.97
CA ASN B 181 18.41 9.54 -28.73
C ASN B 181 19.43 8.77 -27.91
N TYR B 182 19.78 9.28 -26.73
CA TYR B 182 20.83 8.67 -25.95
C TYR B 182 20.28 7.50 -25.17
N VAL B 183 20.44 6.30 -25.75
CA VAL B 183 19.72 5.12 -25.29
C VAL B 183 20.19 4.74 -23.89
N ARG B 184 19.22 4.59 -22.99
CA ARG B 184 19.46 4.04 -21.66
C ARG B 184 18.85 2.64 -21.66
N THR B 185 19.70 1.62 -21.85
CA THR B 185 19.21 0.25 -21.97
C THR B 185 18.45 -0.17 -20.71
N GLY B 186 18.96 0.18 -19.55
CA GLY B 186 18.31 -0.16 -18.30
C GLY B 186 17.17 0.75 -17.89
N THR B 187 16.95 1.86 -18.60
CA THR B 187 15.95 2.86 -18.21
C THR B 187 14.98 3.09 -19.36
N PRO B 188 13.97 2.24 -19.52
CA PRO B 188 12.95 2.49 -20.53
C PRO B 188 12.11 3.72 -20.19
N GLU B 189 11.39 4.20 -21.21
CA GLU B 189 10.66 5.46 -21.08
C GLU B 189 9.56 5.38 -20.03
N TYR B 190 8.89 4.22 -19.90
CA TYR B 190 7.76 4.15 -18.97
C TYR B 190 8.18 4.30 -17.52
N ILE B 191 9.44 3.99 -17.18
CA ILE B 191 9.91 4.19 -15.81
C ILE B 191 9.85 5.66 -15.43
N ARG B 192 9.93 6.55 -16.41
CA ARG B 192 9.91 7.99 -16.17
C ARG B 192 8.66 8.41 -15.41
N MET B 193 8.85 8.84 -14.16
CA MET B 193 7.75 9.38 -13.37
C MET B 193 7.75 10.89 -13.56
N VAL B 194 7.01 11.34 -14.58
CA VAL B 194 6.93 12.75 -14.93
C VAL B 194 5.47 13.13 -15.07
N GLU B 195 5.22 14.43 -15.18
CA GLU B 195 3.87 14.92 -15.39
C GLU B 195 3.32 14.38 -16.69
N LYS B 196 2.15 13.76 -16.61
CA LYS B 196 1.48 13.18 -17.77
C LYS B 196 0.10 13.76 -18.01
N GLY B 197 -0.35 14.70 -17.18
CA GLY B 197 -1.67 15.27 -17.34
C GLY B 197 -2.73 14.47 -16.62
N THR B 198 -3.72 15.15 -16.05
CA THR B 198 -4.88 14.52 -15.44
C THR B 198 -6.13 15.31 -15.83
N LEU B 199 -7.29 14.71 -15.62
CA LEU B 199 -8.55 15.40 -15.85
C LEU B 199 -8.86 16.41 -14.77
N ARG B 200 -8.08 16.44 -13.69
CA ARG B 200 -8.25 17.37 -12.60
C ARG B 200 -7.07 18.34 -12.52
N THR B 201 -6.34 18.48 -13.63
CA THR B 201 -5.26 19.45 -13.76
C THR B 201 -5.88 20.72 -14.34
N PHE B 202 -6.16 21.69 -13.47
CA PHE B 202 -6.85 22.90 -13.88
C PHE B 202 -5.86 23.99 -14.30
N GLY B 203 -5.99 24.43 -15.55
CA GLY B 203 -5.19 25.53 -16.05
C GLY B 203 -3.69 25.30 -15.99
N LYS B 204 -2.94 26.39 -15.83
CA LYS B 204 -1.48 26.33 -15.78
C LYS B 204 -1.05 26.39 -14.32
N ASP B 205 -1.18 25.24 -13.64
CA ASP B 205 -0.91 25.17 -12.21
C ASP B 205 0.05 24.06 -11.81
N VAL B 206 0.60 23.29 -12.77
CA VAL B 206 1.34 22.09 -12.41
C VAL B 206 2.57 22.42 -11.59
N ALA B 207 3.39 23.36 -12.07
CA ALA B 207 4.62 23.69 -11.34
C ALA B 207 4.34 24.38 -10.00
N PRO B 208 3.52 25.43 -9.90
CA PRO B 208 3.30 26.05 -8.59
C PRO B 208 2.68 25.13 -7.56
N VAL B 209 1.73 24.28 -7.97
CA VAL B 209 1.09 23.37 -7.03
C VAL B 209 2.12 22.38 -6.47
N SER B 210 2.95 21.82 -7.36
CA SER B 210 4.00 20.92 -6.91
C SER B 210 4.99 21.62 -6.00
N ALA B 211 5.33 22.86 -6.31
CA ALA B 211 6.27 23.62 -5.48
C ALA B 211 5.70 23.85 -4.08
N PHE B 212 4.43 24.21 -3.99
CA PHE B 212 3.83 24.46 -2.67
C PHE B 212 3.68 23.15 -1.87
N PHE B 213 3.30 22.06 -2.54
CA PHE B 213 3.26 20.77 -1.85
C PHE B 213 4.64 20.38 -1.34
N SER B 214 5.67 20.57 -2.17
CA SER B 214 7.03 20.28 -1.74
C SER B 214 7.45 21.16 -0.57
N ALA B 215 7.04 22.43 -0.56
CA ALA B 215 7.39 23.31 0.54
C ALA B 215 6.74 22.85 1.85
N PHE B 216 5.46 22.47 1.80
CA PHE B 216 4.79 21.99 3.01
C PHE B 216 5.43 20.70 3.53
N MET B 217 5.66 19.74 2.62
CA MET B 217 6.29 18.50 3.04
C MET B 217 7.72 18.74 3.51
N SER B 218 8.38 19.76 2.96
CA SER B 218 9.71 20.14 3.43
C SER B 218 9.66 20.68 4.84
N ILE B 219 8.64 21.46 5.17
CA ILE B 219 8.44 21.88 6.56
C ILE B 219 8.35 20.66 7.46
N LEU B 220 7.53 19.69 7.07
CA LEU B 220 7.35 18.51 7.91
C LEU B 220 8.65 17.72 8.07
N ILE B 221 9.36 17.50 6.96
CA ILE B 221 10.57 16.70 6.99
C ILE B 221 11.67 17.42 7.75
N TYR B 222 11.76 18.74 7.61
CA TYR B 222 12.72 19.50 8.40
C TYR B 222 12.42 19.38 9.89
N PHE B 223 11.15 19.47 10.26
CA PHE B 223 10.79 19.33 11.67
C PHE B 223 11.22 17.96 12.20
N MET B 224 10.95 16.91 11.44
CA MET B 224 11.36 15.57 11.87
C MET B 224 12.88 15.44 11.97
N TRP B 225 13.59 15.94 10.96
CA TRP B 225 15.03 15.70 10.89
C TRP B 225 15.83 16.61 11.80
N HIS B 226 15.25 17.72 12.26
CA HIS B 226 15.89 18.50 13.32
C HIS B 226 16.07 17.64 14.57
N PHE B 227 15.03 16.92 14.97
CA PHE B 227 15.12 16.04 16.13
C PHE B 227 15.93 14.79 15.83
N ILE B 228 15.88 14.30 14.58
CA ILE B 228 16.75 13.18 14.22
C ILE B 228 18.22 13.56 14.40
N GLY B 229 18.60 14.74 13.91
CA GLY B 229 19.95 15.23 14.12
C GLY B 229 20.27 15.50 15.58
N ARG B 230 19.27 15.97 16.35
CA ARG B 230 19.47 16.11 17.78
C ARG B 230 19.87 14.79 18.42
N TRP B 231 19.17 13.71 18.06
CA TRP B 231 19.56 12.40 18.58
C TRP B 231 20.94 12.00 18.10
N PHE B 232 21.23 12.18 16.80
CA PHE B 232 22.52 11.72 16.22
C PHE B 232 23.71 12.45 16.85
N SER B 233 23.46 13.57 17.54
CA SER B 233 24.53 14.36 18.19
C SER B 233 24.85 13.78 19.58
N ASN B 234 24.00 12.90 20.12
CA ASN B 234 24.19 12.33 21.49
C ASN B 234 25.66 12.01 21.77
N GLU B 235 26.17 12.41 22.95
CA GLU B 235 27.53 12.09 23.35
C GLU B 235 27.54 11.02 24.42
N ARG B 236 26.56 10.11 24.38
CA ARG B 236 26.43 9.10 25.41
C ARG B 236 27.49 8.01 25.27
N PHE B 237 27.76 7.32 26.38
CA PHE B 237 28.73 6.19 26.33
C PHE B 237 27.95 4.90 26.62
N LEU B 238 27.32 4.31 25.60
CA LEU B 238 26.62 3.00 25.76
C LEU B 238 27.60 2.00 26.36
N GLN B 239 27.57 1.78 27.68
CA GLN B 239 28.60 0.96 28.40
C GLN B 239 28.97 -0.37 27.70
N SER B 240 28.01 -1.05 27.09
CA SER B 240 28.27 -2.37 26.45
C SER B 240 27.33 -2.56 25.24
N THR B 241 27.81 -3.28 24.22
CA THR B 241 27.00 -3.45 22.98
C THR B 241 26.39 -4.85 22.97
N LEU C 1 56.22 17.69 17.52
CA LEU C 1 55.86 16.95 16.30
C LEU C 1 54.35 17.04 16.06
N LEU C 2 53.57 16.43 16.95
CA LEU C 2 52.10 16.44 16.90
C LEU C 2 51.66 15.85 15.55
N ASP C 3 50.83 16.55 14.78
CA ASP C 3 50.31 16.03 13.53
C ASP C 3 51.43 15.75 12.53
N LYS C 4 51.59 14.49 12.14
CA LYS C 4 52.67 14.09 11.24
C LYS C 4 52.11 13.77 9.86
N LYS C 5 52.95 13.26 8.96
CA LYS C 5 52.61 13.06 7.56
C LYS C 5 51.84 11.77 7.31
N TRP C 6 51.32 11.13 8.37
CA TRP C 6 50.45 9.99 8.17
C TRP C 6 49.14 10.39 7.49
N LEU C 7 48.73 11.65 7.64
CA LEU C 7 47.53 12.14 6.97
C LEU C 7 47.69 12.14 5.46
N THR C 8 48.88 12.54 4.98
CA THR C 8 49.15 12.52 3.55
C THR C 8 49.04 11.11 3.00
N PHE C 9 49.61 10.13 3.70
CA PHE C 9 49.47 8.75 3.26
C PHE C 9 48.03 8.29 3.32
N ALA C 10 47.30 8.70 4.36
CA ALA C 10 45.91 8.29 4.49
C ALA C 10 45.08 8.75 3.30
N LEU C 11 45.27 10.00 2.88
CA LEU C 11 44.59 10.46 1.68
C LEU C 11 45.10 9.75 0.42
N ALA C 12 46.43 9.63 0.28
CA ALA C 12 47.01 9.22 -0.98
C ALA C 12 46.74 7.76 -1.28
N ILE C 13 46.74 6.90 -0.26
CA ILE C 13 46.55 5.47 -0.51
C ILE C 13 45.17 5.21 -1.08
N TYR C 14 44.13 5.81 -0.48
CA TYR C 14 42.78 5.66 -1.01
C TYR C 14 42.67 6.28 -2.39
N THR C 15 43.22 7.48 -2.56
CA THR C 15 43.12 8.15 -3.87
C THR C 15 43.75 7.31 -4.97
N VAL C 16 44.96 6.82 -4.73
CA VAL C 16 45.68 6.07 -5.76
C VAL C 16 45.01 4.73 -6.03
N PHE C 17 44.66 4.00 -4.97
CA PHE C 17 44.04 2.70 -5.16
C PHE C 17 42.72 2.82 -5.91
N TYR C 18 41.89 3.81 -5.54
CA TYR C 18 40.61 3.95 -6.22
C TYR C 18 40.73 4.53 -7.61
N LEU C 19 41.75 5.35 -7.88
CA LEU C 19 42.00 5.76 -9.26
C LEU C 19 42.40 4.57 -10.11
N TRP C 20 43.24 3.68 -9.58
CA TRP C 20 43.59 2.47 -10.31
C TRP C 20 42.38 1.57 -10.51
N VAL C 21 41.52 1.46 -9.50
CA VAL C 21 40.30 0.67 -9.63
C VAL C 21 39.40 1.24 -10.72
N ARG C 22 39.26 2.56 -10.76
CA ARG C 22 38.47 3.21 -11.80
C ARG C 22 39.08 2.97 -13.18
N TRP C 23 40.41 3.02 -13.29
CA TRP C 23 41.05 2.69 -14.55
C TRP C 23 40.77 1.25 -14.97
N TYR C 24 40.85 0.33 -14.01
CA TYR C 24 40.60 -1.08 -14.26
C TYR C 24 39.18 -1.30 -14.77
N GLU C 25 38.20 -0.66 -14.12
CA GLU C 25 36.82 -0.86 -14.53
C GLU C 25 36.50 -0.11 -15.82
N GLY C 26 37.22 0.98 -16.11
CA GLY C 26 37.08 1.61 -17.41
C GLY C 26 37.63 0.74 -18.52
N VAL C 27 38.72 0.02 -18.27
CA VAL C 27 39.29 -0.88 -19.27
C VAL C 27 38.50 -2.17 -19.44
N TYR C 28 37.99 -2.76 -18.35
CA TYR C 28 37.35 -4.07 -18.40
C TYR C 28 35.85 -4.00 -18.10
N GLY C 29 35.24 -2.83 -18.22
CA GLY C 29 33.81 -2.73 -18.01
C GLY C 29 33.06 -3.42 -19.12
N TRP C 30 33.13 -2.85 -20.31
CA TRP C 30 32.85 -3.59 -21.53
C TRP C 30 34.02 -4.52 -21.79
N SER C 31 33.85 -5.44 -22.73
CA SER C 31 34.99 -6.26 -23.15
C SER C 31 35.57 -7.05 -21.98
N ALA C 32 34.92 -8.16 -21.61
CA ALA C 32 35.19 -8.91 -20.37
C ALA C 32 34.64 -8.20 -19.14
N GLY C 33 33.32 -8.25 -19.00
CA GLY C 33 32.61 -7.58 -17.93
C GLY C 33 31.18 -7.22 -18.29
N LEU C 34 30.77 -7.44 -19.54
CA LEU C 34 29.37 -7.27 -19.91
C LEU C 34 28.61 -8.60 -19.80
N ASP C 35 29.22 -9.69 -20.25
CA ASP C 35 28.58 -11.00 -20.22
C ASP C 35 29.08 -11.78 -19.01
N SER C 36 28.19 -12.03 -18.05
CA SER C 36 28.56 -12.68 -16.80
C SER C 36 28.82 -14.18 -16.96
N PHE C 37 28.48 -14.77 -18.09
CA PHE C 37 28.74 -16.18 -18.35
C PHE C 37 29.88 -16.41 -19.33
N ALA C 38 30.54 -15.36 -19.79
CA ALA C 38 31.70 -15.49 -20.65
C ALA C 38 32.91 -15.91 -19.83
N PRO C 39 33.82 -16.69 -20.41
CA PRO C 39 35.02 -17.10 -19.65
C PRO C 39 35.89 -15.94 -19.20
N GLU C 40 35.99 -14.88 -20.01
CA GLU C 40 36.79 -13.73 -19.64
C GLU C 40 36.23 -12.97 -18.44
N PHE C 41 34.91 -13.02 -18.24
CA PHE C 41 34.32 -12.44 -17.04
C PHE C 41 34.85 -13.11 -15.79
N GLU C 42 34.99 -14.44 -15.81
CA GLU C 42 35.57 -15.15 -14.67
C GLU C 42 37.00 -14.73 -14.38
N THR C 43 37.82 -14.52 -15.40
CA THR C 43 39.22 -14.15 -15.19
C THR C 43 39.41 -12.68 -14.84
N TYR C 44 38.47 -11.81 -15.18
CA TYR C 44 38.67 -10.38 -14.95
C TYR C 44 37.81 -9.80 -13.83
N TRP C 45 36.70 -10.41 -13.46
CA TRP C 45 35.85 -9.87 -12.42
C TRP C 45 35.52 -10.85 -11.31
N MET C 46 35.29 -12.12 -11.62
CA MET C 46 35.11 -13.11 -10.55
C MET C 46 36.40 -13.33 -9.77
N ASN C 47 37.53 -13.39 -10.48
CA ASN C 47 38.82 -13.46 -9.81
C ASN C 47 39.08 -12.21 -8.99
N PHE C 48 38.69 -11.04 -9.51
CA PHE C 48 38.78 -9.81 -8.75
C PHE C 48 37.98 -9.89 -7.47
N LEU C 49 36.76 -10.40 -7.55
CA LEU C 49 35.89 -10.54 -6.38
C LEU C 49 36.52 -11.46 -5.34
N TYR C 50 37.01 -12.63 -5.78
CA TYR C 50 37.62 -13.58 -4.87
C TYR C 50 38.84 -12.98 -4.17
N THR C 51 39.74 -12.41 -4.98
CA THR C 51 40.97 -11.83 -4.44
C THR C 51 40.67 -10.69 -3.47
N GLU C 52 39.74 -9.81 -3.84
CA GLU C 52 39.42 -8.69 -2.98
C GLU C 52 38.76 -9.13 -1.69
N ILE C 53 37.89 -10.14 -1.74
CA ILE C 53 37.27 -10.62 -0.51
C ILE C 53 38.32 -11.24 0.41
N VAL C 54 39.21 -12.07 -0.13
CA VAL C 54 40.25 -12.68 0.69
C VAL C 54 41.16 -11.63 1.29
N LEU C 55 41.58 -10.65 0.47
CA LEU C 55 42.48 -9.61 0.96
C LEU C 55 41.81 -8.73 1.99
N GLU C 56 40.52 -8.44 1.81
CA GLU C 56 39.80 -7.63 2.78
C GLU C 56 39.68 -8.36 4.11
N ILE C 57 39.37 -9.65 4.08
CA ILE C 57 39.28 -10.42 5.32
C ILE C 57 40.62 -10.45 6.03
N VAL C 58 41.70 -10.71 5.27
CA VAL C 58 43.03 -10.78 5.87
C VAL C 58 43.44 -9.42 6.44
N THR C 59 43.23 -8.35 5.68
CA THR C 59 43.63 -7.02 6.13
C THR C 59 42.82 -6.59 7.35
N ALA C 60 41.51 -6.85 7.36
CA ALA C 60 40.70 -6.51 8.52
C ALA C 60 41.18 -7.26 9.75
N SER C 61 41.40 -8.57 9.61
CA SER C 61 41.85 -9.35 10.75
C SER C 61 43.18 -8.83 11.28
N ILE C 62 44.15 -8.61 10.38
CA ILE C 62 45.48 -8.20 10.80
C ILE C 62 45.44 -6.82 11.46
N LEU C 63 44.77 -5.86 10.81
CA LEU C 63 44.74 -4.49 11.32
C LEU C 63 44.02 -4.43 12.67
N TRP C 64 42.82 -5.01 12.76
CA TRP C 64 42.08 -4.96 14.01
C TRP C 64 42.81 -5.70 15.12
N GLY C 65 43.39 -6.86 14.80
CA GLY C 65 44.12 -7.60 15.82
C GLY C 65 45.34 -6.87 16.32
N TYR C 66 46.08 -6.23 15.40
CA TYR C 66 47.24 -5.45 15.81
C TYR C 66 46.83 -4.27 16.68
N LEU C 67 45.77 -3.56 16.28
CA LEU C 67 45.33 -2.42 17.05
C LEU C 67 44.86 -2.83 18.45
N TRP C 68 44.17 -3.97 18.55
CA TRP C 68 43.72 -4.45 19.85
C TRP C 68 44.85 -5.00 20.69
N LYS C 69 45.84 -5.65 20.09
CA LYS C 69 46.95 -6.23 20.84
C LYS C 69 47.90 -5.16 21.35
N THR C 70 48.12 -4.11 20.56
CA THR C 70 48.97 -3.00 20.97
C THR C 70 48.20 -1.95 21.76
N ARG C 71 47.07 -2.32 22.36
CA ARG C 71 46.29 -1.37 23.15
C ARG C 71 47.07 -0.93 24.38
N ASP C 72 46.88 0.32 24.76
CA ASP C 72 47.63 0.89 25.88
C ASP C 72 47.00 0.43 27.18
N ARG C 73 47.74 -0.39 27.93
CA ARG C 73 47.27 -0.88 29.22
C ARG C 73 47.28 0.18 30.30
N ASN C 74 48.33 0.99 30.36
CA ASN C 74 48.47 2.04 31.37
C ASN C 74 48.04 3.38 30.77
N LEU C 75 46.73 3.52 30.56
CA LEU C 75 46.20 4.78 30.04
C LEU C 75 46.26 5.90 31.07
N ALA C 76 46.32 5.55 32.35
CA ALA C 76 46.33 6.57 33.40
C ALA C 76 47.61 7.41 33.33
N ALA C 77 48.76 6.76 33.11
CA ALA C 77 50.04 7.45 33.09
C ALA C 77 50.39 7.92 31.67
N LEU C 78 49.46 8.65 31.08
CA LEU C 78 49.64 9.22 29.74
C LEU C 78 49.73 10.73 29.86
N THR C 79 50.82 11.30 29.38
CA THR C 79 51.04 12.74 29.51
C THR C 79 50.10 13.50 28.58
N PRO C 80 49.77 14.75 28.90
CA PRO C 80 48.90 15.53 28.00
C PRO C 80 49.47 15.72 26.60
N ARG C 81 50.79 15.86 26.46
CA ARG C 81 51.37 16.01 25.14
C ARG C 81 51.18 14.74 24.30
N GLU C 82 51.43 13.58 24.92
CA GLU C 82 51.20 12.31 24.24
C GLU C 82 49.73 12.11 23.92
N GLU C 83 48.85 12.56 24.82
CA GLU C 83 47.43 12.48 24.57
C GLU C 83 47.04 13.35 23.37
N LEU C 84 47.63 14.54 23.26
CA LEU C 84 47.37 15.40 22.12
C LEU C 84 47.85 14.74 20.82
N ARG C 85 49.04 14.12 20.86
CA ARG C 85 49.54 13.42 19.68
C ARG C 85 48.62 12.28 19.28
N ARG C 86 48.14 11.51 20.26
CA ARG C 86 47.23 10.41 19.97
C ARG C 86 45.89 10.91 19.46
N ASN C 87 45.44 12.06 19.96
CA ASN C 87 44.22 12.66 19.46
C ASN C 87 44.38 13.07 18.00
N PHE C 88 45.53 13.62 17.64
CA PHE C 88 45.79 13.95 16.23
C PHE C 88 45.84 12.70 15.37
N THR C 89 46.45 11.61 15.88
CA THR C 89 46.46 10.37 15.12
C THR C 89 45.04 9.82 14.93
N HIS C 90 44.22 9.90 15.97
CA HIS C 90 42.82 9.48 15.84
C HIS C 90 42.07 10.36 14.85
N LEU C 91 42.38 11.66 14.82
CA LEU C 91 41.78 12.54 13.82
C LEU C 91 42.21 12.14 12.41
N VAL C 92 43.45 11.70 12.25
CA VAL C 92 43.91 11.18 10.96
C VAL C 92 43.11 9.93 10.59
N TRP C 93 42.88 9.06 11.56
CA TRP C 93 42.05 7.88 11.32
C TRP C 93 40.64 8.28 10.88
N LEU C 94 40.08 9.30 11.53
CA LEU C 94 38.74 9.77 11.16
C LEU C 94 38.74 10.38 9.77
N VAL C 95 39.83 11.07 9.40
CA VAL C 95 39.94 11.61 8.04
C VAL C 95 39.98 10.49 7.02
N ALA C 96 40.74 9.43 7.30
CA ALA C 96 40.78 8.28 6.42
C ALA C 96 39.40 7.63 6.31
N TYR C 97 38.69 7.54 7.44
CA TYR C 97 37.34 7.00 7.42
C TYR C 97 36.40 7.85 6.57
N ALA C 98 36.50 9.17 6.69
CA ALA C 98 35.65 10.05 5.88
C ALA C 98 35.96 9.91 4.40
N TRP C 99 37.24 9.82 4.05
CA TRP C 99 37.63 9.66 2.66
C TRP C 99 37.11 8.33 2.10
N ALA C 100 37.26 7.26 2.86
CA ALA C 100 36.77 5.96 2.43
C ALA C 100 35.24 5.95 2.33
N ILE C 101 34.56 6.62 3.26
CA ILE C 101 33.11 6.72 3.22
C ILE C 101 32.67 7.46 1.97
N TYR C 102 33.36 8.56 1.64
CA TYR C 102 33.07 9.25 0.38
C TYR C 102 33.21 8.30 -0.80
N TRP C 103 34.36 7.65 -0.91
CA TRP C 103 34.63 6.80 -2.08
C TRP C 103 33.60 5.68 -2.20
N GLY C 104 33.21 5.10 -1.07
CA GLY C 104 32.25 4.02 -1.08
C GLY C 104 30.83 4.44 -1.34
N ALA C 105 30.32 5.38 -0.54
CA ALA C 105 28.91 5.70 -0.52
C ALA C 105 28.50 6.79 -1.50
N SER C 106 29.44 7.49 -2.14
CA SER C 106 29.06 8.47 -3.15
C SER C 106 29.56 8.06 -4.53
N TYR C 107 30.87 7.92 -4.71
CA TYR C 107 31.47 7.70 -6.01
C TYR C 107 30.98 6.38 -6.60
N PHE C 108 31.30 5.27 -5.94
CA PHE C 108 31.03 3.97 -6.53
C PHE C 108 29.55 3.61 -6.44
N THR C 109 28.82 4.22 -5.50
CA THR C 109 27.38 3.98 -5.44
C THR C 109 26.66 4.63 -6.62
N GLU C 110 26.90 5.93 -6.81
CA GLU C 110 26.25 6.65 -7.95
C GLU C 110 26.90 6.17 -9.25
N GLN C 111 28.13 5.66 -9.18
CA GLN C 111 28.76 5.08 -10.41
C GLN C 111 27.84 3.99 -10.94
N ASP C 112 26.95 3.47 -10.10
CA ASP C 112 25.97 2.44 -10.54
C ASP C 112 24.80 3.14 -11.20
N GLY C 113 24.39 4.29 -10.65
CA GLY C 113 23.36 5.07 -11.36
C GLY C 113 23.89 5.26 -12.77
N THR C 114 25.15 4.86 -12.99
CA THR C 114 25.75 4.99 -14.34
C THR C 114 25.96 3.61 -14.96
N TRP C 115 26.09 2.54 -14.16
CA TRP C 115 26.36 1.22 -14.83
C TRP C 115 25.05 0.53 -15.22
N HIS C 116 24.14 0.37 -14.26
CA HIS C 116 22.88 -0.37 -14.55
C HIS C 116 21.99 0.47 -15.46
N GLN C 117 21.81 1.74 -15.10
CA GLN C 117 20.97 2.64 -15.92
C GLN C 117 21.37 2.52 -17.39
N THR C 118 22.52 1.90 -17.67
CA THR C 118 23.02 1.82 -19.07
C THR C 118 23.03 0.36 -19.57
N ILE C 119 23.21 -0.63 -18.68
CA ILE C 119 23.31 -1.99 -19.18
C ILE C 119 22.20 -2.83 -18.57
N VAL C 120 21.96 -4.00 -19.14
CA VAL C 120 20.95 -4.93 -18.56
C VAL C 120 21.72 -5.88 -17.64
N ARG C 121 21.43 -5.82 -16.33
CA ARG C 121 22.20 -6.66 -15.36
C ARG C 121 22.31 -8.09 -15.86
N ASP C 122 23.38 -8.77 -15.44
CA ASP C 122 23.53 -10.20 -15.82
C ASP C 122 23.76 -11.02 -14.55
N THR C 123 23.77 -10.40 -13.37
CA THR C 123 24.08 -11.21 -12.21
C THR C 123 24.07 -10.32 -10.98
N ASP C 124 24.22 -10.95 -9.82
CA ASP C 124 24.41 -10.22 -8.58
C ASP C 124 25.83 -9.72 -8.42
N PHE C 125 26.67 -10.05 -9.39
CA PHE C 125 28.10 -9.63 -9.34
C PHE C 125 28.44 -8.78 -10.56
N THR C 126 27.77 -7.63 -10.71
CA THR C 126 28.13 -6.71 -11.82
C THR C 126 29.56 -6.23 -11.54
N PRO C 127 30.45 -6.08 -12.55
CA PRO C 127 31.84 -5.69 -12.27
C PRO C 127 31.82 -4.53 -11.27
N SER C 128 30.88 -3.61 -11.46
CA SER C 128 30.76 -2.42 -10.57
C SER C 128 30.41 -2.88 -9.16
N HIS C 129 29.49 -3.84 -9.03
CA HIS C 129 29.20 -4.41 -7.68
C HIS C 129 30.50 -4.98 -7.13
N ILE C 130 31.24 -5.71 -7.97
CA ILE C 130 32.56 -6.26 -7.55
C ILE C 130 33.44 -5.08 -7.13
N ILE C 131 33.02 -3.85 -7.45
CA ILE C 131 33.79 -2.70 -6.99
C ILE C 131 33.12 -2.02 -5.79
N GLU C 132 31.82 -1.74 -5.90
CA GLU C 132 31.14 -0.98 -4.82
C GLU C 132 31.03 -1.83 -3.56
N PHE C 133 30.05 -2.74 -3.51
CA PHE C 133 29.80 -3.53 -2.30
C PHE C 133 30.99 -4.37 -1.86
N TYR C 134 31.78 -4.92 -2.78
CA TYR C 134 32.88 -5.81 -2.32
C TYR C 134 34.22 -5.07 -2.32
N LEU C 135 34.19 -3.74 -2.15
CA LEU C 135 35.46 -2.98 -2.04
C LEU C 135 35.17 -1.60 -1.44
N SER C 136 34.35 -0.80 -2.13
CA SER C 136 34.01 0.56 -1.64
C SER C 136 33.28 0.47 -0.29
N TYR C 137 32.83 -0.73 0.11
CA TYR C 137 32.12 -0.89 1.38
C TYR C 137 32.97 -1.62 2.41
N PRO C 138 33.57 -2.78 2.11
CA PRO C 138 34.47 -3.40 3.10
C PRO C 138 35.65 -2.52 3.46
N ILE C 139 36.18 -1.74 2.51
CA ILE C 139 37.33 -0.89 2.83
C ILE C 139 36.94 0.18 3.85
N TYR C 140 35.79 0.84 3.63
CA TYR C 140 35.42 1.87 4.59
C TYR C 140 34.97 1.25 5.92
N ILE C 141 34.43 0.03 5.89
CA ILE C 141 34.09 -0.66 7.13
C ILE C 141 35.36 -0.95 7.93
N ILE C 142 36.39 -1.44 7.25
CA ILE C 142 37.66 -1.72 7.91
C ILE C 142 38.24 -0.44 8.50
N THR C 143 38.21 0.65 7.74
CA THR C 143 38.76 1.90 8.23
C THR C 143 37.99 2.42 9.44
N GLY C 144 36.66 2.31 9.39
CA GLY C 144 35.86 2.78 10.52
C GLY C 144 36.08 1.95 11.77
N PHE C 145 36.15 0.63 11.62
CA PHE C 145 36.43 -0.23 12.77
C PHE C 145 37.81 0.08 13.33
N ALA C 146 38.80 0.28 12.46
CA ALA C 146 40.14 0.61 12.93
C ALA C 146 40.16 1.93 13.68
N ALA C 147 39.47 2.95 13.18
CA ALA C 147 39.42 4.22 13.87
C ALA C 147 38.75 4.09 15.23
N PHE C 148 37.64 3.35 15.29
CA PHE C 148 36.96 3.14 16.57
C PHE C 148 37.87 2.42 17.56
N ILE C 149 38.56 1.37 17.10
CA ILE C 149 39.44 0.62 17.99
C ILE C 149 40.60 1.48 18.46
N TYR C 150 41.15 2.30 17.56
CA TYR C 150 42.24 3.18 17.96
C TYR C 150 41.77 4.17 19.03
N ALA C 151 40.59 4.76 18.82
CA ALA C 151 40.06 5.67 19.84
C ALA C 151 39.91 4.95 21.18
N LYS C 152 39.27 3.78 21.17
CA LYS C 152 39.03 3.05 22.40
C LYS C 152 40.32 2.61 23.09
N THR C 153 41.38 2.32 22.34
CA THR C 153 42.58 1.74 22.92
C THR C 153 43.70 2.76 23.16
N ARG C 154 43.60 3.98 22.65
CA ARG C 154 44.64 4.97 22.90
C ARG C 154 44.11 6.22 23.59
N LEU C 155 42.83 6.55 23.44
CA LEU C 155 42.32 7.79 24.00
C LEU C 155 41.58 7.51 25.30
N PRO C 156 42.02 8.06 26.43
CA PRO C 156 41.29 7.83 27.68
C PRO C 156 39.85 8.31 27.65
N PHE C 157 39.56 9.36 26.86
CA PHE C 157 38.18 9.82 26.74
C PHE C 157 37.29 8.75 26.13
N PHE C 158 37.78 8.07 25.09
CA PHE C 158 37.01 7.03 24.42
C PHE C 158 37.17 5.66 25.05
N ALA C 159 38.03 5.53 26.06
CA ALA C 159 38.13 4.32 26.84
C ALA C 159 36.99 4.31 27.86
N LYS C 160 37.09 3.41 28.85
CA LYS C 160 36.11 3.24 29.92
C LYS C 160 34.66 3.32 29.43
N GLY C 161 34.38 2.69 28.29
CA GLY C 161 33.03 2.67 27.77
C GLY C 161 32.97 2.72 26.26
N ILE C 162 31.87 2.23 25.69
CA ILE C 162 31.66 2.29 24.25
C ILE C 162 30.84 3.54 23.94
N SER C 163 31.42 4.45 23.15
CA SER C 163 30.70 5.66 22.79
C SER C 163 29.56 5.34 21.84
N LEU C 164 28.35 5.73 22.22
CA LEU C 164 27.19 5.46 21.38
C LEU C 164 27.27 6.12 20.01
N PRO C 165 27.60 7.43 19.89
CA PRO C 165 27.69 8.00 18.53
C PRO C 165 28.77 7.36 17.68
N TYR C 166 29.92 7.03 18.27
CA TYR C 166 30.97 6.36 17.51
C TYR C 166 30.53 4.98 17.06
N LEU C 167 29.87 4.24 17.95
CA LEU C 167 29.37 2.91 17.61
C LEU C 167 28.35 3.00 16.47
N VAL C 168 27.46 3.98 16.52
CA VAL C 168 26.50 4.15 15.44
C VAL C 168 27.21 4.50 14.14
N LEU C 169 28.11 5.49 14.18
CA LEU C 169 28.83 5.90 12.98
C LEU C 169 29.63 4.76 12.38
N VAL C 170 30.06 3.81 13.19
CA VAL C 170 30.93 2.72 12.72
C VAL C 170 30.10 1.55 12.24
N VAL C 171 28.96 1.28 12.88
CA VAL C 171 28.21 0.07 12.60
C VAL C 171 27.08 0.30 11.58
N GLY C 172 26.44 1.47 11.59
CA GLY C 172 25.38 1.76 10.67
C GLY C 172 25.79 1.68 9.22
N PRO C 173 26.85 2.43 8.84
CA PRO C 173 27.39 2.27 7.49
C PRO C 173 27.85 0.85 7.19
N PHE C 174 28.26 0.09 8.21
CA PHE C 174 28.56 -1.31 7.99
C PHE C 174 27.31 -2.09 7.60
N MET C 175 26.16 -1.75 8.19
CA MET C 175 24.93 -2.47 7.92
C MET C 175 24.49 -2.34 6.47
N ILE C 176 25.05 -1.39 5.72
CA ILE C 176 24.79 -1.30 4.30
C ILE C 176 25.27 -2.55 3.57
N LEU C 177 26.39 -3.13 4.03
CA LEU C 177 26.91 -4.32 3.36
C LEU C 177 25.97 -5.52 3.46
N PRO C 178 25.48 -5.93 4.63
CA PRO C 178 24.45 -6.98 4.65
C PRO C 178 23.16 -6.55 3.98
N ASN C 179 22.89 -5.25 3.89
CA ASN C 179 21.70 -4.77 3.19
C ASN C 179 21.72 -5.11 1.70
N VAL C 180 22.88 -5.46 1.16
CA VAL C 180 22.97 -5.88 -0.24
C VAL C 180 22.04 -7.06 -0.51
N GLY C 181 21.79 -7.90 0.52
CA GLY C 181 20.83 -8.96 0.37
C GLY C 181 19.45 -8.45 -0.02
N LEU C 182 19.03 -7.36 0.63
CA LEU C 182 17.73 -6.75 0.29
C LEU C 182 17.81 -6.20 -1.14
N ASN C 183 18.96 -5.59 -1.48
CA ASN C 183 19.16 -5.06 -2.85
C ASN C 183 18.93 -6.18 -3.87
N GLU C 184 19.66 -7.29 -3.72
CA GLU C 184 19.53 -8.44 -4.66
C GLU C 184 18.09 -8.97 -4.63
N TRP C 185 17.62 -9.42 -3.47
CA TRP C 185 16.25 -9.98 -3.34
C TRP C 185 15.25 -9.06 -4.03
N GLY C 186 15.32 -7.75 -3.75
CA GLY C 186 14.35 -6.79 -4.31
C GLY C 186 14.80 -6.22 -5.64
N HIS C 187 15.63 -6.93 -6.41
CA HIS C 187 16.00 -6.49 -7.77
C HIS C 187 15.46 -7.58 -8.69
N THR C 188 15.90 -8.82 -8.40
CA THR C 188 15.47 -10.01 -9.18
C THR C 188 13.99 -10.25 -8.92
N PHE C 189 13.60 -10.53 -7.66
CA PHE C 189 12.14 -10.65 -7.41
C PHE C 189 11.53 -9.24 -7.44
N TRP C 190 11.06 -8.73 -6.30
CA TRP C 190 10.36 -7.41 -6.21
C TRP C 190 11.07 -6.32 -7.04
N PHE C 191 10.37 -5.70 -8.01
CA PHE C 191 10.91 -4.55 -8.78
C PHE C 191 11.93 -4.97 -9.85
N MET C 192 11.49 -5.08 -11.11
CA MET C 192 12.43 -5.35 -12.24
C MET C 192 12.78 -4.01 -12.89
N GLU C 193 12.13 -2.93 -12.46
CA GLU C 193 12.48 -1.57 -12.97
C GLU C 193 13.82 -1.16 -12.35
N GLU C 194 14.67 -0.50 -13.15
CA GLU C 194 16.00 -0.05 -12.64
C GLU C 194 15.83 1.23 -11.81
N LEU C 195 14.62 1.46 -11.29
CA LEU C 195 14.35 2.69 -10.49
C LEU C 195 15.37 2.79 -9.35
N PHE C 196 16.19 3.85 -9.37
CA PHE C 196 17.21 4.05 -8.30
C PHE C 196 16.53 4.43 -6.97
N VAL C 197 15.34 5.00 -7.04
CA VAL C 197 14.66 5.49 -5.80
C VAL C 197 13.63 4.44 -5.35
N ALA C 198 13.72 3.22 -5.88
CA ALA C 198 12.79 2.18 -5.46
C ALA C 198 12.98 1.86 -3.99
N PRO C 199 11.91 1.41 -3.29
CA PRO C 199 11.99 1.06 -1.86
C PRO C 199 13.08 0.02 -1.58
N LEU C 200 13.63 -0.58 -2.64
CA LEU C 200 14.74 -1.57 -2.49
C LEU C 200 16.05 -0.79 -2.29
N HIS C 201 15.94 0.48 -1.96
CA HIS C 201 17.13 1.32 -1.75
C HIS C 201 17.02 2.05 -0.42
N TYR C 202 15.87 1.92 0.25
CA TYR C 202 15.70 2.51 1.59
C TYR C 202 16.54 1.70 2.57
N GLY C 203 17.45 0.88 2.03
CA GLY C 203 18.22 0.01 2.92
C GLY C 203 19.60 0.59 3.07
N PHE C 204 20.07 1.17 1.97
CA PHE C 204 21.34 1.88 2.12
C PHE C 204 20.92 3.21 2.67
N VAL C 205 19.67 3.61 2.36
CA VAL C 205 19.43 5.00 2.90
C VAL C 205 19.35 4.98 4.43
N ILE C 206 18.47 4.15 5.00
CA ILE C 206 18.28 4.16 6.45
C ILE C 206 19.63 4.08 7.16
N PHE C 207 20.48 3.15 6.72
CA PHE C 207 21.79 2.99 7.34
C PHE C 207 22.81 4.00 6.85
N GLY C 208 22.56 4.66 5.72
CA GLY C 208 23.32 5.85 5.39
C GLY C 208 23.06 7.01 6.34
N TRP C 209 21.85 7.08 6.90
CA TRP C 209 21.54 8.10 7.89
C TRP C 209 22.39 7.97 9.13
N LEU C 210 22.75 6.73 9.51
CA LEU C 210 23.50 6.53 10.75
C LEU C 210 24.89 7.14 10.69
N ALA C 211 25.38 7.47 9.50
CA ALA C 211 26.63 8.22 9.38
C ALA C 211 26.53 9.62 9.95
N LEU C 212 25.31 10.13 10.17
CA LEU C 212 25.13 11.41 10.84
C LEU C 212 25.60 11.39 12.29
N ALA C 213 25.81 10.20 12.87
CA ALA C 213 26.41 10.10 14.19
C ALA C 213 27.83 10.61 14.24
N VAL C 214 28.41 10.95 13.08
CA VAL C 214 29.73 11.57 13.05
C VAL C 214 29.70 12.90 13.79
N MET C 215 28.52 13.52 13.90
CA MET C 215 28.41 14.79 14.61
C MET C 215 28.69 14.61 16.10
N GLY C 216 28.02 13.65 16.73
CA GLY C 216 28.31 13.32 18.10
C GLY C 216 29.71 12.77 18.28
N THR C 217 30.16 11.95 17.33
CA THR C 217 31.52 11.44 17.39
C THR C 217 32.53 12.57 17.40
N LEU C 218 32.31 13.59 16.55
CA LEU C 218 33.29 14.67 16.41
C LEU C 218 33.25 15.61 17.60
N THR C 219 32.08 15.86 18.19
CA THR C 219 32.10 16.65 19.42
C THR C 219 32.77 15.87 20.55
N GLN C 220 32.63 14.53 20.55
CA GLN C 220 33.37 13.73 21.51
C GLN C 220 34.89 13.83 21.29
N THR C 221 35.33 13.79 20.03
CA THR C 221 36.75 13.95 19.75
C THR C 221 37.23 15.36 20.08
N PHE C 222 36.39 16.37 19.91
CA PHE C 222 36.76 17.72 20.31
C PHE C 222 36.98 17.80 21.82
N TYR C 223 36.08 17.18 22.58
CA TYR C 223 36.26 17.14 24.04
C TYR C 223 37.51 16.36 24.42
N SER C 224 37.79 15.26 23.71
CA SER C 224 39.00 14.49 23.97
C SER C 224 40.25 15.30 23.65
N PHE C 225 40.22 16.07 22.57
CA PHE C 225 41.31 16.98 22.25
C PHE C 225 41.51 18.01 23.35
N ALA C 226 40.41 18.58 23.83
CA ALA C 226 40.45 19.64 24.84
C ALA C 226 40.32 19.06 26.25
N GLN C 227 41.17 18.08 26.60
CA GLN C 227 41.13 17.49 27.94
C GLN C 227 42.16 18.16 28.85
N GLY C 228 43.44 18.00 28.54
CA GLY C 228 44.49 18.66 29.28
C GLY C 228 45.12 19.81 28.52
N GLY C 229 45.33 19.59 27.22
CA GLY C 229 45.91 20.60 26.37
C GLY C 229 44.86 21.41 25.63
N LEU C 230 43.74 21.68 26.30
CA LEU C 230 42.70 22.51 25.71
C LEU C 230 43.19 23.91 25.40
N GLY C 231 44.25 24.35 26.07
CA GLY C 231 44.84 25.65 25.81
C GLY C 231 46.06 25.86 26.66
N GLN C 232 46.18 27.08 27.18
CA GLN C 232 45.14 28.07 27.01
C GLN C 232 45.41 29.01 25.84
N SER C 233 44.46 29.93 25.65
CA SER C 233 44.17 30.66 24.41
C SER C 233 42.67 30.57 24.18
N LEU C 234 42.23 29.38 23.74
CA LEU C 234 40.81 29.06 23.68
C LEU C 234 40.16 29.31 25.02
N CYS C 235 39.12 30.14 25.03
CA CYS C 235 38.44 30.56 26.24
C CYS C 235 39.41 31.23 27.21
N GLU C 236 40.37 31.96 26.66
CA GLU C 236 41.29 32.77 27.44
C GLU C 236 41.96 33.82 26.57
N HIS D 1 -20.96 -27.75 0.76
CA HIS D 1 -21.49 -27.73 2.11
C HIS D 1 -21.20 -26.29 2.54
N GLY D 2 -20.34 -25.63 1.76
CA GLY D 2 -19.98 -24.23 2.02
C GLY D 2 -20.85 -23.25 1.26
N GLU D 3 -21.84 -23.73 0.50
CA GLU D 3 -22.77 -22.76 -0.13
C GLU D 3 -24.03 -22.68 0.76
N LYS D 4 -25.14 -22.10 0.28
CA LYS D 4 -26.34 -21.87 1.13
C LYS D 4 -26.02 -20.77 2.14
N SER D 5 -24.77 -20.28 2.17
CA SER D 5 -24.34 -19.20 3.10
C SER D 5 -23.85 -18.02 2.26
N GLN D 6 -23.34 -18.28 1.06
CA GLN D 6 -22.95 -17.18 0.20
C GLN D 6 -24.18 -16.43 -0.31
N ALA D 7 -23.95 -15.20 -0.74
CA ALA D 7 -25.03 -14.35 -1.23
C ALA D 7 -25.73 -15.00 -2.43
N ALA D 8 -27.06 -14.94 -2.41
CA ALA D 8 -27.85 -15.59 -3.46
C ALA D 8 -27.54 -15.02 -4.84
N PHE D 9 -27.42 -13.70 -4.94
CA PHE D 9 -27.17 -13.11 -6.26
C PHE D 9 -25.76 -13.42 -6.73
N MET D 10 -24.81 -13.58 -5.81
CA MET D 10 -23.46 -13.94 -6.19
C MET D 10 -23.38 -15.39 -6.65
N ARG D 11 -24.14 -16.27 -6.00
CA ARG D 11 -24.24 -17.64 -6.48
C ARG D 11 -24.95 -17.72 -7.82
N MET D 12 -25.91 -16.83 -8.05
CA MET D 12 -26.64 -16.82 -9.31
C MET D 12 -25.78 -16.31 -10.46
N ARG D 13 -25.02 -15.23 -10.24
CA ARG D 13 -24.23 -14.65 -11.31
C ARG D 13 -22.75 -14.73 -10.95
N THR D 14 -22.18 -15.93 -11.01
CA THR D 14 -20.74 -16.07 -11.19
C THR D 14 -20.43 -17.07 -12.29
N ILE D 15 -20.90 -18.30 -12.11
CA ILE D 15 -20.53 -19.44 -12.95
C ILE D 15 -21.70 -20.41 -12.94
N HIS D 16 -22.16 -20.80 -14.13
CA HIS D 16 -23.29 -21.70 -14.26
C HIS D 16 -22.78 -23.09 -14.67
N TRP D 17 -23.00 -24.07 -13.82
CA TRP D 17 -22.60 -25.44 -14.07
C TRP D 17 -23.75 -26.21 -14.68
N TYR D 18 -23.49 -26.90 -15.79
CA TYR D 18 -24.51 -27.72 -16.43
C TYR D 18 -23.83 -28.86 -17.17
N ASP D 19 -24.65 -29.80 -17.64
CA ASP D 19 -24.18 -31.05 -18.23
C ASP D 19 -23.28 -31.82 -17.27
N LEU D 20 -23.53 -31.67 -15.97
CA LEU D 20 -22.71 -32.37 -14.98
C LEU D 20 -23.04 -33.85 -14.99
N SER D 21 -22.00 -34.67 -14.84
CA SER D 21 -22.17 -36.11 -14.78
C SER D 21 -21.16 -36.70 -13.81
N TRP D 22 -21.52 -37.82 -13.20
CA TRP D 22 -20.65 -38.54 -12.29
C TRP D 22 -20.54 -39.97 -12.76
N SER D 23 -19.31 -40.47 -12.87
CA SER D 23 -19.10 -41.82 -13.40
C SER D 23 -19.69 -42.87 -12.48
N LYS D 24 -19.55 -42.68 -11.17
CA LYS D 24 -20.03 -43.64 -10.19
C LYS D 24 -20.59 -42.91 -8.99
N GLU D 25 -21.51 -43.56 -8.29
CA GLU D 25 -22.10 -43.01 -7.07
C GLU D 25 -21.56 -43.68 -5.81
N LYS D 26 -21.00 -44.88 -5.94
CA LYS D 26 -20.45 -45.63 -4.82
C LYS D 26 -19.18 -46.31 -5.28
N VAL D 27 -18.09 -46.15 -4.51
CA VAL D 27 -16.77 -46.59 -4.94
C VAL D 27 -16.10 -47.34 -3.80
N LYS D 28 -15.09 -48.13 -4.17
CA LYS D 28 -14.21 -48.78 -3.22
C LYS D 28 -12.95 -47.94 -3.01
N ILE D 29 -12.20 -48.27 -1.96
CA ILE D 29 -10.90 -47.65 -1.77
C ILE D 29 -10.02 -47.96 -2.97
N ASN D 30 -9.27 -46.96 -3.42
CA ASN D 30 -8.39 -46.98 -4.58
C ASN D 30 -9.15 -46.95 -5.90
N GLU D 31 -10.48 -46.98 -5.88
CA GLU D 31 -11.26 -46.91 -7.10
C GLU D 31 -11.41 -45.45 -7.53
N THR D 32 -11.54 -45.25 -8.84
CA THR D 32 -11.58 -43.93 -9.43
C THR D 32 -13.02 -43.55 -9.77
N VAL D 33 -13.37 -42.29 -9.48
CA VAL D 33 -14.66 -41.71 -9.87
C VAL D 33 -14.37 -40.43 -10.63
N GLU D 34 -15.04 -40.26 -11.76
CA GLU D 34 -14.79 -39.14 -12.67
C GLU D 34 -16.00 -38.21 -12.70
N ILE D 35 -15.74 -36.91 -12.57
CA ILE D 35 -16.78 -35.89 -12.61
C ILE D 35 -16.56 -35.04 -13.86
N LYS D 36 -17.58 -34.94 -14.69
CA LYS D 36 -17.52 -34.20 -15.95
C LYS D 36 -18.63 -33.16 -15.97
N GLY D 37 -18.49 -32.20 -16.87
CA GLY D 37 -19.52 -31.20 -17.04
C GLY D 37 -18.97 -29.97 -17.74
N LYS D 38 -19.81 -28.96 -17.81
CA LYS D 38 -19.46 -27.67 -18.40
C LYS D 38 -19.78 -26.56 -17.40
N PHE D 39 -19.00 -25.49 -17.46
CA PHE D 39 -19.31 -24.29 -16.70
C PHE D 39 -19.18 -23.08 -17.61
N HIS D 40 -20.10 -22.13 -17.44
CA HIS D 40 -20.13 -20.90 -18.23
C HIS D 40 -19.86 -19.72 -17.30
N VAL D 41 -18.89 -18.89 -17.67
CA VAL D 41 -18.56 -17.70 -16.90
C VAL D 41 -19.54 -16.60 -17.29
N PHE D 42 -20.32 -16.14 -16.31
CA PHE D 42 -21.40 -15.18 -16.59
C PHE D 42 -20.82 -13.84 -17.03
N GLU D 43 -21.46 -13.24 -18.04
CA GLU D 43 -21.01 -11.94 -18.55
C GLU D 43 -21.12 -10.85 -17.51
N GLY D 44 -22.21 -10.85 -16.74
CA GLY D 44 -22.40 -9.85 -15.69
C GLY D 44 -21.67 -10.21 -14.42
N TRP D 45 -20.37 -10.47 -14.54
CA TRP D 45 -19.55 -10.83 -13.40
C TRP D 45 -19.57 -9.71 -12.37
N PRO D 46 -19.90 -9.99 -11.10
CA PRO D 46 -20.01 -8.93 -10.11
C PRO D 46 -18.69 -8.20 -9.91
N GLU D 47 -18.77 -6.88 -9.75
CA GLU D 47 -17.56 -6.07 -9.60
C GLU D 47 -16.83 -6.38 -8.31
N THR D 48 -17.53 -6.88 -7.29
CA THR D 48 -16.90 -7.23 -6.03
C THR D 48 -16.02 -8.47 -6.15
N VAL D 49 -16.25 -9.29 -7.17
CA VAL D 49 -15.40 -10.44 -7.44
C VAL D 49 -14.41 -10.03 -8.53
N ASP D 50 -13.13 -10.26 -8.26
CA ASP D 50 -12.11 -10.01 -9.27
C ASP D 50 -12.36 -10.91 -10.48
N GLU D 51 -12.00 -10.38 -11.64
CA GLU D 51 -12.18 -11.13 -12.87
C GLU D 51 -11.39 -12.44 -12.81
N PRO D 52 -11.91 -13.51 -13.38
CA PRO D 52 -11.24 -14.81 -13.24
C PRO D 52 -9.96 -14.91 -14.06
N ASP D 53 -9.09 -13.91 -13.91
CA ASP D 53 -7.78 -13.95 -14.55
C ASP D 53 -6.93 -15.07 -13.98
N VAL D 54 -7.06 -15.35 -12.69
CA VAL D 54 -6.34 -16.43 -12.03
C VAL D 54 -7.40 -17.27 -11.31
N ALA D 55 -7.66 -18.47 -11.83
CA ALA D 55 -8.68 -19.34 -11.27
C ALA D 55 -8.13 -20.76 -11.16
N PHE D 56 -8.61 -21.49 -10.16
CA PHE D 56 -8.18 -22.86 -9.91
C PHE D 56 -9.39 -23.78 -9.86
N LEU D 57 -9.33 -24.87 -10.62
CA LEU D 57 -10.37 -25.90 -10.60
C LEU D 57 -10.14 -26.78 -9.38
N ASN D 58 -10.99 -26.62 -8.37
CA ASN D 58 -10.84 -27.32 -7.10
C ASN D 58 -11.98 -28.30 -6.90
N VAL D 59 -11.91 -29.06 -5.81
CA VAL D 59 -12.93 -30.01 -5.43
C VAL D 59 -13.40 -29.68 -4.02
N GLY D 60 -14.71 -29.52 -3.85
CA GLY D 60 -15.27 -29.27 -2.54
C GLY D 60 -15.54 -30.56 -1.79
N MET D 61 -14.80 -30.79 -0.71
CA MET D 61 -14.84 -32.06 -0.01
C MET D 61 -14.26 -31.88 1.38
N PRO D 62 -14.63 -32.74 2.34
CA PRO D 62 -14.12 -32.60 3.71
C PRO D 62 -12.74 -33.21 3.90
N GLY D 63 -11.70 -32.53 3.39
CA GLY D 63 -10.36 -33.05 3.46
C GLY D 63 -10.15 -34.15 2.45
N PRO D 64 -8.95 -34.73 2.42
CA PRO D 64 -8.60 -35.69 1.36
C PRO D 64 -9.29 -37.05 1.51
N VAL D 65 -10.62 -37.03 1.55
CA VAL D 65 -11.37 -38.28 1.46
C VAL D 65 -11.27 -38.87 0.05
N PHE D 66 -10.98 -38.03 -0.95
CA PHE D 66 -10.53 -38.46 -2.26
C PHE D 66 -9.22 -37.75 -2.53
N ILE D 67 -8.40 -38.30 -3.41
CA ILE D 67 -7.25 -37.58 -3.92
C ILE D 67 -7.53 -37.20 -5.37
N ARG D 68 -7.17 -35.98 -5.74
CA ARG D 68 -7.37 -35.51 -7.10
C ARG D 68 -6.27 -36.09 -7.98
N LYS D 69 -6.60 -37.16 -8.71
CA LYS D 69 -5.62 -37.76 -9.61
C LYS D 69 -5.36 -36.87 -10.82
N GLU D 70 -6.43 -36.35 -11.43
CA GLU D 70 -6.31 -35.51 -12.61
C GLU D 70 -7.44 -34.48 -12.60
N SER D 71 -7.20 -33.36 -13.27
CA SER D 71 -8.22 -32.35 -13.49
C SER D 71 -7.94 -31.69 -14.83
N TYR D 72 -8.98 -31.47 -15.62
CA TYR D 72 -8.83 -30.93 -16.96
C TYR D 72 -9.80 -29.77 -17.17
N ILE D 73 -9.33 -28.75 -17.87
CA ILE D 73 -10.19 -27.70 -18.41
C ILE D 73 -9.98 -27.70 -19.92
N GLY D 74 -11.05 -27.94 -20.67
CA GLY D 74 -10.90 -28.19 -22.08
C GLY D 74 -10.60 -29.64 -22.32
N GLY D 75 -9.32 -29.95 -22.58
CA GLY D 75 -8.88 -31.32 -22.68
C GLY D 75 -7.49 -31.53 -22.10
N GLN D 76 -6.98 -30.49 -21.44
CA GLN D 76 -5.60 -30.47 -20.97
C GLN D 76 -5.55 -30.38 -19.45
N LEU D 77 -4.54 -31.03 -18.87
CA LEU D 77 -4.42 -31.10 -17.42
C LEU D 77 -4.13 -29.73 -16.82
N VAL D 78 -4.73 -29.45 -15.67
CA VAL D 78 -4.62 -28.13 -15.05
C VAL D 78 -4.21 -28.29 -13.59
N PRO D 79 -2.98 -28.72 -13.28
CA PRO D 79 -2.56 -28.80 -11.88
C PRO D 79 -2.27 -27.45 -11.25
N ARG D 80 -2.22 -26.38 -12.03
CA ARG D 80 -1.96 -25.05 -11.55
C ARG D 80 -3.17 -24.16 -11.79
N SER D 81 -3.07 -22.91 -11.35
CA SER D 81 -4.13 -21.94 -11.61
C SER D 81 -4.22 -21.64 -13.10
N VAL D 82 -5.41 -21.27 -13.55
CA VAL D 82 -5.66 -21.04 -14.97
C VAL D 82 -6.37 -19.70 -15.14
N ARG D 83 -6.33 -19.19 -16.36
CA ARG D 83 -7.00 -17.96 -16.73
C ARG D 83 -8.28 -18.29 -17.48
N LEU D 84 -9.39 -17.74 -17.01
CA LEU D 84 -10.68 -17.93 -17.65
C LEU D 84 -11.16 -16.59 -18.21
N GLU D 85 -11.94 -16.66 -19.29
CA GLU D 85 -12.46 -15.47 -19.95
C GLU D 85 -13.96 -15.35 -19.66
N ILE D 86 -14.38 -14.13 -19.30
CA ILE D 86 -15.78 -13.88 -18.99
C ILE D 86 -16.62 -14.06 -20.24
N GLY D 87 -17.74 -14.79 -20.11
CA GLY D 87 -18.62 -15.07 -21.23
C GLY D 87 -18.33 -16.36 -21.95
N LYS D 88 -17.22 -17.03 -21.63
CA LYS D 88 -16.85 -18.26 -22.30
C LYS D 88 -17.37 -19.47 -21.53
N THR D 89 -17.62 -20.55 -22.28
CA THR D 89 -18.03 -21.83 -21.71
C THR D 89 -16.88 -22.81 -21.84
N TYR D 90 -16.55 -23.48 -20.74
CA TYR D 90 -15.49 -24.47 -20.72
C TYR D 90 -16.05 -25.79 -20.24
N ASP D 91 -15.47 -26.87 -20.74
CA ASP D 91 -15.78 -28.21 -20.26
C ASP D 91 -14.66 -28.67 -19.35
N PHE D 92 -15.02 -29.40 -18.29
CA PHE D 92 -14.06 -29.82 -17.28
C PHE D 92 -14.22 -31.31 -16.99
N ARG D 93 -13.17 -31.88 -16.41
CA ARG D 93 -13.18 -33.29 -16.03
C ARG D 93 -12.22 -33.46 -14.86
N VAL D 94 -12.73 -33.95 -13.74
CA VAL D 94 -11.93 -34.20 -12.54
C VAL D 94 -11.97 -35.68 -12.23
N VAL D 95 -10.80 -36.28 -12.06
CA VAL D 95 -10.67 -37.69 -11.71
C VAL D 95 -10.28 -37.77 -10.25
N LEU D 96 -11.09 -38.48 -9.46
CA LEU D 96 -10.86 -38.64 -8.03
C LEU D 96 -10.64 -40.11 -7.70
N LYS D 97 -9.73 -40.37 -6.77
CA LYS D 97 -9.46 -41.72 -6.29
C LYS D 97 -9.86 -41.80 -4.83
N ALA D 98 -10.69 -42.78 -4.48
CA ALA D 98 -11.21 -42.89 -3.14
C ALA D 98 -10.11 -43.23 -2.14
N ARG D 99 -10.13 -42.56 -1.00
CA ARG D 99 -9.10 -42.71 0.02
C ARG D 99 -9.65 -43.02 1.39
N ARG D 100 -10.79 -42.44 1.76
CA ARG D 100 -11.33 -42.58 3.11
C ARG D 100 -12.77 -43.07 3.04
N PRO D 101 -13.12 -44.13 3.77
CA PRO D 101 -14.49 -44.64 3.72
C PRO D 101 -15.48 -43.66 4.33
N GLY D 102 -16.71 -43.71 3.82
CA GLY D 102 -17.77 -42.88 4.34
C GLY D 102 -18.70 -42.35 3.27
N ASP D 103 -19.59 -41.43 3.65
CA ASP D 103 -20.48 -40.77 2.71
C ASP D 103 -20.08 -39.31 2.61
N TRP D 104 -19.60 -38.92 1.44
CA TRP D 104 -19.01 -37.59 1.24
C TRP D 104 -19.79 -36.81 0.20
N HIS D 105 -19.98 -35.53 0.48
CA HIS D 105 -20.65 -34.61 -0.43
C HIS D 105 -19.57 -33.93 -1.28
N VAL D 106 -19.43 -34.37 -2.52
CA VAL D 106 -18.36 -33.92 -3.39
C VAL D 106 -18.87 -32.81 -4.30
N HIS D 107 -18.26 -31.64 -4.20
CA HIS D 107 -18.59 -30.49 -5.03
C HIS D 107 -17.47 -30.24 -6.02
N THR D 108 -17.84 -29.79 -7.21
CA THR D 108 -16.89 -29.24 -8.16
C THR D 108 -16.94 -27.72 -7.97
N MET D 109 -15.79 -27.12 -7.73
CA MET D 109 -15.75 -25.71 -7.41
C MET D 109 -14.67 -24.99 -8.20
N MET D 110 -14.85 -23.68 -8.36
CA MET D 110 -13.86 -22.83 -8.99
C MET D 110 -13.46 -21.74 -8.01
N ASN D 111 -12.20 -21.72 -7.63
CA ASN D 111 -11.65 -20.68 -6.77
C ASN D 111 -11.09 -19.57 -7.66
N VAL D 112 -11.50 -18.34 -7.40
CA VAL D 112 -11.05 -17.18 -8.16
C VAL D 112 -10.13 -16.36 -7.28
N GLN D 113 -9.03 -15.87 -7.86
CA GLN D 113 -7.96 -15.23 -7.10
C GLN D 113 -8.46 -14.13 -6.18
N GLY D 114 -9.34 -13.26 -6.67
CA GLY D 114 -9.80 -12.16 -5.85
C GLY D 114 -11.28 -12.18 -5.54
N GLY D 115 -11.90 -13.35 -5.59
CA GLY D 115 -13.32 -13.42 -5.26
C GLY D 115 -13.73 -14.53 -4.33
N GLY D 116 -12.86 -15.51 -4.11
CA GLY D 116 -13.18 -16.60 -3.23
C GLY D 116 -13.80 -17.79 -3.95
N PRO D 117 -14.41 -18.69 -3.18
CA PRO D 117 -14.89 -19.96 -3.76
C PRO D 117 -16.23 -19.86 -4.48
N ILE D 118 -16.31 -20.49 -5.66
CA ILE D 118 -17.57 -20.59 -6.40
C ILE D 118 -17.91 -22.08 -6.43
N ILE D 119 -18.83 -22.49 -5.55
CA ILE D 119 -19.12 -23.90 -5.37
C ILE D 119 -20.24 -24.34 -6.30
N GLY D 120 -19.98 -25.39 -7.08
CA GLY D 120 -20.98 -25.97 -7.94
C GLY D 120 -21.83 -26.98 -7.20
N PRO D 121 -22.68 -27.70 -7.95
CA PRO D 121 -23.52 -28.72 -7.33
C PRO D 121 -22.69 -29.80 -6.67
N GLY D 122 -23.19 -30.29 -5.53
CA GLY D 122 -22.52 -31.34 -4.78
C GLY D 122 -23.33 -32.61 -4.82
N LYS D 123 -22.64 -33.75 -4.90
CA LYS D 123 -23.26 -35.05 -5.00
C LYS D 123 -22.72 -35.97 -3.91
N TRP D 124 -23.61 -36.70 -3.26
CA TRP D 124 -23.19 -37.67 -2.25
C TRP D 124 -22.56 -38.88 -2.92
N ILE D 125 -21.32 -39.17 -2.56
CA ILE D 125 -20.59 -40.32 -3.09
C ILE D 125 -20.17 -41.19 -1.91
N THR D 126 -20.53 -42.46 -1.94
CA THR D 126 -20.23 -43.39 -0.87
C THR D 126 -18.89 -44.08 -1.15
N VAL D 127 -18.04 -44.14 -0.13
CA VAL D 127 -16.76 -44.83 -0.21
C VAL D 127 -16.79 -45.97 0.79
N GLU D 128 -16.44 -47.17 0.34
CA GLU D 128 -16.39 -48.34 1.19
C GLU D 128 -15.00 -48.96 1.13
N GLY D 129 -14.60 -49.61 2.22
CA GLY D 129 -13.29 -50.21 2.33
C GLY D 129 -12.58 -49.73 3.59
N SER D 130 -11.25 -49.79 3.54
CA SER D 130 -10.41 -49.34 4.65
C SER D 130 -9.38 -48.35 4.13
N MET D 131 -9.12 -47.32 4.93
CA MET D 131 -8.09 -46.35 4.57
C MET D 131 -6.71 -47.00 4.49
N SER D 132 -6.48 -48.08 5.24
CA SER D 132 -5.20 -48.76 5.20
C SER D 132 -4.91 -49.39 3.85
N GLU D 133 -5.94 -49.66 3.05
CA GLU D 133 -5.73 -50.23 1.73
C GLU D 133 -5.38 -49.17 0.68
N PHE D 134 -5.50 -47.89 1.00
CA PHE D 134 -5.25 -46.85 0.02
C PHE D 134 -3.77 -46.79 -0.34
N ARG D 135 -3.50 -46.69 -1.64
CA ARG D 135 -2.14 -46.51 -2.15
C ARG D 135 -2.15 -45.34 -3.13
N ASN D 136 -1.07 -44.56 -3.13
CA ASN D 136 -0.89 -43.46 -4.05
C ASN D 136 0.49 -43.59 -4.71
N PRO D 137 0.68 -44.60 -5.55
CA PRO D 137 1.99 -44.78 -6.18
C PRO D 137 2.26 -43.72 -7.23
N VAL D 138 3.54 -43.41 -7.41
CA VAL D 138 3.97 -42.48 -8.46
C VAL D 138 5.37 -42.87 -8.88
N THR D 139 5.67 -42.73 -10.16
CA THR D 139 6.99 -43.05 -10.69
C THR D 139 7.70 -41.77 -11.09
N THR D 140 8.91 -41.58 -10.58
CA THR D 140 9.69 -40.39 -10.84
C THR D 140 10.50 -40.54 -12.12
N LEU D 141 11.04 -39.42 -12.60
CA LEU D 141 11.91 -39.44 -13.76
C LEU D 141 13.26 -40.06 -13.45
N THR D 142 13.56 -40.30 -12.17
CA THR D 142 14.79 -40.99 -11.78
C THR D 142 14.61 -42.51 -11.74
N GLY D 143 13.44 -43.02 -12.11
CA GLY D 143 13.24 -44.45 -12.20
C GLY D 143 12.92 -45.16 -10.91
N GLN D 144 12.26 -44.50 -9.97
CA GLN D 144 11.86 -45.15 -8.72
C GLN D 144 10.38 -44.90 -8.49
N THR D 145 9.70 -45.91 -7.96
CA THR D 145 8.28 -45.83 -7.65
C THR D 145 8.11 -45.71 -6.14
N VAL D 146 7.40 -44.68 -5.71
CA VAL D 146 7.20 -44.41 -4.30
C VAL D 146 5.71 -44.26 -4.03
N ASP D 147 5.33 -44.50 -2.78
CA ASP D 147 3.96 -44.29 -2.34
C ASP D 147 3.88 -42.95 -1.62
N LEU D 148 3.07 -42.05 -2.16
CA LEU D 148 2.97 -40.70 -1.62
C LEU D 148 2.36 -40.65 -0.23
N GLU D 149 1.74 -41.74 0.23
CA GLU D 149 1.18 -41.77 1.58
C GLU D 149 2.25 -41.72 2.65
N ASN D 150 3.41 -42.36 2.41
CA ASN D 150 4.42 -42.46 3.45
C ASN D 150 5.83 -42.15 2.96
N TYR D 151 6.00 -41.76 1.70
CA TYR D 151 7.32 -41.41 1.18
C TYR D 151 7.89 -40.23 1.95
N ASN D 152 9.16 -40.35 2.35
CA ASN D 152 9.94 -39.33 3.07
C ASN D 152 9.47 -39.13 4.51
N GLU D 153 8.44 -39.86 4.96
CA GLU D 153 7.95 -39.69 6.33
C GLU D 153 9.02 -40.06 7.36
N GLY D 154 9.70 -41.18 7.14
CA GLY D 154 10.75 -41.59 8.07
C GLY D 154 11.88 -40.59 8.13
N ASN D 155 12.31 -40.09 6.96
CA ASN D 155 13.38 -39.10 6.94
C ASN D 155 12.98 -37.81 7.65
N THR D 156 11.74 -37.34 7.41
CA THR D 156 11.27 -36.15 8.09
C THR D 156 11.24 -36.34 9.60
N TYR D 157 10.67 -37.45 10.06
CA TYR D 157 10.62 -37.74 11.49
C TYR D 157 12.03 -37.79 12.07
N PHE D 158 12.95 -38.46 11.38
CA PHE D 158 14.30 -38.62 11.89
C PHE D 158 14.98 -37.27 12.06
N TRP D 159 14.93 -36.43 11.02
CA TRP D 159 15.63 -35.15 11.10
C TRP D 159 15.02 -34.24 12.15
N HIS D 160 13.68 -34.20 12.22
CA HIS D 160 13.04 -33.35 13.22
C HIS D 160 13.36 -33.83 14.63
N ALA D 161 13.32 -35.15 14.86
CA ALA D 161 13.67 -35.68 16.17
C ALA D 161 15.13 -35.41 16.51
N PHE D 162 16.02 -35.52 15.53
CA PHE D 162 17.44 -35.25 15.78
C PHE D 162 17.67 -33.82 16.22
N TRP D 163 17.08 -32.86 15.50
CA TRP D 163 17.31 -31.46 15.86
C TRP D 163 16.62 -31.11 17.18
N PHE D 164 15.43 -31.66 17.40
CA PHE D 164 14.76 -31.45 18.70
C PHE D 164 15.60 -32.01 19.83
N ALA D 165 16.22 -33.18 19.62
CA ALA D 165 17.08 -33.76 20.64
C ALA D 165 18.30 -32.90 20.89
N ILE D 166 18.88 -32.32 19.83
CA ILE D 166 20.02 -31.42 20.02
C ILE D 166 19.62 -30.22 20.89
N GLY D 167 18.48 -29.60 20.58
CA GLY D 167 18.04 -28.47 21.37
C GLY D 167 17.74 -28.84 22.81
N VAL D 168 17.08 -30.00 23.01
CA VAL D 168 16.78 -30.46 24.36
C VAL D 168 18.06 -30.76 25.13
N ALA D 169 19.07 -31.29 24.44
CA ALA D 169 20.35 -31.55 25.09
C ALA D 169 21.00 -30.26 25.56
N TRP D 170 20.97 -29.23 24.70
CA TRP D 170 21.50 -27.93 25.09
C TRP D 170 20.78 -27.40 26.35
N ILE D 171 19.45 -27.42 26.31
CA ILE D 171 18.67 -26.89 27.42
C ILE D 171 18.91 -27.69 28.69
N GLY D 172 18.96 -29.02 28.59
CA GLY D 172 19.19 -29.85 29.77
C GLY D 172 20.59 -29.68 30.34
N TYR D 173 21.58 -29.53 29.46
CA TYR D 173 22.94 -29.24 29.90
C TYR D 173 22.94 -27.99 30.76
N TRP D 174 22.25 -26.95 30.32
CA TRP D 174 22.19 -25.75 31.17
C TRP D 174 21.21 -25.90 32.33
N SER D 175 20.32 -26.87 32.29
CA SER D 175 19.29 -27.03 33.32
C SER D 175 19.69 -27.99 34.43
N ARG D 176 20.84 -28.66 34.32
CA ARG D 176 21.27 -29.52 35.43
C ARG D 176 21.51 -28.70 36.69
N ARG D 177 22.12 -27.53 36.56
CA ARG D 177 22.33 -26.64 37.68
C ARG D 177 21.04 -25.90 38.01
N PRO D 178 20.97 -25.24 39.17
CA PRO D 178 19.79 -24.43 39.49
C PRO D 178 19.58 -23.34 38.45
N ILE D 179 18.31 -23.03 38.18
CA ILE D 179 17.95 -22.30 36.97
C ILE D 179 17.62 -20.83 37.22
N PHE D 180 16.56 -20.55 38.00
CA PHE D 180 15.96 -19.23 37.95
C PHE D 180 16.37 -18.32 39.12
N ILE D 181 16.03 -18.70 40.35
CA ILE D 181 16.10 -17.74 41.44
C ILE D 181 17.54 -17.54 41.92
N PRO D 182 18.33 -18.60 42.18
CA PRO D 182 19.73 -18.36 42.54
C PRO D 182 20.52 -17.64 41.46
N ARG D 183 20.27 -17.96 40.18
CA ARG D 183 20.97 -17.25 39.11
C ARG D 183 20.57 -15.79 39.05
N LEU D 184 19.27 -15.52 39.23
CA LEU D 184 18.80 -14.14 39.27
C LEU D 184 19.46 -13.37 40.41
N LEU D 185 19.53 -13.99 41.59
CA LEU D 185 20.16 -13.34 42.74
C LEU D 185 21.65 -13.10 42.49
N MET D 186 22.33 -14.07 41.89
CA MET D 186 23.74 -13.89 41.58
C MET D 186 23.97 -12.76 40.59
N VAL D 187 23.12 -12.67 39.56
CA VAL D 187 23.26 -11.60 38.58
C VAL D 187 22.98 -10.25 39.21
N ASP D 188 21.93 -10.16 40.04
CA ASP D 188 21.56 -8.88 40.65
C ASP D 188 22.60 -8.43 41.68
N ALA D 189 22.85 -9.25 42.69
CA ALA D 189 23.77 -8.89 43.76
C ALA D 189 25.21 -9.01 43.29
N GLY D 190 25.77 -7.90 42.81
CA GLY D 190 27.13 -7.89 42.32
C GLY D 190 27.24 -8.45 40.92
N ARG D 191 28.47 -8.40 40.40
CA ARG D 191 28.75 -8.98 39.10
C ARG D 191 28.61 -10.51 39.18
N ALA D 192 28.05 -11.10 38.12
CA ALA D 192 27.83 -12.53 38.19
C ALA D 192 29.10 -13.30 37.85
N ASP D 193 29.47 -13.29 36.57
CA ASP D 193 30.77 -13.75 36.07
C ASP D 193 31.21 -15.07 36.72
N GLU D 194 30.25 -15.86 37.16
CA GLU D 194 30.56 -17.09 37.87
C GLU D 194 29.70 -18.24 37.40
N LEU D 195 28.52 -17.93 36.85
CA LEU D 195 27.60 -18.95 36.38
C LEU D 195 27.86 -19.36 34.95
N VAL D 196 28.71 -18.62 34.23
CA VAL D 196 29.14 -19.01 32.90
C VAL D 196 30.65 -19.02 32.87
N SER D 197 31.25 -20.20 33.11
CA SER D 197 32.69 -20.36 33.12
C SER D 197 33.05 -21.67 32.45
N ALA D 198 34.27 -21.74 31.91
CA ALA D 198 34.77 -22.97 31.31
C ALA D 198 34.55 -24.15 32.25
N THR D 199 34.11 -25.27 31.70
CA THR D 199 34.06 -25.50 30.26
C THR D 199 32.70 -25.20 29.60
N ASP D 200 31.92 -24.29 30.18
CA ASP D 200 30.65 -23.93 29.55
C ASP D 200 30.87 -23.29 28.19
N ARG D 201 31.87 -22.41 28.09
CA ARG D 201 32.18 -21.79 26.80
C ARG D 201 32.67 -22.84 25.80
N LYS D 202 33.43 -23.82 26.27
CA LYS D 202 33.89 -24.89 25.38
C LYS D 202 32.71 -25.73 24.89
N VAL D 203 31.75 -26.00 25.78
CA VAL D 203 30.56 -26.76 25.37
C VAL D 203 29.75 -25.98 24.35
N ALA D 204 29.62 -24.67 24.55
CA ALA D 204 28.88 -23.86 23.58
C ALA D 204 29.60 -23.80 22.25
N MET D 205 30.93 -23.66 22.25
CA MET D 205 31.68 -23.69 21.00
C MET D 205 31.51 -25.02 20.30
N GLY D 206 31.54 -26.13 21.05
CA GLY D 206 31.30 -27.42 20.45
C GLY D 206 29.91 -27.52 19.85
N PHE D 207 28.90 -27.00 20.55
CA PHE D 207 27.53 -27.03 20.04
C PHE D 207 27.43 -26.24 18.74
N LEU D 208 28.01 -25.04 18.70
CA LEU D 208 27.94 -24.20 17.50
C LEU D 208 28.66 -24.85 16.32
N ALA D 209 29.89 -25.32 16.56
CA ALA D 209 30.65 -25.94 15.48
C ALA D 209 29.97 -27.22 15.00
N ALA D 210 29.47 -28.03 15.92
CA ALA D 210 28.80 -29.26 15.52
C ALA D 210 27.52 -28.96 14.74
N THR D 211 26.77 -27.93 15.16
CA THR D 211 25.57 -27.56 14.42
C THR D 211 25.89 -27.18 12.99
N ILE D 212 26.87 -26.28 12.82
CA ILE D 212 27.23 -25.84 11.46
C ILE D 212 27.74 -27.02 10.63
N LEU D 213 28.62 -27.83 11.22
CA LEU D 213 29.21 -28.94 10.48
C LEU D 213 28.16 -29.98 10.11
N ILE D 214 27.23 -30.27 11.02
CA ILE D 214 26.19 -31.25 10.74
C ILE D 214 25.25 -30.72 9.66
N VAL D 215 24.91 -29.43 9.70
CA VAL D 215 24.07 -28.87 8.65
C VAL D 215 24.75 -29.01 7.29
N VAL D 216 26.05 -28.66 7.23
CA VAL D 216 26.77 -28.74 5.96
C VAL D 216 26.87 -30.18 5.47
N MET D 217 27.21 -31.11 6.37
CA MET D 217 27.35 -32.51 5.99
C MET D 217 26.01 -33.09 5.55
N ALA D 218 24.93 -32.76 6.26
CA ALA D 218 23.62 -33.27 5.89
C ALA D 218 23.18 -32.72 4.54
N MET D 219 23.45 -31.43 4.27
CA MET D 219 23.12 -30.88 2.97
C MET D 219 23.92 -31.57 1.86
N SER D 220 25.21 -31.80 2.10
CA SER D 220 26.03 -32.49 1.09
C SER D 220 25.53 -33.90 0.85
N SER D 221 25.18 -34.63 1.93
CA SER D 221 24.68 -35.99 1.78
C SER D 221 23.34 -36.01 1.04
N ALA D 222 22.45 -35.06 1.35
CA ALA D 222 21.19 -34.95 0.65
C ALA D 222 21.35 -34.42 -0.76
N ASN D 223 22.53 -33.91 -1.12
CA ASN D 223 22.83 -33.58 -2.50
C ASN D 223 23.43 -34.76 -3.27
N SER D 224 24.24 -35.59 -2.60
CA SER D 224 24.77 -36.77 -3.25
C SER D 224 23.66 -37.78 -3.52
N LYS D 225 22.88 -38.10 -2.51
CA LYS D 225 21.60 -38.76 -2.74
C LYS D 225 20.63 -37.72 -3.31
N TYR D 226 19.69 -38.18 -4.13
CA TYR D 226 18.81 -37.29 -4.88
C TYR D 226 19.62 -36.21 -5.62
N PRO D 227 20.54 -36.60 -6.50
CA PRO D 227 21.33 -35.58 -7.21
C PRO D 227 20.50 -34.78 -8.20
N ILE D 228 19.32 -35.26 -8.56
CA ILE D 228 18.44 -34.59 -9.52
C ILE D 228 17.23 -34.06 -8.76
N THR D 229 17.12 -32.75 -8.65
CA THR D 229 15.98 -32.11 -8.02
C THR D 229 15.53 -30.93 -8.87
N ILE D 230 14.25 -30.61 -8.79
CA ILE D 230 13.69 -29.47 -9.50
C ILE D 230 12.93 -28.61 -8.50
N PRO D 231 12.81 -27.31 -8.73
CA PRO D 231 12.01 -26.47 -7.84
C PRO D 231 10.52 -26.77 -7.99
N LEU D 232 9.75 -26.23 -7.06
CA LEU D 232 8.30 -26.35 -7.13
C LEU D 232 7.79 -25.73 -8.42
N GLN D 233 6.90 -26.46 -9.11
CA GLN D 233 6.37 -26.01 -10.38
C GLN D 233 5.09 -25.21 -10.14
N ALA D 234 5.13 -23.92 -10.46
CA ALA D 234 4.02 -23.03 -10.19
C ALA D 234 3.87 -22.05 -11.35
N GLY D 235 2.75 -21.35 -11.37
CA GLY D 235 2.49 -20.36 -12.39
C GLY D 235 1.15 -20.52 -13.07
N THR D 236 0.38 -19.45 -13.16
CA THR D 236 -0.91 -19.50 -13.83
C THR D 236 -0.74 -19.91 -15.29
N MET D 237 -1.63 -20.77 -15.76
CA MET D 237 -1.56 -21.31 -17.11
C MET D 237 -2.59 -20.60 -17.99
N ARG D 238 -2.12 -20.00 -19.07
CA ARG D 238 -2.98 -19.27 -20.00
C ARG D 238 -3.41 -20.20 -21.13
N GLY D 239 -4.22 -19.66 -22.03
CA GLY D 239 -4.64 -20.39 -23.20
C GLY D 239 -5.52 -21.59 -22.91
N MET D 240 -6.47 -21.45 -21.98
CA MET D 240 -7.50 -22.46 -21.78
C MET D 240 -8.42 -22.44 -23.00
N LYS D 241 -8.70 -23.61 -23.57
CA LYS D 241 -9.50 -23.68 -24.77
C LYS D 241 -10.98 -23.74 -24.42
N PRO D 242 -11.75 -22.70 -24.74
CA PRO D 242 -13.18 -22.72 -24.45
C PRO D 242 -13.95 -23.50 -25.51
N LEU D 243 -15.16 -23.92 -25.13
CA LEU D 243 -16.04 -24.61 -26.05
C LEU D 243 -16.54 -23.65 -27.13
N GLU D 244 -16.55 -24.12 -28.37
CA GLU D 244 -17.07 -23.33 -29.49
C GLU D 244 -18.53 -23.70 -29.71
N LEU D 245 -19.38 -23.10 -28.87
CA LEU D 245 -20.81 -23.40 -28.93
C LEU D 245 -21.44 -22.71 -30.14
N PRO D 246 -22.41 -23.35 -30.79
CA PRO D 246 -23.15 -22.66 -31.85
C PRO D 246 -24.00 -21.54 -31.28
N ALA D 247 -24.23 -20.52 -32.10
CA ALA D 247 -25.06 -19.41 -31.68
C ALA D 247 -26.48 -19.90 -31.42
N PRO D 248 -27.09 -19.57 -30.28
CA PRO D 248 -28.45 -20.05 -30.00
C PRO D 248 -29.45 -19.49 -30.99
N THR D 249 -30.43 -20.32 -31.35
CA THR D 249 -31.52 -19.90 -32.22
C THR D 249 -32.72 -19.38 -31.44
N VAL D 250 -32.60 -19.28 -30.12
CA VAL D 250 -33.68 -18.80 -29.26
C VAL D 250 -33.20 -17.53 -28.58
N SER D 251 -34.02 -16.48 -28.66
CA SER D 251 -33.76 -15.24 -27.94
C SER D 251 -34.86 -15.04 -26.91
N VAL D 252 -34.46 -14.74 -25.67
CA VAL D 252 -35.40 -14.57 -24.58
C VAL D 252 -35.15 -13.19 -23.95
N LYS D 253 -36.23 -12.42 -23.78
CA LYS D 253 -36.18 -11.13 -23.11
C LYS D 253 -37.01 -11.24 -21.83
N VAL D 254 -36.39 -10.92 -20.70
CA VAL D 254 -37.05 -11.02 -19.41
C VAL D 254 -37.80 -9.71 -19.18
N GLU D 255 -39.13 -9.78 -19.11
CA GLU D 255 -39.97 -8.65 -18.78
C GLU D 255 -40.42 -8.83 -17.34
N ASP D 256 -39.62 -8.30 -16.41
CA ASP D 256 -39.83 -8.33 -14.96
C ASP D 256 -39.70 -9.73 -14.39
N ALA D 257 -39.21 -9.83 -13.16
CA ALA D 257 -39.08 -11.09 -12.45
C ALA D 257 -39.31 -10.84 -10.97
N THR D 258 -40.20 -11.61 -10.37
CA THR D 258 -40.60 -11.39 -8.99
C THR D 258 -40.56 -12.69 -8.20
N TYR D 259 -40.37 -12.55 -6.90
CA TYR D 259 -40.44 -13.67 -5.97
C TYR D 259 -41.16 -13.21 -4.71
N ARG D 260 -42.00 -14.09 -4.16
CA ARG D 260 -42.78 -13.76 -2.98
C ARG D 260 -41.92 -13.85 -1.72
N VAL D 261 -42.10 -12.88 -0.83
CA VAL D 261 -41.45 -12.89 0.47
C VAL D 261 -42.50 -12.95 1.56
N PRO D 262 -42.63 -14.06 2.31
CA PRO D 262 -41.84 -15.28 2.11
C PRO D 262 -42.45 -16.18 1.04
N GLY D 263 -41.66 -17.12 0.54
CA GLY D 263 -42.15 -18.06 -0.46
C GLY D 263 -41.04 -18.97 -0.91
N ARG D 264 -41.43 -19.95 -1.73
CA ARG D 264 -40.50 -20.91 -2.30
C ARG D 264 -40.55 -20.90 -3.82
N ALA D 265 -41.05 -19.83 -4.42
CA ALA D 265 -41.25 -19.76 -5.86
C ALA D 265 -40.68 -18.46 -6.40
N MET D 266 -40.24 -18.50 -7.65
CA MET D 266 -39.78 -17.34 -8.38
C MET D 266 -40.57 -17.26 -9.67
N ARG D 267 -41.08 -16.07 -9.99
CA ARG D 267 -41.92 -15.85 -11.16
C ARG D 267 -41.27 -14.83 -12.07
N MET D 268 -41.29 -15.12 -13.38
CA MET D 268 -40.75 -14.19 -14.35
C MET D 268 -41.56 -14.29 -15.64
N LYS D 269 -41.60 -13.19 -16.38
CA LYS D 269 -42.31 -13.11 -17.65
C LYS D 269 -41.28 -12.98 -18.76
N LEU D 270 -41.31 -13.92 -19.69
CA LEU D 270 -40.31 -14.01 -20.74
C LEU D 270 -40.96 -13.84 -22.11
N THR D 271 -40.30 -13.09 -22.98
CA THR D 271 -40.68 -12.98 -24.39
C THR D 271 -39.70 -13.84 -25.17
N ILE D 272 -40.18 -14.97 -25.68
CA ILE D 272 -39.33 -15.94 -26.35
C ILE D 272 -39.58 -15.85 -27.85
N THR D 273 -38.50 -15.64 -28.61
CA THR D 273 -38.55 -15.59 -30.06
C THR D 273 -37.79 -16.80 -30.60
N ASN D 274 -38.47 -17.62 -31.40
CA ASN D 274 -37.90 -18.85 -31.92
C ASN D 274 -37.37 -18.60 -33.33
N HIS D 275 -36.05 -18.64 -33.48
CA HIS D 275 -35.43 -18.64 -34.80
C HIS D 275 -35.09 -20.07 -35.18
N GLY D 276 -34.42 -20.24 -36.31
CA GLY D 276 -34.15 -21.57 -36.82
C GLY D 276 -35.39 -22.18 -37.44
N ASN D 277 -35.43 -23.51 -37.49
CA ASN D 277 -36.51 -24.20 -38.21
C ASN D 277 -37.05 -25.41 -37.44
N SER D 278 -37.29 -25.26 -36.14
CA SER D 278 -37.86 -26.37 -35.37
C SER D 278 -38.68 -25.84 -34.22
N PRO D 279 -39.83 -26.46 -33.91
CA PRO D 279 -40.62 -26.02 -32.75
C PRO D 279 -39.90 -26.32 -31.43
N ILE D 280 -39.73 -25.30 -30.60
CA ILE D 280 -39.00 -25.43 -29.35
C ILE D 280 -39.98 -25.44 -28.18
N ARG D 281 -39.52 -25.94 -27.04
CA ARG D 281 -40.30 -25.93 -25.81
C ARG D 281 -39.35 -25.72 -24.64
N LEU D 282 -39.78 -24.92 -23.67
CA LEU D 282 -38.95 -24.64 -22.51
C LEU D 282 -38.93 -25.85 -21.58
N GLY D 283 -37.74 -26.37 -21.32
CA GLY D 283 -37.61 -27.60 -20.56
C GLY D 283 -36.96 -27.45 -19.20
N GLU D 284 -36.14 -26.42 -19.02
CA GLU D 284 -35.39 -26.29 -17.78
C GLU D 284 -35.06 -24.83 -17.51
N PHE D 285 -34.98 -24.50 -16.22
CA PHE D 285 -34.45 -23.21 -15.76
C PHE D 285 -33.46 -23.52 -14.64
N TYR D 286 -32.19 -23.20 -14.88
CA TYR D 286 -31.13 -23.36 -13.90
C TYR D 286 -30.71 -21.97 -13.44
N THR D 287 -30.75 -21.73 -12.13
CA THR D 287 -30.44 -20.41 -11.58
C THR D 287 -29.16 -20.44 -10.75
N ALA D 288 -29.08 -21.25 -9.71
CA ALA D 288 -27.85 -21.40 -8.93
C ALA D 288 -27.83 -22.83 -8.38
N SER D 289 -27.22 -23.74 -9.15
CA SER D 289 -27.09 -25.15 -8.80
C SER D 289 -28.45 -25.84 -8.70
N VAL D 290 -29.54 -25.10 -8.90
CA VAL D 290 -30.90 -25.63 -8.80
C VAL D 290 -31.49 -25.71 -10.19
N ARG D 291 -31.97 -26.90 -10.56
CA ARG D 291 -32.54 -27.15 -11.88
C ARG D 291 -34.05 -27.29 -11.73
N PHE D 292 -34.79 -26.32 -12.23
CA PHE D 292 -36.25 -26.40 -12.30
C PHE D 292 -36.65 -26.99 -13.64
N LEU D 293 -37.27 -28.16 -13.62
CA LEU D 293 -37.59 -28.90 -14.83
C LEU D 293 -39.08 -28.87 -15.11
N ASP D 294 -39.43 -28.77 -16.39
CA ASP D 294 -40.78 -29.02 -16.86
C ASP D 294 -40.84 -30.49 -17.27
N SER D 295 -41.44 -31.32 -16.42
CA SER D 295 -41.38 -32.76 -16.62
C SER D 295 -42.05 -33.19 -17.92
N ASP D 296 -43.02 -32.41 -18.40
CA ASP D 296 -43.67 -32.73 -19.66
C ASP D 296 -42.76 -32.50 -20.87
N VAL D 297 -41.66 -31.78 -20.70
CA VAL D 297 -40.77 -31.43 -21.80
C VAL D 297 -39.45 -32.19 -21.70
N TYR D 298 -38.86 -32.24 -20.51
CA TYR D 298 -37.56 -32.86 -20.31
C TYR D 298 -37.50 -33.57 -18.96
N LYS D 299 -36.75 -34.67 -18.91
CA LYS D 299 -36.52 -35.44 -17.70
C LYS D 299 -35.03 -35.65 -17.51
N ASP D 300 -34.57 -35.52 -16.27
CA ASP D 300 -33.15 -35.68 -15.97
C ASP D 300 -32.83 -37.16 -15.80
N THR D 301 -31.76 -37.61 -16.46
CA THR D 301 -31.29 -38.98 -16.36
C THR D 301 -29.83 -39.08 -15.94
N THR D 302 -29.15 -37.97 -15.69
CA THR D 302 -27.74 -37.96 -15.35
C THR D 302 -27.49 -38.13 -13.86
N GLY D 303 -28.52 -38.47 -13.09
CA GLY D 303 -28.36 -38.61 -11.66
C GLY D 303 -28.03 -37.33 -10.93
N TYR D 304 -28.68 -36.23 -11.30
CA TYR D 304 -28.49 -34.96 -10.62
C TYR D 304 -28.93 -35.08 -9.16
N PRO D 305 -28.25 -34.38 -8.25
CA PRO D 305 -28.64 -34.44 -6.84
C PRO D 305 -30.10 -34.07 -6.65
N GLU D 306 -30.81 -34.90 -5.87
CA GLU D 306 -32.25 -34.76 -5.74
C GLU D 306 -32.64 -33.45 -5.06
N ASP D 307 -31.89 -33.06 -4.01
CA ASP D 307 -32.21 -31.82 -3.31
C ASP D 307 -31.97 -30.58 -4.18
N LEU D 308 -31.21 -30.71 -5.26
CA LEU D 308 -31.01 -29.62 -6.20
C LEU D 308 -31.85 -29.76 -7.47
N LEU D 309 -32.65 -30.81 -7.57
CA LEU D 309 -33.42 -31.11 -8.78
C LEU D 309 -34.91 -30.94 -8.50
N ALA D 310 -35.56 -30.08 -9.26
CA ALA D 310 -37.00 -29.88 -9.20
C ALA D 310 -37.59 -30.52 -10.46
N GLU D 311 -38.10 -31.75 -10.32
CA GLU D 311 -38.56 -32.51 -11.48
C GLU D 311 -39.72 -31.81 -12.19
N ASP D 312 -40.65 -31.26 -11.42
CA ASP D 312 -41.77 -30.51 -11.98
C ASP D 312 -41.83 -29.11 -11.41
N GLY D 313 -40.68 -28.58 -10.97
CA GLY D 313 -40.64 -27.26 -10.38
C GLY D 313 -40.78 -26.11 -11.34
N LEU D 314 -40.72 -26.37 -12.64
CA LEU D 314 -40.85 -25.33 -13.66
C LEU D 314 -42.23 -25.41 -14.30
N SER D 315 -43.05 -24.39 -14.08
CA SER D 315 -44.38 -24.32 -14.67
C SER D 315 -44.41 -23.13 -15.63
N VAL D 316 -44.76 -23.42 -16.89
CA VAL D 316 -44.86 -22.41 -17.93
C VAL D 316 -46.34 -22.22 -18.24
N SER D 317 -46.77 -20.96 -18.32
CA SER D 317 -48.18 -20.68 -18.57
C SER D 317 -48.66 -21.28 -19.88
N ASP D 318 -47.85 -21.15 -20.93
CA ASP D 318 -48.15 -21.75 -22.23
C ASP D 318 -46.86 -22.36 -22.77
N ASN D 319 -46.63 -23.63 -22.48
CA ASN D 319 -45.46 -24.35 -22.94
C ASN D 319 -45.75 -25.21 -24.17
N SER D 320 -46.72 -24.80 -24.98
CA SER D 320 -46.94 -25.46 -26.27
C SER D 320 -45.75 -25.19 -27.17
N PRO D 321 -45.53 -26.06 -28.16
CA PRO D 321 -44.37 -25.87 -29.05
C PRO D 321 -44.39 -24.50 -29.72
N LEU D 322 -43.22 -23.89 -29.80
CA LEU D 322 -43.07 -22.55 -30.36
C LEU D 322 -42.58 -22.67 -31.80
N ALA D 323 -43.46 -22.35 -32.74
CA ALA D 323 -43.13 -22.48 -34.16
C ALA D 323 -42.00 -21.51 -34.52
N PRO D 324 -41.16 -21.87 -35.48
CA PRO D 324 -40.07 -20.98 -35.88
C PRO D 324 -40.61 -19.64 -36.38
N GLY D 325 -39.93 -18.57 -35.98
CA GLY D 325 -40.33 -17.23 -36.37
C GLY D 325 -41.39 -16.63 -35.45
N GLU D 326 -41.99 -17.46 -34.61
CA GLU D 326 -43.08 -16.99 -33.76
C GLU D 326 -42.55 -16.46 -32.43
N THR D 327 -43.14 -15.36 -31.97
CA THR D 327 -42.76 -14.73 -30.72
C THR D 327 -43.98 -14.72 -29.79
N ARG D 328 -43.79 -15.19 -28.57
CA ARG D 328 -44.86 -15.19 -27.58
C ARG D 328 -44.28 -14.87 -26.21
N THR D 329 -45.14 -14.32 -25.34
CA THR D 329 -44.77 -13.94 -23.99
C THR D 329 -45.51 -14.84 -23.01
N VAL D 330 -44.77 -15.50 -22.12
CA VAL D 330 -45.34 -16.45 -21.17
C VAL D 330 -44.90 -16.08 -19.76
N ASP D 331 -45.67 -16.56 -18.78
CA ASP D 331 -45.34 -16.43 -17.38
C ASP D 331 -44.71 -17.74 -16.90
N VAL D 332 -43.46 -17.65 -16.44
CA VAL D 332 -42.70 -18.81 -16.02
C VAL D 332 -42.52 -18.76 -14.50
N THR D 333 -42.91 -19.83 -13.82
CA THR D 333 -42.78 -19.93 -12.38
C THR D 333 -41.86 -21.10 -12.05
N ALA D 334 -40.80 -20.80 -11.29
CA ALA D 334 -39.87 -21.82 -10.79
C ALA D 334 -40.12 -21.96 -9.29
N SER D 335 -40.70 -23.09 -8.89
CA SER D 335 -41.10 -23.31 -7.52
C SER D 335 -40.57 -24.65 -7.03
N ASP D 336 -39.90 -24.64 -5.88
CA ASP D 336 -39.41 -25.86 -5.26
C ASP D 336 -38.95 -25.53 -3.85
N ALA D 337 -38.93 -26.56 -3.00
CA ALA D 337 -38.40 -26.40 -1.66
C ALA D 337 -36.93 -26.00 -1.65
N ALA D 338 -36.18 -26.32 -2.71
CA ALA D 338 -34.79 -25.93 -2.83
C ALA D 338 -34.60 -24.41 -2.80
N TRP D 339 -35.55 -23.65 -3.35
CA TRP D 339 -35.47 -22.19 -3.35
C TRP D 339 -35.32 -21.62 -1.95
N GLU D 340 -35.89 -22.27 -0.94
CA GLU D 340 -35.71 -21.87 0.44
C GLU D 340 -34.65 -22.67 1.18
N VAL D 341 -34.45 -23.95 0.83
CA VAL D 341 -33.44 -24.75 1.48
C VAL D 341 -32.04 -24.21 1.21
N TYR D 342 -31.74 -23.87 -0.05
CA TYR D 342 -30.45 -23.30 -0.43
C TYR D 342 -30.44 -21.78 -0.30
N ARG D 343 -31.43 -21.24 0.42
CA ARG D 343 -31.48 -19.78 0.72
C ARG D 343 -31.37 -18.93 -0.55
N LEU D 344 -32.07 -19.31 -1.62
CA LEU D 344 -32.11 -18.43 -2.82
C LEU D 344 -33.16 -17.35 -2.55
N SER D 345 -34.01 -17.54 -1.54
CA SER D 345 -35.01 -16.52 -1.13
C SER D 345 -34.34 -15.39 -0.37
N ASP D 346 -33.10 -15.61 0.12
CA ASP D 346 -32.39 -14.60 0.94
C ASP D 346 -31.74 -13.53 0.05
N ILE D 347 -32.11 -13.47 -1.23
CA ILE D 347 -31.61 -12.37 -2.11
C ILE D 347 -32.23 -11.06 -1.62
N ILE D 348 -33.25 -11.13 -0.75
CA ILE D 348 -33.79 -9.91 -0.17
C ILE D 348 -32.79 -9.25 0.76
N TYR D 349 -31.87 -10.03 1.34
CA TYR D 349 -30.80 -9.49 2.16
C TYR D 349 -29.63 -8.95 1.34
N ASP D 350 -29.56 -9.28 0.06
CA ASP D 350 -28.42 -8.93 -0.75
C ASP D 350 -28.45 -7.46 -1.17
N PRO D 351 -27.28 -6.84 -1.32
CA PRO D 351 -27.22 -5.46 -1.82
C PRO D 351 -27.32 -5.34 -3.34
N ASP D 352 -27.61 -6.42 -4.05
CA ASP D 352 -27.77 -6.37 -5.51
C ASP D 352 -28.81 -7.41 -5.89
N SER D 353 -30.06 -6.98 -6.02
CA SER D 353 -31.17 -7.90 -6.28
C SER D 353 -31.32 -8.11 -7.80
N ARG D 354 -30.34 -8.81 -8.34
CA ARG D 354 -30.36 -9.23 -9.74
C ARG D 354 -30.04 -10.71 -9.81
N PHE D 355 -30.76 -11.41 -10.69
CA PHE D 355 -30.58 -12.84 -10.86
C PHE D 355 -30.03 -13.12 -12.26
N ALA D 356 -29.42 -14.30 -12.40
CA ALA D 356 -29.01 -14.80 -13.70
C ALA D 356 -29.24 -16.30 -13.71
N GLY D 357 -29.40 -16.85 -14.92
CA GLY D 357 -29.65 -18.27 -15.03
C GLY D 357 -29.52 -18.74 -16.46
N LEU D 358 -29.83 -20.01 -16.65
CA LEU D 358 -29.81 -20.63 -17.97
C LEU D 358 -31.17 -21.25 -18.26
N LEU D 359 -31.69 -20.98 -19.45
CA LEU D 359 -32.91 -21.61 -19.93
C LEU D 359 -32.53 -22.64 -20.99
N PHE D 360 -33.07 -23.85 -20.84
CA PHE D 360 -32.81 -24.94 -21.78
C PHE D 360 -34.08 -25.19 -22.57
N PHE D 361 -33.99 -25.01 -23.89
CA PHE D 361 -35.11 -25.19 -24.80
C PHE D 361 -34.90 -26.46 -25.61
N PHE D 362 -35.93 -27.29 -25.67
CA PHE D 362 -35.87 -28.57 -26.36
C PHE D 362 -36.91 -28.62 -27.47
N ASP D 363 -36.50 -29.17 -28.62
CA ASP D 363 -37.41 -29.39 -29.73
C ASP D 363 -37.90 -30.84 -29.73
N ALA D 364 -38.69 -31.18 -30.74
CA ALA D 364 -39.27 -32.51 -30.81
C ALA D 364 -38.20 -33.59 -30.95
N THR D 365 -37.21 -33.37 -31.81
CA THR D 365 -36.18 -34.38 -32.03
C THR D 365 -35.28 -34.59 -30.82
N GLY D 366 -35.26 -33.65 -29.87
CA GLY D 366 -34.52 -33.81 -28.64
C GLY D 366 -33.30 -32.93 -28.51
N ASN D 367 -32.81 -32.33 -29.59
CA ASN D 367 -31.67 -31.44 -29.49
C ASN D 367 -32.05 -30.17 -28.74
N ARG D 368 -31.14 -29.68 -27.92
CA ARG D 368 -31.45 -28.63 -26.96
C ARG D 368 -30.67 -27.35 -27.26
N GLN D 369 -31.22 -26.24 -26.77
CA GLN D 369 -30.60 -24.93 -26.91
C GLN D 369 -30.46 -24.31 -25.53
N VAL D 370 -29.32 -23.69 -25.28
CA VAL D 370 -29.02 -23.03 -24.01
C VAL D 370 -29.03 -21.53 -24.24
N VAL D 371 -29.89 -20.83 -23.52
CA VAL D 371 -29.93 -19.37 -23.56
C VAL D 371 -29.79 -18.86 -22.13
N GLN D 372 -29.10 -17.72 -22.00
CA GLN D 372 -28.82 -17.13 -20.70
C GLN D 372 -29.70 -15.91 -20.49
N ILE D 373 -30.27 -15.80 -19.30
CA ILE D 373 -31.14 -14.70 -18.94
C ILE D 373 -30.63 -14.05 -17.66
N ASP D 374 -30.77 -12.74 -17.56
CA ASP D 374 -30.43 -12.00 -16.35
C ASP D 374 -31.29 -10.75 -16.29
N ALA D 375 -31.81 -10.45 -15.10
CA ALA D 375 -32.70 -9.32 -14.92
C ALA D 375 -32.77 -8.99 -13.44
N PRO D 376 -33.24 -7.79 -13.09
CA PRO D 376 -33.51 -7.51 -11.67
C PRO D 376 -34.60 -8.43 -11.14
N LEU D 377 -34.46 -8.81 -9.88
CA LEU D 377 -35.41 -9.69 -9.21
C LEU D 377 -36.11 -8.88 -8.12
N ILE D 378 -37.38 -8.59 -8.32
CA ILE D 378 -38.13 -7.67 -7.48
C ILE D 378 -38.93 -8.47 -6.46
N PRO D 379 -38.70 -8.30 -5.17
CA PRO D 379 -39.54 -8.99 -4.18
C PRO D 379 -40.95 -8.44 -4.17
N SER D 380 -41.89 -9.31 -3.83
CA SER D 380 -43.29 -8.94 -3.65
C SER D 380 -43.73 -9.38 -2.27
N PHE D 381 -44.38 -8.47 -1.54
CA PHE D 381 -44.73 -8.72 -0.14
C PHE D 381 -46.24 -8.83 0.08
N MET D 382 -47.05 -8.07 -0.64
CA MET D 382 -48.49 -8.21 -0.55
C MET D 382 -49.05 -8.88 -1.80
N HIS E 1 -19.37 23.60 -16.67
CA HIS E 1 -18.87 24.86 -16.15
C HIS E 1 -17.53 24.44 -15.57
N GLY E 2 -17.35 23.13 -15.42
CA GLY E 2 -16.09 22.56 -14.88
C GLY E 2 -15.12 22.20 -15.99
N GLU E 3 -15.46 22.42 -17.26
CA GLU E 3 -14.45 22.18 -18.32
C GLU E 3 -13.79 23.54 -18.65
N LYS E 4 -13.04 23.65 -19.76
CA LYS E 4 -12.28 24.88 -20.08
C LYS E 4 -11.10 24.99 -19.09
N SER E 5 -11.01 24.08 -18.12
CA SER E 5 -9.90 24.07 -17.13
C SER E 5 -9.16 22.74 -17.25
N GLN E 6 -9.85 21.68 -17.69
CA GLN E 6 -9.15 20.42 -17.91
C GLN E 6 -8.23 20.52 -19.12
N ALA E 7 -7.26 19.61 -19.16
CA ALA E 7 -6.29 19.61 -20.24
C ALA E 7 -6.97 19.44 -21.59
N ALA E 8 -6.52 20.22 -22.58
CA ALA E 8 -7.15 20.21 -23.89
C ALA E 8 -7.05 18.84 -24.54
N PHE E 9 -5.89 18.20 -24.46
CA PHE E 9 -5.74 16.89 -25.10
C PHE E 9 -6.56 15.83 -24.39
N MET E 10 -6.75 15.97 -23.08
CA MET E 10 -7.56 15.01 -22.36
C MET E 10 -9.05 15.19 -22.69
N ARG E 11 -9.47 16.44 -22.87
CA ARG E 11 -10.84 16.68 -23.35
C ARG E 11 -11.03 16.18 -24.77
N MET E 12 -9.98 16.28 -25.60
CA MET E 12 -10.07 15.82 -26.97
C MET E 12 -10.13 14.30 -27.06
N ARG E 13 -9.31 13.59 -26.30
CA ARG E 13 -9.25 12.15 -26.38
C ARG E 13 -9.66 11.53 -25.06
N THR E 14 -10.95 11.60 -24.75
CA THR E 14 -11.56 10.66 -23.80
C THR E 14 -12.84 10.07 -24.36
N ILE E 15 -13.79 10.94 -24.66
CA ILE E 15 -15.16 10.56 -25.01
C ILE E 15 -15.71 11.63 -25.93
N HIS E 16 -16.23 11.23 -27.09
CA HIS E 16 -16.77 12.15 -28.07
C HIS E 16 -18.30 12.07 -28.04
N TRP E 17 -18.93 13.18 -27.69
CA TRP E 17 -20.39 13.27 -27.63
C TRP E 17 -20.92 13.83 -28.95
N TYR E 18 -21.90 13.14 -29.53
CA TYR E 18 -22.51 13.62 -30.77
C TYR E 18 -23.95 13.12 -30.82
N ASP E 19 -24.69 13.64 -31.80
CA ASP E 19 -26.13 13.41 -31.91
C ASP E 19 -26.87 13.83 -30.65
N LEU E 20 -26.34 14.84 -29.95
CA LEU E 20 -26.98 15.31 -28.74
C LEU E 20 -28.26 16.06 -29.06
N SER E 21 -29.28 15.84 -28.24
CA SER E 21 -30.55 16.52 -28.41
C SER E 21 -31.14 16.82 -27.04
N TRP E 22 -31.93 17.89 -26.97
CA TRP E 22 -32.63 18.28 -25.75
C TRP E 22 -34.10 18.42 -26.08
N SER E 23 -34.95 17.77 -25.26
CA SER E 23 -36.38 17.78 -25.55
C SER E 23 -36.97 19.19 -25.43
N LYS E 24 -36.51 19.95 -24.44
CA LYS E 24 -37.02 21.29 -24.20
C LYS E 24 -35.88 22.20 -23.77
N GLU E 25 -36.05 23.50 -24.03
CA GLU E 25 -35.08 24.50 -23.62
C GLU E 25 -35.54 25.30 -22.42
N LYS E 26 -36.84 25.34 -22.15
CA LYS E 26 -37.42 26.08 -21.03
C LYS E 26 -38.53 25.24 -20.44
N VAL E 27 -38.51 25.07 -19.12
CA VAL E 27 -39.40 24.14 -18.44
C VAL E 27 -40.03 24.82 -17.23
N LYS E 28 -41.14 24.24 -16.77
CA LYS E 28 -41.77 24.62 -15.52
C LYS E 28 -41.30 23.70 -14.40
N ILE E 29 -41.57 24.11 -13.16
CA ILE E 29 -41.33 23.23 -12.02
C ILE E 29 -42.16 21.97 -12.19
N ASN E 30 -41.56 20.82 -11.87
CA ASN E 30 -42.12 19.47 -12.00
C ASN E 30 -42.21 19.00 -13.44
N GLU E 31 -41.84 19.83 -14.42
CA GLU E 31 -41.84 19.41 -15.80
C GLU E 31 -40.56 18.65 -16.12
N THR E 32 -40.65 17.74 -17.08
CA THR E 32 -39.56 16.84 -17.43
C THR E 32 -38.87 17.33 -18.71
N VAL E 33 -37.54 17.28 -18.70
CA VAL E 33 -36.71 17.56 -19.87
C VAL E 33 -35.81 16.36 -20.10
N GLU E 34 -35.71 15.91 -21.34
CA GLU E 34 -34.98 14.70 -21.69
C GLU E 34 -33.78 15.06 -22.55
N ILE E 35 -32.62 14.51 -22.21
CA ILE E 35 -31.38 14.72 -22.94
C ILE E 35 -30.97 13.39 -23.56
N LYS E 36 -30.79 13.38 -24.87
CA LYS E 36 -30.43 12.19 -25.63
C LYS E 36 -29.15 12.45 -26.41
N GLY E 37 -28.51 11.37 -26.85
CA GLY E 37 -27.33 11.49 -27.67
C GLY E 37 -26.54 10.20 -27.65
N LYS E 38 -25.36 10.29 -28.26
CA LYS E 38 -24.42 9.18 -28.33
C LYS E 38 -23.05 9.65 -27.84
N PHE E 39 -22.30 8.74 -27.24
CA PHE E 39 -20.91 9.01 -26.89
C PHE E 39 -20.06 7.84 -27.33
N HIS E 40 -18.87 8.15 -27.85
CA HIS E 40 -17.92 7.16 -28.31
C HIS E 40 -16.68 7.20 -27.43
N VAL E 41 -16.29 6.04 -26.91
CA VAL E 41 -15.09 5.95 -26.08
C VAL E 41 -13.88 5.85 -27.00
N PHE E 42 -12.98 6.83 -26.90
CA PHE E 42 -11.86 6.92 -27.82
C PHE E 42 -10.90 5.76 -27.63
N GLU E 43 -10.39 5.21 -28.74
CA GLU E 43 -9.46 4.09 -28.66
C GLU E 43 -8.16 4.49 -27.99
N GLY E 44 -7.64 5.68 -28.28
CA GLY E 44 -6.42 6.15 -27.68
C GLY E 44 -6.65 6.74 -26.30
N TRP E 45 -7.30 5.97 -25.43
CA TRP E 45 -7.60 6.42 -24.08
C TRP E 45 -6.30 6.74 -23.34
N PRO E 46 -6.16 7.92 -22.76
CA PRO E 46 -4.89 8.30 -22.13
C PRO E 46 -4.56 7.36 -20.97
N GLU E 47 -3.28 7.02 -20.84
CA GLU E 47 -2.84 6.11 -19.80
C GLU E 47 -3.03 6.70 -18.41
N THR E 48 -3.04 8.02 -18.29
CA THR E 48 -3.24 8.65 -16.99
C THR E 48 -4.66 8.50 -16.49
N VAL E 49 -5.61 8.23 -17.38
CA VAL E 49 -6.98 7.95 -17.01
C VAL E 49 -7.17 6.45 -16.97
N ASP E 50 -7.69 5.96 -15.85
CA ASP E 50 -7.99 4.54 -15.76
C ASP E 50 -9.04 4.17 -16.80
N GLU E 51 -8.95 2.94 -17.28
CA GLU E 51 -9.89 2.46 -18.28
C GLU E 51 -11.32 2.52 -17.72
N PRO E 52 -12.30 2.84 -18.55
CA PRO E 52 -13.66 3.01 -18.03
C PRO E 52 -14.32 1.70 -17.63
N ASP E 53 -13.61 0.91 -16.83
CA ASP E 53 -14.19 -0.31 -16.29
C ASP E 53 -15.33 -0.02 -15.34
N VAL E 54 -15.24 1.09 -14.60
CA VAL E 54 -16.29 1.53 -13.68
C VAL E 54 -16.57 2.98 -14.04
N ALA E 55 -17.74 3.24 -14.65
CA ALA E 55 -18.12 4.57 -15.08
C ALA E 55 -19.56 4.84 -14.67
N PHE E 56 -19.85 6.11 -14.42
CA PHE E 56 -21.18 6.54 -14.01
C PHE E 56 -21.67 7.65 -14.92
N LEU E 57 -22.88 7.49 -15.44
CA LEU E 57 -23.51 8.51 -16.26
C LEU E 57 -24.10 9.57 -15.33
N ASN E 58 -23.46 10.73 -15.28
CA ASN E 58 -23.85 11.79 -14.37
C ASN E 58 -24.37 13.00 -15.14
N VAL E 59 -24.83 14.00 -14.39
CA VAL E 59 -25.32 15.25 -14.96
C VAL E 59 -24.53 16.40 -14.35
N GLY E 60 -23.96 17.25 -15.19
CA GLY E 60 -23.25 18.41 -14.73
C GLY E 60 -24.19 19.59 -14.49
N MET E 61 -24.34 19.99 -13.24
CA MET E 61 -25.33 20.98 -12.87
C MET E 61 -25.00 21.54 -11.51
N PRO E 62 -25.45 22.76 -11.19
CA PRO E 62 -25.13 23.37 -9.89
C PRO E 62 -26.05 22.89 -8.78
N GLY E 63 -25.85 21.66 -8.31
CA GLY E 63 -26.71 21.11 -7.29
C GLY E 63 -28.03 20.66 -7.88
N PRO E 64 -28.92 20.15 -7.03
CA PRO E 64 -30.17 19.54 -7.54
C PRO E 64 -31.18 20.59 -8.03
N VAL E 65 -30.77 21.40 -9.00
CA VAL E 65 -31.73 22.25 -9.69
C VAL E 65 -32.65 21.43 -10.57
N PHE E 66 -32.20 20.24 -10.97
CA PHE E 66 -33.05 19.20 -11.56
C PHE E 66 -32.84 17.96 -10.72
N ILE E 67 -33.81 17.06 -10.73
CA ILE E 67 -33.60 15.72 -10.17
C ILE E 67 -33.52 14.73 -11.33
N ARG E 68 -32.58 13.79 -11.22
CA ARG E 68 -32.43 12.77 -12.26
C ARG E 68 -33.50 11.71 -12.06
N LYS E 69 -34.57 11.81 -12.85
CA LYS E 69 -35.64 10.81 -12.77
C LYS E 69 -35.18 9.47 -13.33
N GLU E 70 -34.54 9.48 -14.50
CA GLU E 70 -34.08 8.27 -15.14
C GLU E 70 -32.80 8.57 -15.92
N SER E 71 -32.00 7.53 -16.12
CA SER E 71 -30.83 7.61 -16.97
C SER E 71 -30.62 6.24 -17.62
N TYR E 72 -30.31 6.24 -18.91
CA TYR E 72 -30.18 5.01 -19.66
C TYR E 72 -28.88 5.00 -20.46
N ILE E 73 -28.23 3.85 -20.51
CA ILE E 73 -27.15 3.58 -21.45
C ILE E 73 -27.58 2.40 -22.30
N GLY E 74 -27.67 2.61 -23.61
CA GLY E 74 -28.28 1.61 -24.45
C GLY E 74 -29.79 1.80 -24.47
N GLY E 75 -30.50 0.98 -23.72
CA GLY E 75 -31.93 1.16 -23.53
C GLY E 75 -32.37 0.79 -22.13
N GLN E 76 -31.40 0.57 -21.25
CA GLN E 76 -31.66 0.05 -19.91
C GLN E 76 -31.22 1.07 -18.85
N LEU E 77 -31.98 1.11 -17.75
CA LEU E 77 -31.73 2.08 -16.70
C LEU E 77 -30.40 1.81 -16.00
N VAL E 78 -29.69 2.88 -15.67
CA VAL E 78 -28.36 2.75 -15.08
C VAL E 78 -28.26 3.60 -13.82
N PRO E 79 -28.93 3.23 -12.73
CA PRO E 79 -28.79 4.00 -11.49
C PRO E 79 -27.48 3.76 -10.78
N ARG E 80 -26.69 2.78 -11.20
CA ARG E 80 -25.41 2.46 -10.60
C ARG E 80 -24.30 2.69 -11.61
N SER E 81 -23.06 2.46 -11.18
CA SER E 81 -21.92 2.56 -12.08
C SER E 81 -21.99 1.45 -13.11
N VAL E 82 -21.41 1.71 -14.29
CA VAL E 82 -21.46 0.78 -15.40
C VAL E 82 -20.06 0.58 -15.96
N ARG E 83 -19.91 -0.49 -16.72
CA ARG E 83 -18.66 -0.81 -17.39
C ARG E 83 -18.78 -0.45 -18.87
N LEU E 84 -17.83 0.35 -19.35
CA LEU E 84 -17.77 0.75 -20.75
C LEU E 84 -16.54 0.14 -21.40
N GLU E 85 -16.64 -0.13 -22.70
CA GLU E 85 -15.55 -0.71 -23.46
C GLU E 85 -14.93 0.34 -24.37
N ILE E 86 -13.60 0.40 -24.37
CA ILE E 86 -12.88 1.36 -25.18
C ILE E 86 -13.11 1.05 -26.66
N GLY E 87 -13.42 2.08 -27.43
CA GLY E 87 -13.70 1.94 -28.85
C GLY E 87 -15.16 1.74 -29.20
N LYS E 88 -16.02 1.55 -28.20
CA LYS E 88 -17.43 1.32 -28.44
C LYS E 88 -18.21 2.63 -28.39
N THR E 89 -19.31 2.65 -29.13
CA THR E 89 -20.24 3.78 -29.13
C THR E 89 -21.51 3.37 -28.42
N TYR E 90 -21.95 4.19 -27.47
CA TYR E 90 -23.17 3.94 -26.73
C TYR E 90 -24.12 5.12 -26.92
N ASP E 91 -25.42 4.83 -26.88
CA ASP E 91 -26.45 5.85 -26.86
C ASP E 91 -26.98 5.99 -25.44
N PHE E 92 -27.29 7.22 -25.05
CA PHE E 92 -27.71 7.50 -23.69
C PHE E 92 -28.96 8.37 -23.71
N ARG E 93 -29.66 8.37 -22.57
CA ARG E 93 -30.87 9.17 -22.40
C ARG E 93 -31.02 9.48 -20.92
N VAL E 94 -31.05 10.76 -20.58
CA VAL E 94 -31.21 11.21 -19.20
C VAL E 94 -32.50 12.01 -19.11
N VAL E 95 -33.35 11.65 -18.16
CA VAL E 95 -34.61 12.35 -17.91
C VAL E 95 -34.45 13.18 -16.64
N LEU E 96 -34.67 14.48 -16.76
CA LEU E 96 -34.54 15.41 -15.65
C LEU E 96 -35.87 16.05 -15.36
N LYS E 97 -36.16 16.26 -14.08
CA LYS E 97 -37.37 16.94 -13.63
C LYS E 97 -36.96 18.24 -12.95
N ALA E 98 -37.55 19.35 -13.40
CA ALA E 98 -37.16 20.67 -12.89
C ALA E 98 -37.56 20.83 -11.44
N ARG E 99 -36.65 21.39 -10.65
CA ARG E 99 -36.85 21.54 -9.22
C ARG E 99 -36.63 22.96 -8.73
N ARG E 100 -35.67 23.69 -9.28
CA ARG E 100 -35.31 25.01 -8.80
C ARG E 100 -35.37 26.02 -9.94
N PRO E 101 -36.07 27.14 -9.77
CA PRO E 101 -36.16 28.12 -10.86
C PRO E 101 -34.82 28.78 -11.13
N GLY E 102 -34.63 29.19 -12.39
CA GLY E 102 -33.42 29.88 -12.79
C GLY E 102 -32.93 29.47 -14.15
N ASP E 103 -31.72 29.93 -14.51
CA ASP E 103 -31.08 29.57 -15.76
C ASP E 103 -29.87 28.71 -15.45
N TRP E 104 -29.93 27.44 -15.85
CA TRP E 104 -28.93 26.46 -15.47
C TRP E 104 -28.23 25.89 -16.69
N HIS E 105 -26.93 25.72 -16.57
CA HIS E 105 -26.10 25.14 -17.63
C HIS E 105 -25.99 23.64 -17.34
N VAL E 106 -26.74 22.85 -18.10
CA VAL E 106 -26.85 21.42 -17.85
C VAL E 106 -25.90 20.67 -18.78
N HIS E 107 -24.97 19.93 -18.18
CA HIS E 107 -24.02 19.12 -18.92
C HIS E 107 -24.36 17.65 -18.74
N THR E 108 -24.12 16.86 -19.78
CA THR E 108 -24.11 15.41 -19.68
C THR E 108 -22.65 15.01 -19.51
N MET E 109 -22.37 14.27 -18.44
CA MET E 109 -20.99 13.93 -18.13
C MET E 109 -20.84 12.46 -17.81
N MET E 110 -19.62 11.97 -17.97
CA MET E 110 -19.27 10.60 -17.61
C MET E 110 -18.14 10.64 -16.60
N ASN E 111 -18.39 10.14 -15.40
CA ASN E 111 -17.38 10.03 -14.36
C ASN E 111 -16.74 8.65 -14.48
N VAL E 112 -15.42 8.62 -14.53
CA VAL E 112 -14.66 7.37 -14.64
C VAL E 112 -13.95 7.12 -13.31
N GLN E 113 -13.97 5.87 -12.87
CA GLN E 113 -13.51 5.52 -11.52
C GLN E 113 -12.11 6.06 -11.22
N GLY E 114 -11.18 5.92 -12.15
CA GLY E 114 -9.83 6.36 -11.88
C GLY E 114 -9.33 7.48 -12.77
N GLY E 115 -10.24 8.26 -13.35
CA GLY E 115 -9.82 9.35 -14.18
C GLY E 115 -10.50 10.69 -13.93
N GLY E 116 -11.60 10.68 -13.19
CA GLY E 116 -12.31 11.91 -12.90
C GLY E 116 -13.40 12.21 -13.91
N PRO E 117 -13.87 13.46 -13.91
CA PRO E 117 -15.04 13.82 -14.72
C PRO E 117 -14.74 14.08 -16.19
N ILE E 118 -15.57 13.54 -17.07
CA ILE E 118 -15.50 13.82 -18.50
C ILE E 118 -16.78 14.56 -18.86
N ILE E 119 -16.67 15.88 -18.99
CA ILE E 119 -17.85 16.72 -19.16
C ILE E 119 -18.15 16.90 -20.64
N GLY E 120 -19.38 16.60 -21.02
CA GLY E 120 -19.85 16.81 -22.38
C GLY E 120 -20.35 18.22 -22.58
N PRO E 121 -20.96 18.48 -23.75
CA PRO E 121 -21.50 19.81 -24.02
C PRO E 121 -22.58 20.18 -23.03
N GLY E 122 -22.60 21.46 -22.65
CA GLY E 122 -23.59 21.98 -21.73
C GLY E 122 -24.54 22.93 -22.42
N LYS E 123 -25.81 22.87 -22.03
CA LYS E 123 -26.86 23.68 -22.63
C LYS E 123 -27.60 24.46 -21.55
N TRP E 124 -27.86 25.73 -21.82
CA TRP E 124 -28.63 26.55 -20.90
C TRP E 124 -30.10 26.16 -20.96
N ILE E 125 -30.65 25.77 -19.81
CA ILE E 125 -32.05 25.39 -19.68
C ILE E 125 -32.69 26.28 -18.62
N THR E 126 -33.76 26.96 -19.00
CA THR E 126 -34.46 27.88 -18.11
C THR E 126 -35.54 27.14 -17.35
N VAL E 127 -35.60 27.35 -16.04
CA VAL E 127 -36.63 26.79 -15.18
C VAL E 127 -37.43 27.95 -14.60
N GLU E 128 -38.75 27.86 -14.70
CA GLU E 128 -39.64 28.88 -14.16
C GLU E 128 -40.64 28.22 -13.22
N GLY E 129 -41.09 29.00 -12.23
CA GLY E 129 -41.99 28.51 -11.21
C GLY E 129 -41.46 28.79 -9.81
N SER E 130 -41.90 27.98 -8.86
CA SER E 130 -41.46 28.09 -7.49
C SER E 130 -40.98 26.73 -7.01
N MET E 131 -39.91 26.74 -6.21
CA MET E 131 -39.39 25.51 -5.63
C MET E 131 -40.42 24.86 -4.71
N SER E 132 -41.29 25.66 -4.09
CA SER E 132 -42.31 25.11 -3.20
C SER E 132 -43.31 24.22 -3.92
N GLU E 133 -43.45 24.38 -5.24
CA GLU E 133 -44.35 23.53 -6.01
C GLU E 133 -43.75 22.19 -6.38
N PHE E 134 -42.45 22.01 -6.18
CA PHE E 134 -41.80 20.77 -6.59
C PHE E 134 -42.26 19.61 -5.73
N ARG E 135 -42.57 18.49 -6.38
CA ARG E 135 -42.91 17.24 -5.70
C ARG E 135 -42.08 16.12 -6.30
N ASN E 136 -41.66 15.19 -5.45
CA ASN E 136 -40.92 14.01 -5.87
C ASN E 136 -41.60 12.77 -5.29
N PRO E 137 -42.81 12.44 -5.77
CA PRO E 137 -43.51 11.27 -5.22
C PRO E 137 -42.86 9.98 -5.67
N VAL E 138 -42.99 8.95 -4.82
CA VAL E 138 -42.51 7.62 -5.15
C VAL E 138 -43.39 6.62 -4.40
N THR E 139 -43.65 5.48 -5.03
CA THR E 139 -44.46 4.43 -4.43
C THR E 139 -43.58 3.24 -4.09
N THR E 140 -43.64 2.81 -2.84
CA THR E 140 -42.82 1.70 -2.37
C THR E 140 -43.52 0.36 -2.63
N LEU E 141 -42.75 -0.71 -2.49
CA LEU E 141 -43.32 -2.04 -2.60
C LEU E 141 -44.19 -2.42 -1.43
N THR E 142 -44.20 -1.61 -0.37
CA THR E 142 -45.10 -1.82 0.75
C THR E 142 -46.44 -1.11 0.58
N GLY E 143 -46.66 -0.46 -0.57
CA GLY E 143 -47.94 0.13 -0.87
C GLY E 143 -48.20 1.50 -0.29
N GLN E 144 -47.16 2.31 -0.11
CA GLN E 144 -47.34 3.67 0.39
C GLN E 144 -46.63 4.64 -0.54
N THR E 145 -47.24 5.79 -0.75
CA THR E 145 -46.67 6.84 -1.60
C THR E 145 -46.14 7.96 -0.70
N VAL E 146 -44.86 8.30 -0.88
CA VAL E 146 -44.21 9.31 -0.08
C VAL E 146 -43.59 10.34 -1.00
N ASP E 147 -43.40 11.55 -0.46
CA ASP E 147 -42.69 12.60 -1.18
C ASP E 147 -41.25 12.66 -0.68
N LEU E 148 -40.31 12.42 -1.59
CA LEU E 148 -38.90 12.35 -1.22
C LEU E 148 -38.34 13.68 -0.74
N GLU E 149 -39.05 14.79 -0.97
CA GLU E 149 -38.59 16.09 -0.48
C GLU E 149 -38.59 16.18 1.04
N ASN E 150 -39.57 15.56 1.70
CA ASN E 150 -39.71 15.72 3.14
C ASN E 150 -39.95 14.40 3.87
N TYR E 151 -39.96 13.26 3.18
CA TYR E 151 -40.14 11.98 3.84
C TYR E 151 -39.02 11.73 4.84
N ASN E 152 -39.40 11.29 6.05
CA ASN E 152 -38.52 10.95 7.16
C ASN E 152 -37.85 12.17 7.78
N GLU E 153 -38.11 13.38 7.28
CA GLU E 153 -37.47 14.57 7.84
C GLU E 153 -37.87 14.79 9.29
N GLY E 154 -39.16 14.65 9.59
CA GLY E 154 -39.62 14.82 10.96
C GLY E 154 -39.01 13.80 11.91
N ASN E 155 -38.95 12.54 11.48
CA ASN E 155 -38.36 11.50 12.31
C ASN E 155 -36.88 11.76 12.56
N THR E 156 -36.15 12.16 11.52
CA THR E 156 -34.73 12.48 11.68
C THR E 156 -34.53 13.63 12.66
N TYR E 157 -35.29 14.72 12.48
CA TYR E 157 -35.19 15.85 13.38
C TYR E 157 -35.51 15.44 14.80
N PHE E 158 -36.57 14.65 14.99
CA PHE E 158 -36.98 14.25 16.33
C PHE E 158 -35.89 13.46 17.02
N TRP E 159 -35.35 12.44 16.34
CA TRP E 159 -34.35 11.60 16.99
C TRP E 159 -33.07 12.37 17.28
N HIS E 160 -32.63 13.20 16.34
CA HIS E 160 -31.41 13.97 16.58
C HIS E 160 -31.61 14.95 17.74
N ALA E 161 -32.75 15.64 17.78
CA ALA E 161 -33.03 16.54 18.88
C ALA E 161 -33.12 15.80 20.21
N PHE E 162 -33.72 14.61 20.21
CA PHE E 162 -33.83 13.83 21.45
C PHE E 162 -32.46 13.47 21.99
N TRP E 163 -31.58 12.95 21.13
CA TRP E 163 -30.26 12.54 21.62
C TRP E 163 -29.41 13.75 22.01
N PHE E 164 -29.52 14.85 21.24
CA PHE E 164 -28.82 16.07 21.62
C PHE E 164 -29.30 16.58 22.97
N ALA E 165 -30.61 16.49 23.22
CA ALA E 165 -31.16 16.91 24.50
C ALA E 165 -30.65 16.03 25.63
N ILE E 166 -30.54 14.72 25.39
CA ILE E 166 -29.99 13.83 26.42
C ILE E 166 -28.57 14.22 26.77
N GLY E 167 -27.73 14.46 25.75
CA GLY E 167 -26.36 14.86 26.01
C GLY E 167 -26.27 16.20 26.73
N VAL E 168 -27.09 17.16 26.31
CA VAL E 168 -27.11 18.47 26.95
C VAL E 168 -27.57 18.35 28.40
N ALA E 169 -28.52 17.47 28.66
CA ALA E 169 -28.98 17.25 30.03
C ALA E 169 -27.86 16.69 30.90
N TRP E 170 -27.11 15.72 30.37
CA TRP E 170 -25.95 15.20 31.09
C TRP E 170 -24.95 16.31 31.43
N ILE E 171 -24.59 17.09 30.42
CA ILE E 171 -23.60 18.15 30.61
C ILE E 171 -24.11 19.20 31.59
N GLY E 172 -25.38 19.60 31.47
CA GLY E 172 -25.92 20.59 32.39
C GLY E 172 -26.04 20.09 33.81
N TYR E 173 -26.40 18.81 33.98
CA TYR E 173 -26.42 18.20 35.30
C TYR E 173 -25.05 18.33 35.95
N TRP E 174 -24.00 18.05 35.19
CA TRP E 174 -22.67 18.23 35.79
C TRP E 174 -22.23 19.69 35.82
N SER E 175 -22.88 20.57 35.08
CA SER E 175 -22.48 21.97 35.00
C SER E 175 -23.21 22.87 35.97
N ARG E 176 -24.20 22.36 36.72
CA ARG E 176 -24.84 23.20 37.73
C ARG E 176 -23.85 23.64 38.80
N ARG E 177 -22.97 22.73 39.23
CA ARG E 177 -21.93 23.07 40.19
C ARG E 177 -20.79 23.80 39.49
N PRO E 178 -19.88 24.41 40.25
CA PRO E 178 -18.70 25.04 39.63
C PRO E 178 -17.89 24.03 38.85
N ILE E 179 -17.31 24.49 37.73
CA ILE E 179 -16.82 23.57 36.70
C ILE E 179 -15.31 23.40 36.71
N PHE E 180 -14.55 24.48 36.46
CA PHE E 180 -13.16 24.31 36.06
C PHE E 180 -12.16 24.55 37.19
N ILE E 181 -12.10 25.76 37.74
CA ILE E 181 -10.97 26.13 38.58
C ILE E 181 -11.09 25.51 39.98
N PRO E 182 -12.24 25.62 40.67
CA PRO E 182 -12.34 24.95 41.97
C PRO E 182 -12.17 23.44 41.88
N ARG E 183 -12.70 22.81 40.82
CA ARG E 183 -12.52 21.36 40.68
C ARG E 183 -11.06 21.01 40.41
N LEU E 184 -10.38 21.83 39.58
CA LEU E 184 -8.96 21.62 39.35
C LEU E 184 -8.15 21.74 40.63
N LEU E 185 -8.46 22.76 41.44
CA LEU E 185 -7.76 22.93 42.71
C LEU E 185 -8.04 21.78 43.66
N MET E 186 -9.28 21.30 43.71
CA MET E 186 -9.61 20.17 44.57
C MET E 186 -8.87 18.91 44.14
N VAL E 187 -8.78 18.67 42.83
CA VAL E 187 -8.08 17.48 42.34
C VAL E 187 -6.59 17.59 42.63
N ASP E 188 -6.01 18.77 42.42
CA ASP E 188 -4.56 18.94 42.62
C ASP E 188 -4.20 18.87 44.10
N ALA E 189 -4.78 19.74 44.91
CA ALA E 189 -4.45 19.81 46.33
C ALA E 189 -5.09 18.65 47.08
N GLY E 190 -4.34 17.56 47.23
CA GLY E 190 -4.85 16.39 47.92
C GLY E 190 -5.74 15.55 47.04
N ARG E 191 -6.19 14.43 47.61
CA ARG E 191 -7.13 13.56 46.91
C ARG E 191 -8.47 14.26 46.78
N ALA E 192 -9.12 14.09 45.62
CA ALA E 192 -10.36 14.81 45.43
C ALA E 192 -11.52 14.09 46.10
N ASP E 193 -11.94 12.96 45.52
CA ASP E 193 -12.87 12.00 46.12
C ASP E 193 -14.06 12.68 46.81
N GLU E 194 -14.40 13.88 46.34
CA GLU E 194 -15.46 14.65 46.98
C GLU E 194 -16.38 15.27 45.95
N LEU E 195 -15.88 15.47 44.73
CA LEU E 195 -16.68 16.09 43.69
C LEU E 195 -17.48 15.07 42.89
N VAL E 196 -17.21 13.79 43.08
CA VAL E 196 -18.03 12.74 42.49
C VAL E 196 -18.50 11.81 43.60
N SER E 197 -19.68 12.05 44.12
CA SER E 197 -20.26 11.25 45.20
C SER E 197 -21.74 11.06 44.95
N ALA E 198 -22.29 9.97 45.47
CA ALA E 198 -23.73 9.71 45.39
C ALA E 198 -24.52 10.94 45.78
N THR E 199 -25.56 11.25 45.03
CA THR E 199 -26.11 10.35 44.01
C THR E 199 -25.61 10.59 42.58
N ASP E 200 -24.39 11.13 42.44
CA ASP E 200 -23.84 11.32 41.10
C ASP E 200 -23.64 9.97 40.39
N ARG E 201 -23.14 8.98 41.12
CA ARG E 201 -22.99 7.65 40.53
C ARG E 201 -24.34 7.05 40.16
N LYS E 202 -25.36 7.27 40.99
CA LYS E 202 -26.69 6.78 40.66
C LYS E 202 -27.24 7.47 39.42
N VAL E 203 -26.99 8.77 39.27
CA VAL E 203 -27.45 9.49 38.08
C VAL E 203 -26.75 8.96 36.84
N ALA E 204 -25.44 8.69 36.95
CA ALA E 204 -24.71 8.15 35.80
C ALA E 204 -25.19 6.75 35.45
N MET E 205 -25.45 5.91 36.45
CA MET E 205 -26.00 4.58 36.18
C MET E 205 -27.36 4.68 35.50
N GLY E 206 -28.20 5.61 35.96
CA GLY E 206 -29.47 5.83 35.31
C GLY E 206 -29.31 6.28 33.87
N PHE E 207 -28.37 7.19 33.62
CA PHE E 207 -28.12 7.66 32.26
C PHE E 207 -27.68 6.50 31.36
N LEU E 208 -26.74 5.68 31.83
CA LEU E 208 -26.25 4.57 31.03
C LEU E 208 -27.34 3.55 30.74
N ALA E 209 -28.08 3.14 31.79
CA ALA E 209 -29.14 2.16 31.60
C ALA E 209 -30.23 2.70 30.70
N ALA E 210 -30.63 3.96 30.88
CA ALA E 210 -31.65 4.56 30.05
C ALA E 210 -31.19 4.66 28.61
N THR E 211 -29.92 5.01 28.38
CA THR E 211 -29.41 5.10 27.02
C THR E 211 -29.50 3.74 26.33
N ILE E 212 -29.00 2.69 27.00
CA ILE E 212 -29.03 1.36 26.37
C ILE E 212 -30.47 0.91 26.13
N LEU E 213 -31.33 1.09 27.14
CA LEU E 213 -32.72 0.64 27.02
C LEU E 213 -33.46 1.40 25.93
N ILE E 214 -33.23 2.71 25.83
CA ILE E 214 -33.90 3.50 24.81
C ILE E 214 -33.41 3.13 23.42
N VAL E 215 -32.11 2.86 23.28
CA VAL E 215 -31.61 2.43 21.98
C VAL E 215 -32.26 1.10 21.58
N VAL E 216 -32.33 0.15 22.52
CA VAL E 216 -32.92 -1.15 22.21
C VAL E 216 -34.40 -1.01 21.87
N MET E 217 -35.13 -0.24 22.66
CA MET E 217 -36.57 -0.06 22.43
C MET E 217 -36.82 0.66 21.11
N ALA E 218 -36.03 1.68 20.80
CA ALA E 218 -36.20 2.40 19.54
C ALA E 218 -35.90 1.52 18.36
N MET E 219 -34.86 0.68 18.45
CA MET E 219 -34.57 -0.25 17.37
C MET E 219 -35.71 -1.25 17.19
N SER E 220 -36.24 -1.77 18.29
CA SER E 220 -37.35 -2.72 18.19
C SER E 220 -38.59 -2.05 17.58
N SER E 221 -38.88 -0.82 17.99
CA SER E 221 -40.04 -0.11 17.44
C SER E 221 -39.85 0.19 15.96
N ALA E 222 -38.64 0.59 15.56
CA ALA E 222 -38.34 0.81 14.15
C ALA E 222 -38.24 -0.48 13.37
N ASN E 223 -38.21 -1.63 14.03
CA ASN E 223 -38.32 -2.91 13.34
C ASN E 223 -39.76 -3.37 13.22
N SER E 224 -40.61 -3.08 14.22
CA SER E 224 -42.02 -3.41 14.12
C SER E 224 -42.70 -2.56 13.05
N LYS E 225 -42.52 -1.24 13.12
CA LYS E 225 -42.80 -0.39 11.98
C LYS E 225 -41.71 -0.59 10.94
N TYR E 226 -42.06 -0.44 9.67
CA TYR E 226 -41.16 -0.77 8.56
C TYR E 226 -40.58 -2.18 8.73
N PRO E 227 -41.42 -3.21 8.81
CA PRO E 227 -40.89 -4.57 8.97
C PRO E 227 -40.14 -5.07 7.75
N ILE E 228 -40.33 -4.43 6.60
CA ILE E 228 -39.69 -4.83 5.35
C ILE E 228 -38.67 -3.76 4.99
N THR E 229 -37.39 -4.11 5.07
CA THR E 229 -36.31 -3.22 4.67
C THR E 229 -35.30 -3.99 3.84
N ILE E 230 -34.60 -3.28 2.96
CA ILE E 230 -33.56 -3.86 2.13
C ILE E 230 -32.30 -3.04 2.29
N PRO E 231 -31.12 -3.61 2.11
CA PRO E 231 -29.89 -2.82 2.16
C PRO E 231 -29.78 -1.91 0.95
N LEU E 232 -28.82 -0.99 1.02
CA LEU E 232 -28.53 -0.12 -0.11
C LEU E 232 -28.12 -0.95 -1.31
N GLN E 233 -28.70 -0.64 -2.48
CA GLN E 233 -28.44 -1.38 -3.69
C GLN E 233 -27.28 -0.74 -4.43
N ALA E 234 -26.17 -1.47 -4.54
CA ALA E 234 -24.96 -0.94 -5.14
C ALA E 234 -24.30 -2.04 -5.97
N GLY E 235 -23.32 -1.64 -6.77
CA GLY E 235 -22.57 -2.58 -7.59
C GLY E 235 -22.51 -2.18 -9.05
N THR E 236 -21.31 -2.19 -9.62
CA THR E 236 -21.15 -1.86 -11.03
C THR E 236 -21.93 -2.84 -11.90
N MET E 237 -22.58 -2.31 -12.92
CA MET E 237 -23.44 -3.09 -13.80
C MET E 237 -22.70 -3.37 -15.11
N ARG E 238 -22.53 -4.63 -15.45
CA ARG E 238 -21.85 -5.05 -16.66
C ARG E 238 -22.85 -5.24 -17.79
N GLY E 239 -22.33 -5.58 -18.96
CA GLY E 239 -23.17 -5.88 -20.10
C GLY E 239 -23.96 -4.69 -20.63
N MET E 240 -23.32 -3.52 -20.70
CA MET E 240 -23.91 -2.38 -21.40
C MET E 240 -23.92 -2.68 -22.89
N LYS E 241 -25.06 -2.48 -23.54
CA LYS E 241 -25.18 -2.81 -24.94
C LYS E 241 -24.71 -1.65 -25.81
N PRO E 242 -23.61 -1.81 -26.54
CA PRO E 242 -23.15 -0.73 -27.41
C PRO E 242 -23.91 -0.72 -28.74
N LEU E 243 -23.84 0.43 -29.41
CA LEU E 243 -24.45 0.56 -30.71
C LEU E 243 -23.68 -0.25 -31.74
N GLU E 244 -24.41 -0.93 -32.61
CA GLU E 244 -23.81 -1.71 -33.70
C GLU E 244 -23.77 -0.83 -34.95
N LEU E 245 -22.77 0.04 -34.99
CA LEU E 245 -22.65 0.97 -36.10
C LEU E 245 -22.12 0.24 -37.34
N PRO E 246 -22.59 0.61 -38.53
CA PRO E 246 -21.99 0.05 -39.74
C PRO E 246 -20.58 0.54 -39.94
N ALA E 247 -19.76 -0.28 -40.59
CA ALA E 247 -18.38 0.10 -40.86
C ALA E 247 -18.37 1.32 -41.78
N PRO E 248 -17.61 2.36 -41.45
CA PRO E 248 -17.58 3.56 -42.30
C PRO E 248 -17.01 3.26 -43.67
N THR E 249 -17.59 3.90 -44.69
CA THR E 249 -17.09 3.80 -46.04
C THR E 249 -16.07 4.87 -46.38
N VAL E 250 -15.70 5.70 -45.42
CA VAL E 250 -14.73 6.77 -45.62
C VAL E 250 -13.52 6.48 -44.74
N SER E 251 -12.34 6.52 -45.33
CA SER E 251 -11.08 6.41 -44.60
C SER E 251 -10.32 7.72 -44.71
N VAL E 252 -9.86 8.24 -43.58
CA VAL E 252 -9.15 9.51 -43.52
C VAL E 252 -7.81 9.29 -42.85
N LYS E 253 -6.74 9.77 -43.49
CA LYS E 253 -5.40 9.73 -42.92
C LYS E 253 -4.95 11.15 -42.70
N VAL E 254 -4.56 11.47 -41.47
CA VAL E 254 -4.13 12.82 -41.10
C VAL E 254 -2.65 12.94 -41.43
N GLU E 255 -2.32 13.81 -42.37
CA GLU E 255 -0.94 14.12 -42.71
C GLU E 255 -0.63 15.48 -42.09
N ASP E 256 -0.14 15.45 -40.85
CA ASP E 256 0.25 16.60 -40.04
C ASP E 256 -0.96 17.45 -39.65
N ALA E 257 -0.89 18.06 -38.46
CA ALA E 257 -1.92 18.96 -37.97
C ALA E 257 -1.25 20.03 -37.15
N THR E 258 -1.57 21.30 -37.44
CA THR E 258 -0.91 22.42 -36.80
C THR E 258 -1.92 23.44 -36.33
N TYR E 259 -1.53 24.19 -35.31
CA TYR E 259 -2.32 25.31 -34.81
C TYR E 259 -1.37 26.46 -34.48
N ARG E 260 -1.81 27.68 -34.78
CA ARG E 260 -0.98 28.85 -34.55
C ARG E 260 -1.02 29.26 -33.09
N VAL E 261 0.15 29.63 -32.58
CA VAL E 261 0.27 30.16 -31.21
C VAL E 261 0.80 31.58 -31.27
N PRO E 262 -0.02 32.59 -30.94
CA PRO E 262 -1.43 32.45 -30.56
C PRO E 262 -2.35 32.40 -31.76
N GLY E 263 -3.56 31.92 -31.57
CA GLY E 263 -4.52 31.86 -32.65
C GLY E 263 -5.81 31.22 -32.19
N ARG E 264 -6.80 31.25 -33.08
CA ARG E 264 -8.11 30.65 -32.83
C ARG E 264 -8.45 29.60 -33.88
N ALA E 265 -7.46 29.08 -34.58
CA ALA E 265 -7.69 28.17 -35.68
C ALA E 265 -6.77 26.96 -35.55
N MET E 266 -7.26 25.83 -36.05
CA MET E 266 -6.49 24.59 -36.14
C MET E 266 -6.51 24.12 -37.59
N ARG E 267 -5.33 23.77 -38.10
CA ARG E 267 -5.18 23.37 -39.49
C ARG E 267 -4.64 21.95 -39.57
N MET E 268 -5.21 21.16 -40.46
CA MET E 268 -4.75 19.79 -40.67
C MET E 268 -4.93 19.41 -42.12
N LYS E 269 -4.08 18.50 -42.58
CA LYS E 269 -4.11 18.01 -43.95
C LYS E 269 -4.56 16.55 -43.93
N LEU E 270 -5.66 16.27 -44.61
CA LEU E 270 -6.29 14.95 -44.58
C LEU E 270 -6.27 14.33 -45.97
N THR E 271 -5.98 13.03 -46.02
CA THR E 271 -6.11 12.23 -47.23
C THR E 271 -7.38 11.41 -47.07
N ILE E 272 -8.41 11.77 -47.83
CA ILE E 272 -9.73 11.15 -47.71
C ILE E 272 -9.93 10.20 -48.88
N THR E 273 -10.24 8.94 -48.58
CA THR E 273 -10.54 7.94 -49.59
C THR E 273 -12.01 7.56 -49.44
N ASN E 274 -12.76 7.70 -50.53
CA ASN E 274 -14.20 7.46 -50.53
C ASN E 274 -14.46 6.06 -51.06
N HIS E 275 -14.92 5.16 -50.19
CA HIS E 275 -15.42 3.87 -50.61
C HIS E 275 -16.94 3.93 -50.69
N GLY E 276 -17.56 2.79 -50.96
CA GLY E 276 -18.99 2.77 -51.17
C GLY E 276 -19.35 3.31 -52.54
N ASN E 277 -20.59 3.81 -52.69
CA ASN E 277 -21.08 4.21 -53.99
C ASN E 277 -21.85 5.52 -53.96
N SER E 278 -21.32 6.53 -53.26
CA SER E 278 -22.00 7.82 -53.24
C SER E 278 -20.99 8.94 -53.06
N PRO E 279 -21.15 10.08 -53.72
CA PRO E 279 -20.24 11.21 -53.52
C PRO E 279 -20.39 11.81 -52.13
N ILE E 280 -19.30 11.92 -51.38
CA ILE E 280 -19.34 12.40 -50.01
C ILE E 280 -18.77 13.82 -49.97
N ARG E 281 -19.08 14.53 -48.89
CA ARG E 281 -18.54 15.86 -48.65
C ARG E 281 -18.35 16.04 -47.15
N LEU E 282 -17.24 16.68 -46.77
CA LEU E 282 -16.94 16.89 -45.37
C LEU E 282 -17.84 17.98 -44.81
N GLY E 283 -18.61 17.65 -43.78
CA GLY E 283 -19.60 18.57 -43.24
C GLY E 283 -19.31 19.08 -41.84
N GLU E 284 -18.55 18.31 -41.06
CA GLU E 284 -18.35 18.68 -39.67
C GLU E 284 -17.03 18.13 -39.16
N PHE E 285 -16.43 18.87 -38.22
CA PHE E 285 -15.29 18.39 -37.44
C PHE E 285 -15.58 18.69 -35.98
N TYR E 286 -15.71 17.64 -35.18
CA TYR E 286 -15.93 17.76 -33.75
C TYR E 286 -14.66 17.30 -33.03
N THR E 287 -14.10 18.16 -32.18
CA THR E 287 -12.85 17.86 -31.51
C THR E 287 -13.03 17.68 -30.01
N ALA E 288 -13.55 18.68 -29.30
CA ALA E 288 -13.86 18.54 -27.88
C ALA E 288 -15.05 19.45 -27.57
N SER E 289 -16.26 18.88 -27.69
CA SER E 289 -17.51 19.58 -27.45
C SER E 289 -17.74 20.74 -28.42
N VAL E 290 -16.78 20.97 -29.33
CA VAL E 290 -16.85 22.06 -30.29
C VAL E 290 -17.10 21.46 -31.67
N ARG E 291 -18.14 21.93 -32.35
CA ARG E 291 -18.52 21.45 -33.66
C ARG E 291 -18.19 22.52 -34.69
N PHE E 292 -17.20 22.25 -35.53
CA PHE E 292 -16.86 23.11 -36.65
C PHE E 292 -17.62 22.62 -37.88
N LEU E 293 -18.51 23.45 -38.39
CA LEU E 293 -19.40 23.08 -39.48
C LEU E 293 -19.00 23.77 -40.77
N ASP E 294 -19.13 23.04 -41.87
CA ASP E 294 -19.08 23.62 -43.21
C ASP E 294 -20.52 23.92 -43.62
N SER E 295 -20.90 25.19 -43.53
CA SER E 295 -22.30 25.56 -43.71
C SER E 295 -22.83 25.20 -45.09
N ASP E 296 -21.94 25.16 -46.10
CA ASP E 296 -22.35 24.78 -47.45
C ASP E 296 -22.71 23.30 -47.55
N VAL E 297 -22.31 22.48 -46.59
CA VAL E 297 -22.53 21.03 -46.64
C VAL E 297 -23.58 20.59 -45.63
N TYR E 298 -23.52 21.11 -44.40
CA TYR E 298 -24.41 20.69 -43.34
C TYR E 298 -24.76 21.87 -42.44
N LYS E 299 -25.99 21.86 -41.92
CA LYS E 299 -26.46 22.88 -40.98
C LYS E 299 -27.05 22.18 -39.76
N ASP E 300 -26.75 22.73 -38.58
CA ASP E 300 -27.25 22.15 -37.34
C ASP E 300 -28.67 22.63 -37.06
N THR E 301 -29.55 21.68 -36.74
CA THR E 301 -30.93 21.98 -36.40
C THR E 301 -31.35 21.46 -35.04
N THR E 302 -30.45 20.79 -34.32
CA THR E 302 -30.78 20.18 -33.04
C THR E 302 -30.65 21.14 -31.87
N GLY E 303 -30.46 22.43 -32.14
CA GLY E 303 -30.30 23.40 -31.06
C GLY E 303 -29.02 23.23 -30.26
N TYR E 304 -27.91 22.95 -30.94
CA TYR E 304 -26.64 22.83 -30.26
C TYR E 304 -26.25 24.16 -29.62
N PRO E 305 -25.58 24.14 -28.47
CA PRO E 305 -25.17 25.39 -27.83
C PRO E 305 -24.37 26.27 -28.76
N GLU E 306 -24.73 27.55 -28.81
CA GLU E 306 -24.16 28.47 -29.79
C GLU E 306 -22.67 28.68 -29.54
N ASP E 307 -22.27 28.81 -28.28
CA ASP E 307 -20.85 29.04 -27.97
C ASP E 307 -19.99 27.82 -28.29
N LEU E 308 -20.60 26.65 -28.46
CA LEU E 308 -19.89 25.45 -28.88
C LEU E 308 -20.07 25.13 -30.35
N LEU E 309 -20.84 25.94 -31.08
CA LEU E 309 -21.17 25.65 -32.47
C LEU E 309 -20.53 26.69 -33.38
N ALA E 310 -19.72 26.21 -34.32
CA ALA E 310 -19.11 27.05 -35.35
C ALA E 310 -19.83 26.76 -36.67
N GLU E 311 -20.78 27.62 -37.02
CA GLU E 311 -21.64 27.37 -38.18
C GLU E 311 -20.83 27.31 -39.46
N ASP E 312 -19.86 28.21 -39.62
CA ASP E 312 -18.98 28.21 -40.79
C ASP E 312 -17.52 28.13 -40.35
N GLY E 313 -17.27 27.53 -39.19
CA GLY E 313 -15.91 27.43 -38.68
C GLY E 313 -15.04 26.41 -39.36
N LEU E 314 -15.62 25.56 -40.21
CA LEU E 314 -14.86 24.52 -40.91
C LEU E 314 -14.70 24.93 -42.37
N SER E 315 -13.46 25.20 -42.77
CA SER E 315 -13.14 25.55 -44.15
C SER E 315 -12.28 24.46 -44.76
N VAL E 316 -12.75 23.88 -45.85
CA VAL E 316 -12.04 22.84 -46.57
C VAL E 316 -11.51 23.43 -47.87
N SER E 317 -10.24 23.16 -48.18
CA SER E 317 -9.62 23.74 -49.37
C SER E 317 -10.37 23.34 -50.63
N ASP E 318 -10.74 22.06 -50.73
CA ASP E 318 -11.52 21.55 -51.86
C ASP E 318 -12.58 20.62 -51.28
N ASN E 319 -13.76 21.17 -50.99
CA ASN E 319 -14.88 20.39 -50.47
C ASN E 319 -15.89 20.03 -51.56
N SER E 320 -15.43 19.88 -52.80
CA SER E 320 -16.28 19.38 -53.85
C SER E 320 -16.62 17.91 -53.56
N PRO E 321 -17.73 17.40 -54.11
CA PRO E 321 -18.11 16.01 -53.83
C PRO E 321 -16.99 15.05 -54.21
N LEU E 322 -16.78 14.04 -53.36
CA LEU E 322 -15.72 13.07 -53.54
C LEU E 322 -16.33 11.80 -54.15
N ALA E 323 -16.01 11.55 -55.42
CA ALA E 323 -16.57 10.40 -56.11
C ALA E 323 -16.10 9.11 -55.46
N PRO E 324 -16.91 8.05 -55.49
CA PRO E 324 -16.50 6.78 -54.90
C PRO E 324 -15.23 6.24 -55.56
N GLY E 325 -14.33 5.72 -54.72
CA GLY E 325 -13.06 5.19 -55.21
C GLY E 325 -11.98 6.24 -55.34
N GLU E 326 -12.37 7.51 -55.28
CA GLU E 326 -11.41 8.59 -55.50
C GLU E 326 -10.75 8.99 -54.18
N THR E 327 -9.45 9.27 -54.25
CA THR E 327 -8.66 9.69 -53.11
C THR E 327 -8.08 11.07 -53.39
N ARG E 328 -8.27 11.99 -52.45
CA ARG E 328 -7.71 13.33 -52.59
C ARG E 328 -7.25 13.83 -51.24
N THR E 329 -6.29 14.75 -51.26
CA THR E 329 -5.72 15.34 -50.05
C THR E 329 -6.09 16.81 -50.00
N VAL E 330 -6.70 17.24 -48.90
CA VAL E 330 -7.17 18.61 -48.75
C VAL E 330 -6.62 19.20 -47.46
N ASP E 331 -6.60 20.52 -47.41
CA ASP E 331 -6.24 21.28 -46.21
C ASP E 331 -7.51 21.71 -45.50
N VAL E 332 -7.68 21.26 -44.26
CA VAL E 332 -8.88 21.53 -43.48
C VAL E 332 -8.50 22.46 -42.35
N THR E 333 -9.22 23.59 -42.24
CA THR E 333 -9.00 24.56 -41.19
C THR E 333 -10.26 24.68 -40.34
N ALA E 334 -10.11 24.46 -39.04
CA ALA E 334 -11.20 24.63 -38.08
C ALA E 334 -10.90 25.89 -37.27
N SER E 335 -11.67 26.94 -37.49
CA SER E 335 -11.42 28.25 -36.89
C SER E 335 -12.69 28.77 -36.25
N ASP E 336 -12.61 29.15 -34.98
CA ASP E 336 -13.73 29.76 -34.28
C ASP E 336 -13.21 30.36 -32.98
N ALA E 337 -13.96 31.33 -32.45
CA ALA E 337 -13.63 31.89 -31.14
C ALA E 337 -13.70 30.86 -30.03
N ALA E 338 -14.47 29.79 -30.21
CA ALA E 338 -14.53 28.72 -29.22
C ALA E 338 -13.19 28.06 -28.97
N TRP E 339 -12.35 27.95 -30.01
CA TRP E 339 -11.01 27.36 -29.85
C TRP E 339 -10.18 28.05 -28.79
N GLU E 340 -10.37 29.34 -28.57
CA GLU E 340 -9.71 30.06 -27.49
C GLU E 340 -10.59 30.23 -26.26
N VAL E 341 -11.91 30.34 -26.42
CA VAL E 341 -12.79 30.50 -25.27
C VAL E 341 -12.76 29.26 -24.39
N TYR E 342 -12.84 28.07 -24.99
CA TYR E 342 -12.78 26.81 -24.25
C TYR E 342 -11.36 26.32 -24.08
N ARG E 343 -10.38 27.21 -24.29
CA ARG E 343 -8.95 26.91 -24.05
C ARG E 343 -8.50 25.63 -24.76
N LEU E 344 -8.91 25.44 -26.02
CA LEU E 344 -8.38 24.29 -26.80
C LEU E 344 -7.01 24.70 -27.34
N SER E 345 -6.70 26.00 -27.30
CA SER E 345 -5.36 26.51 -27.72
C SER E 345 -4.32 26.21 -26.63
N ASP E 346 -4.77 25.91 -25.41
CA ASP E 346 -3.84 25.67 -24.28
C ASP E 346 -3.26 24.25 -24.33
N ILE E 347 -3.40 23.54 -25.46
CA ILE E 347 -2.76 22.21 -25.60
C ILE E 347 -1.24 22.45 -25.65
N ILE E 348 -0.79 23.70 -25.83
CA ILE E 348 0.63 23.97 -25.78
C ILE E 348 1.18 23.77 -24.37
N TYR E 349 0.33 23.92 -23.36
CA TYR E 349 0.72 23.65 -21.98
C TYR E 349 0.68 22.16 -21.63
N ASP E 350 0.04 21.34 -22.45
CA ASP E 350 -0.17 19.95 -22.13
C ASP E 350 1.10 19.13 -22.34
N PRO E 351 1.30 18.08 -21.55
CA PRO E 351 2.43 17.17 -21.75
C PRO E 351 2.21 16.12 -22.82
N ASP E 352 1.12 16.19 -23.59
CA ASP E 352 0.86 15.25 -24.67
C ASP E 352 0.10 16.00 -25.75
N SER E 353 0.84 16.50 -26.74
CA SER E 353 0.25 17.32 -27.80
C SER E 353 -0.28 16.44 -28.92
N ARG E 354 -1.35 15.72 -28.61
CA ARG E 354 -2.07 14.91 -29.57
C ARG E 354 -3.55 15.22 -29.48
N PHE E 355 -4.20 15.30 -30.64
CA PHE E 355 -5.62 15.61 -30.70
C PHE E 355 -6.38 14.41 -31.24
N ALA E 356 -7.68 14.38 -30.95
CA ALA E 356 -8.58 13.41 -31.55
C ALA E 356 -9.90 14.09 -31.81
N GLY E 357 -10.65 13.55 -32.76
CA GLY E 357 -11.93 14.16 -33.10
C GLY E 357 -12.74 13.25 -33.98
N LEU E 358 -13.88 13.77 -34.42
CA LEU E 358 -14.79 13.06 -35.31
C LEU E 358 -15.03 13.91 -36.56
N LEU E 359 -14.92 13.30 -37.72
CA LEU E 359 -15.27 13.93 -38.99
C LEU E 359 -16.59 13.34 -39.47
N PHE E 360 -17.52 14.22 -39.83
CA PHE E 360 -18.83 13.82 -40.34
C PHE E 360 -18.88 14.11 -41.83
N PHE E 361 -19.07 13.06 -42.62
CA PHE E 361 -19.13 13.17 -44.07
C PHE E 361 -20.56 12.95 -44.54
N PHE E 362 -21.04 13.84 -45.39
CA PHE E 362 -22.42 13.81 -45.88
C PHE E 362 -22.43 13.65 -47.39
N ASP E 363 -23.33 12.83 -47.88
CA ASP E 363 -23.55 12.66 -49.31
C ASP E 363 -24.74 13.51 -49.75
N ALA E 364 -25.08 13.40 -51.05
CA ALA E 364 -26.16 14.20 -51.60
C ALA E 364 -27.51 13.87 -50.96
N THR E 365 -27.80 12.57 -50.79
CA THR E 365 -29.08 12.17 -50.23
C THR E 365 -29.24 12.57 -48.76
N GLY E 366 -28.15 12.87 -48.06
CA GLY E 366 -28.21 13.35 -46.69
C GLY E 366 -27.71 12.38 -45.65
N ASN E 367 -27.57 11.10 -45.98
CA ASN E 367 -27.06 10.15 -45.00
C ASN E 367 -25.59 10.42 -44.73
N ARG E 368 -25.20 10.27 -43.47
CA ARG E 368 -23.90 10.73 -42.99
C ARG E 368 -23.04 9.58 -42.54
N GLN E 369 -21.72 9.83 -42.55
CA GLN E 369 -20.71 8.87 -42.12
C GLN E 369 -19.85 9.52 -41.05
N VAL E 370 -19.54 8.77 -40.00
CA VAL E 370 -18.71 9.25 -38.90
C VAL E 370 -17.38 8.53 -38.97
N VAL E 371 -16.30 9.28 -39.09
CA VAL E 371 -14.96 8.74 -39.06
C VAL E 371 -14.17 9.46 -37.98
N GLN E 372 -13.29 8.71 -37.32
CA GLN E 372 -12.50 9.23 -36.21
C GLN E 372 -11.07 9.45 -36.65
N ILE E 373 -10.51 10.59 -36.26
CA ILE E 373 -9.14 10.96 -36.61
C ILE E 373 -8.39 11.31 -35.34
N ASP E 374 -7.11 10.98 -35.30
CA ASP E 374 -6.24 11.34 -34.20
C ASP E 374 -4.81 11.44 -34.72
N ALA E 375 -4.09 12.47 -34.31
CA ALA E 375 -2.74 12.71 -34.79
C ALA E 375 -2.05 13.67 -33.83
N PRO E 376 -0.72 13.75 -33.86
CA PRO E 376 -0.04 14.80 -33.11
C PRO E 376 -0.44 16.18 -33.61
N LEU E 377 -0.52 17.13 -32.69
CA LEU E 377 -0.89 18.50 -33.00
C LEU E 377 0.33 19.38 -32.75
N ILE E 378 0.91 19.91 -33.82
CA ILE E 378 2.20 20.60 -33.76
C ILE E 378 1.93 22.10 -33.73
N PRO E 379 2.33 22.81 -32.67
CA PRO E 379 2.18 24.26 -32.67
C PRO E 379 3.10 24.92 -33.68
N SER E 380 2.65 26.05 -34.21
CA SER E 380 3.46 26.88 -35.10
C SER E 380 3.52 28.28 -34.54
N PHE E 381 4.72 28.86 -34.48
CA PHE E 381 4.93 30.13 -33.83
C PHE E 381 5.32 31.25 -34.80
N MET E 382 6.08 30.93 -35.84
CA MET E 382 6.40 31.92 -36.86
C MET E 382 5.63 31.63 -38.14
N ALA F 1 9.80 -18.37 57.24
CA ALA F 1 10.71 -18.40 56.10
C ALA F 1 10.97 -19.83 55.66
N VAL F 2 12.24 -20.15 55.43
CA VAL F 2 12.65 -21.50 55.10
C VAL F 2 13.38 -22.08 56.29
N ARG F 3 13.24 -23.40 56.48
CA ARG F 3 13.82 -24.06 57.65
C ARG F 3 15.33 -24.05 57.64
N SER F 4 15.94 -24.50 56.55
CA SER F 4 17.39 -24.64 56.47
C SER F 4 17.88 -24.41 55.05
N HIS F 5 19.19 -24.61 54.86
CA HIS F 5 19.80 -24.48 53.54
C HIS F 5 19.25 -25.54 52.59
N ALA F 6 19.07 -26.78 53.06
CA ALA F 6 18.60 -27.85 52.19
C ALA F 6 17.18 -27.60 51.71
N GLU F 7 16.30 -27.19 52.63
CA GLU F 7 14.91 -26.92 52.26
C GLU F 7 14.83 -25.74 51.29
N ALA F 8 15.70 -24.75 51.47
CA ALA F 8 15.76 -23.64 50.52
C ALA F 8 16.14 -24.14 49.13
N VAL F 9 17.10 -25.07 49.06
CA VAL F 9 17.51 -25.63 47.77
C VAL F 9 16.37 -26.39 47.12
N GLN F 10 15.66 -27.20 47.91
CA GLN F 10 14.53 -27.95 47.37
C GLN F 10 13.43 -27.03 46.87
N VAL F 11 13.13 -25.97 47.64
CA VAL F 11 12.12 -25.00 47.23
C VAL F 11 12.55 -24.30 45.95
N SER F 12 13.84 -23.95 45.85
CA SER F 12 14.35 -23.32 44.64
C SER F 12 14.23 -24.24 43.44
N ARG F 13 14.50 -25.54 43.62
CA ARG F 13 14.38 -26.49 42.52
C ARG F 13 12.94 -26.63 42.07
N THR F 14 12.01 -26.71 43.02
CA THR F 14 10.59 -26.79 42.67
C THR F 14 10.15 -25.54 41.92
N ILE F 15 10.57 -24.37 42.40
CA ILE F 15 10.28 -23.12 41.71
C ILE F 15 10.87 -23.15 40.31
N ASP F 16 12.08 -23.70 40.17
CA ASP F 16 12.73 -23.78 38.86
C ASP F 16 11.88 -24.56 37.88
N TRP F 17 11.42 -25.74 38.30
CA TRP F 17 10.61 -26.56 37.41
C TRP F 17 9.29 -25.90 37.07
N MET F 18 8.61 -25.34 38.07
CA MET F 18 7.31 -24.70 37.81
C MET F 18 7.46 -23.48 36.91
N ALA F 19 8.46 -22.65 37.15
CA ALA F 19 8.67 -21.46 36.33
C ALA F 19 9.13 -21.83 34.93
N LEU F 20 9.90 -22.91 34.80
CA LEU F 20 10.26 -23.41 33.47
C LEU F 20 9.01 -23.84 32.71
N PHE F 21 8.10 -24.52 33.38
CA PHE F 21 6.82 -24.87 32.75
C PHE F 21 6.08 -23.62 32.29
N VAL F 22 5.99 -22.61 33.17
CA VAL F 22 5.25 -21.40 32.86
C VAL F 22 5.86 -20.69 31.66
N VAL F 23 7.18 -20.46 31.72
CA VAL F 23 7.89 -19.81 30.62
C VAL F 23 7.68 -20.59 29.33
N PHE F 24 7.91 -21.91 29.38
CA PHE F 24 7.87 -22.72 28.16
C PHE F 24 6.51 -22.65 27.51
N PHE F 25 5.44 -22.79 28.29
CA PHE F 25 4.14 -22.92 27.65
C PHE F 25 3.50 -21.57 27.32
N VAL F 26 3.78 -20.52 28.09
CA VAL F 26 3.36 -19.20 27.64
C VAL F 26 4.09 -18.84 26.35
N ILE F 27 5.38 -19.15 26.26
CA ILE F 27 6.11 -18.92 25.01
C ILE F 27 5.53 -19.78 23.89
N VAL F 28 5.18 -21.02 24.18
CA VAL F 28 4.58 -21.88 23.15
C VAL F 28 3.34 -21.22 22.59
N GLY F 29 2.43 -20.80 23.47
CA GLY F 29 1.19 -20.19 22.99
C GLY F 29 1.43 -18.94 22.17
N SER F 30 2.17 -17.98 22.74
CA SER F 30 2.35 -16.70 22.07
C SER F 30 3.17 -16.83 20.79
N TYR F 31 4.29 -17.55 20.87
CA TYR F 31 5.16 -17.74 19.71
C TYR F 31 4.44 -18.52 18.61
N HIS F 32 3.65 -19.53 18.97
CA HIS F 32 2.93 -20.29 17.96
C HIS F 32 1.87 -19.42 17.29
N ILE F 33 1.15 -18.61 18.05
CA ILE F 33 0.21 -17.68 17.42
C ILE F 33 0.93 -16.79 16.43
N HIS F 34 2.05 -16.20 16.86
CA HIS F 34 2.78 -15.27 16.00
C HIS F 34 3.30 -15.96 14.75
N ALA F 35 3.89 -17.16 14.92
CA ALA F 35 4.47 -17.88 13.80
C ALA F 35 3.40 -18.33 12.81
N MET F 36 2.36 -18.99 13.31
CA MET F 36 1.32 -19.51 12.44
C MET F 36 0.55 -18.41 11.75
N LEU F 37 0.50 -17.20 12.30
CA LEU F 37 -0.16 -16.11 11.62
C LEU F 37 0.82 -15.19 10.90
N THR F 38 2.11 -15.50 10.92
CA THR F 38 3.08 -14.77 10.11
C THR F 38 3.86 -15.66 9.14
N MET F 39 3.96 -16.96 9.40
CA MET F 39 4.56 -17.88 8.45
C MET F 39 3.82 -19.20 8.31
N GLY F 40 2.59 -19.31 8.83
CA GLY F 40 1.96 -20.62 8.95
C GLY F 40 1.70 -21.30 7.63
N ASP F 41 1.26 -20.54 6.63
CA ASP F 41 0.87 -21.15 5.36
C ASP F 41 2.05 -21.87 4.69
N TRP F 42 3.22 -21.22 4.67
CA TRP F 42 4.41 -21.91 4.17
C TRP F 42 4.77 -23.10 5.04
N ASP F 43 4.66 -22.97 6.36
CA ASP F 43 4.98 -24.05 7.27
C ASP F 43 4.00 -25.21 7.18
N PHE F 44 2.79 -24.99 6.67
CA PHE F 44 1.78 -26.03 6.60
C PHE F 44 2.02 -27.03 5.48
N TRP F 45 2.56 -26.59 4.34
CA TRP F 45 2.50 -27.38 3.12
C TRP F 45 3.88 -27.53 2.47
N SER F 46 4.23 -28.78 2.17
CA SER F 46 5.47 -29.07 1.47
C SER F 46 5.50 -28.41 0.09
N ASP F 47 4.34 -28.29 -0.56
CA ASP F 47 4.30 -27.60 -1.83
C ASP F 47 4.30 -26.09 -1.67
N TRP F 48 4.25 -25.59 -0.44
CA TRP F 48 4.54 -24.19 -0.16
C TRP F 48 5.99 -23.96 0.25
N LYS F 49 6.71 -25.00 0.66
CA LYS F 49 8.12 -24.86 1.03
C LYS F 49 8.96 -24.62 -0.22
N ASP F 50 8.98 -23.37 -0.68
CA ASP F 50 9.69 -22.99 -1.88
C ASP F 50 11.05 -22.38 -1.55
N ARG F 51 11.76 -21.91 -2.57
CA ARG F 51 13.09 -21.32 -2.38
C ARG F 51 13.08 -19.82 -2.19
N ARG F 52 12.02 -19.12 -2.60
CA ARG F 52 11.98 -17.66 -2.48
C ARG F 52 11.22 -17.21 -1.23
N LEU F 53 9.92 -17.49 -1.17
CA LEU F 53 9.09 -16.87 -0.14
C LEU F 53 9.27 -17.56 1.20
N TRP F 54 9.30 -18.90 1.21
CA TRP F 54 9.50 -19.63 2.45
C TRP F 54 10.83 -19.27 3.10
N VAL F 55 11.91 -19.36 2.32
CA VAL F 55 13.25 -19.04 2.79
C VAL F 55 13.35 -17.58 3.23
N THR F 56 12.69 -16.68 2.50
CA THR F 56 12.73 -15.28 2.88
C THR F 56 11.98 -15.05 4.19
N VAL F 57 10.69 -15.36 4.21
CA VAL F 57 9.82 -14.95 5.30
C VAL F 57 10.10 -15.68 6.61
N THR F 58 10.31 -16.99 6.59
CA THR F 58 10.28 -17.74 7.84
C THR F 58 11.30 -17.27 8.87
N PRO F 59 12.60 -17.16 8.56
CA PRO F 59 13.53 -16.68 9.61
C PRO F 59 13.24 -15.26 10.08
N ILE F 60 12.78 -14.40 9.17
CA ILE F 60 12.55 -13.00 9.52
C ILE F 60 11.49 -12.90 10.61
N VAL F 61 10.33 -13.54 10.40
CA VAL F 61 9.25 -13.48 11.38
C VAL F 61 9.47 -14.40 12.56
N LEU F 62 10.36 -15.39 12.45
CA LEU F 62 10.59 -16.30 13.54
C LEU F 62 11.71 -15.88 14.49
N VAL F 63 12.56 -14.93 14.09
CA VAL F 63 13.58 -14.42 15.00
C VAL F 63 13.02 -13.52 16.09
N THR F 64 11.74 -13.14 16.00
CA THR F 64 11.14 -12.18 16.92
C THR F 64 11.25 -12.64 18.37
N PHE F 65 10.56 -13.73 18.70
CA PHE F 65 10.53 -14.19 20.09
C PHE F 65 11.89 -14.61 20.63
N PRO F 66 12.74 -15.30 19.87
CA PRO F 66 14.10 -15.57 20.38
C PRO F 66 14.85 -14.34 20.82
N ALA F 67 14.74 -13.22 20.08
CA ALA F 67 15.46 -12.02 20.46
C ALA F 67 15.00 -11.50 21.81
N ALA F 68 13.67 -11.40 22.00
CA ALA F 68 13.13 -10.88 23.26
C ALA F 68 13.46 -11.79 24.43
N VAL F 69 13.22 -13.09 24.25
CA VAL F 69 13.46 -14.03 25.34
C VAL F 69 14.95 -14.12 25.66
N GLN F 70 15.81 -13.97 24.67
CA GLN F 70 17.25 -13.90 24.92
C GLN F 70 17.58 -12.64 25.73
N SER F 71 17.06 -11.49 25.29
CA SER F 71 17.34 -10.24 25.98
C SER F 71 16.88 -10.28 27.43
N TYR F 72 15.91 -11.11 27.74
CA TYR F 72 15.50 -11.25 29.14
C TYR F 72 16.34 -12.30 29.87
N LEU F 73 16.37 -13.53 29.34
CA LEU F 73 16.98 -14.64 30.06
C LEU F 73 18.47 -14.43 30.25
N TRP F 74 19.19 -14.11 29.17
CA TRP F 74 20.63 -13.90 29.30
C TRP F 74 20.93 -12.75 30.25
N GLU F 75 20.23 -11.63 30.08
CA GLU F 75 20.52 -10.45 30.90
C GLU F 75 20.24 -10.70 32.38
N ARG F 76 19.19 -11.45 32.71
CA ARG F 76 18.78 -11.57 34.10
C ARG F 76 19.28 -12.83 34.80
N TYR F 77 19.63 -13.89 34.06
CA TYR F 77 20.04 -15.13 34.68
C TYR F 77 21.29 -15.74 34.06
N ARG F 78 21.84 -15.16 32.99
CA ARG F 78 22.92 -15.77 32.23
C ARG F 78 22.53 -17.17 31.76
N LEU F 79 21.28 -17.31 31.31
CA LEU F 79 20.78 -18.57 30.74
C LEU F 79 20.78 -18.42 29.22
N PRO F 80 21.71 -19.06 28.52
CA PRO F 80 21.84 -18.88 27.07
C PRO F 80 21.00 -19.86 26.23
N TRP F 81 19.71 -19.98 26.54
CA TRP F 81 18.87 -20.84 25.72
C TRP F 81 17.50 -20.23 25.45
N GLY F 82 17.41 -18.90 25.39
CA GLY F 82 16.14 -18.27 25.05
C GLY F 82 15.68 -18.63 23.64
N ALA F 83 16.59 -18.51 22.67
CA ALA F 83 16.26 -18.88 21.30
C ALA F 83 15.92 -20.35 21.18
N THR F 84 16.69 -21.20 21.85
CA THR F 84 16.44 -22.64 21.78
C THR F 84 15.09 -23.00 22.39
N VAL F 85 14.76 -22.42 23.54
CA VAL F 85 13.48 -22.74 24.16
C VAL F 85 12.32 -22.22 23.32
N CYS F 86 12.47 -21.03 22.72
CA CYS F 86 11.43 -20.53 21.83
C CYS F 86 11.21 -21.48 20.65
N VAL F 87 12.30 -21.88 20.00
CA VAL F 87 12.19 -22.72 18.82
C VAL F 87 11.66 -24.10 19.18
N LEU F 88 12.11 -24.66 20.30
CA LEU F 88 11.60 -25.96 20.74
C LEU F 88 10.12 -25.90 21.05
N GLY F 89 9.68 -24.84 21.72
CA GLY F 89 8.25 -24.72 22.01
C GLY F 89 7.42 -24.57 20.75
N LEU F 90 7.90 -23.75 19.80
CA LEU F 90 7.19 -23.61 18.53
C LEU F 90 7.11 -24.94 17.80
N LEU F 91 8.23 -25.68 17.76
CA LEU F 91 8.24 -26.97 17.08
C LEU F 91 7.32 -27.97 17.77
N LEU F 92 7.28 -27.95 19.11
CA LEU F 92 6.41 -28.87 19.83
C LEU F 92 4.94 -28.57 19.54
N GLY F 93 4.55 -27.30 19.63
CA GLY F 93 3.17 -26.96 19.32
C GLY F 93 2.80 -27.29 17.90
N GLU F 94 3.69 -26.97 16.95
CA GLU F 94 3.43 -27.23 15.55
C GLU F 94 3.29 -28.72 15.29
N TRP F 95 4.19 -29.53 15.84
CA TRP F 95 4.13 -30.97 15.62
C TRP F 95 2.91 -31.59 16.27
N ILE F 96 2.54 -31.14 17.47
CA ILE F 96 1.34 -31.64 18.11
C ILE F 96 0.12 -31.36 17.24
N ASN F 97 -0.01 -30.13 16.74
CA ASN F 97 -1.14 -29.84 15.87
C ASN F 97 -1.08 -30.62 14.56
N ARG F 98 0.11 -30.75 13.94
CA ARG F 98 0.22 -31.51 12.70
C ARG F 98 -0.24 -32.94 12.90
N TYR F 99 0.22 -33.58 13.97
CA TYR F 99 -0.07 -35.00 14.17
C TYR F 99 -1.52 -35.24 14.61
N PHE F 100 -2.05 -34.40 15.50
CA PHE F 100 -3.36 -34.71 16.07
C PHE F 100 -4.50 -34.03 15.33
N ASN F 101 -4.22 -33.00 14.55
CA ASN F 101 -5.26 -32.27 13.83
C ASN F 101 -5.09 -32.36 12.31
N PHE F 102 -3.93 -31.98 11.79
CA PHE F 102 -3.70 -32.08 10.35
C PHE F 102 -3.77 -33.53 9.89
N TRP F 103 -3.13 -34.43 10.62
CA TRP F 103 -3.21 -35.86 10.32
C TRP F 103 -4.24 -36.58 11.17
N GLY F 104 -4.51 -36.11 12.38
CA GLY F 104 -5.52 -36.72 13.22
C GLY F 104 -6.95 -36.36 12.84
N TRP F 105 -7.31 -35.08 12.97
CA TRP F 105 -8.66 -34.64 12.61
C TRP F 105 -8.91 -34.79 11.13
N THR F 106 -8.23 -34.00 10.31
CA THR F 106 -8.18 -34.26 8.89
C THR F 106 -7.15 -35.34 8.63
N TYR F 107 -7.09 -35.85 7.41
CA TYR F 107 -6.18 -36.97 7.20
C TYR F 107 -5.11 -36.65 6.16
N PHE F 108 -4.53 -35.46 6.26
CA PHE F 108 -3.38 -35.09 5.46
C PHE F 108 -2.15 -35.84 5.94
N PRO F 109 -1.35 -36.40 5.04
CA PRO F 109 -0.16 -37.14 5.47
C PRO F 109 0.88 -36.23 6.13
N ILE F 110 1.63 -36.83 7.06
CA ILE F 110 2.66 -36.09 7.78
C ILE F 110 3.75 -35.61 6.82
N ASN F 111 4.09 -36.43 5.82
CA ASN F 111 5.08 -36.02 4.84
C ASN F 111 4.59 -34.86 3.98
N PHE F 112 3.30 -34.54 4.05
CA PHE F 112 2.74 -33.35 3.40
C PHE F 112 2.62 -32.17 4.34
N VAL F 113 2.37 -32.38 5.62
CA VAL F 113 2.08 -31.28 6.54
C VAL F 113 3.17 -31.11 7.61
N PHE F 114 4.38 -31.62 7.37
CA PHE F 114 5.44 -31.47 8.35
C PHE F 114 5.87 -30.01 8.48
N PRO F 115 6.30 -29.59 9.66
CA PRO F 115 6.82 -28.23 9.85
C PRO F 115 8.29 -28.13 9.45
N ALA F 116 8.78 -26.90 9.43
CA ALA F 116 10.18 -26.63 9.11
C ALA F 116 11.05 -26.81 10.35
N SER F 117 12.34 -26.99 10.11
CA SER F 117 13.32 -27.15 11.18
C SER F 117 13.99 -25.80 11.48
N LEU F 118 14.16 -25.50 12.77
CA LEU F 118 14.70 -24.21 13.21
C LEU F 118 15.76 -24.33 14.30
N VAL F 119 15.98 -25.54 14.81
CA VAL F 119 16.95 -25.73 15.89
C VAL F 119 18.35 -25.27 15.52
N PRO F 120 18.87 -25.53 14.31
CA PRO F 120 20.21 -25.00 13.98
C PRO F 120 20.33 -23.49 14.12
N GLY F 121 19.35 -22.75 13.60
CA GLY F 121 19.37 -21.31 13.78
C GLY F 121 19.29 -20.90 15.23
N ALA F 122 18.43 -21.59 16.01
CA ALA F 122 18.31 -21.26 17.43
C ALA F 122 19.63 -21.49 18.16
N ILE F 123 20.30 -22.61 17.86
CA ILE F 123 21.57 -22.94 18.50
C ILE F 123 22.61 -21.89 18.14
N ILE F 124 22.66 -21.49 16.87
CA ILE F 124 23.60 -20.44 16.47
C ILE F 124 23.32 -19.17 17.25
N LEU F 125 22.06 -18.76 17.32
CA LEU F 125 21.71 -17.53 18.02
C LEU F 125 22.10 -17.59 19.48
N ASP F 126 21.89 -18.73 20.14
CA ASP F 126 22.19 -18.86 21.56
C ASP F 126 23.69 -18.89 21.82
N THR F 127 24.44 -19.66 21.03
CA THR F 127 25.88 -19.76 21.26
C THR F 127 26.58 -18.45 20.94
N VAL F 128 26.21 -17.80 19.84
CA VAL F 128 26.77 -16.50 19.51
C VAL F 128 26.44 -15.45 20.55
N LEU F 129 25.33 -15.59 21.27
CA LEU F 129 25.07 -14.69 22.38
C LEU F 129 25.92 -15.01 23.60
N MET F 130 26.00 -16.30 23.97
CA MET F 130 26.73 -16.64 25.19
C MET F 130 28.20 -16.29 25.05
N LEU F 131 28.83 -16.77 23.97
CA LEU F 131 30.16 -16.31 23.61
C LEU F 131 30.05 -14.87 23.13
N SER F 132 30.97 -14.01 23.55
CA SER F 132 30.92 -12.61 23.12
C SER F 132 29.57 -11.99 23.51
N GLY F 133 29.35 -11.81 24.80
CA GLY F 133 28.01 -11.53 25.31
C GLY F 133 27.33 -10.33 24.68
N SER F 134 28.01 -9.64 23.77
CA SER F 134 27.46 -8.46 23.12
C SER F 134 26.16 -8.77 22.39
N TYR F 135 25.09 -8.07 22.80
CA TYR F 135 23.81 -8.18 22.09
C TYR F 135 23.91 -7.63 20.68
N LEU F 136 24.69 -6.57 20.47
CA LEU F 136 24.90 -6.06 19.12
C LEU F 136 25.59 -7.10 18.24
N PHE F 137 26.64 -7.73 18.77
CA PHE F 137 27.33 -8.78 18.01
C PHE F 137 26.38 -9.93 17.71
N THR F 138 25.52 -10.29 18.68
CA THR F 138 24.52 -11.31 18.42
C THR F 138 23.60 -10.89 17.29
N ALA F 139 23.01 -9.71 17.39
CA ALA F 139 22.08 -9.23 16.38
C ALA F 139 22.71 -9.18 14.99
N ILE F 140 24.01 -8.93 14.90
CA ILE F 140 24.65 -8.84 13.60
C ILE F 140 25.06 -10.22 13.08
N VAL F 141 25.79 -11.01 13.87
CA VAL F 141 26.39 -12.25 13.38
C VAL F 141 25.45 -13.42 13.58
N GLY F 142 24.91 -13.57 14.78
CA GLY F 142 24.05 -14.71 15.07
C GLY F 142 22.76 -14.67 14.27
N ALA F 143 22.18 -13.48 14.11
CA ALA F 143 20.97 -13.37 13.29
C ALA F 143 21.30 -13.62 11.81
N MET F 144 22.47 -13.16 11.35
CA MET F 144 22.94 -13.53 10.02
C MET F 144 22.96 -15.03 9.84
N GLY F 145 23.57 -15.74 10.80
CA GLY F 145 23.63 -17.20 10.71
C GLY F 145 22.27 -17.84 10.80
N TRP F 146 21.39 -17.30 11.65
CA TRP F 146 20.03 -17.81 11.78
C TRP F 146 19.29 -17.72 10.45
N GLY F 147 19.42 -16.58 9.76
CA GLY F 147 18.80 -16.44 8.46
C GLY F 147 19.43 -17.33 7.41
N LEU F 148 20.76 -17.47 7.44
CA LEU F 148 21.46 -18.18 6.36
C LEU F 148 21.31 -19.69 6.47
N ILE F 149 21.24 -20.23 7.69
CA ILE F 149 21.24 -21.68 7.87
C ILE F 149 19.86 -22.31 7.75
N PHE F 150 18.81 -21.51 7.56
CA PHE F 150 17.45 -22.04 7.54
C PHE F 150 17.28 -23.05 6.40
N TYR F 151 17.49 -22.60 5.15
CA TYR F 151 17.30 -23.50 4.02
C TYR F 151 18.25 -24.69 4.01
N PRO F 152 19.57 -24.53 4.24
CA PRO F 152 20.41 -25.74 4.33
C PRO F 152 20.00 -26.67 5.45
N GLY F 153 19.49 -26.14 6.56
CA GLY F 153 19.03 -27.00 7.64
C GLY F 153 17.82 -27.84 7.26
N ASN F 154 16.94 -27.30 6.42
CA ASN F 154 15.75 -28.02 6.00
C ASN F 154 15.93 -28.80 4.71
N TRP F 155 17.05 -28.61 4.01
CA TRP F 155 17.27 -29.33 2.76
C TRP F 155 17.24 -30.85 2.90
N PRO F 156 17.83 -31.47 3.91
CA PRO F 156 17.72 -32.94 4.02
C PRO F 156 16.29 -33.43 4.11
N ILE F 157 15.37 -32.63 4.63
CA ILE F 157 13.98 -33.05 4.76
C ILE F 157 13.24 -32.91 3.43
N ILE F 158 13.40 -31.76 2.76
CA ILE F 158 12.58 -31.46 1.60
C ILE F 158 13.20 -31.89 0.27
N ALA F 159 14.49 -32.22 0.26
CA ALA F 159 15.18 -32.65 -0.95
C ALA F 159 14.52 -33.87 -1.60
N PRO F 160 14.15 -34.91 -0.86
CA PRO F 160 13.45 -36.04 -1.49
C PRO F 160 12.12 -35.66 -2.13
N LEU F 161 11.48 -34.60 -1.67
CA LEU F 161 10.22 -34.13 -2.21
C LEU F 161 10.39 -33.31 -3.48
N HIS F 162 11.63 -33.01 -3.88
CA HIS F 162 11.90 -32.22 -5.07
C HIS F 162 12.38 -33.07 -6.23
N VAL F 163 12.28 -34.39 -6.12
CA VAL F 163 12.61 -35.28 -7.23
C VAL F 163 11.61 -35.04 -8.35
N PRO F 164 12.06 -34.81 -9.59
CA PRO F 164 11.12 -34.52 -10.68
C PRO F 164 10.30 -35.74 -11.04
N VAL F 165 9.05 -35.51 -11.39
CA VAL F 165 8.12 -36.56 -11.80
C VAL F 165 7.40 -36.10 -13.06
N GLU F 166 7.27 -37.03 -14.02
CA GLU F 166 6.48 -36.78 -15.23
C GLU F 166 5.05 -37.17 -14.92
N TYR F 167 4.20 -36.18 -14.65
CA TYR F 167 2.85 -36.42 -14.15
C TYR F 167 1.84 -35.97 -15.19
N ASN F 168 1.29 -36.94 -15.93
CA ASN F 168 0.20 -36.71 -16.89
C ASN F 168 0.56 -35.62 -17.89
N GLY F 169 1.79 -35.70 -18.43
CA GLY F 169 2.22 -34.78 -19.46
C GLY F 169 2.90 -33.52 -18.96
N MET F 170 2.86 -33.24 -17.66
CA MET F 170 3.44 -32.04 -17.08
C MET F 170 4.52 -32.41 -16.08
N LEU F 171 5.57 -31.59 -16.02
CA LEU F 171 6.63 -31.81 -15.05
C LEU F 171 6.18 -31.30 -13.69
N MET F 172 6.31 -32.14 -12.66
CA MET F 172 5.92 -31.76 -11.32
C MET F 172 6.88 -32.39 -10.33
N SER F 173 7.19 -31.66 -9.26
CA SER F 173 7.92 -32.23 -8.16
C SER F 173 6.99 -33.08 -7.30
N ILE F 174 7.59 -33.89 -6.42
CA ILE F 174 6.80 -34.74 -5.54
C ILE F 174 5.92 -33.90 -4.61
N ALA F 175 6.47 -32.78 -4.12
CA ALA F 175 5.66 -31.87 -3.30
C ALA F 175 4.52 -31.27 -4.11
N ASP F 176 4.77 -30.94 -5.38
CA ASP F 176 3.71 -30.45 -6.25
C ASP F 176 2.60 -31.49 -6.39
N ILE F 177 2.97 -32.76 -6.57
CA ILE F 177 1.97 -33.81 -6.70
C ILE F 177 1.21 -34.00 -5.39
N GLN F 178 1.91 -33.85 -4.26
CA GLN F 178 1.24 -33.93 -2.96
C GLN F 178 0.17 -32.85 -2.84
N GLY F 179 0.53 -31.61 -3.16
CA GLY F 179 -0.43 -30.52 -3.12
C GLY F 179 -1.57 -30.71 -4.09
N TYR F 180 -1.29 -31.28 -5.26
CA TYR F 180 -2.33 -31.54 -6.24
C TYR F 180 -3.29 -32.62 -5.78
N ASN F 181 -2.76 -33.74 -5.30
CA ASN F 181 -3.57 -34.90 -4.93
C ASN F 181 -4.37 -34.65 -3.66
N TYR F 182 -3.70 -34.23 -2.60
CA TYR F 182 -4.39 -34.09 -1.32
C TYR F 182 -5.13 -32.77 -1.28
N VAL F 183 -6.42 -32.81 -1.63
CA VAL F 183 -7.19 -31.61 -1.91
C VAL F 183 -7.33 -30.77 -0.65
N ARG F 184 -6.98 -29.49 -0.77
CA ARG F 184 -7.23 -28.49 0.25
C ARG F 184 -8.35 -27.61 -0.29
N THR F 185 -9.57 -27.86 0.16
CA THR F 185 -10.73 -27.13 -0.36
C THR F 185 -10.59 -25.63 -0.11
N GLY F 186 -10.14 -25.26 1.07
CA GLY F 186 -9.95 -23.86 1.41
C GLY F 186 -8.69 -23.23 0.89
N THR F 187 -7.76 -24.00 0.31
CA THR F 187 -6.46 -23.50 -0.11
C THR F 187 -6.24 -23.82 -1.59
N PRO F 188 -6.78 -23.00 -2.49
CA PRO F 188 -6.49 -23.19 -3.91
C PRO F 188 -5.03 -22.90 -4.24
N GLU F 189 -4.63 -23.36 -5.42
CA GLU F 189 -3.22 -23.31 -5.81
C GLU F 189 -2.72 -21.88 -5.93
N TYR F 190 -3.56 -20.95 -6.40
CA TYR F 190 -3.08 -19.59 -6.63
C TYR F 190 -2.69 -18.87 -5.34
N ILE F 191 -3.27 -19.28 -4.20
CA ILE F 191 -2.88 -18.68 -2.93
C ILE F 191 -1.41 -18.92 -2.63
N ARG F 192 -0.84 -20.00 -3.18
CA ARG F 192 0.55 -20.36 -2.95
C ARG F 192 1.48 -19.22 -3.34
N MET F 193 2.14 -18.63 -2.35
CA MET F 193 3.15 -17.60 -2.60
C MET F 193 4.50 -18.31 -2.64
N VAL F 194 4.88 -18.75 -3.84
CA VAL F 194 6.11 -19.47 -4.06
C VAL F 194 6.86 -18.84 -5.22
N GLU F 195 8.11 -19.26 -5.40
CA GLU F 195 8.91 -18.78 -6.51
C GLU F 195 8.25 -19.14 -7.82
N LYS F 196 8.03 -18.14 -8.68
CA LYS F 196 7.41 -18.35 -9.98
C LYS F 196 8.28 -17.90 -11.14
N GLY F 197 9.49 -17.41 -10.87
CA GLY F 197 10.37 -16.92 -11.91
C GLY F 197 10.11 -15.48 -12.27
N THR F 198 11.16 -14.74 -12.58
CA THR F 198 11.07 -13.37 -13.07
C THR F 198 12.07 -13.20 -14.21
N LEU F 199 11.90 -12.12 -14.98
CA LEU F 199 12.84 -11.78 -16.03
C LEU F 199 14.14 -11.21 -15.47
N ARG F 200 14.20 -10.93 -14.17
CA ARG F 200 15.38 -10.40 -13.51
C ARG F 200 15.95 -11.43 -12.54
N THR F 201 15.60 -12.70 -12.73
CA THR F 201 16.15 -13.81 -11.95
C THR F 201 17.36 -14.32 -12.73
N PHE F 202 18.55 -13.92 -12.29
CA PHE F 202 19.78 -14.23 -13.01
C PHE F 202 20.39 -15.53 -12.51
N GLY F 203 20.53 -16.51 -13.40
CA GLY F 203 21.19 -17.75 -13.08
C GLY F 203 20.56 -18.52 -11.94
N LYS F 204 21.38 -19.28 -11.22
CA LYS F 204 20.92 -20.09 -10.10
C LYS F 204 21.20 -19.34 -8.80
N ASP F 205 20.34 -18.36 -8.51
CA ASP F 205 20.55 -17.49 -7.37
C ASP F 205 19.34 -17.37 -6.44
N VAL F 206 18.24 -18.09 -6.72
CA VAL F 206 16.99 -17.83 -6.00
C VAL F 206 17.16 -18.12 -4.51
N ALA F 207 17.66 -19.31 -4.17
CA ALA F 207 17.80 -19.66 -2.76
C ALA F 207 18.82 -18.80 -2.03
N PRO F 208 20.06 -18.64 -2.52
CA PRO F 208 21.03 -17.82 -1.76
C PRO F 208 20.60 -16.37 -1.59
N VAL F 209 20.00 -15.77 -2.61
CA VAL F 209 19.57 -14.38 -2.51
C VAL F 209 18.49 -14.23 -1.44
N SER F 210 17.52 -15.15 -1.44
CA SER F 210 16.48 -15.13 -0.42
C SER F 210 17.08 -15.35 0.97
N ALA F 211 18.05 -16.24 1.08
CA ALA F 211 18.68 -16.51 2.37
C ALA F 211 19.39 -15.28 2.90
N PHE F 212 20.12 -14.57 2.04
CA PHE F 212 20.84 -13.37 2.49
C PHE F 212 19.88 -12.23 2.83
N PHE F 213 18.81 -12.07 2.05
CA PHE F 213 17.81 -11.07 2.40
C PHE F 213 17.16 -11.39 3.74
N SER F 214 16.84 -12.67 3.97
CA SER F 214 16.28 -13.08 5.25
C SER F 214 17.25 -12.84 6.39
N ALA F 215 18.55 -13.07 6.16
CA ALA F 215 19.53 -12.82 7.21
C ALA F 215 19.62 -11.34 7.56
N PHE F 216 19.63 -10.46 6.57
CA PHE F 216 19.67 -9.02 6.85
C PHE F 216 18.42 -8.57 7.60
N MET F 217 17.24 -8.98 7.11
CA MET F 217 16.01 -8.60 7.78
C MET F 217 15.94 -9.23 9.18
N SER F 218 16.56 -10.40 9.36
CA SER F 218 16.62 -11.01 10.67
C SER F 218 17.49 -10.19 11.61
N ILE F 219 18.59 -9.63 11.11
CA ILE F 219 19.38 -8.70 11.91
C ILE F 219 18.50 -7.56 12.39
N LEU F 220 17.74 -6.96 11.46
CA LEU F 220 16.90 -5.82 11.82
C LEU F 220 15.84 -6.19 12.84
N ILE F 221 15.16 -7.32 12.61
CA ILE F 221 14.07 -7.73 13.49
C ILE F 221 14.60 -8.12 14.87
N TYR F 222 15.77 -8.77 14.90
CA TYR F 222 16.38 -9.09 16.19
C TYR F 222 16.73 -7.82 16.96
N PHE F 223 17.27 -6.81 16.26
CA PHE F 223 17.58 -5.56 16.93
C PHE F 223 16.33 -4.92 17.52
N MET F 224 15.24 -4.91 16.76
CA MET F 224 13.99 -4.35 17.27
C MET F 224 13.45 -5.15 18.46
N TRP F 225 13.46 -6.47 18.35
CA TRP F 225 12.80 -7.30 19.35
C TRP F 225 13.63 -7.48 20.60
N HIS F 226 14.94 -7.22 20.54
CA HIS F 226 15.73 -7.15 21.77
C HIS F 226 15.18 -6.07 22.69
N PHE F 227 14.93 -4.88 22.13
CA PHE F 227 14.38 -3.79 22.94
C PHE F 227 12.90 -4.02 23.26
N ILE F 228 12.16 -4.69 22.36
CA ILE F 228 10.78 -5.05 22.71
C ILE F 228 10.75 -5.95 23.94
N GLY F 229 11.62 -6.96 23.97
CA GLY F 229 11.72 -7.81 25.13
C GLY F 229 12.24 -7.09 26.36
N ARG F 230 13.14 -6.12 26.16
CA ARG F 230 13.58 -5.28 27.27
C ARG F 230 12.40 -4.58 27.91
N TRP F 231 11.51 -4.01 27.10
CA TRP F 231 10.32 -3.38 27.65
C TRP F 231 9.43 -4.40 28.34
N PHE F 232 9.18 -5.55 27.69
CA PHE F 232 8.25 -6.57 28.25
C PHE F 232 8.74 -7.11 29.59
N SER F 233 10.02 -6.91 29.92
CA SER F 233 10.58 -7.39 31.20
C SER F 233 10.29 -6.39 32.33
N ASN F 234 9.86 -5.17 32.01
CA ASN F 234 9.62 -4.11 33.03
C ASN F 234 8.95 -4.67 34.30
N GLU F 235 9.47 -4.30 35.48
CA GLU F 235 8.87 -4.72 36.74
C GLU F 235 8.14 -3.56 37.41
N ARG F 236 7.58 -2.66 36.60
CA ARG F 236 6.93 -1.48 37.14
C ARG F 236 5.58 -1.81 37.75
N PHE F 237 5.14 -0.93 38.66
CA PHE F 237 3.80 -1.13 39.28
C PHE F 237 2.90 0.03 38.82
N LEU F 238 2.29 -0.08 37.63
CA LEU F 238 1.32 0.94 37.15
C LEU F 238 0.25 1.15 38.23
N GLN F 239 0.38 2.18 39.07
CA GLN F 239 -0.50 2.37 40.27
C GLN F 239 -2.01 2.15 40.01
N SER F 240 -2.52 2.56 38.85
CA SER F 240 -3.97 2.45 38.53
C SER F 240 -4.16 2.24 37.02
N THR F 241 -5.21 1.50 36.65
CA THR F 241 -5.43 1.18 35.22
C THR F 241 -6.56 2.07 34.67
N ALA G 1 -5.91 41.30 44.41
CA ALA G 1 -6.48 39.97 44.33
C ALA G 1 -7.99 40.03 44.14
N VAL G 2 -8.71 39.23 44.91
CA VAL G 2 -10.16 39.25 44.91
C VAL G 2 -10.63 39.87 46.23
N ARG G 3 -11.76 40.57 46.18
CA ARG G 3 -12.24 41.30 47.34
C ARG G 3 -12.69 40.37 48.47
N SER G 4 -13.54 39.40 48.16
CA SER G 4 -14.12 38.54 49.17
C SER G 4 -14.39 37.14 48.61
N HIS G 5 -14.99 36.29 49.44
CA HIS G 5 -15.38 34.96 49.01
C HIS G 5 -16.43 35.01 47.91
N ALA G 6 -17.41 35.91 48.02
CA ALA G 6 -18.48 35.98 47.03
C ALA G 6 -17.94 36.42 45.67
N GLU G 7 -17.08 37.44 45.66
CA GLU G 7 -16.52 37.91 44.38
C GLU G 7 -15.65 36.84 43.75
N ALA G 8 -14.94 36.06 44.57
CA ALA G 8 -14.15 34.95 44.05
C ALA G 8 -15.06 33.92 43.38
N VAL G 9 -16.22 33.65 43.99
CA VAL G 9 -17.17 32.70 43.41
C VAL G 9 -17.71 33.22 42.08
N GLN G 10 -18.06 34.50 42.03
CA GLN G 10 -18.56 35.09 40.78
C GLN G 10 -17.50 35.05 39.69
N VAL G 11 -16.26 35.37 40.04
CA VAL G 11 -15.16 35.33 39.08
C VAL G 11 -14.95 33.91 38.57
N SER G 12 -15.02 32.94 39.49
CA SER G 12 -14.87 31.54 39.09
C SER G 12 -16.00 31.11 38.15
N ARG G 13 -17.23 31.56 38.41
CA ARG G 13 -18.34 31.21 37.53
C ARG G 13 -18.17 31.82 36.14
N THR G 14 -17.74 33.08 36.08
CA THR G 14 -17.49 33.72 34.79
C THR G 14 -16.38 33.00 34.03
N ILE G 15 -15.30 32.64 34.74
CA ILE G 15 -14.23 31.86 34.13
C ILE G 15 -14.76 30.52 33.64
N ASP G 16 -15.66 29.91 34.41
CA ASP G 16 -16.24 28.62 34.02
C ASP G 16 -16.96 28.74 32.68
N TRP G 17 -17.82 29.76 32.55
CA TRP G 17 -18.56 29.91 31.30
C TRP G 17 -17.64 30.23 30.13
N MET G 18 -16.68 31.13 30.33
CA MET G 18 -15.78 31.49 29.23
C MET G 18 -14.91 30.32 28.81
N ALA G 19 -14.38 29.56 29.77
CA ALA G 19 -13.53 28.42 29.45
C ALA G 19 -14.35 27.29 28.83
N LEU G 20 -15.61 27.14 29.26
CA LEU G 20 -16.49 26.18 28.60
C LEU G 20 -16.71 26.55 27.15
N PHE G 21 -16.92 27.84 26.87
CA PHE G 21 -17.02 28.29 25.49
C PHE G 21 -15.76 27.95 24.71
N VAL G 22 -14.59 28.24 25.29
CA VAL G 22 -13.33 28.02 24.58
C VAL G 22 -13.13 26.53 24.28
N VAL G 23 -13.29 25.70 25.31
CA VAL G 23 -13.17 24.25 25.14
C VAL G 23 -14.14 23.75 24.10
N PHE G 24 -15.42 24.14 24.21
CA PHE G 24 -16.44 23.61 23.34
C PHE G 24 -16.15 23.96 21.88
N PHE G 25 -15.78 25.21 21.60
CA PHE G 25 -15.68 25.59 20.20
C PHE G 25 -14.33 25.23 19.59
N VAL G 26 -13.25 25.21 20.37
CA VAL G 26 -12.01 24.66 19.84
C VAL G 26 -12.20 23.18 19.53
N ILE G 27 -12.88 22.45 20.42
CA ILE G 27 -13.19 21.05 20.14
C ILE G 27 -14.08 20.92 18.92
N VAL G 28 -15.07 21.81 18.77
CA VAL G 28 -15.94 21.76 17.59
C VAL G 28 -15.10 21.87 16.33
N GLY G 29 -14.23 22.88 16.27
CA GLY G 29 -13.43 23.06 15.06
C GLY G 29 -12.54 21.87 14.77
N SER G 30 -11.73 21.47 15.75
CA SER G 30 -10.75 20.41 15.51
C SER G 30 -11.43 19.07 15.25
N TYR G 31 -12.40 18.71 16.11
CA TYR G 31 -13.11 17.44 15.96
C TYR G 31 -13.89 17.40 14.66
N HIS G 32 -14.50 18.50 14.25
CA HIS G 32 -15.24 18.51 12.99
C HIS G 32 -14.30 18.35 11.81
N ILE G 33 -13.15 19.02 11.83
CA ILE G 33 -12.17 18.80 10.76
C ILE G 33 -11.80 17.33 10.69
N HIS G 34 -11.46 16.73 11.84
CA HIS G 34 -11.03 15.34 11.87
C HIS G 34 -12.13 14.41 11.37
N ALA G 35 -13.36 14.62 11.86
CA ALA G 35 -14.47 13.75 11.49
C ALA G 35 -14.82 13.87 10.02
N MET G 36 -15.01 15.11 9.54
CA MET G 36 -15.41 15.31 8.16
C MET G 36 -14.33 14.87 7.17
N LEU G 37 -13.06 14.85 7.59
CA LEU G 37 -12.01 14.35 6.71
C LEU G 37 -11.62 12.90 7.00
N THR G 38 -12.28 12.25 7.96
CA THR G 38 -12.10 10.83 8.19
C THR G 38 -13.37 10.01 8.06
N MET G 39 -14.55 10.62 8.24
CA MET G 39 -15.81 9.92 8.00
C MET G 39 -16.84 10.77 7.28
N GLY G 40 -16.46 11.92 6.70
CA GLY G 40 -17.46 12.87 6.25
C GLY G 40 -18.34 12.36 5.13
N ASP G 41 -17.76 11.64 4.18
CA ASP G 41 -18.51 11.20 3.01
C ASP G 41 -19.68 10.29 3.39
N TRP G 42 -19.43 9.33 4.28
CA TRP G 42 -20.53 8.52 4.79
C TRP G 42 -21.53 9.35 5.57
N ASP G 43 -21.05 10.30 6.38
CA ASP G 43 -21.93 11.16 7.17
C ASP G 43 -22.74 12.12 6.31
N PHE G 44 -22.29 12.40 5.09
CA PHE G 44 -22.99 13.36 4.23
C PHE G 44 -24.25 12.79 3.61
N TRP G 45 -24.28 11.50 3.27
CA TRP G 45 -25.29 10.97 2.37
C TRP G 45 -25.99 9.74 2.94
N SER G 46 -27.33 9.79 2.93
CA SER G 46 -28.12 8.65 3.37
C SER G 46 -27.86 7.42 2.52
N ASP G 47 -27.57 7.61 1.22
CA ASP G 47 -27.22 6.49 0.38
C ASP G 47 -25.78 6.03 0.58
N TRP G 48 -25.01 6.74 1.40
CA TRP G 48 -23.74 6.23 1.88
C TRP G 48 -23.84 5.56 3.23
N LYS G 49 -24.91 5.81 3.98
CA LYS G 49 -25.10 5.17 5.29
C LYS G 49 -25.43 3.69 5.10
N ASP G 50 -24.39 2.89 4.88
CA ASP G 50 -24.54 1.47 4.61
C ASP G 50 -24.28 0.66 5.89
N ARG G 51 -24.30 -0.67 5.76
CA ARG G 51 -24.09 -1.55 6.90
C ARG G 51 -22.65 -1.98 7.11
N ARG G 52 -21.80 -1.89 6.09
CA ARG G 52 -20.41 -2.33 6.22
C ARG G 52 -19.47 -1.16 6.52
N LEU G 53 -19.33 -0.22 5.58
CA LEU G 53 -18.27 0.78 5.69
C LEU G 53 -18.64 1.87 6.68
N TRP G 54 -19.88 2.35 6.63
CA TRP G 54 -20.31 3.38 7.56
C TRP G 54 -20.20 2.89 9.00
N VAL G 55 -20.80 1.73 9.28
CA VAL G 55 -20.78 1.13 10.61
C VAL G 55 -19.35 0.84 11.06
N THR G 56 -18.50 0.38 10.13
CA THR G 56 -17.11 0.11 10.50
C THR G 56 -16.37 1.39 10.83
N VAL G 57 -16.28 2.30 9.87
CA VAL G 57 -15.38 3.44 9.97
C VAL G 57 -15.81 4.46 11.01
N THR G 58 -17.10 4.82 11.07
CA THR G 58 -17.48 6.00 11.85
C THR G 58 -17.09 5.93 13.31
N PRO G 59 -17.44 4.89 14.09
CA PRO G 59 -17.01 4.89 15.49
C PRO G 59 -15.51 4.86 15.68
N ILE G 60 -14.78 4.17 14.78
CA ILE G 60 -13.34 4.04 14.92
C ILE G 60 -12.68 5.40 14.87
N VAL G 61 -12.98 6.20 13.84
CA VAL G 61 -12.38 7.51 13.68
C VAL G 61 -13.01 8.56 14.59
N LEU G 62 -14.21 8.31 15.12
CA LEU G 62 -14.87 9.29 15.97
C LEU G 62 -14.56 9.11 17.45
N VAL G 63 -14.02 7.97 17.87
CA VAL G 63 -13.63 7.79 19.27
C VAL G 63 -12.36 8.57 19.63
N THR G 64 -11.67 9.13 18.64
CA THR G 64 -10.38 9.79 18.87
C THR G 64 -10.48 10.92 19.89
N PHE G 65 -11.20 11.98 19.53
CA PHE G 65 -11.28 13.15 20.41
C PHE G 65 -11.94 12.85 21.75
N PRO G 66 -13.02 12.06 21.84
CA PRO G 66 -13.54 11.71 23.17
C PRO G 66 -12.50 11.10 24.10
N ALA G 67 -11.62 10.23 23.59
CA ALA G 67 -10.62 9.61 24.44
C ALA G 67 -9.67 10.66 25.03
N ALA G 68 -9.15 11.55 24.18
CA ALA G 68 -8.21 12.57 24.65
C ALA G 68 -8.87 13.53 25.62
N VAL G 69 -10.04 14.04 25.25
CA VAL G 69 -10.72 15.02 26.09
C VAL G 69 -11.15 14.37 27.41
N GLN G 70 -11.51 13.09 27.39
CA GLN G 70 -11.79 12.38 28.64
C GLN G 70 -10.53 12.29 29.50
N SER G 71 -9.43 11.86 28.89
CA SER G 71 -8.18 11.70 29.62
C SER G 71 -7.73 13.00 30.26
N TYR G 72 -8.15 14.14 29.69
CA TYR G 72 -7.82 15.41 30.31
C TYR G 72 -8.85 15.81 31.35
N LEU G 73 -10.12 15.88 30.95
CA LEU G 73 -11.16 16.44 31.82
C LEU G 73 -11.36 15.59 33.06
N TRP G 74 -11.52 14.28 32.90
CA TRP G 74 -11.71 13.43 34.07
C TRP G 74 -10.51 13.48 34.99
N GLU G 75 -9.31 13.37 34.43
CA GLU G 75 -8.10 13.33 35.26
C GLU G 75 -7.89 14.64 36.03
N ARG G 76 -8.19 15.78 35.42
CA ARG G 76 -7.85 17.05 36.04
C ARG G 76 -9.00 17.70 36.80
N TYR G 77 -10.25 17.37 36.50
CA TYR G 77 -11.38 18.02 37.14
C TYR G 77 -12.45 17.07 37.63
N ARG G 78 -12.33 15.77 37.36
CA ARG G 78 -13.40 14.80 37.61
C ARG G 78 -14.70 15.23 36.93
N LEU G 79 -14.57 15.72 35.70
CA LEU G 79 -15.72 16.09 34.88
C LEU G 79 -15.97 14.97 33.87
N PRO G 80 -17.01 14.16 34.05
CA PRO G 80 -17.23 12.99 33.19
C PRO G 80 -18.09 13.26 31.96
N TRP G 81 -17.75 14.30 31.20
CA TRP G 81 -18.49 14.55 29.97
C TRP G 81 -17.59 14.97 28.81
N GLY G 82 -16.35 14.49 28.78
CA GLY G 82 -15.50 14.78 27.64
C GLY G 82 -16.03 14.19 26.35
N ALA G 83 -16.43 12.92 26.38
CA ALA G 83 -16.99 12.29 25.19
C ALA G 83 -18.30 12.97 24.78
N THR G 84 -19.15 13.29 25.75
CA THR G 84 -20.42 13.92 25.44
C THR G 84 -20.21 15.31 24.83
N VAL G 85 -19.29 16.09 25.37
CA VAL G 85 -19.07 17.43 24.82
C VAL G 85 -18.46 17.34 23.43
N CYS G 86 -17.55 16.39 23.20
CA CYS G 86 -17.00 16.20 21.86
C CYS G 86 -18.10 15.85 20.87
N VAL G 87 -18.95 14.89 21.22
CA VAL G 87 -19.98 14.43 20.30
C VAL G 87 -21.01 15.53 20.06
N LEU G 88 -21.39 16.26 21.12
CA LEU G 88 -22.34 17.35 20.96
C LEU G 88 -21.78 18.45 20.07
N GLY G 89 -20.51 18.79 20.24
CA GLY G 89 -19.91 19.80 19.39
C GLY G 89 -19.84 19.36 17.94
N LEU G 90 -19.44 18.11 17.70
CA LEU G 90 -19.42 17.58 16.35
C LEU G 90 -20.81 17.61 15.72
N LEU G 91 -21.82 17.19 16.48
CA LEU G 91 -23.18 17.19 15.96
C LEU G 91 -23.67 18.61 15.68
N LEU G 92 -23.33 19.56 16.55
CA LEU G 92 -23.74 20.94 16.33
C LEU G 92 -23.12 21.51 15.06
N GLY G 93 -21.80 21.34 14.90
CA GLY G 93 -21.16 21.82 13.70
C GLY G 93 -21.70 21.16 12.45
N GLU G 94 -21.89 19.84 12.50
CA GLU G 94 -22.40 19.11 11.35
C GLU G 94 -23.80 19.56 10.99
N TRP G 95 -24.68 19.72 11.98
CA TRP G 95 -26.05 20.14 11.71
C TRP G 95 -26.11 21.56 11.20
N ILE G 96 -25.29 22.46 11.75
CA ILE G 96 -25.26 23.83 11.26
C ILE G 96 -24.86 23.84 9.79
N ASN G 97 -23.81 23.10 9.43
CA ASN G 97 -23.42 23.07 8.03
C ASN G 97 -24.47 22.40 7.15
N ARG G 98 -25.08 21.30 7.61
CA ARG G 98 -26.12 20.64 6.82
C ARG G 98 -27.26 21.58 6.53
N TYR G 99 -27.73 22.31 7.55
CA TYR G 99 -28.91 23.16 7.38
C TYR G 99 -28.61 24.42 6.58
N PHE G 100 -27.46 25.07 6.84
CA PHE G 100 -27.23 26.37 6.23
C PHE G 100 -26.45 26.28 4.93
N ASN G 101 -25.76 25.18 4.67
CA ASN G 101 -24.95 25.03 3.46
C ASN G 101 -25.46 23.90 2.57
N PHE G 102 -25.57 22.68 3.10
CA PHE G 102 -26.08 21.57 2.31
C PHE G 102 -27.51 21.82 1.87
N TRP G 103 -28.37 22.30 2.78
CA TRP G 103 -29.73 22.66 2.44
C TRP G 103 -29.90 24.15 2.20
N GLY G 104 -29.08 24.99 2.82
CA GLY G 104 -29.15 26.42 2.60
C GLY G 104 -28.50 26.88 1.32
N TRP G 105 -27.18 26.72 1.21
CA TRP G 105 -26.46 27.10 0.00
C TRP G 105 -26.89 26.28 -1.20
N THR G 106 -26.56 24.99 -1.19
CA THR G 106 -27.16 24.04 -2.11
C THR G 106 -28.53 23.65 -1.58
N TYR G 107 -29.30 22.95 -2.38
CA TYR G 107 -30.65 22.68 -1.92
C TYR G 107 -30.92 21.18 -1.80
N PHE G 108 -29.97 20.45 -1.23
CA PHE G 108 -30.15 19.05 -0.88
C PHE G 108 -31.09 18.93 0.31
N PRO G 109 -32.06 18.02 0.27
CA PRO G 109 -32.98 17.88 1.40
C PRO G 109 -32.29 17.38 2.65
N ILE G 110 -32.82 17.80 3.80
CA ILE G 110 -32.27 17.42 5.09
C ILE G 110 -32.38 15.91 5.29
N ASN G 111 -33.48 15.31 4.83
CA ASN G 111 -33.62 13.86 4.93
C ASN G 111 -32.61 13.12 4.05
N PHE G 112 -31.92 13.82 3.17
CA PHE G 112 -30.83 13.27 2.39
C PHE G 112 -29.46 13.55 2.99
N VAL G 113 -29.28 14.70 3.65
CA VAL G 113 -27.95 15.09 4.11
C VAL G 113 -27.85 15.12 5.64
N PHE G 114 -28.73 14.42 6.35
CA PHE G 114 -28.67 14.42 7.80
C PHE G 114 -27.39 13.71 8.29
N PRO G 115 -26.85 14.12 9.42
CA PRO G 115 -25.70 13.42 10.01
C PRO G 115 -26.13 12.23 10.83
N ALA G 116 -25.14 11.44 11.26
CA ALA G 116 -25.36 10.28 12.11
C ALA G 116 -25.49 10.68 13.57
N SER G 117 -26.09 9.80 14.36
CA SER G 117 -26.26 10.03 15.79
C SER G 117 -25.14 9.33 16.56
N LEU G 118 -24.59 10.03 17.58
CA LEU G 118 -23.45 9.52 18.33
C LEU G 118 -23.61 9.70 19.84
N VAL G 119 -24.66 10.38 20.28
CA VAL G 119 -24.85 10.63 21.71
C VAL G 119 -24.92 9.34 22.53
N PRO G 120 -25.62 8.29 22.09
CA PRO G 120 -25.60 7.05 22.90
C PRO G 120 -24.20 6.52 23.17
N GLY G 121 -23.35 6.45 22.14
CA GLY G 121 -21.98 6.02 22.35
C GLY G 121 -21.22 6.95 23.28
N ALA G 122 -21.42 8.27 23.12
CA ALA G 122 -20.74 9.21 24.00
C ALA G 122 -21.16 9.03 25.45
N ILE G 123 -22.46 8.83 25.68
CA ILE G 123 -22.97 8.64 27.04
C ILE G 123 -22.40 7.36 27.64
N ILE G 124 -22.35 6.28 26.85
CA ILE G 124 -21.75 5.05 27.34
C ILE G 124 -20.30 5.28 27.73
N LEU G 125 -19.54 5.95 26.86
CA LEU G 125 -18.13 6.19 27.13
C LEU G 125 -17.94 7.00 28.40
N ASP G 126 -18.79 8.02 28.61
CA ASP G 126 -18.64 8.88 29.77
C ASP G 126 -19.05 8.18 31.07
N THR G 127 -20.16 7.44 31.05
CA THR G 127 -20.63 6.79 32.26
C THR G 127 -19.70 5.65 32.66
N VAL G 128 -19.25 4.85 31.68
CA VAL G 128 -18.28 3.80 31.94
C VAL G 128 -16.96 4.34 32.46
N LEU G 129 -16.59 5.57 32.11
CA LEU G 129 -15.41 6.17 32.71
C LEU G 129 -15.67 6.63 34.13
N MET G 130 -16.79 7.33 34.37
CA MET G 130 -17.01 7.88 35.71
C MET G 130 -17.15 6.76 36.72
N LEU G 131 -18.05 5.80 36.45
CA LEU G 131 -18.10 4.57 37.21
C LEU G 131 -16.85 3.76 36.90
N SER G 132 -16.21 3.17 37.91
CA SER G 132 -15.01 2.38 37.66
C SER G 132 -13.96 3.24 36.95
N GLY G 133 -13.40 4.22 37.66
CA GLY G 133 -12.63 5.28 37.02
C GLY G 133 -11.47 4.79 36.17
N SER G 134 -11.26 3.48 36.10
CA SER G 134 -10.16 2.92 35.34
C SER G 134 -10.24 3.31 33.86
N TYR G 135 -9.20 3.98 33.38
CA TYR G 135 -9.10 4.29 31.96
C TYR G 135 -8.96 3.03 31.11
N LEU G 136 -8.26 2.02 31.62
CA LEU G 136 -8.18 0.75 30.90
C LEU G 136 -9.55 0.09 30.77
N PHE G 137 -10.31 0.07 31.86
CA PHE G 137 -11.66 -0.48 31.81
C PHE G 137 -12.53 0.31 30.84
N THR G 138 -12.37 1.63 30.83
CA THR G 138 -13.10 2.44 29.85
C THR G 138 -12.71 2.05 28.43
N ALA G 139 -11.42 2.03 28.13
CA ALA G 139 -10.94 1.70 26.79
C ALA G 139 -11.43 0.33 26.34
N ILE G 140 -11.60 -0.61 27.27
CA ILE G 140 -12.02 -1.96 26.87
C ILE G 140 -13.54 -2.06 26.76
N VAL G 141 -14.29 -1.65 27.78
CA VAL G 141 -15.73 -1.88 27.83
C VAL G 141 -16.49 -0.73 27.19
N GLY G 142 -16.19 0.50 27.59
CA GLY G 142 -16.91 1.64 27.07
C GLY G 142 -16.70 1.84 25.58
N ALA G 143 -15.47 1.63 25.11
CA ALA G 143 -15.21 1.73 23.68
C ALA G 143 -15.89 0.60 22.91
N MET G 144 -15.93 -0.60 23.50
CA MET G 144 -16.73 -1.68 22.95
C MET G 144 -18.18 -1.26 22.75
N GLY G 145 -18.77 -0.69 23.80
CA GLY G 145 -20.15 -0.25 23.71
C GLY G 145 -20.34 0.88 22.71
N TRP G 146 -19.38 1.81 22.67
CA TRP G 146 -19.42 2.91 21.70
C TRP G 146 -19.44 2.39 20.28
N GLY G 147 -18.59 1.40 19.99
CA GLY G 147 -18.61 0.81 18.66
C GLY G 147 -19.87 0.01 18.37
N LEU G 148 -20.37 -0.72 19.38
CA LEU G 148 -21.49 -1.62 19.14
C LEU G 148 -22.82 -0.90 19.01
N ILE G 149 -23.01 0.21 19.74
CA ILE G 149 -24.31 0.87 19.78
C ILE G 149 -24.51 1.86 18.63
N PHE G 150 -23.51 2.06 17.78
CA PHE G 150 -23.62 3.06 16.72
C PHE G 150 -24.78 2.74 15.77
N TYR G 151 -24.73 1.58 15.13
CA TYR G 151 -25.78 1.21 14.18
C TYR G 151 -27.16 1.10 14.81
N PRO G 152 -27.34 0.40 15.94
CA PRO G 152 -28.68 0.40 16.56
C PRO G 152 -29.15 1.79 16.96
N GLY G 153 -28.24 2.68 17.34
CA GLY G 153 -28.63 4.04 17.67
C GLY G 153 -29.16 4.81 16.48
N ASN G 154 -28.61 4.56 15.29
CA ASN G 154 -29.02 5.25 14.08
C ASN G 154 -30.11 4.52 13.32
N TRP G 155 -30.44 3.28 13.69
CA TRP G 155 -31.47 2.54 12.97
C TRP G 155 -32.83 3.21 12.96
N PRO G 156 -33.34 3.81 14.04
CA PRO G 156 -34.64 4.50 13.95
C PRO G 156 -34.66 5.61 12.92
N ILE G 157 -33.52 6.23 12.62
CA ILE G 157 -33.48 7.32 11.65
C ILE G 157 -33.45 6.78 10.23
N ILE G 158 -32.60 5.79 9.97
CA ILE G 158 -32.37 5.34 8.60
C ILE G 158 -33.27 4.20 8.15
N ALA G 159 -33.95 3.54 9.07
CA ALA G 159 -34.84 2.43 8.76
C ALA G 159 -35.94 2.82 7.76
N PRO G 160 -36.62 3.96 7.92
CA PRO G 160 -37.61 4.35 6.91
C PRO G 160 -37.02 4.57 5.52
N LEU G 161 -35.74 4.88 5.42
CA LEU G 161 -35.08 5.09 4.13
C LEU G 161 -34.68 3.78 3.48
N HIS G 162 -34.86 2.65 4.15
CA HIS G 162 -34.49 1.34 3.61
C HIS G 162 -35.71 0.56 3.13
N VAL G 163 -36.87 1.19 3.06
CA VAL G 163 -38.05 0.54 2.51
C VAL G 163 -37.82 0.26 1.03
N PRO G 164 -38.04 -0.96 0.56
CA PRO G 164 -37.75 -1.26 -0.85
C PRO G 164 -38.74 -0.58 -1.77
N VAL G 165 -38.24 -0.16 -2.93
CA VAL G 165 -39.05 0.50 -3.95
C VAL G 165 -38.73 -0.11 -5.30
N GLU G 166 -39.77 -0.37 -6.09
CA GLU G 166 -39.61 -0.83 -7.47
C GLU G 166 -39.48 0.39 -8.34
N TYR G 167 -38.25 0.74 -8.73
CA TYR G 167 -37.96 1.98 -9.42
C TYR G 167 -37.50 1.70 -10.84
N ASN G 168 -38.42 1.87 -11.80
CA ASN G 168 -38.12 1.76 -13.23
C ASN G 168 -37.46 0.42 -13.57
N GLY G 169 -38.02 -0.66 -13.03
CA GLY G 169 -37.54 -1.99 -13.33
C GLY G 169 -36.46 -2.52 -12.42
N MET G 170 -35.87 -1.68 -11.57
CA MET G 170 -34.79 -2.08 -10.69
C MET G 170 -35.20 -1.89 -9.24
N LEU G 171 -34.73 -2.78 -8.36
CA LEU G 171 -35.01 -2.65 -6.94
C LEU G 171 -34.06 -1.62 -6.34
N MET G 172 -34.64 -0.66 -5.62
CA MET G 172 -33.85 0.39 -4.97
C MET G 172 -34.47 0.74 -3.64
N SER G 173 -33.62 1.03 -2.66
CA SER G 173 -34.10 1.58 -1.40
C SER G 173 -34.40 3.06 -1.58
N ILE G 174 -35.11 3.62 -0.60
CA ILE G 174 -35.45 5.04 -0.65
C ILE G 174 -34.19 5.90 -0.63
N ALA G 175 -33.20 5.51 0.16
CA ALA G 175 -31.93 6.23 0.16
C ALA G 175 -31.24 6.12 -1.18
N ASP G 176 -31.32 4.95 -1.83
CA ASP G 176 -30.77 4.80 -3.17
C ASP G 176 -31.43 5.75 -4.14
N ILE G 177 -32.76 5.88 -4.06
CA ILE G 177 -33.47 6.79 -4.96
C ILE G 177 -33.11 8.24 -4.65
N GLN G 178 -32.90 8.55 -3.37
CA GLN G 178 -32.46 9.90 -3.01
C GLN G 178 -31.13 10.23 -3.66
N GLY G 179 -30.17 9.32 -3.53
CA GLY G 179 -28.87 9.53 -4.15
C GLY G 179 -28.94 9.60 -5.67
N TYR G 180 -29.83 8.82 -6.26
CA TYR G 180 -30.02 8.85 -7.71
C TYR G 180 -30.63 10.17 -8.17
N ASN G 181 -31.70 10.61 -7.53
CA ASN G 181 -32.45 11.78 -7.95
C ASN G 181 -31.68 13.06 -7.69
N TYR G 182 -31.22 13.26 -6.46
CA TYR G 182 -30.58 14.51 -6.11
C TYR G 182 -29.13 14.50 -6.56
N VAL G 183 -28.88 15.05 -7.74
CA VAL G 183 -27.62 14.87 -8.44
C VAL G 183 -26.49 15.52 -7.65
N ARG G 184 -25.44 14.75 -7.39
CA ARG G 184 -24.20 15.25 -6.84
C ARG G 184 -23.18 15.21 -7.98
N THR G 185 -22.95 16.36 -8.60
CA THR G 185 -22.07 16.42 -9.76
C THR G 185 -20.66 15.95 -9.42
N GLY G 186 -20.15 16.36 -8.26
CA GLY G 186 -18.84 15.96 -7.83
C GLY G 186 -18.74 14.59 -7.19
N THR G 187 -19.87 13.93 -6.95
CA THR G 187 -19.90 12.65 -6.23
C THR G 187 -20.60 11.60 -7.06
N PRO G 188 -19.91 10.99 -8.01
CA PRO G 188 -20.52 9.88 -8.77
C PRO G 188 -20.76 8.66 -7.89
N GLU G 189 -21.58 7.76 -8.40
CA GLU G 189 -22.04 6.62 -7.60
C GLU G 189 -20.89 5.69 -7.24
N TYR G 190 -19.89 5.52 -8.11
CA TYR G 190 -18.84 4.56 -7.83
C TYR G 190 -17.98 4.97 -6.64
N ILE G 191 -17.90 6.27 -6.34
CA ILE G 191 -17.14 6.71 -5.17
C ILE G 191 -17.73 6.12 -3.89
N ARG G 192 -19.03 5.80 -3.90
CA ARG G 192 -19.70 5.25 -2.74
C ARG G 192 -19.02 3.99 -2.23
N MET G 193 -18.41 4.07 -1.05
CA MET G 193 -17.82 2.90 -0.41
C MET G 193 -18.88 2.32 0.52
N VAL G 194 -19.68 1.40 -0.02
CA VAL G 194 -20.77 0.78 0.71
C VAL G 194 -20.68 -0.73 0.53
N GLU G 195 -21.47 -1.45 1.32
CA GLU G 195 -21.53 -2.90 1.19
C GLU G 195 -22.00 -3.28 -0.20
N LYS G 196 -21.22 -4.12 -0.86
CA LYS G 196 -21.54 -4.58 -2.21
C LYS G 196 -21.65 -6.10 -2.30
N GLY G 197 -21.48 -6.82 -1.20
CA GLY G 197 -21.55 -8.27 -1.22
C GLY G 197 -20.23 -8.91 -1.57
N THR G 198 -19.93 -10.04 -0.95
CA THR G 198 -18.74 -10.84 -1.27
C THR G 198 -19.15 -12.31 -1.28
N LEU G 199 -18.30 -13.15 -1.85
CA LEU G 199 -18.50 -14.59 -1.83
C LEU G 199 -18.22 -15.19 -0.46
N ARG G 200 -17.66 -14.41 0.46
CA ARG G 200 -17.36 -14.86 1.81
C ARG G 200 -18.24 -14.13 2.82
N THR G 201 -19.36 -13.58 2.37
CA THR G 201 -20.35 -12.96 3.23
C THR G 201 -21.37 -14.04 3.58
N PHE G 202 -21.24 -14.61 4.78
CA PHE G 202 -22.05 -15.74 5.18
C PHE G 202 -23.31 -15.25 5.91
N GLY G 203 -24.48 -15.60 5.36
CA GLY G 203 -25.74 -15.32 5.99
C GLY G 203 -26.00 -13.85 6.24
N LYS G 204 -26.76 -13.55 7.29
CA LYS G 204 -27.11 -12.17 7.65
C LYS G 204 -26.18 -11.71 8.76
N ASP G 205 -24.95 -11.36 8.37
CA ASP G 205 -23.94 -11.00 9.34
C ASP G 205 -23.25 -9.67 9.07
N VAL G 206 -23.65 -8.93 8.03
CA VAL G 206 -22.88 -7.77 7.59
C VAL G 206 -22.83 -6.71 8.69
N ALA G 207 -24.00 -6.33 9.23
CA ALA G 207 -24.02 -5.28 10.25
C ALA G 207 -23.35 -5.71 11.54
N PRO G 208 -23.67 -6.87 12.15
CA PRO G 208 -23.01 -7.22 13.42
C PRO G 208 -21.50 -7.38 13.30
N VAL G 209 -21.02 -7.97 12.20
CA VAL G 209 -19.59 -8.16 12.03
C VAL G 209 -18.87 -6.81 11.96
N SER G 210 -19.44 -5.88 11.18
CA SER G 210 -18.87 -4.54 11.09
C SER G 210 -18.91 -3.84 12.44
N ALA G 211 -20.00 -4.02 13.19
CA ALA G 211 -20.11 -3.38 14.50
C ALA G 211 -19.04 -3.90 15.46
N PHE G 212 -18.81 -5.22 15.47
CA PHE G 212 -17.80 -5.78 16.37
C PHE G 212 -16.39 -5.38 15.95
N PHE G 213 -16.12 -5.36 14.65
CA PHE G 213 -14.81 -4.88 14.19
C PHE G 213 -14.60 -3.42 14.59
N SER G 214 -15.63 -2.59 14.42
CA SER G 214 -15.54 -1.19 14.84
C SER G 214 -15.33 -1.07 16.34
N ALA G 215 -15.96 -1.93 17.14
CA ALA G 215 -15.77 -1.87 18.58
C ALA G 215 -14.34 -2.23 18.96
N PHE G 216 -13.77 -3.27 18.36
CA PHE G 216 -12.38 -3.63 18.66
C PHE G 216 -11.41 -2.52 18.25
N MET G 217 -11.57 -2.00 17.03
CA MET G 217 -10.70 -0.92 16.60
C MET G 217 -10.92 0.33 17.43
N SER G 218 -12.14 0.53 17.94
CA SER G 218 -12.40 1.64 18.83
C SER G 218 -11.66 1.47 20.15
N ILE G 219 -11.59 0.25 20.68
CA ILE G 219 -10.76 0.00 21.85
C ILE G 219 -9.33 0.43 21.57
N LEU G 220 -8.79 0.01 20.42
CA LEU G 220 -7.40 0.33 20.11
C LEU G 220 -7.19 1.84 19.98
N ILE G 221 -8.10 2.51 19.25
CA ILE G 221 -7.94 3.95 19.01
C ILE G 221 -8.13 4.73 20.30
N TYR G 222 -9.06 4.30 21.15
CA TYR G 222 -9.22 4.95 22.45
C TYR G 222 -7.95 4.81 23.28
N PHE G 223 -7.35 3.62 23.28
CA PHE G 223 -6.12 3.43 24.04
C PHE G 223 -5.02 4.37 23.54
N MET G 224 -4.87 4.48 22.21
CA MET G 224 -3.87 5.39 21.66
C MET G 224 -4.16 6.84 22.00
N TRP G 225 -5.42 7.26 21.87
CA TRP G 225 -5.76 8.67 22.00
C TRP G 225 -5.85 9.12 23.45
N HIS G 226 -6.02 8.19 24.40
CA HIS G 226 -5.88 8.56 25.80
C HIS G 226 -4.49 9.13 26.07
N PHE G 227 -3.46 8.44 25.58
CA PHE G 227 -2.09 8.93 25.76
C PHE G 227 -1.80 10.14 24.87
N ILE G 228 -2.42 10.20 23.69
CA ILE G 228 -2.27 11.41 22.88
C ILE G 228 -2.80 12.63 23.62
N GLY G 229 -3.98 12.51 24.23
CA GLY G 229 -4.51 13.59 25.03
C GLY G 229 -3.69 13.87 26.27
N ARG G 230 -3.11 12.82 26.86
CA ARG G 230 -2.18 13.03 27.97
C ARG G 230 -1.04 13.93 27.57
N TRP G 231 -0.44 13.67 26.40
CA TRP G 231 0.62 14.55 25.91
C TRP G 231 0.10 15.96 25.66
N PHE G 232 -1.06 16.07 24.98
CA PHE G 232 -1.59 17.41 24.60
C PHE G 232 -1.91 18.27 25.83
N SER G 233 -2.02 17.65 27.00
CA SER G 233 -2.31 18.39 28.26
C SER G 233 -1.03 18.99 28.85
N ASN G 234 0.15 18.56 28.38
CA ASN G 234 1.46 19.03 28.95
C ASN G 234 1.43 20.53 29.26
N GLU G 235 1.91 20.91 30.45
CA GLU G 235 2.01 22.32 30.83
C GLU G 235 3.45 22.80 30.80
N ARG G 236 4.24 22.24 29.90
CA ARG G 236 5.67 22.55 29.84
C ARG G 236 5.89 23.94 29.22
N PHE G 237 7.06 24.52 29.56
CA PHE G 237 7.42 25.82 28.96
C PHE G 237 8.63 25.62 28.06
N LEU G 238 8.42 25.19 26.81
CA LEU G 238 9.54 25.06 25.82
C LEU G 238 10.30 26.38 25.77
N GLN G 239 11.43 26.51 26.49
CA GLN G 239 12.14 27.82 26.64
C GLN G 239 12.31 28.62 25.33
N SER G 240 12.56 27.95 24.20
CA SER G 240 12.80 28.65 22.91
C SER G 240 12.29 27.78 21.75
N THR G 241 11.83 28.42 20.67
CA THR G 241 11.24 27.68 19.53
C THR G 241 12.26 27.63 18.39
N LEU H 1 4.29 -28.21 54.44
CA LEU H 1 3.43 -28.57 53.31
C LEU H 1 3.88 -27.87 52.04
N LEU H 2 3.75 -26.54 52.02
CA LEU H 2 4.18 -25.69 50.91
C LEU H 2 3.44 -26.15 49.65
N ASP H 3 4.13 -26.45 48.54
CA ASP H 3 3.49 -26.82 47.29
C ASP H 3 2.67 -28.10 47.44
N LYS H 4 1.36 -28.01 47.24
CA LYS H 4 0.45 -29.13 47.43
C LYS H 4 -0.01 -29.65 46.06
N LYS H 5 -0.95 -30.59 46.05
CA LYS H 5 -1.37 -31.30 44.85
C LYS H 5 -2.41 -30.53 44.04
N TRP H 6 -2.59 -29.23 44.33
CA TRP H 6 -3.45 -28.41 43.48
C TRP H 6 -2.87 -28.24 42.09
N LEU H 7 -1.55 -28.37 41.95
CA LEU H 7 -0.91 -28.30 40.64
C LEU H 7 -1.32 -29.46 39.76
N THR H 8 -1.41 -30.66 40.34
CA THR H 8 -1.86 -31.82 39.58
C THR H 8 -3.26 -31.62 39.04
N PHE H 9 -4.16 -31.11 39.88
CA PHE H 9 -5.52 -30.80 39.42
C PHE H 9 -5.50 -29.72 38.35
N ALA H 10 -4.66 -28.70 38.53
CA ALA H 10 -4.60 -27.61 37.56
C ALA H 10 -4.23 -28.13 36.18
N LEU H 11 -3.23 -29.01 36.11
CA LEU H 11 -2.90 -29.62 34.83
C LEU H 11 -4.00 -30.54 34.33
N ALA H 12 -4.53 -31.40 35.21
CA ALA H 12 -5.40 -32.48 34.78
C ALA H 12 -6.75 -31.98 34.29
N ILE H 13 -7.28 -30.94 34.93
CA ILE H 13 -8.61 -30.47 34.54
C ILE H 13 -8.59 -29.93 33.11
N TYR H 14 -7.60 -29.12 32.79
CA TYR H 14 -7.48 -28.61 31.42
C TYR H 14 -7.20 -29.75 30.45
N THR H 15 -6.29 -30.66 30.81
CA THR H 15 -5.96 -31.76 29.91
C THR H 15 -7.20 -32.60 29.60
N VAL H 16 -7.96 -32.99 30.62
CA VAL H 16 -9.09 -33.87 30.43
C VAL H 16 -10.21 -33.14 29.68
N PHE H 17 -10.52 -31.91 30.07
CA PHE H 17 -11.59 -31.18 29.42
C PHE H 17 -11.29 -30.96 27.94
N TYR H 18 -10.04 -30.57 27.63
CA TYR H 18 -9.71 -30.32 26.24
C TYR H 18 -9.55 -31.60 25.42
N LEU H 19 -9.14 -32.70 26.05
CA LEU H 19 -9.17 -33.99 25.35
C LEU H 19 -10.60 -34.38 25.01
N TRP H 20 -11.53 -34.18 25.94
CA TRP H 20 -12.93 -34.45 25.63
C TRP H 20 -13.46 -33.52 24.54
N VAL H 21 -13.07 -32.25 24.57
CA VAL H 21 -13.48 -31.30 23.54
C VAL H 21 -12.95 -31.74 22.18
N ARG H 22 -11.70 -32.19 22.12
CA ARG H 22 -11.13 -32.68 20.88
C ARG H 22 -11.87 -33.93 20.40
N TRP H 23 -12.23 -34.82 21.31
CA TRP H 23 -13.03 -35.99 20.93
C TRP H 23 -14.38 -35.57 20.36
N TYR H 24 -15.03 -34.59 21.01
CA TYR H 24 -16.32 -34.09 20.57
C TYR H 24 -16.23 -33.51 19.17
N GLU H 25 -15.19 -32.70 18.92
CA GLU H 25 -15.08 -32.08 17.60
C GLU H 25 -14.61 -33.07 16.55
N GLY H 26 -13.88 -34.12 16.94
CA GLY H 26 -13.59 -35.19 16.02
C GLY H 26 -14.81 -35.98 15.62
N VAL H 27 -15.74 -36.18 16.57
CA VAL H 27 -16.97 -36.89 16.28
C VAL H 27 -17.97 -36.05 15.50
N TYR H 28 -18.11 -34.77 15.82
CA TYR H 28 -19.15 -33.91 15.23
C TYR H 28 -18.58 -32.83 14.33
N GLY H 29 -17.34 -32.97 13.86
CA GLY H 29 -16.79 -32.00 12.94
C GLY H 29 -17.49 -32.07 11.60
N TRP H 30 -17.27 -33.18 10.89
CA TRP H 30 -18.17 -33.58 9.83
C TRP H 30 -19.43 -34.12 10.47
N SER H 31 -20.47 -34.33 9.66
CA SER H 31 -21.66 -35.02 10.20
C SER H 31 -22.27 -34.24 11.35
N ALA H 32 -23.02 -33.17 11.05
CA ALA H 32 -23.49 -32.19 12.04
C ALA H 32 -22.37 -31.26 12.49
N GLY H 33 -22.00 -30.33 11.60
CA GLY H 33 -20.91 -29.40 11.81
C GLY H 33 -20.24 -28.92 10.55
N LEU H 34 -20.64 -29.48 9.40
CA LEU H 34 -20.18 -28.96 8.12
C LEU H 34 -21.15 -27.92 7.55
N ASP H 35 -22.45 -28.19 7.65
CA ASP H 35 -23.47 -27.29 7.11
C ASP H 35 -24.04 -26.46 8.25
N SER H 36 -23.78 -25.16 8.22
CA SER H 36 -24.19 -24.26 9.30
C SER H 36 -25.68 -23.96 9.30
N PHE H 37 -26.41 -24.33 8.24
CA PHE H 37 -27.85 -24.13 8.20
C PHE H 37 -28.63 -25.42 8.37
N ALA H 38 -27.96 -26.54 8.61
CA ALA H 38 -28.64 -27.79 8.90
C ALA H 38 -29.17 -27.79 10.32
N PRO H 39 -30.30 -28.46 10.57
CA PRO H 39 -30.84 -28.50 11.93
C PRO H 39 -29.91 -29.13 12.95
N GLU H 40 -29.16 -30.17 12.55
CA GLU H 40 -28.23 -30.82 13.46
C GLU H 40 -27.08 -29.93 13.87
N PHE H 41 -26.69 -28.97 13.02
CA PHE H 41 -25.69 -27.99 13.42
C PHE H 41 -26.16 -27.18 14.61
N GLU H 42 -27.43 -26.77 14.63
CA GLU H 42 -27.99 -26.06 15.77
C GLU H 42 -27.94 -26.87 17.05
N THR H 43 -28.22 -28.17 17.00
CA THR H 43 -28.23 -29.00 18.19
C THR H 43 -26.85 -29.43 18.65
N TYR H 44 -25.85 -29.43 17.78
CA TYR H 44 -24.53 -29.91 18.17
C TYR H 44 -23.47 -28.83 18.30
N TRP H 45 -23.63 -27.66 17.69
CA TRP H 45 -22.63 -26.63 17.79
C TRP H 45 -23.16 -25.27 18.23
N MET H 46 -24.35 -24.88 17.78
CA MET H 46 -24.94 -23.64 18.29
C MET H 46 -25.33 -23.80 19.76
N ASN H 47 -25.90 -24.95 20.12
CA ASN H 47 -26.17 -25.23 21.53
C ASN H 47 -24.88 -25.27 22.34
N PHE H 48 -23.83 -25.85 21.76
CA PHE H 48 -22.52 -25.84 22.41
C PHE H 48 -22.05 -24.42 22.66
N LEU H 49 -22.19 -23.55 21.67
CA LEU H 49 -21.79 -22.16 21.81
C LEU H 49 -22.56 -21.46 22.91
N TYR H 50 -23.89 -21.63 22.92
CA TYR H 50 -24.73 -20.98 23.93
C TYR H 50 -24.36 -21.48 25.33
N THR H 51 -24.27 -22.79 25.50
CA THR H 51 -23.97 -23.37 26.81
C THR H 51 -22.59 -22.93 27.29
N GLU H 52 -21.60 -22.96 26.40
CA GLU H 52 -20.25 -22.59 26.81
C GLU H 52 -20.16 -21.12 27.14
N ILE H 53 -20.86 -20.24 26.41
CA ILE H 53 -20.82 -18.82 26.75
C ILE H 53 -21.46 -18.57 28.10
N VAL H 54 -22.63 -19.19 28.35
CA VAL H 54 -23.29 -19.00 29.64
C VAL H 54 -22.43 -19.54 30.78
N LEU H 55 -21.86 -20.73 30.60
CA LEU H 55 -21.04 -21.32 31.64
C LEU H 55 -19.77 -20.51 31.89
N GLU H 56 -19.17 -19.97 30.82
CA GLU H 56 -17.97 -19.15 30.99
C GLU H 56 -18.29 -17.88 31.75
N ILE H 57 -19.41 -17.23 31.41
CA ILE H 57 -19.79 -16.02 32.13
C ILE H 57 -20.03 -16.33 33.61
N VAL H 58 -20.77 -17.40 33.89
CA VAL H 58 -21.07 -17.76 35.27
C VAL H 58 -19.80 -18.11 36.04
N THR H 59 -18.93 -18.92 35.42
CA THR H 59 -17.71 -19.34 36.10
C THR H 59 -16.77 -18.16 36.35
N ALA H 60 -16.62 -17.27 35.36
CA ALA H 60 -15.80 -16.10 35.55
C ALA H 60 -16.34 -15.24 36.68
N SER H 61 -17.64 -14.97 36.68
CA SER H 61 -18.22 -14.15 37.74
C SER H 61 -18.00 -14.78 39.11
N ILE H 62 -18.29 -16.07 39.23
CA ILE H 62 -18.19 -16.74 40.53
C ILE H 62 -16.74 -16.76 41.02
N LEU H 63 -15.82 -17.17 40.15
CA LEU H 63 -14.42 -17.31 40.53
C LEU H 63 -13.82 -15.96 40.91
N TRP H 64 -13.99 -14.95 40.04
CA TRP H 64 -13.42 -13.64 40.32
C TRP H 64 -14.05 -13.02 41.56
N GLY H 65 -15.37 -13.16 41.72
CA GLY H 65 -16.01 -12.61 42.90
C GLY H 65 -15.56 -13.28 44.19
N TYR H 66 -15.41 -14.60 44.16
CA TYR H 66 -14.93 -15.30 45.34
C TYR H 66 -13.51 -14.89 45.68
N LEU H 67 -12.64 -14.80 44.66
CA LEU H 67 -11.26 -14.41 44.91
C LEU H 67 -11.17 -13.00 45.47
N TRP H 68 -11.99 -12.09 44.97
CA TRP H 68 -11.99 -10.72 45.47
C TRP H 68 -12.63 -10.59 46.84
N LYS H 69 -13.68 -11.38 47.13
CA LYS H 69 -14.35 -11.30 48.42
C LYS H 69 -13.50 -11.92 49.54
N THR H 70 -12.79 -13.01 49.24
CA THR H 70 -11.90 -13.64 50.20
C THR H 70 -10.51 -13.02 50.22
N ARG H 71 -10.39 -11.77 49.76
CA ARG H 71 -9.09 -11.11 49.75
C ARG H 71 -8.61 -10.87 51.18
N ASP H 72 -7.30 -10.97 51.36
CA ASP H 72 -6.71 -10.84 52.70
C ASP H 72 -6.65 -9.37 53.08
N ARG H 73 -7.43 -8.98 54.08
CA ARG H 73 -7.44 -7.61 54.56
C ARG H 73 -6.19 -7.26 55.34
N ASN H 74 -5.73 -8.15 56.21
CA ASN H 74 -4.55 -7.92 57.05
C ASN H 74 -3.34 -8.58 56.40
N LEU H 75 -2.87 -7.99 55.30
CA LEU H 75 -1.69 -8.52 54.63
C LEU H 75 -0.41 -8.25 55.43
N ALA H 76 -0.44 -7.25 56.31
CA ALA H 76 0.76 -6.90 57.08
C ALA H 76 1.14 -8.03 58.03
N ALA H 77 0.16 -8.63 58.69
CA ALA H 77 0.42 -9.69 59.68
C ALA H 77 0.41 -11.07 59.01
N LEU H 78 1.21 -11.20 57.97
CA LEU H 78 1.35 -12.46 57.24
C LEU H 78 2.76 -13.00 57.47
N THR H 79 2.84 -14.22 57.99
CA THR H 79 4.14 -14.79 58.32
C THR H 79 4.90 -15.16 57.04
N PRO H 80 6.23 -15.21 57.08
CA PRO H 80 6.99 -15.61 55.88
C PRO H 80 6.66 -17.01 55.38
N ARG H 81 6.36 -17.95 56.27
CA ARG H 81 6.00 -19.29 55.84
C ARG H 81 4.67 -19.29 55.07
N GLU H 82 3.68 -18.58 55.60
CA GLU H 82 2.41 -18.45 54.90
C GLU H 82 2.58 -17.70 53.59
N GLU H 83 3.47 -16.70 53.56
CA GLU H 83 3.75 -15.99 52.32
C GLU H 83 4.37 -16.92 51.28
N LEU H 84 5.27 -17.80 51.72
CA LEU H 84 5.86 -18.78 50.81
C LEU H 84 4.80 -19.73 50.26
N ARG H 85 3.89 -20.19 51.14
CA ARG H 85 2.81 -21.06 50.69
C ARG H 85 1.92 -20.35 49.67
N ARG H 86 1.59 -19.09 49.93
CA ARG H 86 0.75 -18.33 49.00
C ARG H 86 1.49 -18.07 47.70
N ASN H 87 2.81 -17.87 47.75
CA ASN H 87 3.60 -17.72 46.54
C ASN H 87 3.56 -18.99 45.71
N PHE H 88 3.66 -20.15 46.36
CA PHE H 88 3.53 -21.40 45.63
C PHE H 88 2.15 -21.57 45.01
N THR H 89 1.11 -21.19 45.75
CA THR H 89 -0.24 -21.25 45.18
C THR H 89 -0.38 -20.33 43.98
N HIS H 90 0.19 -19.13 44.06
CA HIS H 90 0.17 -18.22 42.92
C HIS H 90 0.96 -18.79 41.74
N LEU H 91 2.06 -19.50 42.03
CA LEU H 91 2.80 -20.16 40.95
C LEU H 91 1.97 -21.26 40.31
N VAL H 92 1.16 -21.96 41.11
CA VAL H 92 0.24 -22.95 40.56
C VAL H 92 -0.79 -22.26 39.65
N TRP H 93 -1.28 -21.10 40.07
CA TRP H 93 -2.19 -20.33 39.23
C TRP H 93 -1.52 -19.94 37.92
N LEU H 94 -0.26 -19.52 37.99
CA LEU H 94 0.48 -19.16 36.78
C LEU H 94 0.70 -20.37 35.88
N VAL H 95 0.93 -21.54 36.47
CA VAL H 95 1.07 -22.77 35.69
C VAL H 95 -0.23 -23.09 34.97
N ALA H 96 -1.36 -22.96 35.67
CA ALA H 96 -2.65 -23.17 35.03
C ALA H 96 -2.88 -22.16 33.91
N TYR H 97 -2.48 -20.91 34.12
CA TYR H 97 -2.59 -19.90 33.07
C TYR H 97 -1.74 -20.25 31.86
N ALA H 98 -0.52 -20.72 32.09
CA ALA H 98 0.35 -21.11 30.98
C ALA H 98 -0.23 -22.29 30.21
N TRP H 99 -0.78 -23.27 30.92
CA TRP H 99 -1.38 -24.43 30.27
C TRP H 99 -2.59 -24.01 29.44
N ALA H 100 -3.45 -23.16 30.00
CA ALA H 100 -4.61 -22.67 29.26
C ALA H 100 -4.20 -21.82 28.06
N ILE H 101 -3.16 -21.01 28.22
CA ILE H 101 -2.65 -20.19 27.13
C ILE H 101 -2.15 -21.09 26.00
N TYR H 102 -1.42 -22.16 26.35
CA TYR H 102 -1.00 -23.11 25.34
C TYR H 102 -2.21 -23.67 24.60
N TRP H 103 -3.17 -24.21 25.35
CA TRP H 103 -4.31 -24.87 24.72
C TRP H 103 -5.08 -23.92 23.82
N GLY H 104 -5.23 -22.66 24.24
CA GLY H 104 -5.96 -21.69 23.46
C GLY H 104 -5.21 -21.17 22.25
N ALA H 105 -4.00 -20.65 22.46
CA ALA H 105 -3.29 -19.91 21.44
C ALA H 105 -2.40 -20.76 20.55
N SER H 106 -2.19 -22.04 20.87
CA SER H 106 -1.42 -22.89 19.97
C SER H 106 -2.28 -24.00 19.39
N TYR H 107 -2.82 -24.87 20.23
CA TYR H 107 -3.53 -26.07 19.79
C TYR H 107 -4.75 -25.69 18.97
N PHE H 108 -5.71 -25.01 19.58
CA PHE H 108 -6.98 -24.76 18.91
C PHE H 108 -6.86 -23.67 17.85
N THR H 109 -5.86 -22.80 17.97
CA THR H 109 -5.65 -21.80 16.95
C THR H 109 -5.13 -22.43 15.65
N GLU H 110 -4.04 -23.20 15.77
CA GLU H 110 -3.46 -23.88 14.57
C GLU H 110 -4.40 -25.01 14.16
N GLN H 111 -5.23 -25.51 15.08
CA GLN H 111 -6.24 -26.54 14.71
C GLN H 111 -7.11 -25.94 13.60
N ASP H 112 -7.13 -24.62 13.47
CA ASP H 112 -7.91 -23.96 12.40
C ASP H 112 -7.07 -23.98 11.12
N GLY H 113 -5.77 -23.78 11.25
CA GLY H 113 -4.92 -23.95 10.06
C GLY H 113 -5.24 -25.32 9.52
N THR H 114 -6.03 -26.09 10.29
CA THR H 114 -6.41 -27.46 9.84
C THR H 114 -7.91 -27.49 9.50
N TRP H 115 -8.74 -26.61 10.07
CA TRP H 115 -10.20 -26.75 9.75
C TRP H 115 -10.56 -25.97 8.48
N HIS H 116 -10.20 -24.68 8.43
CA HIS H 116 -10.59 -23.86 7.27
C HIS H 116 -9.78 -24.27 6.04
N GLN H 117 -8.47 -24.38 6.24
CA GLN H 117 -7.59 -24.80 5.10
C GLN H 117 -8.18 -26.03 4.41
N THR H 118 -9.15 -26.69 5.05
CA THR H 118 -9.73 -27.95 4.49
C THR H 118 -11.18 -27.74 4.07
N ILE H 119 -11.94 -26.87 4.74
CA ILE H 119 -13.35 -26.77 4.40
C ILE H 119 -13.64 -25.34 3.95
N VAL H 120 -14.81 -25.17 3.32
CA VAL H 120 -15.24 -23.80 2.90
C VAL H 120 -16.11 -23.26 4.04
N ARG H 121 -15.66 -22.19 4.70
CA ARG H 121 -16.41 -21.66 5.86
C ARG H 121 -17.90 -21.54 5.54
N ASP H 122 -18.74 -21.63 6.57
CA ASP H 122 -20.19 -21.45 6.35
C ASP H 122 -20.71 -20.39 7.31
N THR H 123 -19.84 -19.81 8.15
CA THR H 123 -20.40 -18.87 9.11
C THR H 123 -19.28 -18.33 9.97
N ASP H 124 -19.62 -17.37 10.82
CA ASP H 124 -18.69 -16.88 11.83
C ASP H 124 -18.60 -17.81 13.03
N PHE H 125 -19.38 -18.89 12.98
CA PHE H 125 -19.40 -19.87 14.10
C PHE H 125 -19.01 -21.25 13.59
N THR H 126 -17.80 -21.38 13.05
CA THR H 126 -17.31 -22.73 12.63
C THR H 126 -17.22 -23.58 13.91
N PRO H 127 -17.58 -24.88 13.91
CA PRO H 127 -17.56 -25.67 15.14
C PRO H 127 -16.24 -25.39 15.86
N SER H 128 -15.15 -25.30 15.09
CA SER H 128 -13.80 -25.05 15.66
C SER H 128 -13.77 -23.67 16.31
N HIS H 129 -14.37 -22.66 15.67
CA HIS H 129 -14.48 -21.32 16.32
C HIS H 129 -15.25 -21.51 17.62
N ILE H 130 -16.35 -22.27 17.57
CA ILE H 130 -17.14 -22.58 18.79
C ILE H 130 -16.20 -23.26 19.80
N ILE H 131 -15.02 -23.68 19.34
CA ILE H 131 -14.06 -24.25 20.29
C ILE H 131 -12.94 -23.27 20.62
N GLU H 132 -12.34 -22.65 19.60
CA GLU H 132 -11.17 -21.77 19.86
C GLU H 132 -11.63 -20.49 20.57
N PHE H 133 -12.16 -19.53 19.81
CA PHE H 133 -12.53 -18.23 20.40
C PHE H 133 -13.55 -18.32 21.53
N TYR H 134 -14.50 -19.25 21.47
CA TYR H 134 -15.54 -19.26 22.54
C TYR H 134 -15.24 -20.33 23.59
N LEU H 135 -13.97 -20.70 23.76
CA LEU H 135 -13.60 -21.68 24.82
C LEU H 135 -12.09 -21.60 25.07
N SER H 136 -11.28 -21.89 24.05
CA SER H 136 -9.81 -21.84 24.20
C SER H 136 -9.34 -20.42 24.54
N TYR H 137 -10.23 -19.42 24.42
CA TYR H 137 -9.86 -18.04 24.73
C TYR H 137 -10.54 -17.55 26.01
N PRO H 138 -11.86 -17.69 26.19
CA PRO H 138 -12.44 -17.31 27.48
C PRO H 138 -11.87 -18.10 28.64
N ILE H 139 -11.54 -19.37 28.46
CA ILE H 139 -11.01 -20.17 29.56
C ILE H 139 -9.66 -19.61 30.01
N TYR H 140 -8.77 -19.33 29.06
CA TYR H 140 -7.47 -18.80 29.48
C TYR H 140 -7.60 -17.38 30.00
N ILE H 141 -8.57 -16.61 29.50
CA ILE H 141 -8.80 -15.27 30.05
C ILE H 141 -9.25 -15.36 31.50
N ILE H 142 -10.17 -16.28 31.79
CA ILE H 142 -10.63 -16.47 33.15
C ILE H 142 -9.48 -16.89 34.05
N THR H 143 -8.65 -17.82 33.59
CA THR H 143 -7.52 -18.28 34.39
C THR H 143 -6.54 -17.15 34.65
N GLY H 144 -6.24 -16.34 33.62
CA GLY H 144 -5.31 -15.24 33.81
C GLY H 144 -5.83 -14.19 34.77
N PHE H 145 -7.12 -13.84 34.64
CA PHE H 145 -7.70 -12.88 35.56
C PHE H 145 -7.69 -13.43 36.98
N ALA H 146 -8.00 -14.72 37.15
CA ALA H 146 -7.98 -15.32 38.48
C ALA H 146 -6.58 -15.30 39.07
N ALA H 147 -5.56 -15.62 38.27
CA ALA H 147 -4.19 -15.58 38.78
C ALA H 147 -3.79 -14.16 39.18
N PHE H 148 -4.14 -13.18 38.36
CA PHE H 148 -3.82 -11.79 38.69
C PHE H 148 -4.51 -11.37 39.99
N ILE H 149 -5.78 -11.72 40.13
CA ILE H 149 -6.53 -11.35 41.33
C ILE H 149 -5.94 -12.03 42.56
N TYR H 150 -5.57 -13.31 42.42
CA TYR H 150 -4.97 -14.02 43.54
C TYR H 150 -3.66 -13.36 43.96
N ALA H 151 -2.82 -13.01 42.98
CA ALA H 151 -1.58 -12.31 43.32
C ALA H 151 -1.87 -11.02 44.06
N LYS H 152 -2.77 -10.19 43.51
CA LYS H 152 -3.09 -8.91 44.12
C LYS H 152 -3.69 -9.04 45.51
N THR H 153 -4.44 -10.09 45.78
CA THR H 153 -5.19 -10.20 47.02
C THR H 153 -4.52 -11.08 48.08
N ARG H 154 -3.49 -11.84 47.72
CA ARG H 154 -2.80 -12.66 48.72
C ARG H 154 -1.32 -12.33 48.86
N LEU H 155 -0.68 -11.79 47.82
CA LEU H 155 0.76 -11.55 47.89
C LEU H 155 1.02 -10.09 48.18
N PRO H 156 1.67 -9.75 49.30
CA PRO H 156 1.98 -8.35 49.59
C PRO H 156 2.83 -7.69 48.52
N PHE H 157 3.69 -8.46 47.84
CA PHE H 157 4.50 -7.89 46.76
C PHE H 157 3.61 -7.38 45.63
N PHE H 158 2.59 -8.15 45.26
CA PHE H 158 1.69 -7.76 44.18
C PHE H 158 0.54 -6.90 44.65
N ALA H 159 0.41 -6.66 45.95
CA ALA H 159 -0.56 -5.71 46.48
C ALA H 159 0.01 -4.30 46.31
N LYS H 160 -0.60 -3.33 47.00
CA LYS H 160 -0.23 -1.92 46.97
C LYS H 160 0.16 -1.42 45.58
N GLY H 161 -0.62 -1.81 44.58
CA GLY H 161 -0.37 -1.36 43.22
C GLY H 161 -0.67 -2.40 42.17
N ILE H 162 -0.95 -1.96 40.94
CA ILE H 162 -1.19 -2.87 39.83
C ILE H 162 0.13 -3.06 39.08
N SER H 163 0.61 -4.30 39.04
CA SER H 163 1.85 -4.59 38.34
C SER H 163 1.64 -4.44 36.84
N LEU H 164 2.46 -3.59 36.21
CA LEU H 164 2.34 -3.38 34.78
C LEU H 164 2.60 -4.64 33.96
N PRO H 165 3.68 -5.41 34.20
CA PRO H 165 3.85 -6.64 33.39
C PRO H 165 2.73 -7.65 33.59
N TYR H 166 2.23 -7.80 34.81
CA TYR H 166 1.13 -8.72 35.05
C TYR H 166 -0.13 -8.24 34.35
N LEU H 167 -0.41 -6.94 34.40
CA LEU H 167 -1.57 -6.39 33.73
C LEU H 167 -1.48 -6.61 32.22
N VAL H 168 -0.29 -6.40 31.65
CA VAL H 168 -0.13 -6.65 30.22
C VAL H 168 -0.32 -8.12 29.90
N LEU H 169 0.34 -9.01 30.65
CA LEU H 169 0.22 -10.45 30.42
C LEU H 169 -1.21 -10.93 30.55
N VAL H 170 -2.03 -10.24 31.35
CA VAL H 170 -3.39 -10.69 31.62
C VAL H 170 -4.37 -10.09 30.62
N VAL H 171 -4.11 -8.85 30.19
CA VAL H 171 -5.09 -8.15 29.36
C VAL H 171 -4.80 -8.27 27.87
N GLY H 172 -3.53 -8.32 27.47
CA GLY H 172 -3.18 -8.43 26.07
C GLY H 172 -3.73 -9.68 25.41
N PRO H 173 -3.43 -10.85 25.98
CA PRO H 173 -4.07 -12.07 25.47
C PRO H 173 -5.59 -12.02 25.53
N PHE H 174 -6.15 -11.28 26.48
CA PHE H 174 -7.60 -11.07 26.48
C PHE H 174 -8.05 -10.30 25.25
N MET H 175 -7.26 -9.32 24.81
CA MET H 175 -7.63 -8.50 23.66
C MET H 175 -7.75 -9.31 22.37
N ILE H 176 -7.21 -10.54 22.36
CA ILE H 176 -7.39 -11.41 21.21
C ILE H 176 -8.87 -11.74 21.02
N LEU H 177 -9.62 -11.87 22.12
CA LEU H 177 -11.04 -12.22 22.00
C LEU H 177 -11.86 -11.12 21.29
N PRO H 178 -11.80 -9.85 21.69
CA PRO H 178 -12.47 -8.82 20.88
C PRO H 178 -11.86 -8.67 19.50
N ASN H 179 -10.61 -9.07 19.30
CA ASN H 179 -9.99 -9.02 17.99
C ASN H 179 -10.67 -9.95 16.98
N VAL H 180 -11.47 -10.91 17.46
CA VAL H 180 -12.22 -11.78 16.57
C VAL H 180 -13.11 -10.97 15.65
N GLY H 181 -13.56 -9.78 16.10
CA GLY H 181 -14.31 -8.90 15.22
C GLY H 181 -13.53 -8.54 13.97
N LEU H 182 -12.24 -8.24 14.15
CA LEU H 182 -11.37 -7.92 12.98
C LEU H 182 -11.24 -9.18 12.13
N ASN H 183 -11.09 -10.34 12.77
CA ASN H 183 -10.99 -11.62 12.04
C ASN H 183 -12.21 -11.78 11.14
N GLU H 184 -13.42 -11.70 11.72
CA GLU H 184 -14.67 -11.85 10.93
C GLU H 184 -14.73 -10.76 9.85
N TRP H 185 -14.73 -9.49 10.25
CA TRP H 185 -14.82 -8.36 9.28
C TRP H 185 -13.85 -8.59 8.13
N GLY H 186 -12.59 -8.93 8.45
CA GLY H 186 -11.56 -9.10 7.40
C GLY H 186 -11.48 -10.53 6.89
N HIS H 187 -12.57 -11.29 6.95
CA HIS H 187 -12.60 -12.64 6.34
C HIS H 187 -13.68 -12.55 5.26
N THR H 188 -14.88 -12.15 5.72
CA THR H 188 -16.04 -11.98 4.81
C THR H 188 -15.78 -10.81 3.87
N PHE H 189 -15.61 -9.59 4.40
CA PHE H 189 -15.24 -8.49 3.48
C PHE H 189 -13.77 -8.68 3.08
N TRP H 190 -12.88 -7.78 3.52
CA TRP H 190 -11.43 -7.80 3.15
C TRP H 190 -10.83 -9.21 3.18
N PHE H 191 -10.30 -9.70 2.05
CA PHE H 191 -9.58 -11.01 1.99
C PHE H 191 -10.52 -12.22 2.01
N MET H 192 -10.82 -12.79 0.84
CA MET H 192 -11.61 -14.04 0.77
C MET H 192 -10.63 -15.22 0.67
N GLU H 193 -9.34 -14.93 0.54
CA GLU H 193 -8.31 -16.01 0.53
C GLU H 193 -8.17 -16.55 1.95
N GLU H 194 -7.99 -17.87 2.11
CA GLU H 194 -7.83 -18.48 3.45
C GLU H 194 -6.40 -18.26 3.95
N LEU H 195 -5.71 -17.26 3.41
CA LEU H 195 -4.29 -16.99 3.82
C LEU H 195 -4.23 -16.86 5.35
N PHE H 196 -3.48 -17.75 6.00
CA PHE H 196 -3.34 -17.68 7.47
C PHE H 196 -2.47 -16.49 7.88
N VAL H 197 -1.59 -16.03 6.98
CA VAL H 197 -0.65 -14.93 7.33
C VAL H 197 -1.21 -13.60 6.82
N ALA H 198 -2.50 -13.58 6.44
CA ALA H 198 -3.09 -12.33 5.99
C ALA H 198 -3.07 -11.29 7.10
N PRO H 199 -3.02 -9.98 6.74
CA PRO H 199 -3.01 -8.88 7.73
C PRO H 199 -4.21 -8.97 8.67
N LEU H 200 -5.20 -9.82 8.35
CA LEU H 200 -6.39 -10.00 9.21
C LEU H 200 -6.01 -10.96 10.35
N HIS H 201 -4.71 -11.12 10.56
CA HIS H 201 -4.24 -12.03 11.63
C HIS H 201 -3.20 -11.29 12.48
N TYR H 202 -2.82 -10.07 12.07
CA TYR H 202 -1.90 -9.25 12.87
C TYR H 202 -2.65 -8.77 14.10
N GLY H 203 -3.81 -9.39 14.37
CA GLY H 203 -4.62 -8.91 15.49
C GLY H 203 -4.45 -9.84 16.64
N PHE H 204 -4.32 -11.12 16.30
CA PHE H 204 -3.98 -12.05 17.38
C PHE H 204 -2.50 -11.90 17.51
N VAL H 205 -1.84 -11.52 16.39
CA VAL H 205 -0.36 -11.52 16.65
C VAL H 205 0.01 -10.39 17.62
N ILE H 206 -0.35 -9.14 17.30
CA ILE H 206 0.06 -8.01 18.13
C ILE H 206 -0.22 -8.30 19.59
N PHE H 207 -1.43 -8.77 19.88
CA PHE H 207 -1.82 -9.07 21.26
C PHE H 207 -1.29 -10.40 21.75
N GLY H 208 -0.88 -11.30 20.85
CA GLY H 208 -0.09 -12.44 21.27
C GLY H 208 1.29 -12.04 21.76
N TRP H 209 1.84 -10.94 21.23
CA TRP H 209 3.12 -10.44 21.72
C TRP H 209 3.05 -10.04 23.18
N LEU H 210 1.91 -9.52 23.63
CA LEU H 210 1.79 -9.03 25.01
C LEU H 210 1.95 -10.14 26.03
N ALA H 211 1.82 -11.40 25.62
CA ALA H 211 2.12 -12.51 26.50
C ALA H 211 3.59 -12.57 26.90
N LEU H 212 4.47 -11.88 26.17
CA LEU H 212 5.87 -11.78 26.55
C LEU H 212 6.06 -11.04 27.86
N ALA H 213 5.04 -10.31 28.33
CA ALA H 213 5.10 -9.70 29.65
C ALA H 213 5.17 -10.73 30.77
N VAL H 214 5.02 -12.01 30.45
CA VAL H 214 5.22 -13.06 31.44
C VAL H 214 6.64 -13.03 31.99
N MET H 215 7.58 -12.46 31.23
CA MET H 215 8.96 -12.38 31.69
C MET H 215 9.08 -11.43 32.89
N GLY H 216 8.53 -10.22 32.75
CA GLY H 216 8.49 -9.31 33.87
C GLY H 216 7.61 -9.82 35.00
N THR H 217 6.50 -10.45 34.65
CA THR H 217 5.64 -11.03 35.66
C THR H 217 6.40 -12.07 36.49
N LEU H 218 7.19 -12.92 35.82
CA LEU H 218 7.87 -14.01 36.51
C LEU H 218 9.05 -13.51 37.33
N THR H 219 9.76 -12.47 36.86
CA THR H 219 10.78 -11.92 37.75
C THR H 219 10.14 -11.24 38.95
N GLN H 220 8.96 -10.65 38.77
CA GLN H 220 8.22 -10.11 39.92
C GLN H 220 7.84 -11.23 40.90
N THR H 221 7.35 -12.37 40.39
CA THR H 221 7.02 -13.48 41.27
C THR H 221 8.26 -14.07 41.93
N PHE H 222 9.40 -14.05 41.24
CA PHE H 222 10.65 -14.50 41.86
C PHE H 222 11.02 -13.61 43.03
N TYR H 223 10.91 -12.29 42.84
CA TYR H 223 11.17 -11.37 43.94
C TYR H 223 10.18 -11.56 45.09
N SER H 224 8.91 -11.81 44.75
CA SER H 224 7.90 -12.07 45.78
C SER H 224 8.21 -13.36 46.54
N PHE H 225 8.67 -14.39 45.84
CA PHE H 225 9.11 -15.62 46.48
C PHE H 225 10.28 -15.34 47.42
N ALA H 226 11.25 -14.56 46.97
CA ALA H 226 12.45 -14.26 47.74
C ALA H 226 12.30 -12.98 48.55
N GLN H 227 11.24 -12.88 49.35
CA GLN H 227 11.03 -11.69 50.19
C GLN H 227 11.58 -11.93 51.59
N GLY H 228 10.98 -12.86 52.32
CA GLY H 228 11.47 -13.21 53.64
C GLY H 228 12.16 -14.56 53.66
N GLY H 229 11.59 -15.52 52.95
CA GLY H 229 12.14 -16.85 52.85
C GLY H 229 13.01 -17.04 51.63
N LEU H 230 13.75 -15.99 51.27
CA LEU H 230 14.67 -16.09 50.14
C LEU H 230 15.75 -17.14 50.37
N GLY H 231 16.02 -17.47 51.64
CA GLY H 231 16.98 -18.49 51.97
C GLY H 231 17.03 -18.71 53.46
N GLN H 232 18.24 -18.88 53.97
CA GLN H 232 19.43 -18.74 53.13
C GLN H 232 19.93 -20.08 52.61
N SER H 233 21.01 -19.98 51.82
CA SER H 233 21.48 -20.96 50.83
C SER H 233 21.76 -20.17 49.56
N LEU H 234 20.70 -19.78 48.87
CA LEU H 234 20.78 -18.84 47.75
C LEU H 234 21.54 -17.59 48.18
N CYS H 235 22.61 -17.27 47.45
CA CYS H 235 23.50 -16.16 47.79
C CYS H 235 24.07 -16.31 49.20
N GLU H 236 24.33 -17.57 49.57
CA GLU H 236 25.01 -17.87 50.84
C GLU H 236 25.56 -19.29 50.81
N LEU I 1 -14.04 46.32 37.87
CA LEU I 1 -14.38 46.19 36.45
C LEU I 1 -14.18 44.75 35.98
N LEU I 2 -12.92 44.32 35.96
CA LEU I 2 -12.54 42.95 35.57
C LEU I 2 -13.06 42.69 34.16
N ASP I 3 -13.79 41.60 33.93
CA ASP I 3 -14.27 41.26 32.59
C ASP I 3 -15.17 42.33 32.02
N LYS I 4 -14.75 42.94 30.90
CA LYS I 4 -15.48 44.04 30.29
C LYS I 4 -16.15 43.56 29.00
N LYS I 5 -16.76 44.47 28.25
CA LYS I 5 -17.59 44.15 27.09
C LYS I 5 -16.77 43.92 25.83
N TRP I 6 -15.44 43.73 25.96
CA TRP I 6 -14.64 43.35 24.80
C TRP I 6 -15.01 41.95 24.32
N LEU I 7 -15.53 41.11 25.20
CA LEU I 7 -15.97 39.77 24.80
C LEU I 7 -17.15 39.83 23.84
N THR I 8 -18.09 40.75 24.08
CA THR I 8 -19.22 40.92 23.19
C THR I 8 -18.75 41.31 21.79
N PHE I 9 -17.81 42.26 21.72
CA PHE I 9 -17.25 42.64 20.42
C PHE I 9 -16.52 41.48 19.78
N ALA I 10 -15.77 40.70 20.58
CA ALA I 10 -15.02 39.58 20.04
C ALA I 10 -15.94 38.58 19.37
N LEU I 11 -17.07 38.26 20.01
CA LEU I 11 -18.03 37.38 19.37
C LEU I 11 -18.69 38.05 18.16
N ALA I 12 -19.11 39.30 18.31
CA ALA I 12 -19.97 39.93 17.32
C ALA I 12 -19.23 40.22 16.02
N ILE I 13 -17.95 40.59 16.10
CA ILE I 13 -17.23 40.95 14.88
C ILE I 13 -17.09 39.73 13.97
N TYR I 14 -16.70 38.59 14.54
CA TYR I 14 -16.60 37.36 13.76
C TYR I 14 -17.98 36.95 13.24
N THR I 15 -19.00 36.99 14.11
CA THR I 15 -20.33 36.57 13.69
C THR I 15 -20.82 37.40 12.51
N VAL I 16 -20.71 38.74 12.62
CA VAL I 16 -21.24 39.62 11.58
C VAL I 16 -20.44 39.49 10.30
N PHE I 17 -19.09 39.49 10.41
CA PHE I 17 -18.27 39.40 9.21
C PHE I 17 -18.51 38.09 8.48
N TYR I 18 -18.61 36.97 9.21
CA TYR I 18 -18.81 35.69 8.55
C TYR I 18 -20.22 35.52 8.05
N LEU I 19 -21.22 36.12 8.70
CA LEU I 19 -22.57 36.13 8.14
C LEU I 19 -22.60 36.89 6.82
N TRP I 20 -21.92 38.04 6.76
CA TRP I 20 -21.83 38.77 5.50
C TRP I 20 -21.08 37.97 4.44
N VAL I 21 -20.01 37.28 4.83
CA VAL I 21 -19.27 36.45 3.88
C VAL I 21 -20.17 35.34 3.34
N ARG I 22 -20.95 34.72 4.22
CA ARG I 22 -21.89 33.68 3.78
C ARG I 22 -22.94 34.25 2.84
N TRP I 23 -23.45 35.45 3.13
CA TRP I 23 -24.38 36.10 2.21
C TRP I 23 -23.73 36.35 0.85
N TYR I 24 -22.49 36.83 0.85
CA TYR I 24 -21.75 37.12 -0.37
C TYR I 24 -21.57 35.86 -1.20
N GLU I 25 -21.20 34.75 -0.55
CA GLU I 25 -20.98 33.52 -1.31
C GLU I 25 -22.30 32.87 -1.72
N GLY I 26 -23.37 33.11 -0.97
CA GLY I 26 -24.68 32.68 -1.43
C GLY I 26 -25.15 33.44 -2.65
N VAL I 27 -24.84 34.73 -2.73
CA VAL I 27 -25.21 35.54 -3.88
C VAL I 27 -24.33 35.28 -5.10
N TYR I 28 -23.02 35.10 -4.91
CA TYR I 28 -22.08 35.00 -6.01
C TYR I 28 -21.45 33.61 -6.13
N GLY I 29 -22.07 32.59 -5.54
CA GLY I 29 -21.55 31.24 -5.68
C GLY I 29 -21.74 30.75 -7.09
N TRP I 30 -23.00 30.54 -7.47
CA TRP I 30 -23.37 30.49 -8.87
C TRP I 30 -23.35 31.90 -9.41
N SER I 31 -23.44 32.03 -10.74
CA SER I 31 -23.60 33.38 -11.30
C SER I 31 -22.41 34.28 -10.94
N ALA I 32 -21.28 34.11 -11.64
CA ALA I 32 -20.00 34.72 -11.27
C ALA I 32 -19.34 34.01 -10.08
N GLY I 33 -18.82 32.81 -10.35
CA GLY I 33 -18.22 31.97 -9.34
C GLY I 33 -18.28 30.49 -9.67
N LEU I 34 -18.97 30.13 -10.76
CA LEU I 34 -18.92 28.75 -11.24
C LEU I 34 -17.83 28.55 -12.28
N ASP I 35 -17.67 29.51 -13.20
CA ASP I 35 -16.68 29.40 -14.26
C ASP I 35 -15.46 30.23 -13.88
N SER I 36 -14.34 29.56 -13.63
CA SER I 36 -13.12 30.23 -13.16
C SER I 36 -12.41 31.02 -14.26
N PHE I 37 -12.81 30.86 -15.52
CA PHE I 37 -12.21 31.62 -16.61
C PHE I 37 -13.14 32.70 -17.15
N ALA I 38 -14.31 32.88 -16.55
CA ALA I 38 -15.21 33.95 -16.93
C ALA I 38 -14.70 35.28 -16.38
N PRO I 39 -14.92 36.39 -17.10
CA PRO I 39 -14.46 37.69 -16.59
C PRO I 39 -15.08 38.09 -15.26
N GLU I 40 -16.35 37.73 -15.03
CA GLU I 40 -17.01 38.06 -13.77
C GLU I 40 -16.41 37.32 -12.59
N PHE I 41 -15.85 36.12 -12.80
CA PHE I 41 -15.14 35.44 -11.75
C PHE I 41 -13.95 36.26 -11.26
N GLU I 42 -13.20 36.89 -12.16
CA GLU I 42 -12.11 37.76 -11.77
C GLU I 42 -12.56 38.94 -10.93
N THR I 43 -13.68 39.55 -11.25
CA THR I 43 -14.16 40.71 -10.51
C THR I 43 -14.84 40.37 -9.20
N TYR I 44 -15.35 39.15 -9.04
CA TYR I 44 -16.08 38.81 -7.83
C TYR I 44 -15.37 37.85 -6.88
N TRP I 45 -14.39 37.08 -7.35
CA TRP I 45 -13.70 36.15 -6.48
C TRP I 45 -12.18 36.29 -6.50
N MET I 46 -11.58 36.54 -7.67
CA MET I 46 -10.14 36.79 -7.69
C MET I 46 -9.81 38.12 -7.01
N ASN I 47 -10.63 39.14 -7.25
CA ASN I 47 -10.46 40.40 -6.53
C ASN I 47 -10.68 40.21 -5.04
N PHE I 48 -11.66 39.39 -4.68
CA PHE I 48 -11.87 39.06 -3.27
C PHE I 48 -10.63 38.42 -2.66
N LEU I 49 -10.03 37.47 -3.39
CA LEU I 49 -8.83 36.80 -2.92
C LEU I 49 -7.68 37.78 -2.72
N TYR I 50 -7.46 38.65 -3.71
CA TYR I 50 -6.37 39.62 -3.61
C TYR I 50 -6.58 40.57 -2.44
N THR I 51 -7.79 41.14 -2.34
CA THR I 51 -8.09 42.09 -1.27
C THR I 51 -7.96 41.43 0.10
N GLU I 52 -8.50 40.22 0.24
CA GLU I 52 -8.45 39.55 1.53
C GLU I 52 -7.03 39.18 1.92
N ILE I 53 -6.20 38.76 0.95
CA ILE I 53 -4.82 38.44 1.29
C ILE I 53 -4.07 39.70 1.73
N VAL I 54 -4.23 40.80 1.00
CA VAL I 54 -3.56 42.04 1.37
C VAL I 54 -4.02 42.51 2.74
N LEU I 55 -5.33 42.49 2.97
CA LEU I 55 -5.87 42.96 4.25
C LEU I 55 -5.43 42.06 5.40
N GLU I 56 -5.36 40.74 5.17
CA GLU I 56 -4.91 39.84 6.21
C GLU I 56 -3.45 40.08 6.56
N ILE I 57 -2.61 40.28 5.54
CA ILE I 57 -1.20 40.55 5.81
C ILE I 57 -1.06 41.85 6.60
N VAL I 58 -1.76 42.90 6.17
CA VAL I 58 -1.67 44.19 6.84
C VAL I 58 -2.18 44.09 8.28
N THR I 59 -3.33 43.44 8.48
CA THR I 59 -3.92 43.34 9.81
C THR I 59 -3.03 42.51 10.74
N ALA I 60 -2.49 41.40 10.24
CA ALA I 60 -1.60 40.58 11.04
C ALA I 60 -0.37 41.39 11.45
N SER I 61 0.26 42.07 10.50
CA SER I 61 1.44 42.86 10.82
C SER I 61 1.12 43.92 11.86
N ILE I 62 0.05 44.67 11.65
CA ILE I 62 -0.28 45.78 12.55
C ILE I 62 -0.60 45.26 13.95
N LEU I 63 -1.47 44.24 14.04
CA LEU I 63 -1.90 43.72 15.32
C LEU I 63 -0.73 43.11 16.10
N TRP I 64 0.03 42.22 15.45
CA TRP I 64 1.15 41.59 16.13
C TRP I 64 2.20 42.61 16.53
N GLY I 65 2.49 43.57 15.65
CA GLY I 65 3.48 44.58 15.98
C GLY I 65 3.05 45.45 17.14
N TYR I 66 1.77 45.85 17.16
CA TYR I 66 1.28 46.65 18.26
C TYR I 66 1.32 45.88 19.57
N LEU I 67 0.91 44.61 19.54
CA LEU I 67 0.92 43.81 20.76
C LEU I 67 2.34 43.61 21.28
N TRP I 68 3.31 43.41 20.38
CA TRP I 68 4.69 43.25 20.80
C TRP I 68 5.33 44.56 21.25
N LYS I 69 4.98 45.68 20.62
CA LYS I 69 5.56 46.97 20.99
C LYS I 69 5.01 47.48 22.32
N THR I 70 3.73 47.24 22.59
CA THR I 70 3.12 47.62 23.86
C THR I 70 3.30 46.57 24.93
N ARG I 71 4.30 45.70 24.79
CA ARG I 71 4.53 44.67 25.79
C ARG I 71 4.96 45.29 27.12
N ASP I 72 4.53 44.67 28.20
CA ASP I 72 4.81 45.20 29.53
C ASP I 72 6.25 44.88 29.92
N ARG I 73 7.08 45.91 30.03
CA ARG I 73 8.46 45.73 30.42
C ARG I 73 8.61 45.40 31.90
N ASN I 74 7.87 46.07 32.76
CA ASN I 74 7.94 45.87 34.20
C ASN I 74 6.82 44.92 34.65
N LEU I 75 6.96 43.65 34.29
CA LEU I 75 5.97 42.66 34.69
C LEU I 75 6.05 42.36 36.18
N ALA I 76 7.20 42.60 36.81
CA ALA I 76 7.36 42.31 38.23
C ALA I 76 6.43 43.17 39.08
N ALA I 77 6.31 44.44 38.76
CA ALA I 77 5.51 45.38 39.55
C ALA I 77 4.07 45.44 39.02
N LEU I 78 3.45 44.27 38.91
CA LEU I 78 2.08 44.14 38.46
C LEU I 78 1.22 43.67 39.62
N THR I 79 0.20 44.43 39.97
CA THR I 79 -0.63 44.10 41.12
C THR I 79 -1.50 42.89 40.81
N PRO I 80 -1.93 42.14 41.83
CA PRO I 80 -2.81 40.98 41.56
C PRO I 80 -4.12 41.34 40.90
N ARG I 81 -4.69 42.51 41.22
CA ARG I 81 -5.94 42.92 40.59
C ARG I 81 -5.73 43.18 39.10
N GLU I 82 -4.66 43.89 38.75
CA GLU I 82 -4.34 44.11 37.34
C GLU I 82 -4.02 42.80 36.64
N GLU I 83 -3.36 41.87 37.34
CA GLU I 83 -3.09 40.56 36.76
C GLU I 83 -4.39 39.81 36.48
N LEU I 84 -5.35 39.91 37.38
CA LEU I 84 -6.65 39.28 37.17
C LEU I 84 -7.36 39.89 35.95
N ARG I 85 -7.30 41.22 35.83
CA ARG I 85 -7.91 41.88 34.68
C ARG I 85 -7.24 41.44 33.37
N ARG I 86 -5.91 41.35 33.38
CA ARG I 86 -5.19 40.91 32.19
C ARG I 86 -5.49 39.45 31.88
N ASN I 87 -5.68 38.62 32.91
CA ASN I 87 -6.05 37.23 32.69
C ASN I 87 -7.42 37.15 32.04
N PHE I 88 -8.37 37.99 32.47
CA PHE I 88 -9.68 38.02 31.83
C PHE I 88 -9.57 38.49 30.38
N THR I 89 -8.73 39.48 30.11
CA THR I 89 -8.55 39.92 28.73
C THR I 89 -7.95 38.82 27.87
N HIS I 90 -6.98 38.08 28.42
CA HIS I 90 -6.41 36.94 27.70
C HIS I 90 -7.46 35.85 27.47
N LEU I 91 -8.36 35.65 28.43
CA LEU I 91 -9.44 34.71 28.24
C LEU I 91 -10.39 35.17 27.13
N VAL I 92 -10.60 36.48 27.02
CA VAL I 92 -11.38 37.01 25.90
C VAL I 92 -10.67 36.73 24.58
N TRP I 93 -9.35 36.90 24.56
CA TRP I 93 -8.58 36.57 23.36
C TRP I 93 -8.73 35.09 23.02
N LEU I 94 -8.69 34.22 24.02
CA LEU I 94 -8.87 32.79 23.78
C LEU I 94 -10.28 32.48 23.28
N VAL I 95 -11.28 33.20 23.78
CA VAL I 95 -12.64 33.02 23.28
C VAL I 95 -12.74 33.41 21.82
N ALA I 96 -12.12 34.54 21.46
CA ALA I 96 -12.09 34.96 20.06
C ALA I 96 -11.37 33.91 19.20
N TYR I 97 -10.27 33.36 19.71
CA TYR I 97 -9.56 32.31 18.98
C TYR I 97 -10.44 31.08 18.79
N ALA I 98 -11.18 30.67 19.82
CA ALA I 98 -12.05 29.52 19.71
C ALA I 98 -13.17 29.77 18.69
N TRP I 99 -13.74 30.97 18.71
CA TRP I 99 -14.79 31.31 17.75
C TRP I 99 -14.25 31.29 16.32
N ALA I 100 -13.08 31.88 16.11
CA ALA I 100 -12.48 31.89 14.78
C ALA I 100 -12.10 30.48 14.34
N ILE I 101 -11.61 29.65 15.27
CA ILE I 101 -11.28 28.27 14.96
C ILE I 101 -12.53 27.51 14.53
N TYR I 102 -13.64 27.72 15.25
CA TYR I 102 -14.90 27.12 14.83
C TYR I 102 -15.24 27.53 13.41
N TRP I 103 -15.27 28.84 13.15
CA TRP I 103 -15.71 29.33 11.85
C TRP I 103 -14.82 28.81 10.74
N GLY I 104 -13.51 28.72 10.98
CA GLY I 104 -12.59 28.25 9.97
C GLY I 104 -12.62 26.76 9.75
N ALA I 105 -12.45 25.98 10.82
CA ALA I 105 -12.22 24.55 10.71
C ALA I 105 -13.48 23.71 10.72
N SER I 106 -14.65 24.28 11.02
CA SER I 106 -15.87 23.50 10.94
C SER I 106 -16.79 24.03 9.85
N TYR I 107 -17.23 25.28 9.96
CA TYR I 107 -18.25 25.84 9.07
C TYR I 107 -17.74 25.86 7.64
N PHE I 108 -16.68 26.61 7.38
CA PHE I 108 -16.26 26.81 6.00
C PHE I 108 -15.53 25.59 5.46
N THR I 109 -15.00 24.74 6.33
CA THR I 109 -14.37 23.51 5.85
C THR I 109 -15.44 22.52 5.34
N GLU I 110 -16.43 22.24 6.18
CA GLU I 110 -17.52 21.31 5.77
C GLU I 110 -18.39 22.01 4.73
N GLN I 111 -18.39 23.35 4.71
CA GLN I 111 -19.14 24.08 3.65
C GLN I 111 -18.60 23.60 2.29
N ASP I 112 -17.40 23.03 2.28
CA ASP I 112 -16.83 22.48 1.01
C ASP I 112 -17.40 21.09 0.78
N GLY I 113 -17.56 20.32 1.84
CA GLY I 113 -18.26 19.04 1.67
C GLY I 113 -19.57 19.37 1.00
N THR I 114 -19.86 20.67 0.88
CA THR I 114 -21.12 21.10 0.22
C THR I 114 -20.81 21.78 -1.12
N TRP I 115 -19.61 22.35 -1.31
CA TRP I 115 -19.40 23.05 -2.61
C TRP I 115 -18.88 22.08 -3.68
N HIS I 116 -17.81 21.35 -3.38
CA HIS I 116 -17.21 20.45 -4.39
C HIS I 116 -18.12 19.26 -4.62
N GLN I 117 -18.57 18.65 -3.53
CA GLN I 117 -19.48 17.47 -3.66
C GLN I 117 -20.61 17.81 -4.63
N THR I 118 -20.79 19.09 -4.97
CA THR I 118 -21.92 19.50 -5.84
C THR I 118 -21.42 20.03 -7.19
N ILE I 119 -20.22 20.62 -7.26
CA ILE I 119 -19.80 21.20 -8.53
C ILE I 119 -18.51 20.53 -8.96
N VAL I 120 -18.16 20.71 -10.24
CA VAL I 120 -16.87 20.17 -10.75
C VAL I 120 -15.84 21.28 -10.61
N ARG I 121 -14.81 21.07 -9.78
CA ARG I 121 -13.83 22.16 -9.53
C ARG I 121 -13.36 22.77 -10.84
N ASP I 122 -12.95 24.04 -10.78
CA ASP I 122 -12.42 24.69 -12.00
C ASP I 122 -11.04 25.29 -11.68
N THR I 123 -10.55 25.13 -10.45
CA THR I 123 -9.29 25.79 -10.17
C THR I 123 -8.91 25.52 -8.73
N ASP I 124 -7.71 25.96 -8.36
CA ASP I 124 -7.28 25.93 -6.96
C ASP I 124 -7.88 27.07 -6.15
N PHE I 125 -8.66 27.91 -6.82
CA PHE I 125 -9.28 29.07 -6.15
C PHE I 125 -10.80 29.00 -6.29
N THR I 126 -11.41 27.94 -5.75
CA THR I 126 -12.90 27.86 -5.75
C THR I 126 -13.40 29.01 -4.87
N PRO I 127 -14.49 29.72 -5.22
CA PRO I 127 -14.93 30.88 -4.43
C PRO I 127 -14.88 30.49 -2.95
N SER I 128 -15.30 29.25 -2.65
CA SER I 128 -15.33 28.74 -1.25
C SER I 128 -13.89 28.67 -0.72
N HIS I 129 -12.95 28.19 -1.53
CA HIS I 129 -11.52 28.22 -1.10
C HIS I 129 -11.14 29.67 -0.83
N ILE I 130 -11.54 30.58 -1.71
CA ILE I 130 -11.30 32.03 -1.50
C ILE I 130 -11.95 32.43 -0.17
N ILE I 131 -12.81 31.55 0.37
CA ILE I 131 -13.37 31.86 1.68
C ILE I 131 -12.71 31.05 2.80
N GLU I 132 -12.57 29.74 2.60
CA GLU I 132 -12.03 28.88 3.70
C GLU I 132 -10.55 29.18 3.90
N PHE I 133 -9.69 28.61 3.06
CA PHE I 133 -8.22 28.76 3.25
C PHE I 133 -7.75 30.20 3.24
N TYR I 134 -8.34 31.07 2.44
CA TYR I 134 -7.78 32.46 2.39
C TYR I 134 -8.61 33.43 3.25
N LEU I 135 -9.28 32.91 4.28
CA LEU I 135 -10.03 33.80 5.20
C LEU I 135 -10.32 33.04 6.50
N SER I 136 -11.08 31.94 6.40
CA SER I 136 -11.43 31.13 7.59
C SER I 136 -10.16 30.57 8.25
N TYR I 137 -9.02 30.64 7.57
CA TYR I 137 -7.77 30.12 8.13
C TYR I 137 -6.81 31.24 8.51
N PRO I 138 -6.51 32.22 7.64
CA PRO I 138 -5.67 33.34 8.09
C PRO I 138 -6.28 34.11 9.24
N ILE I 139 -7.61 34.26 9.29
CA ILE I 139 -8.22 35.02 10.37
C ILE I 139 -7.99 34.31 11.71
N TYR I 140 -8.22 33.00 11.75
CA TYR I 140 -8.00 32.31 13.03
C TYR I 140 -6.52 32.22 13.36
N ILE I 141 -5.65 32.16 12.35
CA ILE I 141 -4.22 32.19 12.62
C ILE I 141 -3.81 33.51 13.26
N ILE I 142 -4.34 34.61 12.71
CA ILE I 142 -4.04 35.93 13.27
C ILE I 142 -4.54 36.02 14.69
N THR I 143 -5.76 35.54 14.95
CA THR I 143 -6.31 35.60 16.30
C THR I 143 -5.49 34.76 17.26
N GLY I 144 -5.08 33.57 16.85
CA GLY I 144 -4.28 32.72 17.73
C GLY I 144 -2.93 33.31 18.04
N PHE I 145 -2.26 33.86 17.02
CA PHE I 145 -0.98 34.51 17.25
C PHE I 145 -1.14 35.70 18.18
N ALA I 146 -2.21 36.49 17.99
CA ALA I 146 -2.45 37.64 18.86
C ALA I 146 -2.69 37.21 20.29
N ALA I 147 -3.47 36.15 20.50
CA ALA I 147 -3.72 35.67 21.85
C ALA I 147 -2.42 35.17 22.50
N PHE I 148 -1.60 34.43 21.75
CA PHE I 148 -0.33 33.96 22.28
C PHE I 148 0.57 35.12 22.67
N ILE I 149 0.65 36.13 21.79
CA ILE I 149 1.52 37.28 22.06
C ILE I 149 1.01 38.05 23.27
N TYR I 150 -0.32 38.21 23.38
CA TYR I 150 -0.87 38.90 24.54
C TYR I 150 -0.55 38.16 25.83
N ALA I 151 -0.70 36.83 25.82
CA ALA I 151 -0.34 36.06 27.01
C ALA I 151 1.13 36.27 27.36
N LYS I 152 2.01 36.11 26.38
CA LYS I 152 3.45 36.25 26.61
C LYS I 152 3.84 37.64 27.09
N THR I 153 3.14 38.68 26.64
CA THR I 153 3.57 40.05 26.92
C THR I 153 2.82 40.72 28.07
N ARG I 154 1.73 40.13 28.56
CA ARG I 154 1.02 40.72 29.68
C ARG I 154 0.93 39.81 30.89
N LEU I 155 0.99 38.50 30.71
CA LEU I 155 0.80 37.57 31.84
C LEU I 155 2.15 37.08 32.31
N PRO I 156 2.55 37.35 33.56
CA PRO I 156 3.83 36.83 34.06
C PRO I 156 3.92 35.32 34.02
N PHE I 157 2.80 34.61 34.16
CA PHE I 157 2.83 33.16 34.06
C PHE I 157 3.28 32.69 32.69
N PHE I 158 2.78 33.35 31.64
CA PHE I 158 3.13 32.99 30.27
C PHE I 158 4.38 33.68 29.78
N ALA I 159 4.95 34.59 30.57
CA ALA I 159 6.24 35.19 30.26
C ALA I 159 7.33 34.21 30.65
N LYS I 160 8.59 34.68 30.70
CA LYS I 160 9.77 33.90 31.05
C LYS I 160 9.78 32.52 30.44
N GLY I 161 9.40 32.42 29.17
CA GLY I 161 9.41 31.15 28.46
C GLY I 161 8.28 30.98 27.48
N ILE I 162 8.48 30.12 26.48
CA ILE I 162 7.43 29.83 25.52
C ILE I 162 6.69 28.58 25.98
N SER I 163 5.40 28.72 26.24
CA SER I 163 4.59 27.59 26.68
C SER I 163 4.42 26.60 25.53
N LEU I 164 4.83 25.35 25.77
CA LEU I 164 4.70 24.32 24.74
C LEU I 164 3.25 24.06 24.31
N PRO I 165 2.29 23.87 25.22
CA PRO I 165 0.91 23.66 24.74
C PRO I 165 0.34 24.86 23.99
N TYR I 166 0.64 26.08 24.43
CA TYR I 166 0.17 27.26 23.71
C TYR I 166 0.81 27.34 22.33
N LEU I 167 2.10 27.07 22.24
CA LEU I 167 2.79 27.08 20.96
C LEU I 167 2.19 26.05 20.01
N VAL I 168 1.91 24.85 20.51
CA VAL I 168 1.28 23.84 19.68
C VAL I 168 -0.11 24.28 19.24
N LEU I 169 -0.94 24.75 20.17
CA LEU I 169 -2.29 25.19 19.85
C LEU I 169 -2.29 26.33 18.84
N VAL I 170 -1.22 27.13 18.81
CA VAL I 170 -1.18 28.30 17.95
C VAL I 170 -0.57 27.97 16.60
N VAL I 171 0.38 27.05 16.56
CA VAL I 171 1.12 26.79 15.33
C VAL I 171 0.55 25.61 14.54
N GLY I 172 0.05 24.58 15.21
CA GLY I 172 -0.50 23.42 14.53
C GLY I 172 -1.65 23.76 13.62
N PRO I 173 -2.68 24.42 14.14
CA PRO I 173 -3.75 24.91 13.27
C PRO I 173 -3.25 25.86 12.18
N PHE I 174 -2.16 26.58 12.44
CA PHE I 174 -1.56 27.38 11.37
C PHE I 174 -1.01 26.49 10.26
N MET I 175 -0.45 25.33 10.61
CA MET I 175 0.14 24.44 9.62
C MET I 175 -0.89 23.91 8.63
N ILE I 176 -2.18 24.03 8.95
CA ILE I 176 -3.21 23.66 8.00
C ILE I 176 -3.13 24.55 6.75
N LEU I 177 -2.77 25.82 6.91
CA LEU I 177 -2.71 26.72 5.76
C LEU I 177 -1.64 26.31 4.75
N PRO I 178 -0.38 26.07 5.14
CA PRO I 178 0.57 25.52 4.16
C PRO I 178 0.20 24.12 3.68
N ASN I 179 -0.58 23.38 4.47
CA ASN I 179 -1.04 22.05 4.05
C ASN I 179 -1.94 22.12 2.83
N VAL I 180 -2.49 23.30 2.50
CA VAL I 180 -3.29 23.46 1.29
C VAL I 180 -2.50 23.03 0.07
N GLY I 181 -1.17 23.17 0.11
CA GLY I 181 -0.36 22.67 -0.99
C GLY I 181 -0.55 21.19 -1.22
N LEU I 182 -0.60 20.42 -0.14
CA LEU I 182 -0.84 18.95 -0.24
C LEU I 182 -2.26 18.75 -0.79
N ASN I 183 -3.22 19.55 -0.31
CA ASN I 183 -4.61 19.46 -0.80
C ASN I 183 -4.62 19.62 -2.33
N GLU I 184 -4.06 20.73 -2.83
CA GLU I 184 -4.02 20.98 -4.29
C GLU I 184 -3.26 19.85 -4.99
N TRP I 185 -1.98 19.65 -4.65
CA TRP I 185 -1.15 18.60 -5.30
C TRP I 185 -1.93 17.29 -5.35
N GLY I 186 -2.53 16.88 -4.24
CA GLY I 186 -3.24 15.58 -4.18
C GLY I 186 -4.71 15.71 -4.54
N HIS I 187 -5.08 16.71 -5.35
CA HIS I 187 -6.48 16.80 -5.87
C HIS I 187 -6.34 16.66 -7.38
N THR I 188 -5.51 17.55 -7.95
CA THR I 188 -5.24 17.55 -9.40
C THR I 188 -4.46 16.28 -9.77
N PHE I 189 -3.26 16.11 -9.23
CA PHE I 189 -2.57 14.82 -9.49
C PHE I 189 -3.26 13.72 -8.68
N TRP I 190 -2.59 13.16 -7.67
CA TRP I 190 -3.12 12.02 -6.85
C TRP I 190 -4.59 12.22 -6.46
N PHE I 191 -5.48 11.28 -6.85
CA PHE I 191 -6.90 11.31 -6.42
C PHE I 191 -7.75 12.34 -7.19
N MET I 192 -8.48 11.91 -8.21
CA MET I 192 -9.43 12.81 -8.92
C MET I 192 -10.82 12.59 -8.33
N GLU I 193 -10.97 11.61 -7.43
CA GLU I 193 -12.27 11.39 -6.74
C GLU I 193 -12.46 12.51 -5.71
N GLU I 194 -13.68 13.00 -5.56
CA GLU I 194 -13.97 14.09 -4.58
C GLU I 194 -14.07 13.50 -3.18
N LEU I 195 -13.48 12.32 -2.95
CA LEU I 195 -13.53 11.65 -1.62
C LEU I 195 -13.05 12.63 -0.55
N PHE I 196 -13.94 12.99 0.39
CA PHE I 196 -13.56 13.90 1.49
C PHE I 196 -12.61 13.22 2.48
N VAL I 197 -12.66 11.89 2.54
CA VAL I 197 -11.83 11.16 3.54
C VAL I 197 -10.56 10.63 2.86
N ALA I 198 -10.25 11.13 1.66
CA ALA I 198 -9.04 10.70 0.99
C ALA I 198 -7.81 11.08 1.80
N PRO I 199 -6.70 10.30 1.68
CA PRO I 199 -5.45 10.58 2.40
C PRO I 199 -4.94 12.00 2.14
N LEU I 200 -5.53 12.69 1.14
CA LEU I 200 -5.14 14.09 0.81
C LEU I 200 -5.86 15.01 1.80
N HIS I 201 -6.34 14.44 2.91
CA HIS I 201 -7.04 15.26 3.91
C HIS I 201 -6.46 14.95 5.30
N TYR I 202 -5.56 13.97 5.37
CA TYR I 202 -4.86 13.68 6.64
C TYR I 202 -3.89 14.82 6.92
N GLY I 203 -4.06 15.93 6.22
CA GLY I 203 -3.10 17.03 6.38
C GLY I 203 -3.74 18.08 7.22
N PHE I 204 -5.04 18.24 7.03
CA PHE I 204 -5.74 19.15 7.94
C PHE I 204 -6.01 18.30 9.14
N VAL I 205 -6.11 16.97 8.90
CA VAL I 205 -6.48 16.26 10.17
C VAL I 205 -5.31 16.28 11.15
N ILE I 206 -4.12 15.81 10.74
CA ILE I 206 -3.00 15.72 11.68
C ILE I 206 -2.82 17.04 12.42
N PHE I 207 -2.84 18.15 11.69
CA PHE I 207 -2.66 19.45 12.30
C PHE I 207 -3.93 19.99 12.95
N GLY I 208 -5.09 19.44 12.59
CA GLY I 208 -6.28 19.67 13.39
C GLY I 208 -6.19 19.05 14.77
N TRP I 209 -5.46 17.94 14.90
CA TRP I 209 -5.26 17.32 16.20
C TRP I 209 -4.50 18.24 17.15
N LEU I 210 -3.58 19.06 16.63
CA LEU I 210 -2.76 19.90 17.49
C LEU I 210 -3.58 20.95 18.22
N ALA I 211 -4.82 21.21 17.77
CA ALA I 211 -5.71 22.08 18.53
C ALA I 211 -6.10 21.48 19.87
N LEU I 212 -5.89 20.18 20.08
CA LEU I 212 -6.11 19.57 21.38
C LEU I 212 -5.17 20.10 22.45
N ALA I 213 -4.08 20.77 22.05
CA ALA I 213 -3.21 21.44 23.00
C ALA I 213 -3.90 22.56 23.75
N VAL I 214 -5.13 22.91 23.35
CA VAL I 214 -5.92 23.88 24.10
C VAL I 214 -6.16 23.40 25.52
N MET I 215 -6.09 22.09 25.74
CA MET I 215 -6.31 21.55 27.08
C MET I 215 -5.18 21.96 28.02
N GLY I 216 -3.93 21.73 27.59
CA GLY I 216 -2.80 22.21 28.35
C GLY I 216 -2.74 23.72 28.43
N THR I 217 -3.09 24.39 27.33
CA THR I 217 -3.13 25.85 27.34
C THR I 217 -4.11 26.35 28.40
N LEU I 218 -5.28 25.72 28.48
CA LEU I 218 -6.32 26.21 29.38
C LEU I 218 -6.00 25.88 30.84
N THR I 219 -5.37 24.74 31.12
CA THR I 219 -4.94 24.54 32.50
C THR I 219 -3.83 25.52 32.87
N GLN I 220 -2.98 25.88 31.90
CA GLN I 220 -1.99 26.94 32.15
C GLN I 220 -2.67 28.27 32.45
N THR I 221 -3.70 28.63 31.68
CA THR I 221 -4.43 29.87 31.96
C THR I 221 -5.17 29.81 33.29
N PHE I 222 -5.66 28.63 33.68
CA PHE I 222 -6.28 28.48 34.99
C PHE I 222 -5.28 28.75 36.10
N TYR I 223 -4.07 28.19 35.96
CA TYR I 223 -3.03 28.46 36.95
C TYR I 223 -2.64 29.94 36.96
N SER I 224 -2.58 30.56 35.78
CA SER I 224 -2.28 31.99 35.71
C SER I 224 -3.36 32.82 36.37
N PHE I 225 -4.63 32.43 36.18
CA PHE I 225 -5.73 33.09 36.88
C PHE I 225 -5.59 32.94 38.39
N ALA I 226 -5.25 31.74 38.84
CA ALA I 226 -5.15 31.43 40.27
C ALA I 226 -3.72 31.62 40.77
N GLN I 227 -3.12 32.79 40.52
CA GLN I 227 -1.76 33.06 40.99
C GLN I 227 -1.79 33.81 42.32
N GLY I 228 -2.30 35.03 42.31
CA GLY I 228 -2.44 35.80 43.54
C GLY I 228 -3.89 35.90 43.98
N GLY I 229 -4.79 36.10 43.02
CA GLY I 229 -6.20 36.20 43.31
C GLY I 229 -6.92 34.89 43.12
N LEU I 230 -6.26 33.79 43.48
CA LEU I 230 -6.90 32.48 43.41
C LEU I 230 -8.11 32.39 44.32
N GLY I 231 -8.20 33.24 45.33
CA GLY I 231 -9.35 33.28 46.21
C GLY I 231 -9.19 34.38 47.24
N GLN I 232 -9.58 34.07 48.46
CA GLN I 232 -10.00 32.72 48.80
C GLN I 232 -11.51 32.55 48.74
N SER I 233 -11.94 31.31 49.02
CA SER I 233 -13.20 30.70 48.64
C SER I 233 -12.87 29.33 48.05
N LEU I 234 -12.37 29.34 46.83
CA LEU I 234 -11.80 28.16 46.20
C LEU I 234 -10.76 27.52 47.11
N CYS I 235 -10.96 26.26 47.45
CA CYS I 235 -10.11 25.53 48.39
C CYS I 235 -10.07 26.25 49.74
N GLU I 236 -11.21 26.82 50.13
CA GLU I 236 -11.38 27.42 51.45
C GLU I 236 -12.86 27.59 51.77
C1 D10 J . 8.85 37.01 -0.88
C2 D10 J . 9.44 36.99 -2.27
C3 D10 J . 8.36 36.78 -3.32
C4 D10 J . 8.92 36.92 -4.73
C5 D10 J . 7.81 36.94 -5.77
C6 D10 J . 8.35 37.37 -7.14
C7 D10 J . 7.26 37.36 -8.19
C8 D10 J . 7.81 37.78 -9.55
C9 D10 J . 6.82 37.46 -10.66
C10 D10 J . 7.54 37.26 -11.98
H11 D10 J . 9.62 37.12 -0.17
H12 D10 J . 8.33 36.10 -0.71
H13 D10 J . 8.18 37.82 -0.80
H21 D10 J . 9.95 37.94 -2.47
H22 D10 J . 10.18 36.19 -2.35
H31 D10 J . 7.93 35.78 -3.21
H32 D10 J . 7.56 37.50 -3.17
H41 D10 J . 9.49 37.85 -4.80
H42 D10 J . 9.61 36.10 -4.93
H51 D10 J . 7.38 35.94 -5.85
H52 D10 J . 7.03 37.62 -5.46
H61 D10 J . 8.77 38.37 -7.06
H62 D10 J . 9.15 36.69 -7.44
H71 D10 J . 6.83 36.36 -8.27
H72 D10 J . 6.45 38.04 -7.90
H81 D10 J . 8.01 38.86 -9.53
H82 D10 J . 8.75 37.27 -9.73
H91 D10 J . 6.27 36.55 -10.41
H92 D10 J . 6.10 38.28 -10.76
H101 D10 J . 6.83 37.11 -12.75
H102 D10 J . 8.12 38.12 -12.20
H103 D10 J . 8.18 36.41 -11.91
CU CU K . 24.79 -8.59 -26.25
CU CU L . 5.07 -15.80 -30.34
C1 PLC M . 5.54 27.71 -13.18
C2 PLC M . 6.16 28.96 -12.56
C3 PLC M . 5.10 29.89 -11.93
C4 PLC M . 6.30 26.74 -16.62
C5 PLC M . 6.97 27.52 -17.75
C6 PLC M . 5.82 29.73 -17.29
C7 PLC M . 8.14 29.34 -16.44
C8 PLC M . 7.72 29.61 -18.90
C' PLC M . 7.00 27.88 -10.51
C1' PLC M . 7.14 28.53 -9.13
C2' PLC M . 6.00 28.19 -8.15
C3' PLC M . 6.20 28.81 -6.73
C4' PLC M . 5.94 30.34 -6.66
C5' PLC M . 6.17 30.99 -5.26
C6' PLC M . 5.62 32.46 -5.13
C7' PLC M . 4.17 32.56 -4.54
C8' PLC M . 4.12 33.04 -3.04
C9' PLC M . 4.99 32.20 -2.05
CA' PLC M . 4.71 32.52 -0.54
CB' PLC M . 3.40 31.87 0.01
CB PLC M . 6.41 31.92 -12.17
C1B PLC M . 7.06 31.79 -10.78
C2B PLC M . 7.75 33.05 -10.26
C3B PLC M . 8.54 32.77 -8.95
C4B PLC M . 9.16 34.03 -8.29
C5B PLC M . 9.96 33.74 -6.96
C6B PLC M . 9.07 33.22 -5.80
C7B PLC M . 9.77 33.15 -4.41
C8B PLC M . 8.82 32.85 -3.22
C9B PLC M . 9.44 33.01 -1.81
CAA PLC M . 8.43 32.91 -0.64
CBA PLC M . 9.07 33.05 0.78
O' PLC M . 6.74 26.71 -10.58
OB PLC M . 6.92 32.54 -13.07
O2 PLC M . 7.24 28.61 -11.62
O3 PLC M . 5.24 31.28 -12.31
O1P PLC M . 2.63 27.41 -15.54
O2P PLC M . 4.18 25.52 -14.69
O3P PLC M . 4.70 28.05 -14.33
O4P PLC M . 4.85 26.95 -16.61
N PLC M . 7.16 29.04 -17.59
P PLC M . 4.01 26.91 -15.23
H11 PLC M . 6.24 27.07 -13.48
H12 PLC M . 4.98 27.26 -12.53
H2 PLC M . 6.61 29.46 -13.31
H31 PLC M . 5.11 29.82 -10.95
H32 PLC M . 4.19 29.61 -12.21
H41 PLC M . 6.47 25.77 -16.70
H42 PLC M . 6.69 27.03 -15.75
H51 PLC M . 6.46 27.37 -18.58
H52 PLC M . 7.88 27.13 -17.92
H61 PLC M . 5.15 29.43 -17.93
H62 PLC M . 5.92 30.70 -17.36
H63 PLC M . 5.52 29.51 -16.39
H71 PLC M . 8.34 30.29 -16.42
H72 PLC M . 8.96 28.85 -16.58
H73 PLC M . 7.76 29.08 -15.59
H81 PLC M . 7.80 30.58 -18.83
H82 PLC M . 7.13 29.40 -19.63
H83 PLC M . 8.59 29.24 -19.08
H1'1 PLC M . 7.20 29.51 -9.23
H1'2 PLC M . 8.01 28.25 -8.74
H2'1 PLC M . 5.92 27.20 -8.08
H2'2 PLC M . 5.13 28.51 -8.52
H3'1 PLC M . 7.12 28.64 -6.42
H3'2 PLC M . 5.60 28.36 -6.07
H4'1 PLC M . 5.00 30.53 -6.94
H4'2 PLC M . 6.51 30.80 -7.33
H5'1 PLC M . 7.14 30.95 -5.05
H5'2 PLC M . 5.72 30.43 -4.58
H6'1 PLC M . 5.66 32.88 -6.02
H6'2 PLC M . 6.23 33.00 -4.57
H7'1 PLC M . 3.75 31.67 -4.59
H7'2 PLC M . 3.60 33.17 -5.10
H8'1 PLC M . 3.17 33.03 -2.72
H8'2 PLC M . 4.41 33.99 -3.00
H9'1 PLC M . 5.95 32.36 -2.27
H9'2 PLC M . 4.82 31.25 -2.21
HT'1 PLC M . 5.50 32.23 0.02
HT'2 PLC M . 4.66 33.51 -0.43
HE'1 PLC M . 2.64 32.12 -0.54
HE'2 PLC M . 3.23 32.14 0.94
HE'3 PLC M . 3.49 30.89 -0.01
H1A1 PLC M . 7.73 31.06 -10.84
H1A2 PLC M . 6.39 31.49 -10.11
H2A1 PLC M . 7.07 33.76 -10.09
H2A2 PLC M . 8.37 33.41 -10.95
H3A1 PLC M . 9.27 32.12 -9.14
H3A2 PLC M . 7.94 32.33 -8.30
H4A1 PLC M . 8.43 34.66 -8.08
H4A2 PLC M . 9.75 34.49 -8.95
H5A1 PLC M . 10.41 34.57 -6.67
H5A2 PLC M . 10.67 33.08 -7.15
H6A1 PLC M . 8.72 32.31 -6.03
H6A2 PLC M . 8.28 33.80 -5.72
H7A1 PLC M . 10.23 34.01 -4.24
H7A2 PLC M . 10.48 32.46 -4.43
H8A1 PLC M . 8.45 31.93 -3.31
H8A2 PLC M . 8.04 33.46 -3.28
H9A1 PLC M . 9.89 33.89 -1.76
H9A2 PLC M . 10.15 32.33 -1.69
HTA1 PLC M . 7.95 32.04 -0.71
HTA2 PLC M . 7.72 33.61 -0.76
HEA1 PLC M . 8.40 32.97 1.48
HEA2 PLC M . 9.74 32.36 0.91
HEA3 PLC M . 9.52 33.93 0.86
O1 P1O N . 15.37 40.25 19.79
O2 P1O N . 17.97 40.44 20.01
P1 P1O N . 16.75 40.21 19.16
O3 P1O N . 16.78 41.25 17.94
C1 P1O N . 15.77 42.26 17.81
C2 P1O N . 16.12 43.19 16.65
N1 P1O N . 15.69 42.60 15.37
C3 P1O N . 14.32 43.05 15.07
C4 P1O N . 16.59 43.06 14.31
C5 P1O N . 15.71 41.13 15.42
O4 P1O N . 16.91 38.79 18.41
C6 P1O N . 16.09 37.69 18.77
C7 P1O N . 15.67 36.93 17.51
C8 P1O N . 15.17 35.54 17.89
O5 P1O N . 13.80 35.60 18.29
C9 P1O N . 12.87 34.55 17.91
O6 P1O N . 12.47 33.78 18.77
C10 P1O N . 12.42 34.40 16.48
C11 P1O N . 10.94 34.76 16.37
C12 P1O N . 10.59 35.27 14.98
C13 P1O N . 9.16 34.90 14.60
C14 P1O N . 8.30 36.16 14.46
C15 P1O N . 7.29 35.99 13.33
C16 P1O N . 5.86 36.17 13.83
C17 P1O N . 5.48 35.06 14.80
C18 P1O N . 4.70 35.61 15.98
O7 P1O N . 14.63 37.66 16.84
C19 P1O N . 14.41 37.18 15.49
O8 P1O N . 14.28 35.98 15.29
C20 P1O N . 14.35 38.16 14.34
C21 P1O N . 13.24 39.17 14.57
C22 P1O N . 12.99 40.00 13.32
C23 P1O N . 11.89 39.39 12.46
C24 P1O N . 12.40 39.07 11.06
C25 P1O N . 13.48 38.01 11.10
C26 P1O N . 13.22 36.91 10.08
C27 P1O N . 13.80 37.29 8.72
C28 P1O N . 13.29 36.36 7.64
H1 P1O N . 15.70 42.83 18.74
H2 P1O N . 14.81 41.79 17.62
H3 P1O N . 17.20 43.35 16.63
H4 P1O N . 15.64 44.14 16.80
H5 P1O N . 14.34 44.03 14.68
H6 P1O N . 13.74 43.02 15.96
H7 P1O N . 13.89 42.39 14.35
H8 P1O N . 16.13 42.93 13.37
H9 P1O N . 17.49 42.49 14.33
H10 P1O N . 16.82 44.09 14.44
H11 P1O N . 14.87 40.78 15.95
H12 P1O N . 15.71 40.74 14.44
H13 P1O N . 16.60 40.82 15.92
H14 P1O N . 15.19 38.04 19.29
H15 P1O N . 16.63 37.01 19.44
H16 P1O N . 16.53 36.83 16.85
H17 P1O N . 15.28 34.86 17.04
H18 P1O N . 15.77 35.15 18.71
H19 P1O N . 12.57 33.37 16.15
H20 P1O N . 13.01 35.05 15.83
H21 P1O N . 10.70 35.54 17.10
H22 P1O N . 10.33 33.89 16.60
H23 P1O N . 11.28 34.82 14.25
H24 P1O N . 10.72 36.35 14.93
H25 P1O N . 8.74 34.27 15.39
H26 P1O N . 9.15 34.34 13.67
H27 P1O N . 8.94 37.01 14.25
H28 P1O N . 7.77 36.35 15.39
H29 P1O N . 7.39 34.98 12.89
H30 P1O N . 7.50 36.71 12.54
H31 P1O N . 5.18 36.16 12.98
H32 P1O N . 5.78 37.14 14.33
H33 P1O N . 6.39 34.57 15.17
H34 P1O N . 4.88 34.31 14.28
H35 P1O N . 5.30 35.57 16.85
H36 P1O N . 4.43 36.62 15.78
H37 P1O N . 3.82 35.04 16.13
H38 P1O N . 14.18 37.61 13.41
H39 P1O N . 15.31 38.67 14.25
H40 P1O N . 13.51 39.83 15.40
H41 P1O N . 12.32 38.64 14.84
H42 P1O N . 13.92 40.05 12.72
H43 P1O N . 12.72 41.01 13.60
H44 P1O N . 11.05 40.09 12.39
H45 P1O N . 11.53 38.48 12.93
H46 P1O N . 12.79 39.98 10.60
H47 P1O N . 11.57 38.72 10.45
H48 P1O N . 13.53 37.57 12.10
H49 P1O N . 14.46 38.48 10.90
H50 P1O N . 12.15 36.76 9.98
H51 P1O N . 13.67 35.98 10.42
H52 P1O N . 14.90 37.24 8.76
H53 P1O N . 13.52 38.32 8.47
H54 P1O N . 14.12 35.86 7.18
H55 P1O N . 12.78 36.92 6.90
H56 P1O N . 12.64 35.64 8.06
C1 D10 O . 13.31 15.11 22.73
C2 D10 O . 12.11 14.47 22.06
C3 D10 O . 11.78 15.18 20.75
C4 D10 O . 10.67 14.46 20.01
C5 D10 O . 10.33 15.17 18.71
C6 D10 O . 9.49 14.29 17.80
C7 D10 O . 9.37 14.91 16.40
C8 D10 O . 8.28 14.23 15.59
C9 D10 O . 8.24 14.77 14.17
C10 D10 O . 7.24 14.00 13.32
H11 D10 O . 13.44 14.71 23.69
H12 D10 O . 13.16 16.16 22.79
H13 D10 O . 14.18 14.91 22.14
H21 D10 O . 12.31 13.42 21.87
H22 D10 O . 11.26 14.53 22.74
H31 D10 O . 11.48 16.20 20.95
H32 D10 O . 12.68 15.20 20.12
H41 D10 O . 10.96 13.43 19.79
H42 D10 O . 9.77 14.42 20.64
H51 D10 O . 9.79 16.10 18.93
H52 D10 O . 11.26 15.44 18.20
H61 D10 O . 9.93 13.31 17.72
H62 D10 O . 8.49 14.18 18.23
H71 D10 O . 9.14 15.98 16.49
H72 D10 O . 10.33 14.81 15.89
H81 D10 O . 8.46 13.15 15.56
H82 D10 O . 7.32 14.38 16.07
H91 D10 O . 7.96 15.83 14.19
H92 D10 O . 9.22 14.70 13.72
H101 D10 O . 7.23 14.42 12.34
H102 D10 O . 7.52 12.99 13.29
H103 D10 O . 6.28 14.09 13.76
C1 D10 P . 16.75 11.91 23.42
C2 D10 P . 15.63 11.30 22.62
C3 D10 P . 15.57 11.90 21.22
C4 D10 P . 14.77 11.01 20.28
C5 D10 P . 14.77 11.56 18.86
C6 D10 P . 14.09 10.61 17.90
C7 D10 P . 13.67 11.33 16.62
C8 D10 P . 12.26 10.92 16.20
C9 D10 P . 11.90 11.52 14.84
C10 D10 P . 10.93 10.65 14.10
H11 D10 P . 16.79 11.46 24.38
H12 D10 P . 16.60 12.96 23.53
H13 D10 P . 17.67 11.74 22.92
H21 D10 P . 15.77 10.22 22.55
H22 D10 P . 14.68 11.49 23.14
H31 D10 P . 15.12 12.89 21.26
H32 D10 P . 16.58 12.01 20.84
H41 D10 P . 15.20 10.01 20.28
H42 D10 P . 13.74 10.93 20.64
H51 D10 P . 14.25 12.54 18.85
H52 D10 P . 15.80 11.74 18.54
H61 D10 P . 14.77 9.79 17.65
H62 D10 P . 13.20 10.18 18.38
H71 D10 P . 13.70 12.41 16.78
H72 D10 P . 14.37 11.08 15.82
H81 D10 P . 12.20 9.83 16.14
H82 D10 P . 11.54 11.26 16.95
H91 D10 P . 11.46 12.51 14.98
H92 D10 P . 12.81 11.64 14.25
H101 D10 P . 10.85 10.97 13.10
H102 D10 P . 11.26 9.63 14.11
H103 D10 P . 9.97 10.70 14.56
C1 D10 Q . 17.36 6.10 24.02
C2 D10 Q . 16.40 5.97 22.84
C3 D10 Q . 17.07 6.41 21.55
C4 D10 Q . 16.32 5.89 20.34
C5 D10 Q . 16.23 6.95 19.24
C6 D10 Q . 16.32 6.31 17.85
C7 D10 Q . 17.24 7.12 16.95
C8 D10 Q . 16.50 7.61 15.71
C9 D10 Q . 17.38 7.51 14.47
C10 D10 Q . 16.57 7.18 13.25
H11 D10 Q . 16.97 5.56 24.85
H12 D10 Q . 17.47 7.11 24.27
H13 D10 Q . 18.30 5.70 23.75
H21 D10 Q . 16.08 4.93 22.75
H22 D10 Q . 15.52 6.58 23.03
H31 D10 Q . 17.10 7.51 21.51
H32 D10 Q . 18.10 6.05 21.52
H41 D10 Q . 16.83 5.00 19.95
H42 D10 Q . 15.31 5.60 20.64
H51 D10 Q . 15.29 7.49 19.33
H52 D10 Q . 17.05 7.66 19.36
H61 D10 Q . 16.70 5.29 17.95
H62 D10 Q . 15.32 6.27 17.42
H71 D10 Q . 17.65 7.96 17.50
H72 D10 Q . 18.09 6.49 16.64
H81 D10 Q . 15.60 7.01 15.57
H82 D10 Q . 16.20 8.65 15.87
H91 D10 Q . 17.90 8.47 14.32
H92 D10 Q . 18.15 6.74 14.63
H101 D10 Q . 16.98 7.65 12.40
H102 D10 Q . 16.56 6.13 13.11
H103 D10 Q . 15.58 7.52 13.39
C1 D10 R . 12.83 12.30 25.79
C2 D10 R . 11.61 11.57 25.27
C3 D10 R . 11.70 11.37 23.76
C4 D10 R . 10.82 10.22 23.32
C5 D10 R . 10.11 10.54 22.01
C6 D10 R . 9.88 9.29 21.17
C7 D10 R . 10.22 9.55 19.71
C8 D10 R . 9.08 9.09 18.81
C9 D10 R . 9.62 8.37 17.57
C10 D10 R . 8.60 7.39 17.02
H11 D10 R . 12.86 12.23 26.84
H12 D10 R . 12.77 13.33 25.51
H13 D10 R . 13.70 11.88 25.38
H21 D10 R . 11.53 10.60 25.76
H22 D10 R . 10.72 12.14 25.51
H31 D10 R . 11.39 12.29 23.25
H32 D10 R . 12.74 11.17 23.49
H41 D10 R . 11.44 9.32 23.17
H42 D10 R . 10.08 10.00 24.09
H51 D10 R . 9.14 11.00 22.23
H52 D10 R . 10.70 11.27 21.44
H61 D10 R . 10.52 8.48 21.55
H62 D10 R . 8.85 8.97 21.26
H71 D10 R . 10.39 10.61 19.55
H72 D10 R . 11.13 9.01 19.44
H81 D10 R . 8.43 8.41 19.36
H82 D10 R . 8.48 9.95 18.50
H91 D10 R . 9.87 9.10 16.81
H92 D10 R . 10.54 7.83 17.83
H101 D10 R . 8.62 7.42 15.96
H102 D10 R . 8.83 6.42 17.36
H103 D10 R . 7.64 7.66 17.36
O1 P1O S . 24.30 -0.85 30.19
O2 P1O S . 25.45 -1.11 27.85
P1 P1O S . 24.52 -0.36 28.79
O3 P1O S . 25.01 1.17 28.85
C1 P1O S . 24.76 1.97 30.01
C2 P1O S . 24.25 3.34 29.60
N1 P1O S . 23.01 3.23 28.80
C3 P1O S . 22.08 2.29 29.44
C4 P1O S . 22.37 4.56 28.71
C5 P1O S . 23.33 2.76 27.45
O4 P1O S . 23.09 -0.24 28.06
C6 P1O S . 22.74 -1.12 27.00
C7 P1O S . 21.59 -0.52 26.19
C8 P1O S . 22.15 0.47 25.17
O5 P1O S . 21.10 1.22 24.59
C9 P1O S . 21.12 1.55 23.17
O6 P1O S . 21.80 0.86 22.42
C10 P1O S . 20.32 2.72 22.64
C11 P1O S . 19.59 2.30 21.38
C12 P1O S . 20.33 2.78 20.13
C13 P1O S . 19.46 2.60 18.89
C14 P1O S . 19.98 3.43 17.71
C15 P1O S . 20.05 2.61 16.43
C16 P1O S . 19.29 3.28 15.30
C17 P1O S . 18.17 2.39 14.77
C18 P1O S . 18.54 1.79 13.44
O7 P1O S . 20.85 -1.54 25.52
C19 P1O S . 21.65 -2.69 25.15
O8 P1O S . 21.28 -3.80 25.48
C20 P1O S . 22.93 -2.51 24.36
C21 P1O S . 22.60 -2.42 22.87
C22 P1O S . 23.39 -1.30 22.20
C23 P1O S . 23.16 -1.31 20.69
C24 P1O S . 23.24 0.11 20.13
C25 P1O S . 24.11 0.14 18.87
C26 P1O S . 23.31 0.62 17.66
C27 P1O S . 24.11 0.44 16.38
C28 P1O S . 23.19 0.22 15.19
H1 P1O S . 25.69 2.09 30.58
H2 P1O S . 24.03 1.47 30.65
H3 P1O S . 25.00 3.85 29.01
H4 P1O S . 24.04 3.94 30.49
H5 P1O S . 22.04 2.49 30.48
H6 P1O S . 22.41 1.31 29.28
H7 P1O S . 21.11 2.42 29.04
H8 P1O S . 21.60 4.52 27.99
H9 P1O S . 23.10 5.27 28.41
H10 P1O S . 21.97 4.82 29.65
H11 P1O S . 23.87 1.84 27.52
H12 P1O S . 23.90 3.48 26.94
H13 P1O S . 22.43 2.59 26.91
H14 P1O S . 23.59 -1.29 26.35
H15 P1O S . 22.42 -2.08 27.40
H16 P1O S . 20.93 0.04 26.88
H17 P1O S . 22.68 -0.09 24.38
H18 P1O S . 22.87 1.14 25.65
H19 P1O S . 20.99 3.55 22.43
H20 P1O S . 19.60 3.04 23.40
H21 P1O S . 18.58 2.72 21.38
H22 P1O S . 19.50 1.21 21.35
H23 P1O S . 21.26 2.23 20.02
H24 P1O S . 20.58 3.85 20.24
H25 P1O S . 18.43 2.88 19.11
H26 P1O S . 19.45 1.54 18.60
H27 P1O S . 20.97 3.81 17.96
H28 P1O S . 19.32 4.29 17.56
H29 P1O S . 19.61 1.62 16.62
H30 P1O S . 21.09 2.47 16.15
H31 P1O S . 19.99 3.51 14.49
H32 P1O S . 18.87 4.22 15.66
H33 P1O S . 17.26 2.97 14.67
H34 P1O S . 17.98 1.58 15.49
H35 P1O S . 18.81 0.77 13.56
H36 P1O S . 19.36 2.32 13.01
H37 P1O S . 17.71 1.85 12.78
H38 P1O S . 23.60 -3.35 24.54
H39 P1O S . 23.43 -1.60 24.67
H40 P1O S . 21.53 -2.24 22.74
H41 P1O S . 22.84 -3.37 22.39
H42 P1O S . 24.45 -1.44 22.40
H43 P1O S . 23.09 -0.34 22.62
H44 P1O S . 22.18 -1.73 20.47
H45 P1O S . 23.92 -1.93 20.21
H46 P1O S . 23.66 0.78 20.88
H47 P1O S . 22.24 0.46 19.89
H48 P1O S . 24.50 -0.86 18.68
H49 P1O S . 24.96 0.80 19.03
H50 P1O S . 23.05 1.67 17.78
H51 P1O S . 22.38 0.05 17.60
H52 P1O S . 24.77 -0.42 16.49
H53 P1O S . 24.72 1.32 16.21
H54 P1O S . 22.26 0.67 15.38
H55 P1O S . 23.04 -0.83 15.05
H56 P1O S . 23.62 0.63 14.33
C1 PLC T . 2.35 32.93 -10.58
C2 PLC T . 3.53 32.56 -9.69
C3 PLC T . 3.68 33.45 -8.45
C4 PLC T . 3.09 33.74 -13.93
C5 PLC T . 2.46 35.13 -13.85
C6 PLC T . 3.83 36.19 -12.03
C7 PLC T . 4.59 36.35 -14.41
C8 PLC T . 2.58 37.63 -13.65
C' PLC T . 2.30 30.65 -8.78
C1' PLC T . 2.04 30.73 -7.28
C2' PLC T . 0.79 31.59 -6.94
C3' PLC T . 0.08 31.17 -5.60
C4' PLC T . 0.36 32.08 -4.38
C5' PLC T . -0.40 31.64 -3.10
C6' PLC T . -0.32 32.64 -1.92
C7' PLC T . -1.35 32.38 -0.79
C8' PLC T . -1.27 33.38 0.38
C9' PLC T . -2.36 33.23 1.46
CA' PLC T . -2.34 34.32 2.55
CB' PLC T . -3.48 34.15 3.61
CB PLC T . 4.03 35.82 -8.16
C1B PLC T . 4.24 35.73 -6.64
C2B PLC T . 4.13 37.09 -5.91
C3B PLC T . 4.18 36.95 -4.36
C4B PLC T . 2.90 36.34 -3.74
C5B PLC T . 2.75 36.50 -2.20
C6B PLC T . 1.50 35.79 -1.62
C7B PLC T . 1.23 36.07 -0.10
C8B PLC T . 1.94 35.06 0.86
C9B PLC T . 1.47 35.11 2.34
CAA PLC T . 1.65 33.78 3.13
CBA PLC T . 1.18 33.85 4.63
O' PLC T . 1.48 30.19 -9.54
OB PLC T . 3.65 36.82 -8.72
O2 PLC T . 3.45 31.14 -9.29
O3 PLC T . 4.32 34.69 -8.82
O1P PLC T . 0.14 33.10 -12.49
O2P PLC T . 0.83 30.72 -13.24
O3P PLC T . 2.28 31.96 -11.67
O4P PLC T . 2.09 32.68 -14.11
N PLC T . 3.36 36.31 -13.48
P PLC T . 1.22 32.13 -12.87
H11 PLC T . 1.51 32.91 -10.07
H12 PLC T . 2.45 33.84 -10.94
H2 PLC T . 4.37 32.64 -10.24
H31 PLC T . 4.25 33.00 -7.76
H32 PLC T . 2.79 33.62 -8.06
H41 PLC T . 3.72 33.70 -14.70
H42 PLC T . 3.62 33.57 -13.13
H51 PLC T . 1.72 35.10 -13.19
H52 PLC T . 2.02 35.34 -14.72
H61 PLC T . 3.07 36.08 -11.45
H62 PLC T . 4.31 36.99 -11.77
H63 PLC T . 4.42 35.43 -11.93
H71 PLC T . 5.08 37.17 -14.27
H72 PLC T . 4.30 36.31 -15.34
H73 PLC T . 5.17 35.60 -14.23
H81 PLC T . 3.15 38.38 -13.41
H82 PLC T . 1.80 37.62 -13.06
H83 PLC T . 2.28 37.72 -14.56
H1'1 PLC T . 2.84 31.08 -6.82
H1'2 PLC T . 1.90 29.81 -6.94
H2'1 PLC T . 0.15 31.52 -7.69
H2'2 PLC T . 1.04 32.54 -6.88
H3'1 PLC T . 0.36 30.25 -5.37
H3'2 PLC T . -0.90 31.12 -5.73
H4'1 PLC T . 0.09 33.01 -4.61
H4'2 PLC T . 1.34 32.11 -4.20
H5'1 PLC T . -0.06 30.76 -2.81
H5'2 PLC T . -1.36 31.51 -3.33
H6'1 PLC T . -0.47 33.57 -2.27
H6'2 PLC T . 0.59 32.64 -1.54
H7'1 PLC T . -1.21 31.47 -0.44
H7'2 PLC T . -2.26 32.40 -1.16
H8'1 PLC T . -1.32 34.30 0.01
H8'2 PLC T . -0.37 33.31 0.81
H9'1 PLC T . -2.27 32.33 1.89
H9'2 PLC T . -3.26 33.22 1.02
HT'1 PLC T . -2.42 35.21 2.11
HT'2 PLC T . -1.46 34.31 3.01
HE'1 PLC T . -3.45 34.87 4.28
HE'2 PLC T . -3.37 33.30 4.07
HE'3 PLC T . -4.35 34.16 3.17
H1A1 PLC T . 5.14 35.33 -6.45
H1A2 PLC T . 3.57 35.10 -6.26
H2A1 PLC T . 3.28 37.52 -6.16
H2A2 PLC T . 4.85 37.69 -6.23
H3A1 PLC T . 4.33 37.85 -3.95
H3A2 PLC T . 4.97 36.40 -4.10
H4A1 PLC T . 2.86 35.37 -3.96
H4A2 PLC T . 2.11 36.75 -4.17
H5A1 PLC T . 2.72 37.46 -1.98
H5A2 PLC T . 3.56 36.14 -1.75
H6A1 PLC T . 1.59 34.82 -1.76
H6A2 PLC T . 0.71 36.07 -2.16
H7A1 PLC T . 0.26 36.02 0.09
H7A2 PLC T . 1.51 36.99 0.12
H8A1 PLC T . 2.93 35.20 0.80
H8A2 PLC T . 1.80 34.15 0.52
H9A1 PLC T . 0.52 35.37 2.36
H9A2 PLC T . 1.96 35.84 2.82
HTA1 PLC T . 2.60 33.51 3.09
HTA2 PLC T . 1.14 33.07 2.65
HEA1 PLC T . 1.33 33.00 5.08
HEA2 PLC T . 1.68 34.56 5.09
HEA3 PLC T . 0.23 34.07 4.66
CU CU U . 19.45 -1.29 -6.21
C1 PLC V . 3.95 -11.43 -4.21
C2 PLC V . 4.80 -10.66 -3.20
C3 PLC V . 5.40 -11.63 -2.19
C4 PLC V . 4.95 -9.99 -8.79
C5 PLC V . 5.88 -8.78 -8.87
C6 PLC V . 7.43 -10.10 -10.14
C7 PLC V . 8.16 -8.07 -9.08
C8 PLC V . 7.62 -9.99 -7.75
C' PLC V . 5.96 -8.59 -3.43
C1' PLC V . 7.17 -8.13 -2.64
C2' PLC V . 6.80 -6.92 -1.79
C3' PLC V . 8.02 -6.39 -1.05
C4' PLC V . 8.02 -6.85 0.40
C5' PLC V . 9.42 -6.78 1.00
C6' PLC V . 9.69 -5.39 1.59
C7' PLC V . 10.90 -5.42 2.52
C8' PLC V . 11.11 -4.07 3.18
C9' PLC V . 12.56 -3.62 3.07
CA' PLC V . 12.72 -2.17 3.52
CB' PLC V . 13.89 -2.03 4.47
CB PLC V . 5.15 -11.50 0.29
C1B PLC V . 6.64 -11.60 0.50
C2B PLC V . 7.16 -10.31 1.11
C3B PLC V . 8.34 -10.57 2.04
C4B PLC V . 8.31 -9.61 3.23
C5B PLC V . 9.59 -9.73 4.04
C6B PLC V . 9.28 -9.94 5.51
C7B PLC V . 9.29 -8.63 6.29
C8B PLC V . 8.34 -8.71 7.48
C9B PLC V . 9.12 -8.58 8.79
CAA PLC V . 8.20 -8.10 9.92
CBA PLC V . 8.31 -8.99 11.13
O' PLC V . 5.06 -7.80 -3.70
OB PLC V . 4.40 -11.25 1.22
O2 PLC V . 5.85 -9.96 -3.88
O3 PLC V . 4.57 -11.70 -1.03
O1P PLC V . 4.78 -12.16 -6.92
O2P PLC V . 2.25 -11.53 -7.17
O3P PLC V . 3.66 -10.58 -5.31
O4P PLC V . 4.07 -9.85 -7.68
N PLC V . 7.27 -9.23 -8.96
P PLC V . 3.67 -11.15 -6.81
H11 PLC V . 4.51 -12.31 -4.55
H12 PLC V . 3.03 -11.75 -3.73
H2 PLC V . 4.16 -9.95 -2.66
H31 PLC V . 5.50 -12.62 -2.63
H32 PLC V . 6.40 -11.30 -1.91
H41 PLC V . 4.37 -10.05 -9.72
H42 PLC V . 5.54 -10.90 -8.70
H51 PLC V . 5.75 -8.16 -7.97
H52 PLC V . 5.63 -8.17 -9.74
H61 PLC V . 6.83 -9.72 -10.93
H62 PLC V . 7.13 -11.08 -9.89
H63 PLC V . 8.45 -10.10 -10.43
H71 PLC V . 8.35 -7.87 -10.10
H72 PLC V . 7.70 -7.22 -8.64
H73 PLC V . 9.08 -8.28 -8.59
H81 PLC V . 8.66 -10.14 -7.71
H82 PLC V . 7.31 -9.45 -6.89
H83 PLC V . 7.12 -10.92 -7.76
H1'1 PLC V . 7.97 -7.87 -3.33
H1'2 PLC V . 7.51 -8.95 -2.00
H2'1 PLC V . 6.03 -7.20 -1.08
H2'2 PLC V . 6.40 -6.13 -2.44
H3'1 PLC V . 8.03 -5.30 -1.09
H3'2 PLC V . 8.93 -6.75 -1.54
H4'1 PLC V . 7.65 -7.87 0.46
H4'2 PLC V . 7.34 -6.22 0.98
H5'1 PLC V . 10.15 -6.99 0.23
H5'2 PLC V . 9.52 -7.53 1.78
H6'1 PLC V . 8.81 -5.06 2.15
H6'2 PLC V . 9.85 -4.68 0.79
H7'1 PLC V . 11.79 -5.68 1.94
H7'2 PLC V . 10.75 -6.19 3.28
H8'1 PLC V . 10.82 -4.13 4.24
H8'2 PLC V . 10.46 -3.32 2.70
H9'1 PLC V . 12.88 -3.72 2.03
H9'2 PLC V . 13.18 -4.26 3.68
HT'1 PLC V . 11.81 -1.84 4.01
HT'2 PLC V . 12.89 -1.54 2.65
HE'1 PLC V . 13.85 -1.09 4.95
HE'2 PLC V . 14.80 -2.11 3.94
HE'3 PLC V . 13.84 -2.80 5.20
H1A1 PLC V . 7.14 -11.78 -0.45
H1A2 PLC V . 6.86 -12.44 1.16
H2A1 PLC V . 6.36 -9.83 1.68
H2A2 PLC V . 7.46 -9.62 0.32
H3A1 PLC V . 9.27 -10.43 1.48
H3A2 PLC V . 8.30 -11.60 2.39
H4A1 PLC V . 7.45 -9.86 3.87
H4A2 PLC V . 8.19 -8.59 2.87
H5A1 PLC V . 10.17 -8.80 3.94
H5A2 PLC V . 10.20 -10.55 3.67
H6A1 PLC V . 10.03 -10.62 5.94
H6A2 PLC V . 8.31 -10.43 5.62
H7A1 PLC V . 8.98 -7.82 5.63
H7A2 PLC V . 10.30 -8.41 6.64
H8A1 PLC V . 7.81 -9.65 7.46
H8A2 PLC V . 7.61 -7.90 7.41
H9A1 PLC V . 9.53 -9.56 9.06
H9A2 PLC V . 9.94 -7.88 8.67
HTA1 PLC V . 7.17 -8.08 9.56
HTA2 PLC V . 8.48 -7.07 10.19
HEA1 PLC V . 9.21 -8.77 11.65
HEA2 PLC V . 7.49 -8.80 11.78
HEA3 PLC V . 8.31 -9.99 10.84
CAA HXG W . 8.34 4.76 2.28
CAJ HXG W . 7.49 4.61 1.05
CAL HXG W . 7.35 3.18 0.58
CAN HXG W . 6.33 2.99 -0.53
CAQ HXG W . 6.45 1.65 -1.20
CAZ HXG W . 6.28 1.71 -2.69
OAF HXG W . 6.41 2.70 -3.36
OAV HXG W . 5.97 0.53 -3.19
CAT HXG W . 5.49 0.51 -4.56
CBB HXG W . 4.96 -0.86 -4.87
OAY HXG W . 4.17 -1.33 -3.74
CBA HXG W . 4.47 -2.52 -3.21
OAG HXG W . 4.71 -3.49 -3.88
CAR HXG W . 4.50 -2.49 -1.70
CAO HXG W . 5.67 -1.74 -1.14
CAM HXG W . 5.84 -1.95 0.36
CAK HXG W . 6.73 -0.95 1.03
CAB HXG W . 7.07 -1.29 2.46
CAU HXG W . 4.09 -0.90 -6.11
OAX HXG W . 4.72 -1.72 -7.13
PBD HXG W . 5.08 -1.06 -8.55
OAI HXG W . 5.71 0.27 -8.29
OAH HXG W . 3.86 -1.17 -9.43
OAW HXG W . 6.21 -2.05 -9.13
CAP HXG W . 6.31 -2.24 -10.57
CAS HXG W . 7.38 -3.26 -10.88
NBC HXG W . 7.15 -4.66 -10.37
CAD HXG W . 5.77 -5.09 -10.67
CAE HXG W . 8.11 -5.60 -11.01
CAC HXG W . 7.36 -4.70 -8.88
H1 HXG W . 9.26 4.93 2.03
H2 HXG W . 8.01 5.50 2.81
H3 HXG W . 8.30 3.94 2.81
H4 HXG W . 6.59 4.97 1.23
H5 HXG W . 7.89 5.14 0.32
H6 HXG W . 8.23 2.87 0.26
H7 HXG W . 7.10 2.62 1.35
H8 HXG W . 5.43 3.07 -0.15
H9 HXG W . 6.44 3.69 -1.19
H10 HXG W . 7.34 1.27 -0.99
H11 HXG W . 5.78 1.04 -0.82
H12 HXG W . 4.79 1.19 -4.66
H13 HXG W . 6.24 0.74 -5.16
H14 HXG W . 5.72 -1.48 -5.00
H15 HXG W . 3.68 -2.07 -1.38
H16 HXG W . 4.52 -3.41 -1.36
H17 HXG W . 6.48 -2.04 -1.60
H18 HXG W . 5.55 -0.79 -1.31
H19 HXG W . 4.96 -1.92 0.78
H20 HXG W . 6.20 -2.85 0.51
H21 HXG W . 7.58 -0.88 0.51
H22 HXG W . 6.30 -0.07 1.00
H23 HXG W . 8.02 -1.50 2.52
H24 HXG W . 6.87 -0.52 3.03
H25 HXG W . 6.55 -2.05 2.75
H26 HXG W . 3.21 -1.28 -5.88
H27 HXG W . 3.96 0.01 -6.45
H29 HXG W . 5.45 -2.56 -10.92
H30 HXG W . 6.53 -1.39 -11.00
H31 HXG W . 7.48 -3.31 -11.85
H32 HXG W . 8.22 -2.94 -10.52
H33 HXG W . 5.69 -5.27 -11.62
H34 HXG W . 5.56 -5.90 -10.16
H35 HXG W . 5.15 -4.39 -10.41
H36 HXG W . 9.00 -5.21 -10.99
H37 HXG W . 8.12 -6.44 -10.51
H38 HXG W . 7.83 -5.76 -11.91
H39 HXG W . 6.59 -4.30 -8.45
H40 HXG W . 7.46 -5.62 -8.61
H41 HXG W . 8.15 -4.19 -8.66
C1 D10 X . 3.91 3.56 4.86
C2 D10 X . 4.35 3.16 3.47
C3 D10 X . 3.21 3.29 2.47
C4 D10 X . 3.48 2.48 1.22
C5 D10 X . 2.19 2.23 0.44
C6 D10 X . 2.45 1.38 -0.79
C7 D10 X . 1.21 1.30 -1.68
C8 D10 X . 1.47 0.45 -2.91
C9 D10 X . 0.23 0.33 -3.77
C10 D10 X . 0.48 -0.58 -4.96
H11 D10 X . 4.72 3.45 5.53
H12 D10 X . 3.10 2.94 5.17
H13 D10 X . 3.60 4.57 4.86
H21 D10 X . 5.19 3.78 3.16
H22 D10 X . 4.70 2.12 3.49
H31 D10 X . 2.28 2.95 2.94
H32 D10 X . 3.08 4.34 2.22
H41 D10 X . 4.19 3.01 0.59
H42 D10 X . 3.93 1.52 1.50
H51 D10 X . 1.46 1.72 1.08
H52 D10 X . 1.75 3.19 0.15
H61 D10 X . 3.27 1.83 -1.38
H62 D10 X . 2.76 0.38 -0.49
H71 D10 X . 0.39 0.85 -1.09
H72 D10 X . 0.90 2.30 -1.98
H81 D10 X . 2.28 0.91 -3.49
H82 D10 X . 1.80 -0.55 -2.61
H91 D10 X . -0.59 -0.08 -3.18
H92 D10 X . -0.08 1.31 -4.12
H101 D10 X . -0.38 -0.59 -5.58
H102 D10 X . 1.30 -0.21 -5.51
H103 D10 X . 0.68 -1.56 -4.63
C1 PLC Y . 25.21 -18.47 -8.27
C2 PLC Y . 25.80 -17.97 -6.96
C3 PLC Y . 26.78 -16.81 -7.14
C4 PLC Y . 25.80 -17.00 -12.55
C5 PLC Y . 26.58 -15.69 -12.61
C6 PLC Y . 28.29 -16.08 -10.77
C7 PLC Y . 28.83 -16.69 -13.14
C8 PLC Y . 28.66 -14.29 -12.46
C' PLC Y . 24.30 -16.30 -5.96
C1' PLC Y . 24.57 -15.63 -4.62
C2' PLC Y . 24.12 -14.15 -4.57
C3' PLC Y . 24.25 -13.51 -3.15
C4' PLC Y . 23.80 -12.02 -3.10
C5' PLC Y . 23.80 -11.39 -1.66
C6' PLC Y . 25.19 -11.40 -0.97
C7' PLC Y . 25.29 -10.52 0.32
C8' PLC Y . 26.68 -10.54 0.99
C9' PLC Y . 26.78 -9.86 2.38
CA' PLC Y . 28.20 -9.82 3.00
CB' PLC Y . 28.24 -9.29 4.47
CB PLC Y . 28.77 -18.22 -7.12
C1B PLC Y . 29.15 -17.97 -5.66
C2B PLC Y . 29.48 -16.48 -5.29
C3B PLC Y . 30.57 -16.33 -4.20
C4B PLC Y . 30.77 -14.84 -3.73
C5B PLC Y . 32.15 -14.55 -3.08
C6B PLC Y . 32.60 -15.55 -1.96
C7B PLC Y . 34.01 -15.22 -1.33
C8B PLC Y . 34.79 -16.45 -0.80
C9B PLC Y . 36.20 -16.09 -0.18
CAA PLC Y . 36.16 -15.67 1.32
CBA PLC Y . 36.16 -16.89 2.31
O' PLC Y . 23.81 -15.73 -6.89
OB PLC Y . 29.05 -19.19 -7.75
O2 PLC Y . 24.67 -17.59 -6.07
O3 PLC Y . 28.07 -17.21 -7.67
O1P PLC Y . 24.56 -19.73 -10.94
O2P PLC Y . 27.11 -19.56 -11.45
O3P PLC Y . 26.23 -18.89 -9.22
O4P PLC Y . 25.62 -17.47 -11.17
N PLC Y . 28.08 -15.69 -12.25
P PLC Y . 25.87 -19.01 -10.79
H11 PLC Y . 24.62 -19.23 -8.12
H12 PLC Y . 24.67 -17.76 -8.69
H2 PLC Y . 26.27 -18.72 -6.50
H31 PLC Y . 26.93 -16.34 -6.28
H32 PLC Y . 26.40 -16.14 -7.77
H41 PLC Y . 24.90 -16.89 -12.94
H42 PLC Y . 26.26 -17.69 -13.07
H51 PLC Y . 26.14 -15.04 -12.02
H52 PLC Y . 26.51 -15.31 -13.52
H61 PLC Y . 27.71 -15.55 -10.20
H62 PLC Y . 29.21 -15.93 -10.52
H63 PLC Y . 28.09 -17.02 -10.64
H71 PLC Y . 29.79 -16.58 -13.01
H72 PLC Y . 28.61 -16.53 -14.07
H73 PLC Y . 28.59 -17.60 -12.91
H81 PLC Y . 29.60 -14.28 -12.25
H82 PLC Y . 28.20 -13.65 -11.89
H83 PLC Y . 28.54 -14.03 -13.40
H1'1 PLC Y . 25.55 -15.68 -4.42
H1'2 PLC Y . 24.12 -16.14 -3.91
H2'1 PLC Y . 23.18 -14.09 -4.86
H2'2 PLC Y . 24.64 -13.61 -5.22
H3'1 PLC Y . 25.19 -13.58 -2.85
H3'2 PLC Y . 23.70 -14.03 -2.51
H4'1 PLC Y . 22.88 -11.94 -3.50
H4'2 PLC Y . 24.39 -11.48 -3.69
H5'1 PLC Y . 23.15 -11.88 -1.09
H5'2 PLC Y . 23.47 -10.45 -1.71
H6'1 PLC Y . 25.87 -11.10 -1.61
H6'2 PLC Y . 25.43 -12.34 -0.73
H7'1 PLC Y . 24.61 -10.82 0.97
H7'2 PLC Y . 25.06 -9.58 0.08
H8'1 PLC Y . 27.35 -10.11 0.39
H8'2 PLC Y . 26.97 -11.49 1.09
H9'1 PLC Y . 26.16 -10.32 3.01
H9'2 PLC Y . 26.42 -8.93 2.31
HT'1 PLC Y . 28.78 -9.25 2.43
HT'2 PLC Y . 28.59 -10.73 2.97
HE'1 PLC Y . 27.82 -8.40 4.51
HE'2 PLC Y . 29.16 -9.21 4.79
HE'3 PLC Y . 27.75 -9.89 5.06
H1A1 PLC Y . 29.94 -18.53 -5.43
H1A2 PLC Y . 28.41 -18.31 -5.07
H2A1 PLC Y . 28.66 -16.01 -4.99
H2A2 PLC Y . 29.78 -16.00 -6.11
H3A1 PLC Y . 31.43 -16.67 -4.54
H3A2 PLC Y . 30.33 -16.89 -3.42
H4A1 PLC Y . 30.04 -14.60 -3.10
H4A2 PLC Y . 30.64 -14.25 -4.52
H5A1 PLC Y . 32.15 -13.64 -2.69
H5A2 PLC Y . 32.85 -14.54 -3.78
H6A1 PLC Y . 32.65 -16.47 -2.35
H6A2 PLC Y . 31.91 -15.59 -1.25
H7A1 PLC Y . 33.88 -14.56 -0.60
H7A2 PLC Y . 34.56 -14.77 -2.02
H8A1 PLC Y . 34.90 -17.11 -1.53
H8A2 PLC Y . 34.26 -16.90 -0.10
H9A1 PLC Y . 36.60 -15.36 -0.72
H9A2 PLC Y . 36.81 -16.87 -0.26
HTA1 PLC Y . 35.33 -15.13 1.47
HTA2 PLC Y . 36.93 -15.08 1.54
HEA1 PLC Y . 36.01 -16.60 3.24
HEA2 PLC Y . 35.45 -17.52 2.06
HEA3 PLC Y . 37.02 -17.36 2.27
CAA HXG Z . 37.68 13.40 -5.91
CAJ HXG Z . 37.47 12.22 -6.83
CAL HXG Z . 38.27 12.29 -8.11
CAN HXG Z . 37.84 11.30 -9.18
CAQ HXG Z . 38.57 11.50 -10.47
CAZ HXG Z . 38.49 10.31 -11.38
OAF HXG Z . 37.63 9.47 -11.37
OAV HXG Z . 39.51 10.28 -12.24
CAT HXG Z . 39.45 9.30 -13.30
CBB HXG Z . 39.32 10.03 -14.63
OAY HXG Z . 40.14 11.23 -14.62
CBA HXG Z . 41.34 11.18 -14.02
OAG HXG Z . 41.95 10.16 -13.88
CAR HXG Z . 41.82 12.54 -13.59
CAO HXG Z . 42.71 12.50 -12.39
CAM HXG Z . 42.10 13.19 -11.18
CAK HXG Z . 42.92 13.11 -9.92
CAB HXG Z . 42.19 13.55 -8.68
CAU HXG Z . 39.77 9.18 -15.80
OAX HXG Z . 39.78 10.00 -17.00
PBD HXG Z . 41.20 10.43 -17.64
OAI HXG Z . 41.87 11.37 -16.68
OAH HXG Z . 40.96 10.85 -19.06
OAW HXG Z . 42.02 9.05 -17.65
CAP HXG Z . 41.37 7.85 -18.12
CAS HXG Z . 41.94 6.64 -17.41
NBC HXG Z . 40.94 5.60 -16.93
CAD HXG Z . 40.02 5.23 -18.05
CAE HXG Z . 40.13 6.15 -15.81
CAC HXG Z . 41.65 4.39 -16.46
H1 HXG Z . 36.97 13.42 -5.24
H2 HXG Z . 37.66 14.23 -6.43
H3 HXG Z . 38.54 13.32 -5.47
H4 HXG Z . 36.52 12.16 -7.06
H5 HXG Z . 37.71 11.40 -6.36
H6 HXG Z . 39.22 12.14 -7.89
H7 HXG Z . 38.19 13.20 -8.47
H8 HXG Z . 36.87 11.39 -9.33
H9 HXG Z . 38.00 10.40 -8.85
H10 HXG Z . 39.50 11.69 -10.28
H11 HXG Z . 38.19 12.27 -10.93
H12 HXG Z . 38.67 8.72 -13.16
H13 HXG Z . 40.27 8.75 -13.28
H14 HXG Z . 38.37 10.27 -14.76
H15 HXG Z . 41.04 13.11 -13.39
H16 HXG Z . 42.31 12.96 -14.33
H17 HXG Z . 43.57 12.93 -12.60
H18 HXG Z . 42.89 11.56 -12.15
H19 HXG Z . 41.21 12.80 -11.00
H20 HXG Z . 41.95 14.14 -11.40
H21 HXG Z . 43.72 13.66 -10.04
H22 HXG Z . 43.22 12.18 -9.80
H23 HXG Z . 42.77 13.46 -7.91
H24 HXG Z . 41.40 13.01 -8.55
H25 HXG Z . 41.93 14.49 -8.77
H26 HXG Z . 39.15 8.43 -15.93
H27 HXG Z . 40.66 8.81 -15.64
H29 HXG Z . 41.49 7.74 -19.09
H30 HXG Z . 40.39 7.90 -17.94
H31 HXG Z . 42.45 6.95 -16.63
H32 HXG Z . 42.57 6.19 -18.01
H33 HXG Z . 39.93 4.27 -18.07
H34 HXG Z . 40.41 5.54 -18.88
H35 HXG Z . 39.16 5.64 -17.91
H36 HXG Z . 40.01 5.48 -15.14
H37 HXG Z . 39.26 6.44 -16.15
H38 HXG Z . 40.60 6.92 -15.43
H39 HXG Z . 41.01 3.74 -16.13
H40 HXG Z . 42.25 4.64 -15.74
H41 HXG Z . 42.15 4.00 -17.19
C1 PLC AA . 43.67 -9.00 -12.81
C2 PLC AA . 44.40 -8.57 -11.53
C3 PLC AA . 43.98 -9.39 -10.31
C4 PLC AA . 47.03 -7.40 -15.55
C5 PLC AA . 46.86 -6.44 -14.38
C6 PLC AA . 44.99 -5.15 -15.52
C7 PLC AA . 45.92 -4.36 -13.35
C8 PLC AA . 47.30 -4.19 -15.42
C' PLC AA . 46.74 -8.31 -10.86
C1' PLC AA . 46.96 -6.82 -10.64
C2' PLC AA . 46.26 -6.27 -9.35
C3' PLC AA . 46.95 -4.99 -8.78
C4' PLC AA . 46.35 -4.47 -7.44
C5' PLC AA . 47.30 -3.50 -6.65
C6' PLC AA . 47.38 -2.05 -7.24
C7' PLC AA . 46.37 -1.04 -6.59
C8' PLC AA . 46.67 0.47 -6.90
C9' PLC AA . 47.90 1.08 -6.12
CA' PLC AA . 47.59 1.74 -4.73
CB' PLC AA . 47.19 0.72 -3.60
CB PLC AA . 42.32 -8.75 -8.71
C1B PLC AA . 42.85 -7.38 -8.29
C2B PLC AA . 42.35 -6.90 -6.91
C3B PLC AA . 42.82 -5.46 -6.55
C4B PLC AA . 43.16 -5.24 -5.04
C5B PLC AA . 41.93 -5.41 -4.09
C6B PLC AA . 42.25 -5.14 -2.60
C7B PLC AA . 41.27 -5.80 -1.59
C8B PLC AA . 41.68 -5.65 -0.09
C9B PLC AA . 41.28 -4.30 0.57
CAA PLC AA . 41.56 -4.26 2.11
CBA PLC AA . 40.71 -3.17 2.86
O' PLC AA . 47.32 -9.18 -10.25
OB PLC AA . 41.69 -9.47 -7.98
O2 PLC AA . 45.83 -8.70 -11.79
O3 PLC AA . 42.61 -9.07 -9.97
O1P PLC AA . 44.19 -10.02 -15.88
O2P PLC AA . 46.23 -9.97 -14.30
O3P PLC AA . 44.23 -8.39 -13.99
O4P PLC AA . 45.79 -8.08 -15.95
N PLC AA . 46.27 -5.04 -14.67
P PLC AA . 45.13 -9.24 -15.03
H11 PLC AA . 42.72 -8.77 -12.75
H12 PLC AA . 43.73 -9.99 -12.90
H2 PLC AA . 44.20 -7.60 -11.36
H31 PLC AA . 44.59 -9.22 -9.53
H32 PLC AA . 44.03 -10.36 -10.51
H41 PLC AA . 47.36 -6.91 -16.34
H42 PLC AA . 47.72 -8.09 -15.36
H51 PLC AA . 47.73 -6.30 -13.93
H52 PLC AA . 46.29 -6.87 -13.71
H61 PLC AA . 44.37 -5.77 -15.10
H62 PLC AA . 45.21 -5.47 -16.40
H63 PLC AA . 44.57 -4.28 -15.58
H71 PLC AA . 45.56 -3.47 -13.52
H72 PLC AA . 46.72 -4.27 -12.80
H73 PLC AA . 45.26 -4.88 -12.86
H81 PLC AA . 47.48 -4.58 -16.29
H82 PLC AA . 48.13 -4.16 -14.91
H83 PLC AA . 46.96 -3.29 -15.53
H1'1 PLC AA . 46.65 -6.32 -11.42
H1'2 PLC AA . 47.93 -6.66 -10.57
H2'1 PLC AA . 46.27 -6.97 -8.66
H2'2 PLC AA . 45.31 -6.07 -9.54
H3'1 PLC AA . 46.92 -4.28 -9.46
H3'2 PLC AA . 47.91 -5.19 -8.63
H4'1 PLC AA . 46.12 -5.25 -6.87
H4'2 PLC AA . 45.50 -3.99 -7.62
H5'1 PLC AA . 48.21 -3.91 -6.63
H5'2 PLC AA . 47.00 -3.45 -5.70
H6'1 PLC AA . 47.22 -2.08 -8.21
H6'2 PLC AA . 48.29 -1.68 -7.12
H7'1 PLC AA . 46.39 -1.17 -5.62
H7'2 PLC AA . 45.45 -1.28 -6.89
H8'1 PLC AA . 45.87 1.03 -6.68
H8'2 PLC AA . 46.82 0.56 -7.87
H9'1 PLC AA . 48.37 1.76 -6.70
H9'2 PLC AA . 48.56 0.36 -5.97
HT'1 PLC AA . 46.84 2.38 -4.85
HT'2 PLC AA . 48.37 2.27 -4.42
HE'1 PLC AA . 47.05 1.17 -2.75
HE'2 PLC AA . 47.90 0.05 -3.49
HE'3 PLC AA . 46.37 0.25 -3.85
H1A1 PLC AA . 43.85 -7.43 -8.26
H1A2 PLC AA . 42.62 -6.71 -8.98
H2A1 PLC AA . 42.67 -7.52 -6.21
H2A2 PLC AA . 41.35 -6.95 -6.89
H3A1 PLC AA . 42.13 -4.79 -6.82
H3A2 PLC AA . 43.63 -5.24 -7.10
H4A1 PLC AA . 43.54 -4.34 -4.91
H4A2 PLC AA . 43.86 -5.88 -4.78
H5A1 PLC AA . 41.60 -6.34 -4.18
H5A2 PLC AA . 41.20 -4.82 -4.40
H6A1 PLC AA . 42.28 -4.16 -2.43
H6A2 PLC AA . 43.17 -5.47 -2.40
H7A1 PLC AA . 41.20 -6.77 -1.82
H7A2 PLC AA . 40.37 -5.43 -1.72
H8A1 PLC AA . 41.28 -6.38 0.44
H8A2 PLC AA . 42.66 -5.77 -0.01
H9A1 PLC AA . 40.32 -4.15 0.42
H9A2 PLC AA . 41.75 -3.55 0.11
HTA1 PLC AA . 42.53 -4.10 2.27
HTA2 PLC AA . 41.37 -5.15 2.49
HEA1 PLC AA . 40.88 -2.30 2.48
HEA2 PLC AA . 40.95 -3.15 3.81
HEA3 PLC AA . 39.75 -3.37 2.77
O1 P1O BA . 51.51 4.24 14.61
O2 P1O BA . 51.03 6.05 16.44
P1 P1O BA . 50.53 5.08 15.40
O3 P1O BA . 49.46 4.09 16.08
C1 P1O BA . 49.65 3.62 17.41
C2 P1O BA . 49.63 4.80 18.38
N1 P1O BA . 50.75 4.67 19.33
C3 P1O BA . 52.02 4.75 18.59
C4 P1O BA . 50.69 5.77 20.31
C5 P1O BA . 50.65 3.39 20.03
O4 P1O BA . 49.61 5.90 14.35
C6 P1O BA . 50.14 6.29 13.09
C7 P1O BA . 49.36 5.62 11.99
C8 P1O BA . 49.57 4.11 12.07
O5 P1O BA . 49.01 3.61 13.29
C9 P1O BA . 48.51 2.25 13.36
O6 P1O BA . 48.50 1.67 14.42
C10 P1O BA . 48.00 1.57 12.10
C11 P1O BA . 49.15 1.01 11.30
C12 P1O BA . 49.17 1.58 9.88
C13 P1O BA . 48.15 0.86 9.00
C14 P1O BA . 48.66 0.76 7.56
C15 P1O BA . 47.57 0.24 6.64
C16 P1O BA . 48.16 -0.18 5.29
C17 P1O BA . 47.21 -1.11 4.55
C18 P1O BA . 47.68 -1.37 3.14
O7 P1O BA . 47.96 5.92 12.13
C19 P1O BA . 47.35 6.29 10.87
O8 P1O BA . 46.72 7.34 10.80
C20 P1O BA . 47.47 5.40 9.66
C21 P1O BA . 46.26 5.58 8.76
C22 P1O BA . 46.28 4.58 7.62
C23 P1O BA . 45.03 4.71 6.76
C24 P1O BA . 44.14 3.47 6.90
C25 P1O BA . 44.44 2.45 5.82
C26 P1O BA . 43.47 1.27 5.90
C27 P1O BA . 43.24 0.66 4.53
C28 P1O BA . 42.37 -0.57 4.62
H1 P1O BA . 50.60 3.10 17.49
H2 P1O BA . 48.85 2.93 17.67
H3 P1O BA . 48.68 4.81 18.93
H4 P1O BA . 49.72 5.74 17.83
H5 P1O BA . 51.93 5.44 17.80
H6 P1O BA . 52.25 3.79 18.20
H7 P1O BA . 52.79 5.05 19.25
H8 P1O BA . 50.76 5.37 21.28
H9 P1O BA . 49.77 6.28 20.20
H10 P1O BA . 51.50 6.43 20.14
H11 P1O BA . 49.68 2.98 19.89
H12 P1O BA . 50.84 3.52 21.06
H13 P1O BA . 51.37 2.71 19.62
H14 P1O BA . 50.07 7.38 12.98
H15 P1O BA . 51.20 6.01 13.03
H16 P1O BA . 49.72 5.97 11.02
H17 P1O BA . 50.64 3.89 12.03
H18 P1O BA . 49.09 3.62 11.22
H19 P1O BA . 47.44 2.30 11.50
H20 P1O BA . 47.32 0.77 12.38
H21 P1O BA . 49.08 -0.08 11.26
H22 P1O BA . 50.09 1.26 11.79
H23 P1O BA . 50.17 1.47 9.46
H24 P1O BA . 48.93 2.64 9.92
H25 P1O BA . 47.21 1.40 9.01
H26 P1O BA . 47.98 -0.15 9.40
H27 P1O BA . 49.53 0.09 7.53
H28 P1O BA . 49.00 1.75 7.22
H29 P1O BA . 47.08 -0.61 7.10
H30 P1O BA . 46.82 1.02 6.48
H31 P1O BA . 49.11 -0.69 5.45
H32 P1O BA . 48.35 0.70 4.69
H33 P1O BA . 46.21 -0.66 4.53
H34 P1O BA . 47.13 -2.06 5.08
H35 P1O BA . 47.71 -2.41 2.97
H36 P1O BA . 48.65 -0.96 3.03
H37 P1O BA . 47.02 -0.91 2.46
H38 P1O BA . 47.54 4.35 9.98
H39 P1O BA . 48.38 5.64 9.11
H40 P1O BA . 46.24 6.60 8.36
H41 P1O BA . 45.35 5.45 9.35
H42 P1O BA . 46.33 3.57 8.02
H43 P1O BA . 47.16 4.75 7.00
H44 P1O BA . 45.32 4.83 5.71
H45 P1O BA . 44.47 5.59 7.06
H46 P1O BA . 43.09 3.78 6.84
H47 P1O BA . 44.31 3.02 7.89
H48 P1O BA . 45.46 2.08 5.93
H49 P1O BA . 44.36 2.92 4.83
H50 P1O BA . 42.52 1.61 6.30
H51 P1O BA . 43.87 0.52 6.57
H52 P1O BA . 44.21 0.37 4.09
H53 P1O BA . 42.78 1.38 3.86
H54 P1O BA . 42.78 -1.26 5.31
H55 P1O BA . 42.29 -1.03 3.66
H56 P1O BA . 41.40 -0.28 4.96
O1 P1O CA . 35.71 -3.57 26.29
O2 P1O CA . 34.38 -4.51 24.25
P1 P1O CA . 35.67 -4.36 25.00
O3 P1O CA . 36.29 -5.82 25.27
C1 P1O CA . 37.65 -6.09 24.97
C2 P1O CA . 37.90 -7.59 25.00
N1 P1O CA . 37.53 -8.18 23.70
C3 P1O CA . 38.51 -7.76 22.68
C4 P1O CA . 37.54 -9.64 23.81
C5 P1O CA . 36.20 -7.72 23.32
O4 P1O CA . 36.77 -3.72 24.00
C6 P1O CA . 36.43 -3.31 22.68
C7 P1O CA . 36.31 -4.53 21.77
C8 P1O CA . 34.84 -4.93 21.61
O5 P1O CA . 34.00 -3.78 21.74
C9 P1O CA . 33.30 -3.26 20.59
O6 P1O CA . 33.93 -3.05 19.55
C10 P1O CA . 31.82 -2.97 20.65
C11 P1O CA . 31.17 -3.24 19.30
C12 P1O CA . 31.58 -4.61 18.77
C13 P1O CA . 30.35 -5.38 18.27
C14 P1O CA . 29.92 -4.88 16.91
C15 P1O CA . 29.71 -6.03 15.94
C16 P1O CA . 30.76 -6.02 14.83
C17 P1O CA . 30.17 -6.51 13.52
C18 P1O CA . 31.10 -7.51 12.85
O7 P1O CA . 36.86 -4.23 20.49
C19 P1O CA . 37.88 -5.20 20.10
O8 P1O CA . 38.60 -5.68 20.96
C20 P1O CA . 38.04 -5.60 18.66
C21 P1O CA . 39.48 -6.01 18.40
C22 P1O CA . 39.68 -7.51 18.63
C23 P1O CA . 39.10 -8.33 17.49
C24 P1O CA . 40.19 -8.78 16.52
C25 P1O CA . 39.88 -10.14 15.94
C26 P1O CA . 38.91 -10.02 14.76
C27 P1O CA . 39.50 -10.61 13.49
C28 P1O CA . 38.45 -10.77 12.43
H1 P1O CA . 38.29 -5.59 25.70
H2 P1O CA . 37.89 -5.70 23.98
H3 P1O CA . 37.31 -8.05 25.80
H4 P1O CA . 38.96 -7.78 25.20
H5 P1O CA . 39.37 -7.38 23.15
H6 P1O CA . 38.08 -7.01 22.07
H7 P1O CA . 38.77 -8.59 22.08
H8 P1O CA . 37.85 -10.07 22.89
H9 P1O CA . 36.57 -9.98 24.05
H10 P1O CA . 38.21 -9.92 24.58
H11 P1O CA . 36.28 -6.96 22.59
H12 P1O CA . 35.65 -8.52 22.92
H13 P1O CA . 35.70 -7.33 24.17
H14 P1O CA . 37.19 -2.63 22.30
H15 P1O CA . 35.48 -2.77 22.69
H16 P1O CA . 36.86 -5.37 22.23
H17 P1O CA . 34.59 -5.66 22.38
H18 P1O CA . 34.69 -5.39 20.64
H19 P1O CA . 31.66 -1.92 20.94
H20 P1O CA . 31.37 -3.60 21.42
H21 P1O CA . 31.49 -2.47 18.59
H22 P1O CA . 30.09 -3.19 19.41
H23 P1O CA . 32.07 -5.18 19.57
H24 P1O CA . 32.29 -4.49 17.96
H25 P1O CA . 29.53 -5.25 18.99
H26 P1O CA . 30.59 -6.44 18.21
H27 P1O CA . 30.67 -4.20 16.51
H28 P1O CA . 28.99 -4.32 17.01
H29 P1O CA . 28.71 -5.97 15.50
H30 P1O CA . 29.78 -6.97 16.49
H31 P1O CA . 31.60 -6.64 15.12
H32 P1O CA . 31.13 -4.99 14.69
H33 P1O CA . 30.00 -5.66 12.85
H34 P1O CA . 29.21 -6.99 13.71
H35 P1O CA . 30.77 -8.49 13.06
H36 P1O CA . 32.09 -7.38 13.22
H37 P1O CA . 31.09 -7.35 11.80
H38 P1O CA . 37.77 -4.77 18.00
H39 P1O CA . 37.37 -6.45 18.43
H40 P1O CA . 40.14 -5.45 19.05
H41 P1O CA . 39.75 -5.78 17.36
H42 P1O CA . 39.21 -7.79 19.57
H43 P1O CA . 40.76 -7.71 18.72
H44 P1O CA . 38.36 -7.72 16.96
H45 P1O CA . 38.59 -9.20 17.89
H46 P1O CA . 41.15 -8.81 17.04
H47 P1O CA . 40.27 -8.06 15.70
H48 P1O CA . 39.43 -10.77 16.71
H49 P1O CA . 40.79 -10.61 15.60
H50 P1O CA . 38.68 -8.96 14.60
H51 P1O CA . 37.97 -10.53 15.00
H52 P1O CA . 39.94 -11.58 13.72
H53 P1O CA . 40.30 -9.95 13.12
H54 P1O CA . 37.56 -11.13 12.87
H55 P1O CA . 38.79 -11.45 11.69
H56 P1O CA . 38.25 -9.83 11.98
C1 ETF DA . 23.41 -0.14 -6.36
C2 ETF DA . 22.30 -0.01 -5.38
O ETF DA . 21.07 -0.35 -5.95
F1 ETF DA . 24.58 0.17 -5.82
F2 ETF DA . 23.51 -1.38 -6.83
F3 ETF DA . 23.24 0.66 -7.41
H21 ETF DA . 22.27 0.92 -5.06
H22 ETF DA . 22.49 -0.60 -4.62
HO ETF DA . 20.44 0.07 -5.57
C1 PLC EA . 6.14 3.75 -9.19
C2 PLC EA . 6.39 5.15 -8.61
C3 PLC EA . 5.28 5.49 -7.61
C4 PLC EA . 2.64 2.15 -11.12
C5 PLC EA . 1.80 1.45 -10.04
C6 PLC EA . 1.63 3.78 -9.32
C7 PLC EA . 0.00 2.16 -8.65
C8 PLC EA . 2.22 2.06 -7.76
C' PLC EA . 7.61 4.63 -6.61
C1' PLC EA . 7.40 5.54 -5.42
C2' PLC EA . 8.70 6.24 -5.04
C3' PLC EA . 8.55 6.93 -3.69
C4' PLC EA . 9.64 7.98 -3.47
C5' PLC EA . 9.28 8.93 -2.33
C6' PLC EA . 9.67 8.36 -0.97
C7' PLC EA . 10.99 8.95 -0.49
C8' PLC EA . 11.72 7.97 0.42
C9' PLC EA . 12.12 8.62 1.73
CA' PLC EA . 12.41 7.57 2.80
CB' PLC EA . 13.80 6.98 2.63
CB PLC EA . 3.69 4.37 -6.07
C1B PLC EA . 3.76 4.09 -4.59
C2B PLC EA . 3.60 5.38 -3.79
C3B PLC EA . 4.48 5.39 -2.56
C4B PLC EA . 4.43 6.73 -1.85
C5B PLC EA . 3.73 6.62 -0.50
C6B PLC EA . 4.66 7.04 0.62
C7B PLC EA . 4.33 8.43 1.14
C8B PLC EA . 5.22 8.79 2.32
C9B PLC EA . 4.42 9.49 3.42
CAA PLC EA . 5.22 10.63 4.03
CBA PLC EA . 4.56 11.16 5.29
O' PLC EA . 7.76 3.43 -6.45
OB PLC EA . 2.63 4.63 -6.61
O2 PLC EA . 7.66 5.18 -7.95
O3 PLC EA . 4.90 4.35 -6.88
O1P PLC EA . 4.77 3.46 -12.76
O2P PLC EA . 5.87 1.48 -11.45
O3P PLC EA . 6.05 3.85 -10.61
O4P PLC EA . 3.83 2.66 -10.55
N PLC EA . 1.41 2.37 -8.95
P PLC EA . 5.16 2.80 -11.45
H11 PLC EA . 6.96 3.09 -8.91
H12 PLC EA . 5.22 3.35 -8.78
H2 PLC EA . 6.37 5.87 -9.42
H31 PLC EA . 4.42 5.89 -8.16
H32 PLC EA . 5.63 6.27 -6.93
H41 PLC EA . 2.88 1.43 -11.91
H42 PLC EA . 2.06 2.96 -11.57
H51 PLC EA . 2.37 0.62 -9.62
H52 PLC EA . 0.89 1.04 -10.50
H61 PLC EA . 2.66 3.95 -9.46
H62 PLC EA . 1.27 4.41 -8.53
H63 PLC EA . 1.10 4.00 -10.21
H71 PLC EA . -0.60 2.78 -9.28
H72 PLC EA . -0.19 2.43 -7.64
H73 PLC EA . -0.26 1.15 -8.80
H81 PLC EA . 3.23 2.28 -7.94
H82 PLC EA . 2.10 1.03 -7.52
H83 PLC EA . 1.87 2.64 -6.94
H1'1 PLC EA . 7.03 4.97 -4.58
H1'2 PLC EA . 6.64 6.30 -5.67
H2'1 PLC EA . 8.96 6.97 -5.80
H2'2 PLC EA . 9.51 5.50 -4.98
H3'1 PLC EA . 8.62 6.19 -2.89
H3'2 PLC EA . 7.58 7.41 -3.62
H4'1 PLC EA . 9.79 8.55 -4.39
H4'2 PLC EA . 10.58 7.48 -3.23
H5'1 PLC EA . 8.19 9.10 -2.35
H5'2 PLC EA . 9.77 9.88 -2.48
H6'1 PLC EA . 9.76 7.27 -1.05
H6'2 PLC EA . 8.89 8.57 -0.25
H7'1 PLC EA . 10.79 9.86 0.06
H7'2 PLC EA . 11.61 9.19 -1.35
H8'1 PLC EA . 12.61 7.60 -0.10
H8'2 PLC EA . 11.08 7.11 0.62
H9'1 PLC EA . 11.32 9.27 2.07
H9'2 PLC EA . 13.01 9.24 1.58
HT'1 PLC EA . 11.67 6.77 2.73
HT'2 PLC EA . 12.34 8.02 3.78
HE'1 PLC EA . 13.91 6.14 3.26
HE'2 PLC EA . 14.53 7.71 2.86
HE'3 PLC EA . 13.93 6.68 1.62
H1A1 PLC EA . 4.73 3.64 -4.34
H1A2 PLC EA . 2.97 3.39 -4.31
H2A1 PLC EA . 2.55 5.49 -3.50
H2A2 PLC EA . 3.86 6.23 -4.44
H3A1 PLC EA . 5.52 5.17 -2.86
H3A2 PLC EA . 4.17 4.60 -1.88
H4A1 PLC EA . 3.89 7.45 -2.48
H4A2 PLC EA . 5.44 7.11 -1.70
H5A1 PLC EA . 3.41 5.59 -0.35
H5A2 PLC EA . 2.84 7.25 -0.50
H6A1 PLC EA . 5.70 7.02 0.26
H6A2 PLC EA . 4.60 6.32 1.44
H7A1 PLC EA . 3.28 8.46 1.45
H7A2 PLC EA . 4.47 9.16 0.34
H8A1 PLC EA . 6.02 9.44 1.99
H8A2 PLC EA . 5.67 7.88 2.73
H9A1 PLC EA . 4.15 8.77 4.20
H9A2 PLC EA . 3.49 9.89 3.00
HTA1 PLC EA . 5.32 11.44 3.31
HTA2 PLC EA . 6.23 10.27 4.28
HEA1 PLC EA . 5.22 11.08 6.10
HEA2 PLC EA . 3.68 10.59 5.48
HEA3 PLC EA . 4.28 12.18 5.14
C1 D10 FA . 31.44 -19.85 8.12
C2 D10 FA . 30.90 -21.18 7.63
C3 D10 FA . 30.77 -21.19 6.12
C4 D10 FA . 30.40 -22.58 5.61
C5 D10 FA . 30.47 -22.65 4.09
C6 D10 FA . 30.39 -24.10 3.60
C7 D10 FA . 30.44 -24.17 2.08
C8 D10 FA . 30.34 -25.62 1.61
C9 D10 FA . 30.05 -25.68 0.12
C10 D10 FA . 29.33 -26.97 -0.23
H11 D10 FA . 31.48 -19.86 9.18
H12 D10 FA . 30.79 -19.08 7.80
H13 D10 FA . 32.40 -19.70 7.73
H21 D10 FA . 31.58 -21.99 7.94
H22 D10 FA . 29.93 -21.38 8.09
H31 D10 FA . 29.99 -20.48 5.82
H32 D10 FA . 31.71 -20.87 5.66
H41 D10 FA . 31.08 -23.32 6.04
H42 D10 FA . 29.39 -22.83 5.93
H51 D10 FA . 29.65 -22.07 3.66
H52 D10 FA . 31.41 -22.20 3.75
H61 D10 FA . 31.21 -24.67 4.03
H62 D10 FA . 29.44 -24.53 3.96
H71 D10 FA . 29.62 -23.59 1.66
H72 D10 FA . 31.37 -23.74 1.73
H81 D10 FA . 31.27 -26.13 1.83
H82 D10 FA . 29.54 -26.13 2.16
H91 D10 FA . 29.43 -24.83 -0.18
H92 D10 FA . 31.00 -25.63 -0.43
H101 D10 FA . 29.22 -27.03 -1.29
H102 D10 FA . 29.91 -27.79 0.10
H103 D10 FA . 28.38 -26.98 0.23
CU CU GA . -21.57 -30.20 0.41
CU CU HA . -23.50 -18.48 -17.38
C1 D10 IA . -25.51 -5.78 27.61
C2 D10 IA . -26.70 -5.31 26.82
C3 D10 IA . -27.04 -6.29 25.71
C4 D10 IA . -28.35 -5.91 25.01
C5 D10 IA . -28.79 -7.00 24.05
C6 D10 IA . -30.22 -6.74 23.58
C7 D10 IA . -30.69 -7.82 22.60
C8 D10 IA . -32.11 -7.55 22.13
C9 D10 IA . -32.45 -8.40 20.92
C10 D10 IA . -33.51 -7.74 20.07
H11 D10 IA . -25.27 -5.06 28.36
H12 D10 IA . -24.68 -5.91 26.98
H13 D10 IA . -25.74 -6.71 28.09
H21 D10 IA . -27.57 -5.20 27.49
H22 D10 IA . -26.50 -4.33 26.40
H31 D10 IA . -26.23 -6.30 24.98
H32 D10 IA . -27.13 -7.30 26.12
H41 D10 IA . -29.12 -5.74 25.76
H42 D10 IA . -28.20 -4.98 24.47
H51 D10 IA . -28.12 -7.02 23.18
H52 D10 IA . -28.75 -7.97 24.55
H61 D10 IA . -30.89 -6.72 24.45
H62 D10 IA . -30.28 -5.76 23.10
H71 D10 IA . -30.01 -7.84 21.74
H72 D10 IA . -30.64 -8.79 23.09
H81 D10 IA . -32.81 -7.76 22.94
H82 D10 IA . -32.22 -6.49 21.87
H91 D10 IA . -31.55 -8.55 20.32
H92 D10 IA . -32.81 -9.38 21.25
H101 D10 IA . -33.79 -8.38 19.28
H102 D10 IA . -34.37 -7.54 20.67
H103 D10 IA . -33.14 -6.83 19.67
CU CU JA . -21.54 24.64 -17.50
CU CU KA . -14.49 8.87 -30.12
C1 PLC LA . 27.17 -21.20 -3.43
C2 PLC LA . 26.70 -21.15 -1.97
C3 PLC LA . 27.78 -20.71 -0.98
C4 PLC LA . 26.89 -24.32 -5.07
C5 PLC LA . 28.38 -24.40 -5.41
C6 PLC LA . 29.39 -24.35 -3.11
C7 PLC LA . 28.74 -26.54 -4.12
C8 PLC LA . 30.69 -25.27 -5.04
C' PLC LA . 25.52 -19.06 -2.41
C1' PLC LA . 26.04 -17.88 -1.59
C2' PLC LA . 27.28 -17.20 -2.23
C3' PLC LA . 27.42 -15.68 -1.90
C4' PLC LA . 28.49 -15.33 -0.83
C5' PLC LA . 28.62 -13.81 -0.55
C6' PLC LA . 29.82 -13.40 0.35
C7' PLC LA . 30.15 -11.88 0.33
C8' PLC LA . 31.33 -11.49 1.23
C9' PLC LA . 31.77 -10.01 1.13
CA' PLC LA . 33.05 -9.67 1.93
CB' PLC LA . 33.49 -8.17 1.78
CB PLC LA . 29.95 -21.60 -0.40
C1B PLC LA . 30.16 -20.63 0.77
C2B PLC LA . 31.63 -20.57 1.25
C3B PLC LA . 31.88 -19.45 2.32
C4B PLC LA . 31.83 -18.01 1.74
C5B PLC LA . 32.40 -16.90 2.66
C6B PLC LA . 32.26 -15.47 2.09
C7B PLC LA . 32.96 -14.34 2.92
C8B PLC LA . 32.07 -13.73 4.03
C9B PLC LA . 32.61 -12.42 4.67
CAA PLC LA . 31.53 -11.46 5.25
CBA PLC LA . 32.10 -10.16 5.90
O' PLC LA . 25.14 -18.92 -3.54
OB PLC LA . 30.83 -22.14 -1.00
O2 PLC LA . 25.52 -20.29 -1.85
O3 PLC LA . 28.66 -21.83 -0.69
O1P PLC LA . 27.51 -21.28 -6.33
O2P PLC LA . 24.92 -21.34 -6.46
O3P PLC LA . 26.02 -21.57 -4.27
O4P PLC LA . 26.15 -23.44 -5.99
N PLC LA . 29.29 -25.13 -4.42
P PLC LA . 26.20 -21.83 -5.84
H11 PLC LA . 27.53 -20.33 -3.71
H12 PLC LA . 27.89 -21.87 -3.54
H2 PLC LA . 26.40 -22.07 -1.72
H31 PLC LA . 27.38 -20.39 -0.14
H32 PLC LA . 28.30 -19.96 -1.37
H41 PLC LA . 26.48 -25.22 -5.12
H42 PLC LA . 26.77 -24.00 -4.14
H51 PLC LA . 28.72 -23.49 -5.51
H52 PLC LA . 28.47 -24.82 -6.29
H61 PLC LA . 29.67 -23.44 -3.30
H62 PLC LA . 30.06 -24.76 -2.53
H63 PLC LA . 28.54 -24.34 -2.65
H71 PLC LA . 29.39 -27.05 -3.62
H72 PLC LA . 28.56 -27.00 -4.96
H73 PLC LA . 27.92 -26.48 -3.61
H81 PLC LA . 31.29 -25.73 -4.41
H82 PLC LA . 31.06 -24.39 -5.22
H83 PLC LA . 30.64 -25.78 -5.86
H1'1 PLC LA . 26.24 -18.16 -0.66
H1'2 PLC LA . 25.30 -17.21 -1.52
H2'1 PLC LA . 27.22 -17.32 -3.21
H2'2 PLC LA . 28.10 -17.66 -1.95
H3'1 PLC LA . 26.55 -15.33 -1.59
H3'2 PLC LA . 27.64 -15.16 -2.72
H4'1 PLC LA . 29.37 -15.68 -1.12
H4'2 PLC LA . 28.28 -15.81 0.03
H5'1 PLC LA . 27.78 -13.47 -0.16
H5'2 PLC LA . 28.72 -13.34 -1.43
H6'1 PLC LA . 30.61 -13.91 0.06
H6'2 PLC LA . 29.63 -13.68 1.28
H7'1 PLC LA . 29.34 -11.37 0.60
H7'2 PLC LA . 30.34 -11.60 -0.61
H8'1 PLC LA . 32.11 -12.07 1.00
H8'2 PLC LA . 31.11 -11.70 2.17
H9'1 PLC LA . 31.02 -9.43 1.42
H9'2 PLC LA . 31.93 -9.79 0.17
HT'1 PLC LA . 33.78 -10.27 1.63
HT'2 PLC LA . 32.89 -9.88 2.89
HE'1 PLC LA . 34.31 -8.01 2.29
HE'2 PLC LA . 32.78 -7.59 2.11
HE'3 PLC LA . 33.64 -7.97 0.84
H1A1 PLC LA . 29.58 -20.89 1.53
H1A2 PLC LA . 29.88 -19.73 0.49
H2A1 PLC LA . 32.22 -20.39 0.48
H2A2 PLC LA . 31.91 -21.45 1.62
H3A1 PLC LA . 32.76 -19.59 2.76
H3A2 PLC LA . 31.20 -19.54 3.05
H4A1 PLC LA . 30.89 -17.78 1.51
H4A2 PLC LA . 32.33 -18.00 0.89
H5A1 PLC LA . 33.36 -17.08 2.85
H5A2 PLC LA . 31.95 -16.94 3.55
H6A1 PLC LA . 31.30 -15.25 2.00
H6A2 PLC LA . 32.62 -15.48 1.16
H7A1 PLC LA . 33.26 -13.61 2.32
H7A2 PLC LA . 33.78 -14.71 3.33
H8A1 PLC LA . 31.90 -14.41 4.73
H8A2 PLC LA . 31.18 -13.53 3.64
H9A1 PLC LA . 33.13 -11.92 3.99
H9A2 PLC LA . 33.26 -12.64 5.39
HTA1 PLC LA . 30.98 -11.96 5.92
HTA2 PLC LA . 30.89 -11.22 4.52
HEA1 PLC LA . 31.38 -9.61 6.27
HEA2 PLC LA . 32.72 -10.39 6.62
HEA3 PLC LA . 32.59 -9.64 5.24
C1 PLC MA . 20.78 -23.03 -3.07
C2 PLC MA . 21.92 -23.43 -2.13
C3 PLC MA . 23.24 -22.70 -2.44
C4 PLC MA . 18.83 -25.54 -4.85
C5 PLC MA . 19.08 -27.03 -5.06
C6 PLC MA . 21.57 -26.84 -5.50
C7 PLC MA . 20.75 -27.50 -3.22
C8 PLC MA . 20.52 -29.08 -5.16
C' PLC MA . 21.17 -22.08 -0.19
C1' PLC MA . 22.07 -21.45 0.87
C2' PLC MA . 22.33 -19.93 0.66
C3' PLC MA . 23.19 -19.29 1.79
C4' PLC MA . 24.70 -19.66 1.72
C5' PLC MA . 25.57 -19.05 2.87
C6' PLC MA . 27.12 -19.19 2.63
C7' PLC MA . 27.78 -17.93 1.96
C8' PLC MA . 28.61 -17.03 2.94
C9' PLC MA . 27.83 -16.55 4.20
CA' PLC MA . 28.57 -15.44 5.03
CB' PLC MA . 28.47 -14.02 4.38
CB PLC MA . 24.67 -24.43 -1.51
C1B PLC MA . 24.70 -23.79 -0.10
C2B PLC MA . 25.80 -24.31 0.82
C3B PLC MA . 25.63 -23.76 2.28
C4B PLC MA . 26.78 -24.13 3.24
C5B PLC MA . 26.60 -23.57 4.70
C6B PLC MA . 26.66 -22.02 4.79
C7B PLC MA . 26.74 -21.44 6.24
C8B PLC MA . 27.03 -19.92 6.30
C9B PLC MA . 27.34 -19.36 7.72
CAA PLC MA . 27.83 -17.89 7.74
CBA PLC MA . 28.11 -17.34 9.17
O' PLC MA . 20.14 -21.53 -0.50
OB PLC MA . 24.88 -25.59 -1.70
O2 PLC MA . 21.51 -23.28 -0.72
O3 PLC MA . 24.39 -23.57 -2.51
O1P PLC MA . 20.78 -22.82 -6.82
O2P PLC MA . 18.79 -22.43 -5.20
O3P PLC MA . 21.07 -23.45 -4.45
O4P PLC MA . 19.45 -24.73 -5.91
N PLC MA . 20.47 -27.60 -4.73
P PLC MA . 19.98 -23.25 -5.62
H11 PLC MA . 19.93 -23.41 -2.78
H12 PLC MA . 20.70 -22.05 -3.07
H2 PLC MA . 22.07 -24.41 -2.27
H31 PLC MA . 23.41 -21.99 -1.78
H32 PLC MA . 23.18 -22.24 -3.31
H41 PLC MA . 17.86 -25.34 -4.83
H42 PLC MA . 19.20 -25.26 -3.98
H51 PLC MA . 18.88 -27.24 -6.01
H52 PLC MA . 18.42 -27.55 -4.53
H61 PLC MA . 21.33 -26.78 -6.44
H62 PLC MA . 22.42 -27.31 -5.40
H63 PLC MA . 21.67 -25.95 -5.13
H71 PLC MA . 21.57 -27.96 -3.01
H72 PLC MA . 20.02 -27.91 -2.73
H73 PLC MA . 20.82 -26.56 -2.95
H81 PLC MA . 21.41 -29.43 -5.00
H82 PLC MA . 20.31 -29.16 -6.10
H83 PLC MA . 19.88 -29.59 -4.64
H1'1 PLC MA . 22.93 -21.92 0.89
H1'2 PLC MA . 21.66 -21.59 1.75
H2'1 PLC MA . 21.46 -19.47 0.59
H2'2 PLC MA . 22.79 -19.80 -0.21
H3'1 PLC MA . 22.83 -19.57 2.66
H3'2 PLC MA . 23.11 -18.30 1.75
H4'1 PLC MA . 25.07 -19.37 0.86
H4'2 PLC MA . 24.79 -20.65 1.73
H5'1 PLC MA . 25.31 -19.48 3.73
H5'2 PLC MA . 25.35 -18.10 2.95
H6'1 PLC MA . 27.29 -20.00 2.09
H6'2 PLC MA . 27.59 -19.36 3.48
H7'1 PLC MA . 27.08 -17.39 1.55
H7'2 PLC MA . 28.37 -18.22 1.19
H8'1 PLC MA . 28.95 -16.23 2.45
H8'2 PLC MA . 29.42 -17.52 3.25
H9'1 PLC MA . 27.64 -17.33 4.78
H9'2 PLC MA . 26.95 -16.19 3.92
HT'1 PLC MA . 28.21 -15.40 5.96
HT'2 PLC MA . 29.53 -15.70 5.11
HE'1 PLC MA . 28.80 -14.03 3.47
HE'2 PLC MA . 29.01 -13.36 4.90
HE'3 PLC MA . 27.54 -13.71 4.38
H1A1 PLC MA . 23.82 -23.96 0.32
H1A2 PLC MA . 24.79 -22.79 -0.17
H2A1 PLC MA . 26.69 -24.05 0.48
H2A2 PLC MA . 25.79 -25.30 0.85
H3A1 PLC MA . 24.78 -24.08 2.65
H3A2 PLC MA . 25.55 -22.78 2.23
H4A1 PLC MA . 27.62 -23.78 2.88
H4A2 PLC MA . 26.87 -25.13 3.27
H5A1 PLC MA . 27.31 -23.95 5.28
H5A2 PLC MA . 25.74 -23.89 5.07
H6A1 PLC MA . 25.87 -21.64 4.33
H6A2 PLC MA . 27.45 -21.71 4.29
H7A1 PLC MA . 27.44 -21.93 6.73
H7A2 PLC MA . 25.89 -21.63 6.72
H8A1 PLC MA . 26.26 -19.42 5.91
H8A2 PLC MA . 27.80 -19.72 5.72
H9A1 PLC MA . 28.03 -19.93 8.14
H9A2 PLC MA . 26.53 -19.45 8.28
HTA1 PLC MA . 27.14 -17.33 7.29
HTA2 PLC MA . 28.65 -17.81 7.17
HEA1 PLC MA . 28.42 -16.40 9.13
HEA2 PLC MA . 27.31 -17.39 9.72
HEA3 PLC MA . 28.81 -17.87 9.61
O1 P1O NA . 37.59 -10.46 26.94
O2 P1O NA . 37.07 -11.93 29.04
P1 P1O NA . 36.99 -11.72 27.55
O3 P1O NA . 37.66 -12.99 26.82
C1 P1O NA . 38.84 -12.85 26.03
C2 P1O NA . 39.32 -14.23 25.58
N1 P1O NA . 38.59 -14.65 24.37
C3 P1O NA . 39.32 -14.19 23.17
C4 P1O NA . 38.49 -16.11 24.36
C5 P1O NA . 37.24 -14.08 24.35
O4 P1O NA . 35.45 -11.81 27.10
C6 P1O NA . 34.76 -10.64 26.65
C7 P1O NA . 33.88 -10.99 25.45
C8 P1O NA . 32.82 -9.90 25.26
O5 P1O NA . 33.38 -8.83 24.50
C9 P1O NA . 32.58 -8.13 23.52
O6 P1O NA . 32.20 -6.99 23.75
C10 P1O NA . 32.23 -8.81 22.21
C11 P1O NA . 32.97 -8.13 21.06
C12 P1O NA . 33.19 -9.09 19.90
C13 P1O NA . 33.18 -8.35 18.57
C14 P1O NA . 34.55 -8.41 17.90
C15 P1O NA . 34.41 -8.53 16.39
C16 P1O NA . 35.12 -7.38 15.68
C17 P1O NA . 34.45 -6.06 15.97
C18 P1O NA . 35.47 -4.96 16.21
O7 P1O NA . 34.68 -11.12 24.28
C19 P1O NA . 33.97 -11.76 23.19
O8 P1O NA . 32.86 -11.37 22.90
C20 P1O NA . 34.61 -12.90 22.43
C21 P1O NA . 35.93 -12.44 21.82
C22 P1O NA . 36.47 -13.49 20.84
C23 P1O NA . 36.01 -13.20 19.42
C24 P1O NA . 35.23 -14.37 18.84
C25 P1O NA . 33.93 -14.60 19.62
C26 P1O NA . 32.75 -14.75 18.68
C27 P1O NA . 32.60 -16.19 18.22
C28 P1O NA . 31.62 -16.29 17.07
H1 P1O NA . 39.62 -12.37 26.63
H2 P1O NA . 38.64 -12.22 25.16
H3 P1O NA . 39.15 -14.95 26.38
H4 P1O NA . 40.38 -14.18 25.36
H5 P1O NA . 40.13 -14.85 22.99
H6 P1O NA . 39.68 -13.22 23.34
H7 P1O NA . 38.68 -14.19 22.34
H8 P1O NA . 38.28 -16.44 23.37
H9 P1O NA . 37.71 -16.41 25.00
H10 P1O NA . 39.41 -16.53 24.67
H11 P1O NA . 37.29 -13.06 24.04
H12 P1O NA . 36.64 -14.62 23.66
H13 P1O NA . 36.80 -14.14 25.31
H14 P1O NA . 35.48 -9.88 26.36
H15 P1O NA . 34.14 -10.26 27.46
H16 P1O NA . 33.36 -11.95 25.65
H17 P1O NA . 31.95 -10.31 24.73
H18 P1O NA . 32.48 -9.54 26.23
H19 P1O NA . 31.15 -8.75 22.04
H20 P1O NA . 32.50 -9.87 22.25
H21 P1O NA . 33.93 -7.76 21.42
H22 P1O NA . 32.39 -7.27 20.71
H23 P1O NA . 32.40 -9.85 19.90
H24 P1O NA . 34.14 -9.60 20.03
H25 P1O NA . 32.90 -7.31 18.74
H26 P1O NA . 32.43 -8.79 17.91
H27 P1O NA . 35.11 -9.27 18.28
H28 P1O NA . 35.12 -7.51 18.15
H29 P1O NA . 33.35 -8.53 16.12
H30 P1O NA . 34.83 -9.48 16.05
H31 P1O NA . 35.11 -7.56 14.60
H32 P1O NA . 36.16 -7.35 16.00
H33 P1O NA . 33.81 -6.16 16.86
H34 P1O NA . 33.80 -5.77 15.14
H35 P1O NA . 35.47 -4.70 17.24
H36 P1O NA . 36.43 -5.32 15.95
H37 P1O NA . 35.22 -4.12 15.62
H38 P1O NA . 33.94 -13.25 21.65
H39 P1O NA . 34.79 -13.73 23.11
H40 P1O NA . 36.66 -12.26 22.60
H41 P1O NA . 35.76 -11.51 21.29
H42 P1O NA . 36.11 -14.48 21.15
H43 P1O NA . 37.55 -13.50 20.89
H44 P1O NA . 36.88 -13.00 18.80
H45 P1O NA . 35.39 -12.30 19.41
H46 P1O NA . 35.84 -15.27 18.89
H47 P1O NA . 34.99 -14.17 17.80
H48 P1O NA . 33.76 -13.75 20.30
H49 P1O NA . 34.04 -15.50 20.24
H50 P1O NA . 32.90 -14.10 17.81
H51 P1O NA . 31.84 -14.43 19.18
H52 P1O NA . 32.24 -16.80 19.06
H53 P1O NA . 33.57 -16.59 17.91
H54 P1O NA . 30.81 -16.92 17.35
H55 P1O NA . 32.11 -16.71 16.23
H56 P1O NA . 31.25 -15.33 16.83
C1 D10 OA . 15.65 2.28 25.94
C2 D10 OA . 15.25 2.79 24.56
C3 D10 OA . 15.67 1.79 23.48
C4 D10 OA . 15.16 2.22 22.12
C5 D10 OA . 15.60 1.23 21.04
C6 D10 OA . 14.80 1.44 19.76
C7 D10 OA . 15.06 0.30 18.79
C8 D10 OA . 14.55 0.63 17.39
C9 D10 OA . 14.72 -0.54 16.44
C10 D10 OA . 14.10 -0.25 15.09
H11 D10 OA . 15.48 3.05 26.66
H12 D10 OA . 16.67 2.03 25.93
H13 D10 OA . 15.07 1.44 26.19
H21 D10 OA . 14.16 2.92 24.53
H22 D10 OA . 15.72 3.75 24.38
H31 D10 OA . 16.76 1.73 23.46
H32 D10 OA . 15.28 0.80 23.73
H41 D10 OA . 14.06 2.27 22.14
H42 D10 OA . 15.53 3.22 21.88
H51 D10 OA . 16.66 1.37 20.84
H52 D10 OA . 15.44 0.22 21.41
H61 D10 OA . 13.74 1.48 19.99
H62 D10 OA . 15.09 2.38 19.30
H71 D10 OA . 16.14 0.09 18.74
H72 D10 OA . 14.57 -0.61 19.15
H81 D10 OA . 13.49 0.91 17.45
H82 D10 OA . 15.09 1.49 17.00
H91 D10 OA . 15.78 -0.75 16.32
H92 D10 OA . 14.25 -1.43 16.87
H101 D10 OA . 14.23 -1.09 14.45
H102 D10 OA . 13.06 -0.07 15.22
H103 D10 OA . 14.56 0.61 14.67
C1 D10 PA . 11.85 1.91 28.78
C2 D10 PA . 11.43 2.25 27.37
C3 D10 PA . 11.65 1.07 26.43
C4 D10 PA . 10.83 1.23 25.15
C5 D10 PA . 11.00 0.02 24.25
C6 D10 PA . 10.08 0.11 23.03
C7 D10 PA . 10.56 -0.80 21.91
C8 D10 PA . 10.48 -0.10 20.56
C9 D10 PA . 10.81 -1.06 19.43
C10 D10 PA . 10.10 -0.67 18.15
H11 D10 PA . 11.67 2.72 29.42
H12 D10 PA . 12.89 1.67 28.79
H13 D10 PA . 11.30 1.06 29.12
H21 D10 PA . 10.37 2.53 27.36
H22 D10 PA . 12.00 3.11 27.02
H31 D10 PA . 12.71 1.00 26.17
H32 D10 PA . 11.37 0.14 26.93
H41 D10 PA . 9.78 1.34 25.41
H42 D10 PA . 11.14 2.13 24.62
H51 D10 PA . 12.04 -0.04 23.91
H52 D10 PA . 10.78 -0.90 24.80
H61 D10 PA . 9.07 -0.16 23.33
H62 D10 PA . 10.05 1.15 22.67
H71 D10 PA . 11.58 -1.12 22.10
H72 D10 PA . 9.93 -1.70 21.89
H81 D10 PA . 9.48 0.30 20.42
H82 D10 PA . 11.19 0.73 20.54
H91 D10 PA . 11.89 -1.07 19.26
H92 D10 PA . 10.51 -2.08 19.71
H101 D10 PA . 10.18 -1.45 17.44
H102 D10 PA . 9.08 -0.47 18.36
H103 D10 PA . 10.54 0.21 17.76
C1 D10 QA . 6.45 4.14 29.28
C2 D10 QA . 6.32 3.93 27.80
C3 D10 QA . 6.22 2.46 27.44
C4 D10 QA . 5.66 2.26 26.05
C5 D10 QA . 6.39 1.15 25.32
C6 D10 QA . 5.45 0.35 24.42
C7 D10 QA . 5.70 -1.15 24.55
C8 D10 QA . 6.07 -1.76 23.20
C9 D10 QA . 5.43 -3.12 23.02
C10 D10 QA . 5.05 -3.37 21.58
H11 D10 QA . 6.27 5.16 29.52
H12 D10 QA . 7.43 3.88 29.60
H13 D10 QA . 5.74 3.54 29.79
H21 D10 QA . 5.43 4.46 27.43
H22 D10 QA . 7.19 4.37 27.29
H31 D10 QA . 7.22 2.00 27.51
H32 D10 QA . 5.58 1.96 28.17
H41 D10 QA . 4.60 2.01 26.11
H42 D10 QA . 5.76 3.19 25.49
H51 D10 QA . 7.20 1.57 24.72
H52 D10 QA . 6.85 0.47 26.05
H61 D10 QA . 4.41 0.58 24.70
H62 D10 QA . 5.59 0.66 23.38
H71 D10 QA . 6.50 -1.32 25.26
H72 D10 QA . 4.80 -1.63 24.94
H81 D10 QA . 5.75 -1.09 22.40
H82 D10 QA . 7.16 -1.85 23.14
H91 D10 QA . 6.12 -3.89 23.36
H92 D10 QA . 4.53 -3.18 23.64
H101 D10 QA . 5.16 -4.39 21.35
H102 D10 QA . 4.05 -3.08 21.42
H103 D10 QA . 5.69 -2.80 20.95
C1 D10 RA . 13.95 5.80 27.46
C2 D10 RA . 13.49 6.43 26.17
C3 D10 RA . 12.91 5.39 25.22
C4 D10 RA . 11.99 6.04 24.20
C5 D10 RA . 12.18 5.43 22.82
C6 D10 RA . 10.88 5.44 22.03
C7 D10 RA . 10.67 4.12 21.30
C8 D10 RA . 10.35 4.35 19.83
C9 D10 RA . 9.23 3.42 19.37
C10 D10 RA . 8.49 4.01 18.19
H11 D10 RA . 14.12 6.54 28.19
H12 D10 RA . 14.84 5.25 27.30
H13 D10 RA . 13.19 5.12 27.81
H21 D10 RA . 12.73 7.19 26.39
H22 D10 RA . 14.34 6.93 25.69
H31 D10 RA . 13.73 4.88 24.70
H32 D10 RA . 12.36 4.64 25.79
H41 D10 RA . 10.95 5.90 24.51
H42 D10 RA . 12.18 7.11 24.15
H51 D10 RA . 12.95 6.00 22.28
H52 D10 RA . 12.54 4.40 22.92
H61 D10 RA . 10.05 5.63 22.70
H62 D10 RA . 10.91 6.26 21.30
H71 D10 RA . 11.56 3.50 21.40
H72 D10 RA . 9.84 3.58 21.78
H81 D10 RA . 10.05 5.39 19.68
H82 D10 RA . 11.24 4.17 19.23
H91 D10 RA . 9.65 2.46 19.09
H92 D10 RA . 8.53 3.26 20.19
H101 D10 RA . 8.24 3.24 17.50
H102 D10 RA . 7.60 4.47 18.53
H103 D10 RA . 9.10 4.74 17.72
O1 P1O SA . -0.49 6.95 38.15
O2 P1O SA . -1.62 4.72 37.43
P1 P1O SA . -0.44 5.64 37.40
O3 P1O SA . 0.85 4.82 37.90
C1 P1O SA . 1.95 5.49 38.52
C2 P1O SA . 3.27 5.00 37.94
N1 P1O SA . 3.32 5.23 36.49
C3 P1O SA . 2.88 6.59 36.18
C4 P1O SA . 4.71 5.05 36.04
C5 P1O SA . 2.46 4.26 35.80
O4 P1O SA . -0.09 5.95 35.86
C6 P1O SA . -1.06 5.75 34.83
C7 P1O SA . -0.36 5.64 33.48
C8 P1O SA . 0.14 4.21 33.28
O5 P1O SA . 1.01 4.17 32.14
C9 P1O SA . 0.96 3.03 31.24
O6 P1O SA . -0.06 2.35 31.20
C10 P1O SA . 2.13 2.71 30.36
C11 P1O SA . 1.66 2.41 28.95
C12 P1O SA . 1.58 0.91 28.69
C13 P1O SA . 1.36 0.62 27.21
C14 P1O SA . 1.70 -0.83 26.86
C15 P1O SA . 0.60 -1.45 26.01
C16 P1O SA . 1.17 -2.06 24.73
C17 P1O SA . 0.54 -1.42 23.49
C18 P1O SA . -0.44 -2.35 22.83
O7 P1O SA . -1.25 6.01 32.43
C19 P1O SA . -2.64 5.68 32.70
O8 P1O SA . -3.49 6.56 32.58
C20 P1O SA . -3.04 4.29 33.13
C21 P1O SA . -3.22 3.41 31.91
C22 P1O SA . -2.58 2.05 32.11
C23 P1O SA . -2.88 1.12 30.94
C24 P1O SA . -1.74 0.15 30.70
C25 P1O SA . -2.27 -1.27 30.51
C26 P1O SA . -1.89 -1.82 29.14
C27 P1O SA . -2.60 -3.14 28.86
C28 P1O SA . -2.82 -3.34 27.38
H1 P1O SA . 1.92 5.29 39.60
H2 P1O SA . 1.85 6.57 38.38
H3 P1O SA . 3.38 3.93 38.15
H4 P1O SA . 4.10 5.52 38.43
H5 P1O SA . 3.33 7.27 36.86
H6 P1O SA . 1.84 6.65 36.25
H7 P1O SA . 3.19 6.84 35.19
H8 P1O SA . 4.73 5.01 34.97
H9 P1O SA . 5.09 4.14 36.42
H10 P1O SA . 5.30 5.86 36.37
H11 P1O SA . 1.49 4.32 36.20
H12 P1O SA . 2.85 3.28 35.94
H13 P1O SA . 2.44 4.48 34.77
H14 P1O SA . -1.62 4.84 35.04
H15 P1O SA . -1.76 6.59 34.82
H16 P1O SA . 0.51 6.32 33.49
H17 P1O SA . -0.71 3.55 33.11
H18 P1O SA . 0.66 3.88 34.16
H19 P1O SA . 2.66 1.83 30.76
H20 P1O SA . 2.83 3.55 30.35
H21 P1O SA . 2.34 2.86 28.23
H22 P1O SA . 0.67 2.85 28.79
H23 P1O SA . 0.77 0.47 29.26
H24 P1O SA . 2.52 0.44 29.01
H25 P1O SA . 1.98 1.29 26.60
H26 P1O SA . 0.31 0.82 26.95
H27 P1O SA . 1.83 -1.40 27.78
H28 P1O SA . 2.65 -0.85 26.31
H29 P1O SA . -0.14 -0.70 25.76
H30 P1O SA . 0.10 -2.23 26.59
H31 P1O SA . 0.98 -3.13 24.72
H32 P1O SA . 2.26 -1.91 24.71
H33 P1O SA . 1.32 -1.15 22.78
H34 P1O SA . 0.03 -0.50 23.78
H35 P1O SA . -1.43 -2.05 23.07
H36 P1O SA . -0.30 -3.34 23.19
H37 P1O SA . -0.31 -2.33 21.78
H38 P1O SA . -3.97 4.34 33.70
H39 P1O SA . -2.26 3.87 33.78
H40 P1O SA . -2.78 3.90 31.04
H41 P1O SA . -4.30 3.29 31.71
H42 P1O SA . -2.97 1.59 33.03
H43 P1O SA . -1.50 2.16 32.21
H44 P1O SA . -3.04 1.72 30.04
H45 P1O SA . -3.80 0.56 31.13
H46 P1O SA . -1.05 0.17 31.55
H47 P1O SA . -1.18 0.45 29.81
H48 P1O SA . -3.35 -1.27 30.61
H49 P1O SA . -1.86 -1.92 31.28
H50 P1O SA . -0.80 -1.98 29.08
H51 P1O SA . -2.16 -1.09 28.37
H52 P1O SA . -3.56 -3.14 29.37
H53 P1O SA . -2.00 -3.96 29.25
H54 P1O SA . -2.08 -2.81 26.83
H55 P1O SA . -3.78 -2.96 27.12
H56 P1O SA . -2.78 -4.37 27.15
O1 P1O TA . 15.85 24.54 25.47
O2 P1O TA . 13.94 25.57 24.01
P1 P1O TA . 14.44 24.48 24.93
O3 P1O TA . 13.42 24.36 26.17
C1 P1O TA . 13.88 23.89 27.45
C2 P1O TA . 12.89 22.87 28.01
N1 P1O TA . 12.73 21.73 27.10
C3 P1O TA . 14.04 21.26 26.64
C4 P1O TA . 12.05 20.64 27.81
C5 P1O TA . 11.92 22.13 25.94
O4 P1O TA . 14.25 23.06 24.18
C6 P1O TA . 14.10 23.00 22.77
C7 P1O TA . 13.47 21.67 22.37
C8 P1O TA . 11.95 21.76 22.52
O5 P1O TA . 11.37 20.46 22.42
C9 P1O TA . 10.11 20.29 21.70
O6 P1O TA . 9.77 21.12 20.88
C10 P1O TA . 9.25 19.09 21.97
C11 P1O TA . 8.77 18.49 20.66
C12 P1O TA . 7.34 18.92 20.34
C13 P1O TA . 6.78 18.12 19.17
C14 P1O TA . 5.26 18.21 19.10
C15 P1O TA . 4.78 18.52 17.69
C16 P1O TA . 3.75 17.50 17.22
C17 P1O TA . 4.23 16.77 15.96
C18 P1O TA . 3.49 17.25 14.74
O7 P1O TA . 13.80 21.33 21.03
C19 P1O TA . 13.98 22.48 20.17
O8 P1O TA . 15.01 22.58 19.51
C20 P1O TA . 12.92 23.55 20.08
C21 P1O TA . 11.85 23.14 19.06
C22 P1O TA . 10.45 23.41 19.60
C23 P1O TA . 9.40 23.10 18.53
C24 P1O TA . 8.10 22.62 19.17
C25 P1O TA . 6.90 23.34 18.56
C26 P1O TA . 5.95 22.36 17.90
C27 P1O TA . 4.87 23.09 17.11
C28 P1O TA . 4.40 22.26 15.94
H1 P1O TA . 13.96 24.74 28.13
H2 P1O TA . 14.87 23.43 27.35
H3 P1O TA . 11.92 23.35 28.17
H4 P1O TA . 13.25 22.52 28.98
H5 P1O TA . 14.71 21.22 27.46
H6 P1O TA . 14.42 21.92 25.91
H7 P1O TA . 13.94 20.29 26.22
H8 P1O TA . 11.75 19.89 27.11
H9 P1O TA . 11.19 21.02 28.30
H10 P1O TA . 12.70 20.22 28.52
H11 P1O TA . 12.36 22.98 25.47
H12 P1O TA . 10.94 22.36 26.26
H13 P1O TA . 11.88 21.33 25.24
H14 P1O TA . 13.47 23.83 22.43
H15 P1O TA . 15.07 23.11 22.28
H16 P1O TA . 13.83 20.90 23.06
H17 P1O TA . 11.54 22.42 21.74
H18 P1O TA . 11.69 22.20 23.49
H19 P1O TA . 8.39 19.38 22.58
H20 P1O TA . 9.82 18.34 22.53
H21 P1O TA . 8.82 17.40 20.71
H22 P1O TA . 9.43 18.81 19.84
H23 P1O TA . 7.32 19.98 20.09
H24 P1O TA . 6.71 18.76 21.21
H25 P1O TA . 7.07 17.07 19.27
H26 P1O TA . 7.21 18.50 18.23
H27 P1O TA . 4.91 19.00 19.78
H28 P1O TA . 4.82 17.28 19.44
H29 P1O TA . 5.65 18.50 17.01
H30 P1O TA . 4.35 19.52 17.65
H31 P1O TA . 2.82 18.01 17.01
H32 P1O TA . 3.56 16.77 18.01
H33 P1O TA . 4.06 15.70 16.09
H34 P1O TA . 5.29 16.94 15.83
H35 P1O TA . 4.12 17.89 14.18
H36 P1O TA . 2.62 17.79 15.03
H37 P1O TA . 3.21 16.42 14.14
H38 P1O TA . 13.36 24.49 19.77
H39 P1O TA . 12.46 23.70 21.06
H40 P1O TA . 11.96 22.08 18.84
H41 P1O TA . 12.00 23.69 18.14
H42 P1O TA . 10.37 24.46 19.89
H43 P1O TA . 10.26 22.79 20.48
H44 P1O TA . 9.78 22.35 17.85
H45 P1O TA . 9.20 24.01 17.96
H46 P1O TA . 8.13 22.81 20.25
H47 P1O TA . 8.00 21.54 19.01
H48 P1O TA . 7.25 24.06 17.83
H49 P1O TA . 6.37 23.88 19.35
H50 P1O TA . 5.48 21.73 18.66
H51 P1O TA . 6.51 21.70 17.23
H52 P1O TA . 5.28 24.03 16.75
H53 P1O TA . 4.03 23.31 17.77
H54 P1O TA . 4.52 21.23 16.16
H55 P1O TA . 4.95 22.49 15.08
H56 P1O TA . 3.37 22.45 15.77
C1 PLC UA . -28.07 -6.05 12.06
C2 PLC UA . -28.55 -5.92 13.50
C3 PLC UA . -28.32 -7.21 14.31
C4 PLC UA . -30.26 -5.19 9.28
C5 PLC UA . -31.77 -4.92 9.23
C6 PLC UA . -32.42 -6.80 10.81
C7 PLC UA . -32.24 -4.45 11.67
C8 PLC UA . -34.10 -5.09 10.13
C' PLC UA . -26.62 -4.61 14.32
C1' PLC UA . -26.03 -4.64 15.74
C2' PLC UA . -24.76 -5.51 15.87
C3' PLC UA . -24.14 -5.48 17.31
C4' PLC UA . -24.94 -6.30 18.37
C5' PLC UA . -24.34 -6.24 19.81
C6' PLC UA . -24.98 -7.30 20.80
C7' PLC UA . -24.17 -8.64 20.91
C8' PLC UA . -23.33 -8.78 22.23
C9' PLC UA . -22.36 -7.60 22.52
CA' PLC UA . -21.34 -7.88 23.69
CB' PLC UA . -20.15 -8.81 23.26
CB PLC UA . -30.11 -6.77 15.91
C1B PLC UA . -29.19 -6.04 16.90
C2B PLC UA . -29.77 -5.85 18.32
C3B PLC UA . -28.86 -4.94 19.19
C4B PLC UA . -29.30 -4.80 20.67
C5B PLC UA . -28.38 -3.89 21.53
C6B PLC UA . -26.94 -4.43 21.73
C7B PLC UA . -26.08 -3.68 22.78
C8B PLC UA . -24.73 -4.38 23.13
C9B PLC UA . -23.96 -3.78 24.33
CAA PLC UA . -22.74 -4.62 24.80
CBA PLC UA . -21.96 -3.98 26.00
O' PLC UA . -25.88 -4.41 13.39
OB PLC UA . -31.30 -6.60 15.87
O2 PLC UA . -27.95 -4.74 14.14
O3 PLC UA . -29.49 -7.63 15.08
O1P PLC UA . -28.80 -8.77 9.56
O2P PLC UA . -27.47 -6.57 9.19
O3P PLC UA . -28.88 -7.02 11.33
O4P PLC UA . -29.96 -6.61 9.07
N PLC UA . -32.62 -5.32 10.46
P PLC UA . -28.67 -7.28 9.76
H11 PLC UA . -28.11 -5.19 11.59
H12 PLC UA . -27.15 -6.37 12.05
H2 PLC UA . -29.53 -5.74 13.47
H31 PLC UA . -27.56 -7.11 14.94
H32 PLC UA . -28.10 -7.96 13.72
H41 PLC UA . -29.79 -4.66 8.58
H42 PLC UA . -29.91 -4.89 10.15
H51 PLC UA . -32.14 -5.39 8.44
H52 PLC UA . -31.93 -3.96 9.07
H61 PLC UA . -32.53 -7.35 10.02
H62 PLC UA . -33.08 -7.07 11.47
H63 PLC UA . -31.53 -6.94 11.18
H71 PLC UA . -32.85 -4.64 12.41
H72 PLC UA . -32.29 -3.52 11.44
H73 PLC UA . -31.34 -4.66 11.96
H81 PLC UA . -34.66 -5.39 10.87
H82 PLC UA . -34.35 -5.60 9.33
H83 PLC UA . -34.27 -4.16 9.96
H1'1 PLC UA . -26.71 -4.97 16.37
H1'2 PLC UA . -25.82 -3.71 16.02
H2'1 PLC UA . -24.09 -5.21 15.21
H2'2 PLC UA . -24.98 -6.45 15.64
H3'1 PLC UA . -24.07 -4.54 17.61
H3'2 PLC UA . -23.21 -5.83 17.28
H4'1 PLC UA . -24.98 -7.24 18.08
H4'2 PLC UA . -25.87 -5.97 18.38
H5'1 PLC UA . -24.45 -5.32 20.17
H5'2 PLC UA . -23.37 -6.40 19.76
H6'1 PLC UA . -25.91 -7.47 20.50
H6'2 PLC UA . -25.06 -6.91 21.70
H7'1 PLC UA . -23.55 -8.69 20.14
H7'2 PLC UA . -24.78 -9.42 20.82
H8'1 PLC UA . -22.81 -9.63 22.21
H8'2 PLC UA . -23.96 -8.86 23.00
H9'1 PLC UA . -22.89 -6.79 22.72
H9'2 PLC UA . -21.85 -7.41 21.70
HT'1 PLC UA . -20.98 -7.02 24.04
HT'2 PLC UA . -21.85 -8.31 24.44
HE'1 PLC UA . -20.49 -9.65 22.90
HE'2 PLC UA . -19.58 -9.02 24.04
HE'3 PLC UA . -19.60 -8.37 22.59
H1A1 PLC UA . -28.99 -5.15 16.52
H1A2 PLC UA . -28.32 -6.52 16.98
H2A1 PLC UA . -29.88 -6.73 18.76
H2A2 PLC UA . -30.67 -5.46 18.26
H3A1 PLC UA . -28.83 -4.03 18.78
H3A2 PLC UA . -27.94 -5.28 19.16
H4A1 PLC UA . -29.32 -5.71 21.06
H4A2 PLC UA . -30.24 -4.47 20.69
H5A1 PLC UA . -28.79 -3.75 22.43
H5A2 PLC UA . -28.34 -2.99 21.12
H6A1 PLC UA . -26.47 -4.43 20.85
H6A2 PLC UA . -27.00 -5.39 21.99
H7A1 PLC UA . -26.60 -3.57 23.61
H7A2 PLC UA . -25.90 -2.75 22.46
H8A1 PLC UA . -24.13 -4.38 22.33
H8A2 PLC UA . -24.92 -5.33 23.32
H9A1 PLC UA . -24.59 -3.69 25.10
H9A2 PLC UA . -23.67 -2.86 24.12
HTA1 PLC UA . -22.12 -4.72 24.02
HTA2 PLC UA . -23.04 -5.53 25.04
HEA1 PLC UA . -21.19 -4.53 26.25
HEA2 PLC UA . -21.64 -3.09 25.77
HEA3 PLC UA . -22.56 -3.90 26.77
O1 P1O VA . -14.03 0.24 45.29
O2 P1O VA . -14.74 2.58 46.21
P1 P1O VA . -14.87 1.49 45.18
O3 P1O VA . -16.42 1.05 45.11
C1 P1O VA . -16.82 -0.26 45.48
C2 P1O VA . -18.34 -0.35 45.44
N1 P1O VA . -18.82 -0.62 44.07
C3 P1O VA . -18.90 -2.06 43.85
C4 P1O VA . -20.15 -0.01 43.91
C5 P1O VA . -17.91 -0.02 43.08
O4 P1O VA . -14.62 2.13 43.72
C6 P1O VA . -13.45 1.81 42.98
C7 P1O VA . -13.80 1.64 41.51
C8 P1O VA . -12.54 1.72 40.67
O5 P1O VA . -11.89 0.46 40.63
C9 P1O VA . -11.25 -0.03 39.42
O6 P1O VA . -10.03 -0.06 39.36
C10 P1O VA . -12.09 -0.48 38.25
C11 P1O VA . -11.96 -1.99 38.07
C12 P1O VA . -13.20 -2.57 37.40
C13 P1O VA . -12.83 -3.78 36.55
C14 P1O VA . -13.44 -5.06 37.12
C15 P1O VA . -13.89 -6.00 36.00
C16 P1O VA . -13.20 -7.35 36.12
C17 P1O VA . -11.70 -7.24 35.90
C18 P1O VA . -10.93 -8.09 36.87
O7 P1O VA . -14.43 0.37 41.32
C19 P1O VA . -15.09 0.26 40.03
O8 P1O VA . -14.48 0.58 39.02
C20 P1O VA . -16.52 -0.22 39.93
C21 P1O VA . -16.63 -1.62 40.53
C22 P1O VA . -17.98 -2.24 40.21
C23 P1O VA . -17.93 -3.09 38.95
C24 P1O VA . -18.93 -2.57 37.91
C25 P1O VA . -18.58 -1.16 37.46
C26 P1O VA . -18.60 -1.05 35.94
C27 P1O VA . -20.00 -0.75 35.43
C28 P1O VA . -20.10 -0.92 33.93
H1 P1O VA . -16.46 -0.49 46.48
H2 P1O VA . -16.39 -0.99 44.79
H3 P1O VA . -18.77 0.57 45.81
H4 P1O VA . -18.67 -1.17 46.10
H5 P1O VA . -19.79 -2.44 44.29
H6 P1O VA . -18.06 -2.53 44.29
H7 P1O VA . -18.92 -2.26 42.80
H8 P1O VA . -20.63 -0.45 43.08
H9 P1O VA . -20.05 1.03 43.75
H10 P1O VA . -20.73 -0.18 44.78
H11 P1O VA . -17.05 -0.65 42.99
H12 P1O VA . -18.39 0.06 42.15
H13 P1O VA . -17.60 0.94 43.41
H14 P1O VA . -13.02 0.88 43.36
H15 P1O VA . -12.71 2.61 43.09
H16 P1O VA . -14.49 2.44 41.21
H17 P1O VA . -12.80 2.03 39.64
H18 P1O VA . -11.87 2.48 41.08
H19 P1O VA . -11.76 0.03 37.34
H20 P1O VA . -13.14 -0.21 38.42
H21 P1O VA . -11.81 -2.45 39.04
H22 P1O VA . -11.08 -2.21 37.45
H23 P1O VA . -13.68 -1.81 36.78
H24 P1O VA . -13.92 -2.86 38.17
H25 P1O VA . -11.75 -3.89 36.51
H26 P1O VA . -13.19 -3.63 35.53
H27 P1O VA . -14.31 -4.81 37.74
H28 P1O VA . -12.71 -5.57 37.75
H29 P1O VA . -13.64 -5.55 35.03
H30 P1O VA . -14.97 -6.13 36.04
H31 P1O VA . -13.62 -8.04 35.39
H32 P1O VA . -13.39 -7.76 37.11
H33 P1O VA . -11.40 -6.19 36.02
H34 P1O VA . -11.46 -7.54 34.87
H35 P1O VA . -10.44 -7.47 37.57
H36 P1O VA . -11.60 -8.73 37.39
H37 P1O VA . -10.22 -8.67 36.35
H38 P1O VA . -16.83 -0.24 38.89
H39 P1O VA . -17.18 0.46 40.48
H40 P1O VA . -16.48 -1.57 41.60
H41 P1O VA . -15.84 -2.26 40.11
H42 P1O VA . -18.73 -1.44 40.09
H43 P1O VA . -18.31 -2.86 41.05
H44 P1O VA . -18.15 -4.12 39.19
H45 P1O VA . -16.92 -3.04 38.53
H46 P1O VA . -19.94 -2.58 38.34
H47 P1O VA . -18.93 -3.25 37.05
H48 P1O VA . -17.59 -0.90 37.83
H49 P1O VA . -19.29 -0.46 37.88
H50 P1O VA . -18.26 -2.00 35.50
H51 P1O VA . -17.91 -0.27 35.62
H52 P1O VA . -20.26 0.29 35.69
H53 P1O VA . -20.72 -1.40 35.93
H54 P1O VA . -20.37 0.00 33.49
H55 P1O VA . -20.83 -1.66 33.71
H56 P1O VA . -19.16 -1.23 33.55
C1 D10 WA . 3.90 8.01 29.07
C2 D10 WA . 4.14 7.10 27.88
C3 D10 WA . 2.84 6.45 27.41
C4 D10 WA . 3.05 5.64 26.15
C5 D10 WA . 1.75 4.99 25.70
C6 D10 WA . 1.85 4.48 24.27
C7 D10 WA . 0.48 4.07 23.73
C8 D10 WA . 0.61 3.27 22.45
C9 D10 WA . -0.76 2.94 21.88
C10 D10 WA . -0.64 2.25 20.53
H11 D10 WA . 4.82 8.32 29.46
H12 D10 WA . 3.36 7.48 29.80
H13 D10 WA . 3.33 8.84 28.76
H21 D10 WA . 4.57 7.67 27.06
H22 D10 WA . 4.85 6.32 28.16
H31 D10 WA . 2.46 5.80 28.20
H32 D10 WA . 2.09 7.23 27.24
H41 D10 WA . 3.42 6.30 25.35
H42 D10 WA . 3.80 4.87 26.32
H51 D10 WA . 1.51 4.15 26.37
H52 D10 WA . 0.94 5.71 25.77
H61 D10 WA . 2.26 5.27 23.63
H62 D10 WA . 2.53 3.63 24.23
H71 D10 WA . -0.03 3.46 24.49
H72 D10 WA . -0.13 4.96 23.56
H81 D10 WA . 1.18 3.85 21.72
H82 D10 WA . 1.15 2.35 22.64
H91 D10 WA . -1.30 2.28 22.57
H92 D10 WA . -1.35 3.85 21.77
H101 D10 WA . -1.60 2.03 20.16
H102 D10 WA . -0.14 2.89 19.86
H103 D10 WA . -0.08 1.35 20.64
C1 D10 XA . 5.33 12.44 28.11
C2 D10 XA . 5.43 11.57 26.88
C3 D10 XA . 4.05 11.21 26.36
C4 D10 XA . 4.12 10.75 24.90
C5 D10 XA . 2.73 10.46 24.35
C6 D10 XA . 2.80 10.13 22.86
C7 D10 XA . 1.54 9.40 22.41
C8 D10 XA . 1.88 8.23 21.50
C9 D10 XA . 0.62 7.59 20.93
C10 D10 XA . 0.89 6.98 19.57
H11 D10 XA . 6.31 12.70 28.45
H12 D10 XA . 4.83 11.91 28.88
H13 D10 XA . 4.79 13.32 27.88
H21 D10 XA . 6.00 12.10 26.10
H22 D10 XA . 5.98 10.66 27.12
H31 D10 XA . 3.62 10.42 26.97
H32 D10 XA . 3.40 12.09 26.43
H41 D10 XA . 4.59 11.53 24.30
H42 D10 XA . 4.74 9.85 24.83
H51 D10 XA . 2.30 9.62 24.90
H52 D10 XA . 2.09 11.33 24.50
H61 D10 XA . 2.90 11.05 22.29
H62 D10 XA . 3.67 9.51 22.66
H71 D10 XA . 1.00 9.03 23.29
H72 D10 XA . 0.88 10.09 21.88
H81 D10 XA . 2.51 8.58 20.68
H82 D10 XA . 2.44 7.48 22.06
H91 D10 XA . 0.26 6.83 21.61
H92 D10 XA . -0.17 8.36 20.84
H101 D10 XA . -0.04 6.72 19.12
H102 D10 XA . 1.40 7.67 18.96
H103 D10 XA . 1.47 6.10 19.69
C1 D10 YA . 9.10 15.22 24.57
C2 D10 YA . 8.58 14.32 23.47
C3 D10 YA . 7.16 14.69 23.08
C4 D10 YA . 6.80 14.12 21.72
C5 D10 YA . 5.37 13.59 21.71
C6 D10 YA . 4.70 13.82 20.37
C7 D10 YA . 3.27 14.31 20.55
C8 D10 YA . 2.27 13.37 19.88
C9 D10 YA . 1.15 14.14 19.21
C10 D10 YA . 0.69 13.44 17.96
H11 D10 YA . 10.15 15.12 24.65
H12 D10 YA . 8.65 14.95 25.49
H13 D10 YA . 8.87 16.23 24.35
H21 D10 YA . 9.23 14.41 22.60
H22 D10 YA . 8.61 13.28 23.81
H31 D10 YA . 6.46 14.31 23.84
H32 D10 YA . 7.05 15.78 23.06
H41 D10 YA . 6.89 14.90 20.96
H42 D10 YA . 7.48 13.31 21.46
H51 D10 YA . 5.38 12.51 21.92
H52 D10 YA . 4.79 14.08 22.50
H61 D10 YA . 5.27 14.56 19.79
H62 D10 YA . 4.68 12.89 19.79
H71 D10 YA . 3.05 14.39 21.61
H72 D10 YA . 3.17 15.31 20.10
H81 D10 YA . 2.79 12.76 19.15
H82 D10 YA . 1.84 12.70 20.65
H91 D10 YA . 0.31 14.25 19.90
H92 D10 YA . 1.50 15.15 18.96
H101 D10 YA . -0.36 13.60 17.83
H102 D10 YA . 1.20 13.83 17.13
H103 D10 YA . 0.87 12.41 18.05
C1 D10 ZA . 8.00 8.80 29.02
C2 D10 ZA . 8.42 7.92 27.85
C3 D10 ZA . 7.39 7.99 26.73
C4 D10 ZA . 8.01 7.58 25.40
C5 D10 ZA . 7.06 6.72 24.59
C6 D10 ZA . 7.25 6.94 23.09
C7 D10 ZA . 5.92 7.07 22.37
C8 D10 ZA . 5.86 6.14 21.17
C9 D10 ZA . 5.22 6.83 19.98
C10 D10 ZA . 5.69 6.22 18.67
H11 D10 ZA . 8.82 8.92 29.68
H12 D10 ZA . 7.20 8.34 29.54
H13 D10 ZA . 7.69 9.74 28.65
H21 D10 ZA . 9.39 8.25 27.48
H22 D10 ZA . 8.52 6.88 28.19
H31 D10 ZA . 6.56 7.32 26.96
H32 D10 ZA . 6.99 9.01 26.66
H41 D10 ZA . 8.26 8.48 24.83
H42 D10 ZA . 8.94 7.03 25.59
H51 D10 ZA . 7.22 5.67 24.83
H52 D10 ZA . 6.02 6.97 24.86
H61 D10 ZA . 7.84 7.85 22.94
H62 D10 ZA . 7.82 6.11 22.67
H71 D10 ZA . 5.10 6.82 23.07
H72 D10 ZA . 5.77 8.10 22.04
H81 D10 ZA . 6.87 5.82 20.90
H82 D10 ZA . 5.28 5.24 21.42
H91 D10 ZA . 4.13 6.74 20.05
H92 D10 ZA . 5.46 7.90 19.99
H101 D10 ZA . 4.88 6.18 17.99
H102 D10 ZA . 6.46 6.82 18.26
H103 D10 ZA . 6.06 5.25 18.86
C1 PLC AB . -28.40 -10.81 16.70
C2 PLC AB . -27.85 -9.52 17.33
C3 PLC AB . -27.51 -9.65 18.82
C4 PLC AB . -31.60 -10.63 15.22
C5 PLC AB . -32.18 -11.72 16.09
C6 PLC AB . -31.87 -10.75 18.40
C7 PLC AB . -33.96 -10.25 17.10
C8 PLC AB . -33.57 -12.54 18.03
C' PLC AB . -25.68 -9.89 16.29
C1' PLC AB . -24.54 -10.08 17.28
C2' PLC AB . -24.43 -11.54 17.81
C3' PLC AB . -22.98 -11.96 18.23
C4' PLC AB . -22.71 -11.98 19.76
C5' PLC AB . -21.27 -12.44 20.11
C6' PLC AB . -21.02 -12.67 21.63
C7' PLC AB . -19.71 -13.46 21.94
C8' PLC AB . -19.48 -13.70 23.45
C9' PLC AB . -18.26 -14.58 23.79
CA' PLC AB . -18.12 -14.92 25.29
CB' PLC AB . -16.90 -15.84 25.60
CB PLC AB . -28.82 -10.20 20.77
C1B PLC AB . -27.71 -9.88 21.76
C2B PLC AB . -27.96 -10.45 23.18
C3B PLC AB . -26.74 -10.26 24.14
C4B PLC AB . -25.53 -11.19 23.80
C5B PLC AB . -24.44 -11.30 24.90
C6B PLC AB . -23.22 -12.17 24.49
C7B PLC AB . -22.18 -12.42 25.63
C8B PLC AB . -21.07 -11.33 25.73
C9B PLC AB . -19.85 -11.70 26.64
CAA PLC AB . -18.52 -10.99 26.28
CBA PLC AB . -17.32 -11.37 27.21
O' PLC AB . -25.72 -10.52 15.26
OB PLC AB . -29.74 -10.97 20.99
O2 PLC AB . -26.68 -9.05 16.58
O3 PLC AB . -28.74 -9.54 19.60
O1P PLC AB . -29.29 -13.03 15.01
O2P PLC AB . -28.60 -11.54 13.00
O3P PLC AB . -28.61 -10.57 15.27
O4P PLC AB . -30.80 -11.16 14.11
N PLC AB . -32.89 -11.31 17.39
P PLC AB . -29.28 -11.68 14.33
H11 PLC AB . -27.76 -11.55 16.83
H12 PLC AB . -29.24 -11.08 17.12
H2 PLC AB . -28.56 -8.82 17.23
H31 PLC AB . -26.90 -8.92 19.10
H32 PLC AB . -27.07 -10.52 18.99
H41 PLC AB . -32.32 -10.07 14.84
H42 PLC AB . -31.05 -10.01 15.77
H51 PLC AB . -31.46 -12.35 16.34
H52 PLC AB . -32.83 -12.25 15.55
H61 PLC AB . -31.15 -11.39 18.52
H62 PLC AB . -32.30 -10.60 19.25
H63 PLC AB . -31.50 -9.91 18.06
H71 PLC AB . -34.49 -10.09 17.90
H72 PLC AB . -34.54 -10.55 16.39
H73 PLC AB . -33.54 -9.41 16.84
H81 PLC AB . -34.02 -12.29 18.85
H82 PLC AB . -32.91 -13.22 18.22
H83 PLC AB . -34.23 -12.91 17.40
H1'1 PLC AB . -24.63 -9.44 18.04
H1'2 PLC AB . -23.69 -9.84 16.82
H2'1 PLC AB . -24.76 -12.15 17.11
H2'2 PLC AB . -25.03 -11.66 18.58
H3'1 PLC AB . -22.34 -11.35 17.80
H3'2 PLC AB . -22.76 -12.86 17.87
H4'1 PLC AB . -23.37 -12.59 20.19
H4'2 PLC AB . -22.88 -11.08 20.13
H5'1 PLC AB . -20.61 -11.78 19.77
H5'2 PLC AB . -21.08 -13.28 19.63
H6'1 PLC AB . -21.79 -13.18 22.00
H6'2 PLC AB . -21.00 -11.81 22.10
H7'1 PLC AB . -18.95 -12.97 21.56
H7'2 PLC AB . -19.74 -14.34 21.48
H8'1 PLC AB . -20.29 -14.11 23.84
H8'2 PLC AB . -19.38 -12.83 23.91
H9'1 PLC AB . -17.43 -14.14 23.47
H9'2 PLC AB . -18.32 -15.43 23.28
HT'1 PLC AB . -18.96 -15.35 25.61
HT'2 PLC AB . -18.03 -14.07 25.81
HE'1 PLC AB . -16.84 -16.05 26.56
HE'2 PLC AB . -16.07 -15.41 25.33
HE'3 PLC AB . -16.98 -16.68 25.10
H1A1 PLC AB . -27.59 -8.89 21.82
H1A2 PLC AB . -26.85 -10.24 21.42
H2A1 PLC AB . -28.15 -11.42 23.11
H2A2 PLC AB . -28.76 -10.03 23.57
H3A1 PLC AB . -27.01 -10.44 25.08
H3A2 PLC AB . -26.44 -9.32 24.12
H4A1 PLC AB . -25.10 -10.88 22.96
H4A2 PLC AB . -25.87 -12.10 23.60
H5A1 PLC AB . -24.85 -11.68 25.72
H5A2 PLC AB . -24.12 -10.38 25.15
H6A1 PLC AB . -22.76 -11.72 23.73
H6A2 PLC AB . -23.56 -13.02 24.14
H7A1 PLC AB . -21.73 -13.30 25.49
H7A2 PLC AB . -22.65 -12.48 26.50
H8A1 PLC AB . -21.49 -10.48 26.04
H8A2 PLC AB . -20.73 -11.14 24.82
H9A1 PLC AB . -19.72 -12.68 26.60
H9A2 PLC AB . -20.08 -11.50 27.59
HTA1 PLC AB . -18.66 -10.01 26.29
HTA2 PLC AB . -18.30 -11.22 25.34
HEA1 PLC AB . -16.52 -10.88 26.95
HEA2 PLC AB . -17.54 -11.14 28.14
HEA3 PLC AB . -17.15 -12.33 27.17
C1 PLC BB . -0.56 -11.51 -1.38
C2 PLC BB . 0.79 -11.77 -0.73
C3 PLC BB . 1.68 -10.54 -0.87
C4 PLC BB . -1.50 -10.14 -5.37
C5 PLC BB . -1.63 -8.63 -5.31
C6 PLC BB . 0.75 -8.89 -4.81
C7 PLC BB . -0.10 -6.82 -5.67
C8 PLC BB . -0.63 -7.50 -3.44
C' PLC BB . 0.46 -10.91 1.49
C1' PLC BB . 1.65 -10.30 2.17
C2' PLC BB . 2.00 -11.07 3.44
C3' PLC BB . 3.01 -10.29 4.28
C4' PLC BB . 3.72 -11.19 5.28
C5' PLC BB . 4.99 -10.52 5.82
C6' PLC BB . 4.68 -9.60 6.99
C7' PLC BB . 4.94 -10.27 8.33
C8' PLC BB . 4.04 -9.70 9.42
C9' PLC BB . 4.86 -9.27 10.62
CA' PLC BB . 4.06 -8.30 11.49
CB' PLC BB . 3.08 -9.03 12.38
CB PLC BB . 1.49 -8.07 -1.08
C1B PLC BB . 1.57 -6.97 -0.05
C2B PLC BB . 3.01 -6.80 0.42
C3B PLC BB . 3.05 -6.46 1.90
C4B PLC BB . 4.49 -6.44 2.42
C5B PLC BB . 4.92 -5.03 2.80
C6B PLC BB . 5.31 -4.96 4.26
C7B PLC BB . 6.82 -4.92 4.44
C8B PLC BB . 7.19 -4.75 5.91
C9B PLC BB . 8.33 -3.76 6.09
CAA PLC BB . 9.30 -4.25 7.16
CBA PLC BB . 10.29 -3.17 7.52
O' PLC BB . -0.67 -10.43 1.63
OB PLC BB . 1.90 -7.90 -2.21
O2 PLC BB . 0.61 -12.10 0.66
O3 PLC BB . 0.92 -9.35 -0.72
O1P PLC BB . -1.31 -13.07 -4.80
O2P PLC BB . -3.14 -12.07 -3.23
O3P PLC BB . -0.79 -12.48 -2.39
O4P PLC BB . -1.23 -10.66 -4.07
N PLC BB . -0.40 -7.97 -4.81
P PLC BB . -1.71 -12.14 -3.68
H11 PLC BB . -1.35 -11.56 -0.63
H12 PLC BB . -0.57 -10.51 -1.82
H2 PLC BB . 1.27 -12.61 -1.25
H31 PLC BB . 2.17 -10.55 -1.86
H32 PLC BB . 2.47 -10.57 -0.11
H41 PLC BB . -2.42 -10.57 -5.76
H42 PLC BB . -0.69 -10.41 -6.05
H51 PLC BB . -2.46 -8.36 -4.65
H52 PLC BB . -1.86 -8.25 -6.30
H61 PLC BB . 0.57 -9.68 -4.13
H62 PLC BB . 1.62 -8.36 -4.53
H63 PLC BB . 0.88 -9.27 -5.79
H71 PLC BB . 0.48 -7.14 -6.50
H72 PLC BB . 0.45 -6.10 -5.12
H73 PLC BB . -1.00 -6.39 -6.02
H81 PLC BB . -0.78 -8.32 -2.80
H82 PLC BB . -1.49 -6.87 -3.43
H83 PLC BB . 0.21 -6.94 -3.11
H1'1 PLC BB . 1.42 -9.26 2.43
H1'2 PLC BB . 2.50 -10.30 1.48
H2'1 PLC BB . 2.42 -12.03 3.16
H2'2 PLC BB . 1.10 -11.24 4.02
H3'1 PLC BB . 2.50 -9.48 4.80
H3'2 PLC BB . 3.76 -9.84 3.61
H4'1 PLC BB . 3.98 -12.14 4.81
H4'2 PLC BB . 3.04 -11.40 6.12
H5'1 PLC BB . 5.46 -9.95 5.02
H5'2 PLC BB . 5.69 -11.29 6.15
H6'1 PLC BB . 3.62 -9.29 6.94
H6'2 PLC BB . 5.28 -8.69 6.90
H7'1 PLC BB . 6.00 -10.11 8.60
H7'2 PLC BB . 4.78 -11.34 8.22
H8'1 PLC BB . 3.32 -10.47 9.72
H8'2 PLC BB . 3.49 -8.84 9.02
H9'1 PLC BB . 5.77 -8.79 10.29
H9'2 PLC BB . 5.13 -10.14 11.23
HT'1 PLC BB . 3.52 -7.59 10.86
HT'2 PLC BB . 4.74 -7.73 12.13
HE'1 PLC BB . 2.42 -8.34 12.83
HE'2 PLC BB . 3.59 -9.57 13.12
HE'3 PLC BB . 2.51 -9.70 11.78
H1A1 PLC BB . 0.93 -7.20 0.79
H1A2 PLC BB . 1.22 -6.02 -0.49
H2A1 PLC BB . 3.49 -6.00 -0.15
H2A2 PLC BB . 3.56 -7.72 0.24
H3A1 PLC BB . 2.49 -7.22 2.46
H3A2 PLC BB . 2.59 -5.50 2.08
H4A1 PLC BB . 5.16 -6.82 1.65
H4A2 PLC BB . 4.58 -7.09 3.29
H5A1 PLC BB . 4.10 -4.33 2.60
H5A2 PLC BB . 5.77 -4.73 2.17
H6A1 PLC BB . 4.91 -5.83 4.79
H6A2 PLC BB . 4.86 -4.06 4.72
H7A1 PLC BB . 7.24 -4.08 3.87
H7A2 PLC BB . 7.26 -5.84 4.05
H8A1 PLC BB . 7.47 -5.72 6.32
H8A2 PLC BB . 6.31 -4.40 6.46
H9A1 PLC BB . 7.94 -2.79 6.37
H9A2 PLC BB . 8.86 -3.65 5.15
HTA1 PLC BB . 9.84 -5.13 6.79
HTA2 PLC BB . 8.74 -4.55 8.05
HEA1 PLC BB . 10.23 -2.96 8.56
HEA2 PLC BB . 10.07 -2.29 6.98
HEA3 PLC BB . 11.28 -3.49 7.29
CU CU CB . -8.41 -15.58 10.22
C1 PLC DB . -12.81 -1.00 -0.50
C2 PLC DB . -12.09 -1.10 0.84
C3 PLC DB . -12.93 -0.39 1.91
C4 PLC DB . -12.88 -5.38 -2.74
C5 PLC DB . -12.05 -6.44 -2.04
C6 PLC DB . -14.03 -7.78 -1.81
C7 PLC DB . -12.11 -8.24 -0.45
C8 PLC DB . -13.40 -6.24 -0.07
C' PLC DB . -10.57 -2.73 1.66
C1' PLC DB . -10.31 -3.09 3.11
C2' PLC DB . -8.88 -2.72 3.48
C3' PLC DB . -8.56 -3.13 4.91
C4' PLC DB . -8.62 -1.94 5.85
C5' PLC DB . -8.81 -2.39 7.29
C6' PLC DB . -7.47 -2.65 7.96
C7' PLC DB . -7.61 -2.72 9.48
C8' PLC DB . -6.26 -2.89 10.15
C9' PLC DB . -6.30 -4.02 11.18
CA' PLC DB . -4.89 -4.34 11.69
CB' PLC DB . -4.87 -4.43 13.20
CB PLC DB . -12.12 1.46 3.38
C1B PLC DB . -12.59 0.75 4.62
C2B PLC DB . -11.40 0.38 5.48
C3B PLC DB . -11.75 0.42 6.97
C4B PLC DB . -10.57 0.91 7.80
C5B PLC DB . -10.84 0.76 9.29
C6B PLC DB . -10.61 2.05 10.03
C7B PLC DB . -9.21 2.11 10.63
C8B PLC DB . -8.70 3.55 10.71
C9B PLC DB . -8.49 3.96 12.17
CAA PLC DB . -7.50 5.11 12.27
CBA PLC DB . -8.06 6.24 13.11
O' PLC DB . -9.65 -2.68 0.87
OB PLC DB . -11.45 2.47 3.46
O2 PLC DB . -11.92 -2.46 1.20
O3 PLC DB . -12.46 0.96 2.06
O1P PLC DB . -14.39 -3.14 -1.75
O2P PLC DB . -13.13 -2.03 -3.75
O3P PLC DB . -12.20 -1.92 -1.41
O4P PLC DB . -12.24 -4.11 -2.65
N PLC DB . -12.89 -7.17 -1.09
P PLC DB . -13.10 -2.77 -2.44
H11 PLC DB . -13.87 -1.25 -0.38
H12 PLC DB . -12.73 0.01 -0.89
H2 PLC DB . -11.12 -0.60 0.77
H31 PLC DB . -13.98 -0.39 1.62
H32 PLC DB . -12.83 -0.92 2.86
H41 PLC DB . -13.00 -5.65 -3.80
H42 PLC DB . -13.88 -5.32 -2.30
H51 PLC DB . -11.23 -5.97 -1.51
H52 PLC DB . -11.64 -7.13 -2.77
H61 PLC DB . -13.71 -8.12 -2.76
H62 PLC DB . -14.80 -7.05 -1.93
H63 PLC DB . -14.41 -8.59 -1.25
H71 PLC DB . -12.24 -9.14 -0.98
H72 PLC DB . -11.09 -7.96 -0.44
H73 PLC DB . -12.44 -8.37 0.55
H81 PLC DB . -13.85 -6.80 0.72
H82 PLC DB . -12.61 -5.66 0.30
H83 PLC DB . -14.13 -5.61 -0.50
H1'1 PLC DB . -10.47 -4.15 3.27
H1'2 PLC DB . -11.00 -2.54 3.75
H2'1 PLC DB . -8.73 -1.65 3.36
H2'2 PLC DB . -8.19 -3.22 2.79
H3'1 PLC DB . -7.56 -3.57 4.94
H3'2 PLC DB . -9.27 -3.89 5.24
H4'1 PLC DB . -9.45 -1.28 5.56
H4'2 PLC DB . -7.70 -1.36 5.77
H5'1 PLC DB . -9.41 -3.30 7.30
H5'2 PLC DB . -9.35 -1.61 7.84
H6'1 PLC DB . -6.77 -1.85 7.70
H6'2 PLC DB . -7.05 -3.59 7.58
H7'1 PLC DB . -8.27 -3.57 9.73
H7'2 PLC DB . -8.10 -1.81 9.84
H8'1 PLC DB . -5.98 -1.95 10.65
H8'2 PLC DB . -5.51 -3.11 9.40
H9'1 PLC DB . -6.74 -4.91 10.73
H9'2 PLC DB . -6.92 -3.72 12.02
HT'1 PLC DB . -4.21 -3.56 11.35
HT'2 PLC DB . -4.57 -5.29 11.26
HE'1 PLC DB . -3.87 -4.42 13.54
HE'2 PLC DB . -5.35 -5.33 13.51
HE'3 PLC DB . -5.39 -3.59 13.61
H1A1 PLC DB . -13.14 -0.15 4.34
H1A2 PLC DB . -13.27 1.40 5.18
H2A1 PLC DB . -10.58 1.09 5.29
H2A2 PLC DB . -11.05 -0.62 5.22
H3A1 PLC DB . -12.04 -0.58 7.29
H3A2 PLC DB . -12.61 1.07 7.12
H4A1 PLC DB . -10.40 1.96 7.57
H4A2 PLC DB . -9.68 0.35 7.52
H5A1 PLC DB . -10.19 -0.02 9.70
H5A2 PLC DB . -11.88 0.42 9.44
H6A1 PLC DB . -11.34 2.17 10.83
H6A2 PLC DB . -10.74 2.89 9.34
H7A1 PLC DB . -8.52 1.52 9.99
H7A2 PLC DB . -9.21 1.66 11.61
H8A1 PLC DB . -9.42 4.21 10.25
H8A2 PLC DB . -7.76 3.64 10.17
H9A1 PLC DB . -9.45 4.26 12.60
H9A2 PLC DB . -8.13 3.11 12.73
HTA1 PLC DB . -7.28 5.49 11.27
HTA2 PLC DB . -6.57 4.75 12.71
HEA1 PLC DB . -8.00 5.97 14.14
HEA2 PLC DB . -7.49 7.11 12.94
HEA3 PLC DB . -9.07 6.40 12.85
CAA HXG EB . 2.49 -5.17 8.00
CAJ HXG EB . 2.29 -5.47 6.54
CAL HXG EB . 0.89 -5.17 6.03
CAN HXG EB . 0.73 -5.26 4.53
CAQ HXG EB . -0.70 -5.31 4.10
CAZ HXG EB . -0.96 -6.28 2.98
OAF HXG EB . -0.24 -7.20 2.68
OAV HXG EB . -2.08 -6.00 2.34
CAT HXG EB . -2.30 -6.67 1.08
CBB HXG EB . -3.49 -6.05 0.39
OAY HXG EB . -3.42 -4.60 0.54
CBA HXG EB . -4.47 -3.96 1.06
OAG HXG EB . -5.61 -4.20 0.72
CAR HXG EB . -4.08 -2.92 2.07
CAO HXG EB . -3.59 -3.52 3.36
CAM HXG EB . -3.47 -2.48 4.47
CAK HXG EB . -2.64 -2.93 5.64
CAB HXG EB . -2.70 -2.00 6.83
CAU HXG EB . -3.57 -6.38 -1.08
OAX HXG EB . -4.76 -7.17 -1.34
PBD HXG EB . -4.60 -8.63 -1.99
OAI HXG EB . -3.49 -9.34 -1.26
OAH HXG EB . -4.57 -8.48 -3.48
OAW HXG EB . -5.99 -9.35 -1.59
CAP HXG EB . -6.55 -10.35 -2.48
CAS HXG EB . -7.88 -10.84 -1.96
NBC HXG EB . -8.98 -9.80 -1.85
CAD HXG EB . -9.05 -9.02 -3.12
CAE HXG EB . -10.29 -10.48 -1.62
CAC HXG EB . -8.71 -8.87 -0.73
H1 HXG EB . 2.31 -5.97 8.52
H2 HXG EB . 3.40 -4.87 8.15
H3 HXG EB . 1.88 -4.46 8.28
H4 HXG EB . 2.93 -4.92 6.01
H5 HXG EB . 2.49 -6.41 6.37
H6 HXG EB . 0.28 -5.81 6.46
H7 HXG EB . 0.64 -4.27 6.33
H8 HXG EB . 1.17 -4.48 4.11
H9 HXG EB . 1.19 -6.07 4.20
H10 HXG EB . -1.25 -5.56 4.87
H11 HXG EB . -0.98 -4.40 3.82
H12 HXG EB . -1.49 -6.57 0.52
H13 HXG EB . -2.46 -7.63 1.24
H14 HXG EB . -4.31 -6.37 0.84
H15 HXG EB . -3.37 -2.36 1.70
H16 HXG EB . -4.86 -2.36 2.26
H17 HXG EB . -4.22 -4.22 3.65
H18 HXG EB . -2.72 -3.93 3.22
H19 HXG EB . -3.08 -1.67 4.11
H20 HXG EB . -4.38 -2.26 4.79
H21 HXG EB . -2.95 -3.83 5.93
H22 HXG EB . -1.71 -3.02 5.35
H23 HXG EB . -3.15 -2.45 7.57
H24 HXG EB . -1.80 -1.77 7.10
H25 HXG EB . -3.19 -1.20 6.59
H26 HXG EB . -3.61 -5.54 -1.60
H27 HXG EB . -2.78 -6.88 -1.35
H29 HXG EB . -6.68 -9.95 -3.38
H30 HXG EB . -5.93 -11.10 -2.56
H31 HXG EB . -8.19 -11.56 -2.53
H32 HXG EB . -7.73 -11.21 -1.06
H33 HXG EB . -9.43 -9.58 -3.81
H34 HXG EB . -9.62 -8.24 -2.98
H35 HXG EB . -8.16 -8.74 -3.36
H36 HXG EB . -10.18 -11.15 -0.94
H37 HXG EB . -10.94 -9.82 -1.35
H38 HXG EB . -10.57 -10.89 -2.45
H39 HXG EB . -8.02 -8.25 -0.98
H40 HXG EB . -9.52 -8.40 -0.51
H41 HXG EB . -8.42 -9.39 0.04
C1 D10 FB . 3.29 -0.23 6.36
C2 D10 FB . 2.45 -1.32 5.74
C3 D10 FB . 2.66 -1.38 4.23
C4 D10 FB . 1.53 -2.13 3.54
C5 D10 FB . 1.48 -1.79 2.06
C6 D10 FB . 0.32 -2.51 1.38
C7 D10 FB . 0.38 -2.34 -0.14
C8 D10 FB . -0.78 -3.05 -0.81
C9 D10 FB . -0.74 -2.86 -2.32
C10 D10 FB . -1.95 -3.50 -2.98
H11 D10 FB . 3.12 -0.19 7.40
H12 D10 FB . 3.03 0.71 5.94
H13 D10 FB . 4.31 -0.41 6.19
H21 D10 FB . 2.71 -2.28 6.19
H22 D10 FB . 1.39 -1.13 5.95
H31 D10 FB . 2.73 -0.36 3.84
H32 D10 FB . 3.61 -1.88 4.01
H41 D10 FB . 1.66 -3.20 3.68
H42 D10 FB . 0.58 -1.83 4.01
H51 D10 FB . 1.37 -0.72 1.93
H52 D10 FB . 2.42 -2.10 1.60
H61 D10 FB . 0.35 -3.57 1.62
H62 D10 FB . -0.63 -2.11 1.75
H71 D10 FB . 0.34 -1.27 -0.38
H72 D10 FB . 1.32 -2.74 -0.51
H81 D10 FB . -0.73 -4.12 -0.58
H82 D10 FB . -1.73 -2.66 -0.41
H91 D10 FB . -0.74 -1.79 -2.55
H92 D10 FB . 0.17 -3.29 -2.72
H101 D10 FB . -1.86 -3.42 -4.03
H102 D10 FB . -1.98 -4.53 -2.71
H103 D10 FB . -2.83 -3.02 -2.65
C1 PLC GB . -26.48 -14.06 12.17
C2 PLC GB . -25.86 -13.68 13.52
C3 PLC GB . -25.12 -14.83 14.19
C4 PLC GB . -26.34 -17.97 9.84
C5 PLC GB . -25.37 -18.98 10.44
C6 PLC GB . -25.78 -18.57 12.92
C7 PLC GB . -27.07 -20.34 11.71
C8 PLC GB . -24.64 -20.65 12.17
C' PLC GB . -23.66 -12.70 13.16
C1' PLC GB . -22.78 -12.17 14.29
C2' PLC GB . -21.26 -12.41 14.08
C3' PLC GB . -20.36 -11.74 15.15
C4' PLC GB . -18.84 -11.98 14.93
C5' PLC GB . -17.90 -11.21 15.93
C6' PLC GB . -18.15 -11.56 17.43
C7' PLC GB . -17.04 -11.05 18.41
C8' PLC GB . -17.31 -11.41 19.90
C9' PLC GB . -16.36 -10.74 20.93
CA' PLC GB . -16.59 -11.18 22.40
CB' PLC GB . -15.74 -10.37 23.44
CB PLC GB . -26.99 -15.49 15.59
C1B PLC GB . -26.52 -14.78 16.87
C2B PLC GB . -25.16 -15.29 17.44
C3B PLC GB . -25.05 -15.24 18.99
C4B PLC GB . -23.63 -15.58 19.53
C5B PLC GB . -23.60 -16.07 21.02
C6B PLC GB . -24.38 -15.18 22.04
C7B PLC GB . -24.33 -15.70 23.52
C8B PLC GB . -25.56 -15.35 24.40
C9B PLC GB . -25.49 -15.90 25.86
CAA PLC GB . -24.72 -14.96 26.86
CBA PLC GB . -25.60 -13.82 27.45
O' PLC GB . -23.20 -13.27 12.20
OB PLC GB . -28.15 -15.75 15.33
O2 PLC GB . -24.98 -12.52 13.29
O3 PLC GB . -26.00 -15.84 14.77
O1P PLC GB . -28.11 -15.08 9.83
O2P PLC GB . -28.81 -17.03 11.40
O3P PLC GB . -27.41 -15.19 12.27
O4P PLC GB . -26.39 -16.72 10.60
N PLC GB . -25.72 -19.62 11.80
P PLC GB . -27.79 -16.02 10.96
H11 PLC GB . -26.98 -13.31 11.79
H12 PLC GB . -25.77 -14.30 11.54
H2 PLC GB . -26.59 -13.36 14.12
H31 PLC GB . -24.53 -14.50 14.90
H32 PLC GB . -24.55 -15.30 13.52
H41 PLC GB . -26.08 -17.75 8.91
H42 PLC GB . -27.25 -18.36 9.79
H51 PLC GB . -24.49 -18.54 10.56
H52 PLC GB . -25.22 -19.72 9.81
H61 PLC GB . -24.97 -18.03 12.90
H62 PLC GB . -25.84 -19.01 13.78
H63 PLC GB . -26.55 -18.00 12.81
H71 PLC GB . -27.22 -20.87 12.51
H72 PLC GB . -27.09 -20.92 10.93
H73 PLC GB . -27.79 -19.68 11.63
H81 PLC GB . -24.86 -21.09 13.01
H82 PLC GB . -23.77 -20.22 12.25
H83 PLC GB . -24.58 -21.34 11.47
H1'1 PLC GB . -23.06 -12.59 15.15
H1'2 PLC GB . -22.94 -11.20 14.40
H2'1 PLC GB . -21.00 -12.07 13.18
H2'2 PLC GB . -21.08 -13.38 14.07
H3'1 PLC GB . -20.63 -12.06 16.05
H3'2 PLC GB . -20.53 -10.75 15.15
H4'1 PLC GB . -18.60 -11.75 14.00
H4'2 PLC GB . -18.66 -12.97 15.02
H5'1 PLC GB . -18.03 -10.24 15.80
H5'2 PLC GB . -16.96 -11.40 15.72
H6'1 PLC GB . -18.23 -12.54 17.52
H6'2 PLC GB . -19.03 -11.19 17.72
H7'1 PLC GB . -16.97 -10.07 18.33
H7'2 PLC GB . -16.17 -11.42 18.13
H8'1 PLC GB . -17.26 -12.40 20.00
H8'2 PLC GB . -18.25 -11.16 20.12
H9'1 PLC GB . -16.46 -9.76 20.87
H9'2 PLC GB . -15.43 -10.93 20.66
HT'1 PLC GB . -16.37 -12.15 22.48
HT'2 PLC GB . -17.55 -11.10 22.62
HE'1 PLC GB . -14.79 -10.42 23.21
HE'2 PLC GB . -15.86 -10.73 24.34
HE'3 PLC GB . -16.02 -9.43 23.43
H1A1 PLC GB . -27.21 -14.91 17.57
H1A2 PLC GB . -26.47 -13.80 16.69
H2A1 PLC GB . -24.41 -14.76 17.06
H2A2 PLC GB . -24.99 -16.22 17.15
H3A1 PLC GB . -25.71 -15.86 19.38
H3A2 PLC GB . -25.31 -14.32 19.30
H4A1 PLC GB . -23.04 -14.79 19.44
H4A2 PLC GB . -23.23 -16.27 18.94
H5A1 PLC GB . -22.66 -16.13 21.31
H5A2 PLC GB . -23.96 -16.99 21.06
H6A1 PLC GB . -25.33 -15.13 21.76
H6A2 PLC GB . -24.04 -14.25 21.99
H7A1 PLC GB . -23.51 -15.37 23.95
H7A2 PLC GB . -24.24 -16.69 23.49
H8A1 PLC GB . -26.38 -15.69 23.94
H8A2 PLC GB . -25.66 -14.36 24.42
H9A1 PLC GB . -25.06 -16.79 25.83
H9A2 PLC GB . -26.40 -16.04 26.22
HTA1 PLC GB . -23.94 -14.57 26.37
HTA2 PLC GB . -24.33 -15.50 27.61
HEA1 PLC GB . -25.06 -13.19 27.97
HEA2 PLC GB . -26.05 -13.34 26.73
HEA3 PLC GB . -26.30 -14.19 28.04
CAA HXG HB . -0.03 -31.89 24.80
CAJ HXG HB . -1.29 -31.96 23.96
CAL HXG HB . -1.76 -33.37 23.70
CAN HXG HB . -2.82 -33.49 22.62
CAQ HXG HB . -3.16 -34.91 22.30
CAZ HXG HB . -4.47 -35.06 21.57
OAF HXG HB . -4.98 -34.22 20.90
OAV HXG HB . -4.99 -36.27 21.76
CAT HXG HB . -6.14 -36.62 20.95
CBB HXG HB . -5.77 -37.74 20.01
OAY HXG HB . -4.88 -38.68 20.69
CBA HXG HB . -5.13 -38.97 21.97
OAG HXG HB . -6.21 -38.85 22.47
CAR HXG HB . -3.91 -39.46 22.70
CAO HXG HB . -3.90 -39.14 24.16
CAM HXG HB . -2.78 -38.18 24.55
CAK HXG HB . -2.80 -37.77 26.00
CAB HXG HB . -1.87 -36.62 26.31
CAU HXG HB . -6.95 -38.51 19.51
OAX HXG HB . -6.51 -39.68 18.76
PBD HXG HB . -6.67 -41.14 19.42
OAI HXG HB . -5.76 -41.23 20.61
OAH HXG HB . -6.55 -42.16 18.32
OAW HXG HB . -8.18 -41.13 19.94
CAP HXG HB . -9.23 -40.61 19.08
CAS HXG HB . -10.34 -40.01 19.91
NBC HXG HB . -10.88 -38.68 19.42
CAD HXG HB . -11.24 -38.78 17.98
CAE HXG HB . -9.87 -37.62 19.60
CAC HXG HB . -12.11 -38.32 20.20
H1 HXG HB . 0.35 -30.99 24.72
H2 HXG HB . 0.61 -32.54 24.48
H3 HXG HB . -0.25 -32.07 25.72
H4 HXG HB . -1.12 -31.52 23.10
H5 HXG HB . -2.00 -31.46 24.42
H6 HXG HB . -2.12 -33.73 24.54
H7 HXG HB . -0.98 -33.92 23.45
H8 HXG HB . -2.48 -33.05 21.81
H9 HXG HB . -3.62 -33.02 22.90
H10 HXG HB . -3.21 -35.42 23.14
H11 HXG HB . -2.45 -35.30 21.76
H12 HXG HB . -6.42 -35.82 20.43
H13 HXG HB . -6.88 -36.88 21.53
H14 HXG HB . -5.29 -37.36 19.23
H15 HXG HB . -3.11 -39.06 22.29
H16 HXG HB . -3.84 -40.43 22.59
H17 HXG HB . -3.81 -39.96 24.67
H18 HXG HB . -4.76 -38.74 24.40
H19 HXG HB . -2.86 -37.37 23.99
H20 HXG HB . -1.92 -38.60 24.35
H21 HXG HB . -2.55 -38.54 26.55
H22 HXG HB . -3.72 -37.51 26.25
H23 HXG HB . -1.93 -36.39 27.25
H24 HXG HB . -2.12 -35.84 25.76
H25 HXG HB . -0.96 -36.87 26.09
H26 HXG HB . -7.50 -37.94 18.93
H27 HXG HB . -7.51 -38.80 20.26
H29 HXG HB . -9.60 -41.33 18.52
H30 HXG HB . -8.85 -39.91 18.48
H31 HXG HB . -10.01 -39.89 20.82
H32 HXG HB . -11.07 -40.64 19.94
H33 HXG HB . -12.11 -38.36 17.84
H34 HXG HB . -11.28 -39.71 17.72
H35 HXG HB . -10.57 -38.31 17.46
H36 HXG HB . -10.30 -36.81 19.92
H37 HXG HB . -9.44 -37.43 18.74
H38 HXG HB . -9.20 -37.91 20.24
H39 HXG HB . -12.43 -37.46 19.89
H40 HXG HB . -11.88 -38.28 21.14
H41 HXG HB . -12.78 -39.00 20.06
C1 PLC IB . -24.19 -31.94 23.38
C2 PLC IB . -23.68 -31.65 24.79
C3 PLC IB . -24.02 -30.24 25.26
C4 PLC IB . -24.35 -36.51 24.12
C5 PLC IB . -23.12 -35.94 24.83
C6 PLC IB . -21.67 -36.09 22.77
C7 PLC IB . -20.66 -35.43 24.96
C8 PLC IB . -21.42 -37.78 24.60
C' PLC IB . -23.96 -32.69 26.99
C1' PLC IB . -22.58 -33.22 27.40
C2' PLC IB . -21.56 -32.11 27.76
C3' PLC IB . -20.44 -32.60 28.73
C4' PLC IB . -19.45 -31.50 29.21
C5' PLC IB . -18.64 -31.87 30.49
C6' PLC IB . -17.46 -32.87 30.25
C7' PLC IB . -16.08 -32.19 29.98
C8' PLC IB . -14.84 -33.16 30.09
C9' PLC IB . -14.44 -33.58 31.55
CA' PLC IB . -13.41 -32.66 32.29
CB' PLC IB . -13.96 -31.24 32.68
CB PLC IB . -22.54 -28.35 25.12
C1B PLC IB . -21.34 -28.88 25.88
C2B PLC IB . -20.41 -27.79 26.45
C3B PLC IB . -19.12 -28.37 27.12
C4B PLC IB . -18.65 -27.59 28.39
C5B PLC IB . -18.24 -26.12 28.11
C6B PLC IB . -17.70 -25.35 29.36
C7B PLC IB . -17.79 -23.81 29.27
C8B PLC IB . -17.39 -23.07 30.58
C9B PLC IB . -15.87 -22.86 30.80
CAA PLC IB . -15.53 -21.97 32.03
CBA PLC IB . -14.11 -21.33 31.97
O' PLC IB . -24.77 -32.29 27.79
OB PLC IB . -22.86 -27.18 25.10
O2 PLC IB . -24.28 -32.65 25.68
O3 PLC IB . -23.24 -29.29 24.48
O1P PLC IB . -26.03 -34.04 21.66
O2P PLC IB . -26.19 -34.17 24.23
O3P PLC IB . -24.06 -33.36 23.03
O4P PLC IB . -24.71 -35.77 22.90
N PLC IB . -21.73 -36.31 24.29
P PLC IB . -25.36 -34.31 22.98
H11 PLC IB . -23.68 -31.42 22.73
H12 PLC IB . -25.13 -31.68 23.31
H2 PLC IB . -22.68 -31.77 24.82
H31 PLC IB . -23.85 -30.12 26.24
H32 PLC IB . -24.98 -30.05 25.11
H41 PLC IB . -24.18 -37.45 23.87
H42 PLC IB . -25.14 -36.52 24.72
H51 PLC IB . -23.13 -36.21 25.79
H52 PLC IB . -23.19 -34.96 24.84
H61 PLC IB . -21.95 -35.19 22.56
H62 PLC IB . -22.23 -36.74 22.32
H63 PLC IB . -20.75 -36.22 22.46
H71 PLC IB . -19.79 -35.66 24.62
H72 PLC IB . -20.69 -35.56 25.92
H73 PLC IB . -20.85 -34.50 24.75
H81 PLC IB . -22.04 -38.36 24.13
H82 PLC IB . -21.50 -37.94 25.56
H83 PLC IB . -20.52 -37.99 24.33
H1'1 PLC IB . -22.22 -33.78 26.67
H1'2 PLC IB . -22.70 -33.82 28.17
H2'1 PLC IB . -22.04 -31.36 28.19
H2'2 PLC IB . -21.15 -31.74 26.94
H3'1 PLC IB . -19.93 -33.33 28.29
H3'2 PLC IB . -20.86 -33.01 29.52
H4'1 PLC IB . -19.97 -30.66 29.37
H4'2 PLC IB . -18.82 -31.28 28.49
H5'1 PLC IB . -19.28 -32.25 31.16
H5'2 PLC IB . -18.27 -31.05 30.91
H6'1 PLC IB . -17.68 -33.46 29.48
H6'2 PLC IB . -17.36 -33.48 31.03
H7'1 PLC IB . -15.96 -31.47 30.64
H7'2 PLC IB . -16.10 -31.76 29.08
H8'1 PLC IB . -14.05 -32.73 29.67
H8'2 PLC IB . -15.04 -33.96 29.55
H9'1 PLC IB . -14.10 -34.52 31.55
H9'2 PLC IB . -15.27 -33.61 32.10
HT'1 PLC IB . -12.63 -32.54 31.69
HT'2 PLC IB . -13.07 -33.11 33.11
HE'1 PLC IB . -13.29 -30.73 33.17
HE'2 PLC IB . -14.76 -31.35 33.25
HE'3 PLC IB . -14.22 -30.75 31.88
H1A1 PLC IB . -21.67 -29.45 26.64
H1A2 PLC IB . -20.82 -29.48 25.29
H2A1 PLC IB . -20.90 -27.26 27.12
H2A2 PLC IB . -20.16 -27.16 25.72
H3A1 PLC IB . -18.38 -28.39 26.47
H3A2 PLC IB . -19.29 -29.32 27.37
H4A1 PLC IB . -17.89 -28.07 28.82
H4A2 PLC IB . -19.39 -27.58 29.05
H5A1 PLC IB . -19.01 -25.63 27.75
H5A2 PLC IB . -17.54 -26.11 27.40
H6A1 PLC IB . -16.76 -25.62 29.55
H6A2 PLC IB . -18.22 -25.65 30.16
H7A1 PLC IB . -18.72 -23.57 29.01
H7A2 PLC IB . -17.20 -23.50 28.53
H8A1 PLC IB . -17.82 -22.17 30.59
H8A2 PLC IB . -17.76 -23.56 31.35
H9A1 PLC IB . -15.48 -22.45 29.99
H9A2 PLC IB . -15.42 -23.75 30.89
HTA1 PLC IB . -15.62 -22.50 32.87
HTA2 PLC IB . -16.21 -21.24 32.09
HEA1 PLC IB . -13.43 -22.03 31.88
HEA2 PLC IB . -13.91 -20.81 32.78
HEA3 PLC IB . -14.03 -20.74 31.19
O1 P1O JB . -7.49 -22.36 48.25
O2 P1O JB . -5.24 -21.47 49.22
P1 P1O JB . -6.25 -21.54 48.09
O3 P1O JB . -6.67 -20.03 47.70
C1 P1O JB . -6.84 -19.04 48.70
C2 P1O JB . -5.51 -18.78 49.40
N1 P1O JB . -5.72 -18.75 50.86
C3 P1O JB . -6.21 -20.06 51.31
C4 P1O JB . -4.46 -18.44 51.52
C5 P1O JB . -6.72 -17.71 51.18
O4 P1O JB . -5.48 -22.02 46.77
C6 P1O JB . -5.57 -23.38 46.34
C7 P1O JB . -6.25 -23.43 44.98
C8 P1O JB . -7.68 -22.93 45.10
O5 P1O JB . -7.68 -21.56 45.48
C9 P1O JB . -8.78 -20.69 45.07
O6 P1O JB . -9.05 -19.72 45.75
C10 P1O JB . -9.55 -21.01 43.82
C11 P1O JB . -10.61 -22.06 44.11
C12 P1O JB . -10.43 -23.27 43.20
C13 P1O JB . -11.02 -23.03 41.82
C14 P1O JB . -11.61 -24.30 41.24
C15 P1O JB . -12.01 -24.10 39.78
C16 P1O JB . -12.90 -25.24 39.30
C17 P1O JB . -13.66 -24.83 38.04
C18 P1O JB . -14.38 -26.02 37.44
O7 P1O JB . -5.53 -22.60 44.06
C19 P1O JB . -5.30 -23.26 42.79
O8 P1O JB . -4.18 -23.32 42.33
C20 P1O JB . -6.46 -23.83 42.01
C21 P1O JB . -6.17 -23.81 40.52
C22 P1O JB . -7.37 -24.25 39.71
C23 P1O JB . -7.11 -24.15 38.22
C24 P1O JB . -7.96 -23.06 37.58
C25 P1O JB . -9.25 -23.60 37.03
C26 P1O JB . -10.04 -22.53 36.30
C27 P1O JB . -10.89 -23.13 35.17
C28 P1O JB . -11.74 -22.06 34.52
H1 P1O JB . -7.59 -19.36 49.43
H2 P1O JB . -7.20 -18.11 48.24
H3 P1O JB . -5.09 -17.83 49.07
H4 P1O JB . -4.81 -19.58 49.15
H5 P1O JB . -5.73 -20.83 50.75
H6 P1O JB . -7.25 -20.12 51.17
H7 P1O JB . -5.98 -20.18 52.34
H8 P1O JB . -4.61 -17.64 52.21
H9 P1O JB . -3.73 -18.15 50.80
H10 P1O JB . -4.11 -19.29 52.05
H11 P1O JB . -6.84 -17.08 50.34
H12 P1O JB . -6.39 -17.16 52.00
H13 P1O JB . -7.64 -18.19 51.40
H14 P1O JB . -4.57 -23.82 46.28
H15 P1O JB . -6.15 -23.96 47.06
H16 P1O JB . -6.25 -24.47 44.62
H17 P1O JB . -8.21 -23.52 45.86
H18 P1O JB . -8.21 -23.06 44.15
H19 P1O JB . -8.88 -21.37 43.04
H20 P1O JB . -10.04 -20.10 43.45
H21 P1O JB . -11.61 -21.64 43.96
H22 P1O JB . -10.54 -22.37 45.15
H23 P1O JB . -10.93 -24.14 43.65
H24 P1O JB . -9.37 -23.51 43.11
H25 P1O JB . -10.24 -22.65 41.16
H26 P1O JB . -11.81 -22.26 41.89
H27 P1O JB . -12.49 -24.59 41.82
H28 P1O JB . -10.88 -25.11 41.31
H29 P1O JB . -12.53 -23.16 39.66
H30 P1O JB . -11.10 -24.05 39.16
H31 P1O JB . -13.61 -25.50 40.08
H32 P1O JB . -12.29 -26.12 39.08
H33 P1O JB . -12.96 -24.42 37.30
H34 P1O JB . -14.39 -24.05 38.28
H35 P1O JB . -15.40 -25.77 37.29
H36 P1O JB . -14.31 -26.85 38.10
H37 P1O JB . -13.93 -26.27 36.51
H38 P1O JB . -7.38 -23.26 42.21
H39 P1O JB . -6.64 -24.87 42.34
H40 P1O JB . -5.32 -24.47 40.30
H41 P1O JB . -5.88 -22.80 40.23
H42 P1O JB . -8.23 -23.62 39.97
H43 P1O JB . -7.63 -25.28 39.97
H44 P1O JB . -7.34 -25.10 37.74
H45 P1O JB . -6.05 -23.93 38.05
H46 P1O JB . -7.39 -22.57 36.78
H47 P1O JB . -8.18 -22.29 38.33
H48 P1O JB . -9.86 -24.01 37.84
H49 P1O JB . -9.04 -24.43 36.34
H50 P1O JB . -9.35 -21.80 35.88
H51 P1O JB . -10.70 -22.00 37.00
H52 P1O JB . -11.53 -23.91 35.59
H53 P1O JB . -10.23 -23.58 34.43
H54 P1O JB . -12.32 -21.58 35.25
H55 P1O JB . -12.37 -22.52 33.80
H56 P1O JB . -11.11 -21.36 34.04
O1 P1O KB . -7.29 -1.68 43.87
O2 P1O KB . -8.27 -1.96 41.47
P1 P1O KB . -8.32 -2.27 42.94
O3 P1O KB . -9.79 -1.90 43.49
C1 P1O KB . -10.50 -2.84 44.29
C2 P1O KB . -11.95 -2.41 44.42
N1 P1O KB . -12.71 -2.88 43.25
C3 P1O KB . -12.86 -4.34 43.30
C4 P1O KB . -14.04 -2.26 43.24
C5 P1O KB . -11.99 -2.51 42.02
O4 P1O KB . -8.30 -3.88 43.12
C6 P1O KB . -8.13 -4.75 42.01
C7 P1O KB . -9.45 -4.87 41.25
C8 P1O KB . -9.44 -3.94 40.03
O5 P1O KB . -8.10 -3.77 39.56
C9 P1O KB . -7.69 -4.37 38.29
O6 P1O KB . -7.94 -5.54 38.08
C10 P1O KB . -6.98 -3.53 37.26
C11 P1O KB . -7.37 -3.98 35.86
C12 P1O KB . -8.88 -4.08 35.73
C13 P1O KB . -9.37 -3.41 34.44
C14 P1O KB . -9.11 -4.30 33.24
C15 P1O KB . -10.36 -4.41 32.37
C16 P1O KB . -10.91 -5.84 32.41
C17 P1O KB . -11.53 -6.21 31.07
C18 P1O KB . -12.88 -6.87 31.25
O7 P1O KB . -9.65 -6.21 40.82
C19 P1O KB . -10.94 -6.74 41.26
O8 P1O KB . -11.38 -6.39 42.35
C20 P1O KB . -11.72 -7.69 40.39
C21 P1O KB . -12.57 -8.59 41.27
C22 P1O KB . -13.95 -7.99 41.48
C23 P1O KB . -14.82 -8.14 40.25
C24 P1O KB . -15.79 -9.30 40.38
C25 P1O KB . -17.11 -9.01 39.68
C26 P1O KB . -17.00 -9.30 38.19
C27 P1O KB . -18.03 -10.33 37.75
C28 P1O KB . -18.13 -10.38 36.24
H1 P1O KB . -10.05 -2.90 45.28
H2 P1O KB . -10.44 -3.83 43.82
H3 P1O KB . -12.02 -1.32 44.48
H4 P1O KB . -12.39 -2.82 45.33
H5 P1O KB . -12.64 -4.68 44.28
H6 P1O KB . -12.19 -4.79 42.62
H7 P1O KB . -13.85 -4.60 43.05
H8 P1O KB . -14.75 -2.93 42.83
H9 P1O KB . -14.01 -1.37 42.65
H10 P1O KB . -14.31 -2.01 44.23
H11 P1O KB . -11.48 -3.36 41.64
H12 P1O KB . -12.68 -2.15 41.29
H13 P1O KB . -11.28 -1.75 42.24
H14 P1O KB . -7.83 -5.74 42.35
H15 P1O KB . -7.36 -4.37 41.34
H16 P1O KB . -10.27 -4.55 41.91
H17 P1O KB . -9.85 -2.97 40.31
H18 P1O KB . -10.06 -4.37 39.24
H19 P1O KB . -5.91 -3.62 37.39
H20 P1O KB . -7.25 -2.47 37.39
H21 P1O KB . -6.93 -4.95 35.66
H22 P1O KB . -6.99 -3.28 35.13
H23 P1O KB . -9.36 -3.60 36.59
H24 P1O KB . -9.18 -5.13 35.72
H25 P1O KB . -8.84 -2.46 34.32
H26 P1O KB . -10.43 -3.19 34.52
H27 P1O KB . -8.80 -5.29 33.57
H28 P1O KB . -8.29 -3.87 32.65
H29 P1O KB . -10.12 -4.15 31.34
H30 P1O KB . -11.11 -3.72 32.73
H31 P1O KB . -11.67 -5.90 33.19
H32 P1O KB . -10.11 -6.54 32.65
H33 P1O KB . -10.86 -6.90 30.55
H34 P1O KB . -11.64 -5.32 30.45
H35 P1O KB . -13.64 -6.15 31.10
H36 P1O KB . -12.96 -7.26 32.24
H37 P1O KB . -12.99 -7.66 30.56
H38 P1O KB . -11.02 -8.30 39.80
H39 P1O KB . -12.36 -7.13 39.70
H40 P1O KB . -12.08 -8.75 42.23
H41 P1O KB . -12.68 -9.57 40.78
H42 P1O KB . -13.85 -6.93 41.74
H43 P1O KB . -14.44 -8.49 42.33
H44 P1O KB . -14.18 -8.30 39.38
H45 P1O KB . -15.38 -7.21 40.08
H46 P1O KB . -15.97 -9.51 41.44
H47 P1O KB . -15.34 -10.19 39.94
H48 P1O KB . -17.37 -7.96 39.82
H49 P1O KB . -17.90 -9.63 40.12
H50 P1O KB . -16.00 -9.67 37.97
H51 P1O KB . -17.14 -8.37 37.63
H52 P1O KB . -19.01 -10.07 38.17
H53 P1O KB . -17.74 -11.32 38.13
H54 P1O KB . -18.10 -9.40 35.85
H55 P1O KB . -19.04 -10.85 35.96
H56 P1O KB . -17.31 -10.94 35.85
C1 ETF LB . -8.53 -18.50 13.14
C2 ETF LB . -7.85 -17.19 12.98
O ETF LB . -7.94 -16.72 11.66
F1 ETF LB . -8.46 -18.95 14.38
F2 ETF LB . -9.82 -18.43 12.83
F3 ETF LB . -7.99 -19.44 12.36
H21 ETF LB . -6.90 -17.30 13.22
H22 ETF LB . -8.26 -16.55 13.59
HO ETF LB . -7.28 -16.23 11.48
C1 PLC MB . -10.88 3.74 -1.98
C2 PLC MB . -11.35 3.48 -0.54
C3 PLC MB . -10.52 2.38 0.09
C4 PLC MB . -10.33 0.99 -5.26
C5 PLC MB . -8.86 0.53 -5.23
C6 PLC MB . -9.68 -0.46 -3.14
C7 PLC MB . -7.73 -1.32 -4.23
C8 PLC MB . -7.65 0.83 -3.17
C' PLC MB . -9.92 4.92 0.73
C1' PLC MB . -9.53 4.44 2.10
C2' PLC MB . -10.04 5.41 3.17
C3' PLC MB . -9.41 5.10 4.52
C4' PLC MB . -10.20 5.73 5.67
C5' PLC MB . -9.82 5.08 7.00
C6' PLC MB . -8.57 5.75 7.61
C7' PLC MB . -8.96 6.77 8.67
C8' PLC MB . -7.91 7.87 8.75
C9' PLC MB . -7.44 8.07 10.19
CA' PLC MB . -6.10 8.80 10.23
CB' PLC MB . -6.27 10.28 10.04
CB PLC MB . -8.22 1.43 -0.06
C1B PLC MB . -6.97 1.68 0.75
C2B PLC MB . -7.12 1.08 2.14
C3B PLC MB . -6.46 1.98 3.19
C4B PLC MB . -6.72 1.46 4.60
C5B PLC MB . -5.45 0.93 5.24
C6B PLC MB . -5.14 1.71 6.52
C7B PLC MB . -5.50 0.90 7.76
C8B PLC MB . -5.10 1.66 9.02
C9B PLC MB . -4.47 0.72 10.05
CAA PLC MB . -4.93 1.06 11.46
CBA PLC MB . -4.13 0.32 12.50
O' PLC MB . -9.12 5.51 0.02
OB PLC MB . -8.46 0.31 -0.50
O2 PLC MB . -11.27 4.68 0.23
O3 PLC MB . -9.15 2.50 -0.32
O1P PLC MB . -12.95 2.37 -4.89
O2P PLC MB . -11.11 4.21 -5.16
O3P PLC MB . -11.97 3.54 -2.88
O4P PLC MB . -10.56 1.93 -4.22
N PLC MB . -8.49 -0.09 -3.95
P PLC MB . -11.70 3.06 -4.39
H11 PLC MB . -10.51 4.76 -2.06
H12 PLC MB . -10.07 3.05 -2.22
H2 PLC MB . -12.40 3.14 -0.58
H31 PLC MB . -10.90 1.40 -0.21
H32 PLC MB . -10.58 2.45 1.18
H41 PLC MB . -10.54 1.44 -6.22
H42 PLC MB . -10.98 0.12 -5.12
H51 PLC MB . -8.22 1.40 -5.39
H52 PLC MB . -8.69 -0.17 -6.04
H61 PLC MB . -10.19 0.43 -2.87
H62 PLC MB . -9.37 -0.97 -2.28
H63 PLC MB . -10.32 -1.07 -3.72
H71 PLC MB . -8.40 -2.13 -4.36
H72 PLC MB . -7.08 -1.53 -3.41
H73 PLC MB . -7.16 -1.18 -5.12
H81 PLC MB . -8.22 1.68 -2.91
H82 PLC MB . -6.82 1.13 -3.77
H83 PLC MB . -7.30 0.34 -2.30
H1'1 PLC MB . -8.45 4.37 2.16
H1'2 PLC MB . -9.95 3.45 2.28
H2'1 PLC MB . -11.12 5.33 3.24
H2'2 PLC MB . -9.79 6.44 2.87
H3'1 PLC MB . -8.38 5.47 4.54
H3'2 PLC MB . -9.37 4.01 4.67
H4'1 PLC MB . -11.26 5.59 5.50
H4'2 PLC MB . -9.99 6.80 5.71
H5'1 PLC MB . -9.63 4.02 6.86
H5'2 PLC MB . -10.65 5.18 7.70
H6'1 PLC MB . -8.00 6.23 6.81
H6'2 PLC MB . -7.94 4.98 8.05
H7'1 PLC MB . -9.05 6.28 9.63
H7'2 PLC MB . -9.92 7.21 8.41
H8'1 PLC MB . -8.32 8.81 8.37
H8'2 PLC MB . -7.05 7.62 8.13
H9'1 PLC MB . -7.35 7.10 10.68
H9'2 PLC MB . -8.18 8.65 10.73
HT'1 PLC MB . -5.45 8.41 9.45
HT'2 PLC MB . -5.62 8.61 11.19
HE'1 PLC MB . -5.33 10.74 9.91
HE'2 PLC MB . -6.74 10.70 10.90
HE'3 PLC MB . -6.88 10.46 9.19
H1A1 PLC MB . -6.80 2.75 0.83
H1A2 PLC MB . -6.11 1.23 0.25
H2A1 PLC MB . -6.66 0.10 2.17
H2A2 PLC MB . -8.18 0.97 2.38
H3A1 PLC MB . -6.86 2.99 3.10
H3A2 PLC MB . -5.38 2.02 3.01
H4A1 PLC MB . -7.47 0.66 4.56
H4A2 PLC MB . -7.14 2.26 5.21
H5A1 PLC MB . -4.62 1.03 4.55
H5A2 PLC MB . -5.57 -0.13 5.48
H6A1 PLC MB . -5.70 2.64 6.52
H6A2 PLC MB . -4.08 1.96 6.55
H7A1 PLC MB . -4.99 -0.06 7.74
H7A2 PLC MB . -6.57 0.71 7.78
H8A1 PLC MB . -5.97 2.13 9.45
H8A2 PLC MB . -4.38 2.43 8.76
H9A1 PLC MB . -3.38 0.78 10.00
H9A2 PLC MB . -4.75 -0.31 9.81
HTA1 PLC MB . -6.00 0.81 11.56
HTA2 PLC MB . -4.83 2.14 11.62
HEA1 PLC MB . -3.67 1.01 13.15
HEA2 PLC MB . -3.39 -0.26 12.02
HEA3 PLC MB . -4.78 -0.32 13.06
CU CU NB . -9.47 18.12 -0.33
C1 PLC OB . 2.67 7.74 -9.91
C2 PLC OB . 2.71 8.29 -8.48
C3 PLC OB . 3.87 9.28 -8.35
C4 PLC OB . -1.90 7.85 -11.72
C5 PLC OB . -2.95 8.24 -10.69
C6 PLC OB . -3.55 10.10 -12.08
C7 PLC OB . -4.20 10.07 -9.77
C8 PLC OB . -1.90 10.37 -10.37
C' PLC OB . 0.96 8.56 -6.90
C1' PLC OB . 0.90 9.56 -5.76
C2' PLC OB . 0.92 8.81 -4.44
C3' PLC OB . 0.79 9.78 -3.27
C4' PLC OB . 2.15 10.03 -2.62
C5' PLC OB . 2.13 11.33 -1.82
C6' PLC OB . 1.66 11.09 -0.40
C7' PLC OB . 2.01 12.28 0.50
C8' PLC OB . 1.63 12.00 1.95
C9' PLC OB . 0.85 13.17 2.55
CA' PLC OB . 0.26 12.80 3.90
CB' PLC OB . 0.55 13.88 4.93
CB PLC OB . 5.70 9.13 -6.67
C1B PLC OB . 5.48 10.55 -6.24
C2B PLC OB . 5.01 10.58 -4.79
C3B PLC OB . 5.51 11.83 -4.07
C4B PLC OB . 5.83 11.51 -2.61
C5B PLC OB . 6.12 12.78 -1.82
C6B PLC OB . 7.44 12.67 -1.08
C7B PLC OB . 7.22 12.22 0.37
C8B PLC OB . 8.42 11.44 0.88
C9B PLC OB . 9.10 12.19 2.03
CAA PLC OB . 9.90 11.23 2.90
CBA PLC OB . 11.32 11.73 3.11
O' PLC OB . 0.54 7.43 -6.75
OB PLC OB . 6.46 8.40 -6.06
O2 PLC OB . 1.48 8.95 -8.20
O3 PLC OB . 5.01 8.59 -7.83
O1P PLC OB . 0.86 8.62 -12.05
O2P PLC OB . 1.03 6.03 -12.39
O3P PLC OB . 1.42 7.08 -10.12
O4P PLC OB . -0.89 7.05 -11.09
N PLC OB . -3.15 9.70 -10.73
P PLC OB . 0.65 7.22 -11.53
H11 PLC OB . 2.79 8.56 -10.62
H12 PLC OB . 3.49 7.03 -10.06
H2 PLC OB . 2.87 7.45 -7.79
H31 PLC OB . 4.10 9.70 -9.33
H32 PLC OB . 3.58 10.08 -7.68
H41 PLC OB . -2.37 7.28 -12.52
H42 PLC OB . -1.45 8.74 -12.16
H51 PLC OB . -2.62 7.94 -9.69
H52 PLC OB . -3.89 7.73 -10.90
H61 PLC OB . -4.19 9.36 -12.49
H62 PLC OB . -2.69 10.20 -12.69
H63 PLC OB . -4.06 11.03 -12.03
H71 PLC OB . -5.14 10.11 -10.27
H72 PLC OB . -4.25 9.35 -8.99
H73 PLC OB . -3.98 11.02 -9.36
H81 PLC OB . -2.08 11.40 -10.19
H82 PLC OB . -1.50 9.93 -9.48
H83 PLC OB . -1.20 10.27 -11.16
H1'1 PLC OB . 0.01 10.16 -5.84
H1'2 PLC OB . 1.77 10.22 -5.83
H2'1 PLC OB . 1.84 8.24 -4.34
H2'2 PLC OB . 0.09 8.10 -4.41
H3'1 PLC OB . 0.10 9.37 -2.53
H3'2 PLC OB . 0.38 10.73 -3.62
H4'1 PLC OB . 2.92 10.08 -3.40
H4'2 PLC OB . 2.39 9.20 -1.96
H5'1 PLC OB . 1.48 12.05 -2.31
H5'2 PLC OB . 3.14 11.76 -1.80
H6'1 PLC OB . 2.14 10.19 0.00
H6'2 PLC OB . 0.58 10.94 -0.39
H7'1 PLC OB . 1.48 13.17 0.15
H7'2 PLC OB . 3.09 12.48 0.44
H8'1 PLC OB . 2.53 11.82 2.54
H8'2 PLC OB . 1.02 11.09 2.00
H9'1 PLC OB . 0.04 13.45 1.87
H9'2 PLC OB . 1.51 14.02 2.66
HT'1 PLC OB . 0.70 11.86 4.24
HT'2 PLC OB . -0.81 12.67 3.81
HE'1 PLC OB . 0.34 13.51 5.89
HE'2 PLC OB . -0.07 14.71 4.73
HE'3 PLC OB . 1.56 14.17 4.86
H1A1 PLC OB . 4.74 11.03 -6.87
H1A2 PLC OB . 6.42 11.12 -6.32
H2A1 PLC OB . 5.38 9.69 -4.26
H2A2 PLC OB . 3.92 10.55 -4.77
H3A1 PLC OB . 4.74 12.60 -4.11
H3A2 PLC OB . 6.40 12.20 -4.57
H4A1 PLC OB . 6.69 10.85 -2.56
H4A2 PLC OB . 4.98 10.99 -2.15
H5A1 PLC OB . 5.31 12.96 -1.11
H5A2 PLC OB . 6.16 13.63 -2.50
H6A1 PLC OB . 7.94 13.64 -1.08
H6A2 PLC OB . 8.09 11.96 -1.58
H7A1 PLC OB . 6.33 11.59 0.41
H7A2 PLC OB . 7.05 13.10 1.00
H8A1 PLC OB . 9.15 11.30 0.07
H8A2 PLC OB . 8.10 10.47 1.22
H9A1 PLC OB . 9.77 12.95 1.62
H9A2 PLC OB . 8.35 12.69 2.64
HTA1 PLC OB . 9.94 10.25 2.42
HTA2 PLC OB . 9.41 11.11 3.86
HEA1 PLC OB . 11.31 12.51 3.83
HEA2 PLC OB . 11.92 10.94 3.47
HEA3 PLC OB . 11.71 12.10 2.20
CAA HXG PB . -3.54 6.06 6.88
CAJ HXG PB . -4.12 5.26 5.73
CAL HXG PB . -3.57 5.65 4.39
CAN HXG PB . -3.98 4.71 3.26
CAQ HXG PB . -3.71 5.29 1.91
CAZ HXG PB . -4.80 5.02 0.91
OAF HXG PB . -5.93 4.73 1.19
OAV HXG PB . -4.37 5.15 -0.34
CAT HXG PB . -5.23 4.64 -1.37
CBB HXG PB . -4.48 4.64 -2.69
OAY HXG PB . -3.14 4.15 -2.45
CBA HXG PB . -2.10 4.91 -2.85
OAG HXG PB . -2.09 5.46 -3.92
CAR HXG PB . -1.02 5.01 -1.82
CAO HXG PB . -1.39 5.85 -0.64
CAM HXG PB . -0.20 6.17 0.26
CAK HXG PB . -0.57 6.66 1.64
CAB HXG PB . 0.60 7.18 2.43
CAU HXG PB . -5.12 3.78 -3.74
OAX HXG PB . -5.57 4.61 -4.85
PBD HXG PB . -7.13 4.61 -5.24
OAI HXG PB . -7.93 4.71 -3.98
OAH HXG PB . -7.37 3.48 -6.20
OAW HXG PB . -7.29 5.99 -6.05
CAP HXG PB . -8.27 6.08 -7.12
CAS HXG PB . -8.21 7.44 -7.78
NBC HXG PB . -6.91 7.78 -8.48
CAD HXG PB . -6.47 6.64 -9.32
CAE HXG PB . -7.09 8.98 -9.34
CAC HXG PB . -5.85 8.07 -7.47
H1 HXG PB . -4.11 6.83 7.05
H2 HXG PB . -3.50 5.50 7.68
H3 HXG PB . -2.65 6.36 6.65
H4 HXG PB . -3.94 4.31 5.90
H5 HXG PB . -5.10 5.38 5.72
H6 HXG PB . -3.88 6.55 4.18
H7 HXG PB . -2.59 5.67 4.45
H8 HXG PB . -3.49 3.87 3.36
H9 HXG PB . -4.93 4.51 3.34
H10 HXG PB . -3.58 6.26 1.99
H11 HXG PB . -2.86 4.92 1.56
H12 HXG PB . -5.51 3.72 -1.15
H13 HXG PB . -6.04 5.21 -1.44
H14 HXG PB . -4.44 5.57 -3.02
H15 HXG PB . -0.78 4.11 -1.52
H16 HXG PB . -0.21 5.40 -2.24
H17 HXG PB . -1.79 6.68 -0.94
H18 HXG PB . -2.06 5.37 -0.10
H19 HXG PB . 0.35 5.36 0.35
H20 HXG PB . 0.35 6.86 -0.18
H21 HXG PB . -1.23 7.38 1.54
H22 HXG PB . -0.99 5.92 2.13
H23 HXG PB . 0.50 8.14 2.56
H24 HXG PB . 0.62 6.74 3.30
H25 HXG PB . 1.43 7.00 1.96
H26 HXG PB . -4.47 3.12 -4.08
H27 HXG PB . -5.89 3.30 -3.37
H29 HXG PB . -8.10 5.38 -7.79
H30 HXG PB . -9.18 5.93 -6.76
H31 HXG PB . -8.93 7.49 -8.43
H32 HXG PB . -8.38 8.12 -7.10
H33 HXG PB . -7.05 6.59 -10.10
H34 HXG PB . -5.55 6.79 -9.60
H35 HXG PB . -6.53 5.82 -8.81
H36 HXG PB . -7.59 9.66 -8.83
H37 HXG PB . -6.23 9.33 -9.59
H38 HXG PB . -7.60 8.74 -10.12
H39 HXG PB . -5.54 7.24 -7.09
H40 HXG PB . -5.12 8.53 -7.90
H41 HXG PB . -6.22 8.63 -6.77
C1 D10 QB . 0.39 2.57 6.66
C2 D10 QB . -0.53 3.05 5.57
C3 D10 QB . -1.02 1.88 4.72
C4 D10 QB . -1.54 2.36 3.38
C5 D10 QB . -1.59 1.22 2.37
C6 D10 QB . -2.08 1.71 1.00
C7 D10 QB . -2.30 0.54 0.05
C8 D10 QB . -2.79 1.04 -1.30
C9 D10 QB . -3.00 -0.12 -2.27
C10 D10 QB . -3.40 0.38 -3.63
H11 D10 QB . 0.73 3.40 7.24
H12 D10 QB . 1.23 2.08 6.25
H13 D10 QB . -0.14 1.90 7.30
H21 D10 QB . -1.38 3.56 6.00
H22 D10 QB . 0.01 3.76 4.93
H31 D10 QB . -0.19 1.18 4.55
H32 D10 QB . -1.81 1.35 5.25
H41 D10 QB . -2.54 2.78 3.50
H42 D10 QB . -0.88 3.16 2.99
H51 D10 QB . -0.59 0.78 2.26
H52 D10 QB . -2.26 0.44 2.73
H61 D10 QB . -3.01 2.27 1.14
H62 D10 QB . -1.33 2.40 0.58
H71 D10 QB . -1.37 0.00 -0.08
H72 D10 QB . -3.04 -0.14 0.49
H81 D10 QB . -3.74 1.57 -1.17
H82 D10 QB . -2.06 1.74 -1.72
H91 D10 QB . -2.06 -0.69 -2.35
H92 D10 QB . -3.77 -0.79 -1.89
H101 D10 QB . -3.61 -0.44 -4.27
H102 D10 QB . -4.28 0.97 -3.55
H103 D10 QB . -2.62 0.96 -4.05
C1 PLC RB . -2.33 29.80 -12.36
C2 PLC RB . -1.82 30.24 -10.99
C3 PLC RB . -2.95 30.70 -10.06
C4 PLC RB . -6.55 29.55 -14.04
C5 PLC RB . -7.62 29.77 -12.97
C6 PLC RB . -6.52 31.60 -11.60
C7 PLC RB . -8.07 32.20 -13.47
C8 PLC RB . -8.97 31.16 -11.37
C' PLC RB . -1.64 28.28 -9.53
C1' PLC RB . -1.13 28.36 -8.09
C2' PLC RB . -1.86 27.38 -7.13
C3' PLC RB . -1.23 27.34 -5.70
C4' PLC RB . -1.95 26.37 -4.73
C5' PLC RB . -1.26 26.21 -3.32
C6' PLC RB . -1.15 27.54 -2.52
C7' PLC RB . -0.76 27.37 -1.02
C8' PLC RB . -0.65 28.72 -0.25
C9' PLC RB . -0.06 28.62 1.18
CA' PLC RB . -0.04 29.96 1.97
CB' PLC RB . 0.71 29.88 3.34
CB PLC RB . -2.66 33.05 -10.55
C1B PLC RB . -1.83 33.41 -9.30
C2B PLC RB . -2.56 33.17 -7.93
C3B PLC RB . -2.16 34.17 -6.82
C4B PLC RB . -2.76 33.83 -5.42
C5B PLC RB . -2.85 35.05 -4.44
C6B PLC RB . -1.56 35.91 -4.30
C7B PLC RB . -1.70 37.11 -3.29
C8B PLC RB . -0.79 38.33 -3.61
C9B PLC RB . -0.97 39.54 -2.60
CAA PLC RB . -0.08 39.42 -1.31
CBA PLC RB . 1.39 39.95 -1.51
O' PLC RB . -2.54 27.56 -9.87
OB PLC RB . -2.63 33.66 -11.59
O2 PLC RB . -1.06 29.11 -10.42
O3 PLC RB . -3.47 32.01 -10.38
O1P PLC RB . -3.36 29.52 -15.19
O2P PLC RB . -4.58 31.78 -14.79
O3P PLC RB . -3.07 30.85 -13.05
O4P PLC RB . -5.20 29.64 -13.50
N PLC RB . -7.78 31.18 -12.37
P PLC RB . -4.06 30.48 -14.26
H11 PLC RB . -1.58 29.55 -12.95
H12 PLC RB . -2.90 29.01 -12.27
H2 PLC RB . -1.16 30.98 -11.11
H31 PLC RB . -2.63 30.71 -9.12
H32 PLC RB . -3.70 30.06 -10.10
H41 PLC RB . -6.65 28.65 -14.46
H42 PLC RB . -6.66 30.21 -14.77
H51 PLC RB . -7.44 29.15 -12.22
H52 PLC RB . -8.51 29.51 -13.34
H61 PLC RB . -6.25 30.90 -10.98
H62 PLC RB . -6.69 32.41 -11.10
H63 PLC RB . -5.79 31.77 -12.22
H71 PLC RB . -8.32 33.05 -13.08
H72 PLC RB . -8.80 31.88 -14.04
H73 PLC RB . -7.27 32.33 -14.02
H81 PLC RB . -9.08 32.06 -11.00
H82 PLC RB . -8.79 30.55 -10.66
H83 PLC RB . -9.78 30.90 -11.84
H1'1 PLC RB . -1.24 29.29 -7.76
H1'2 PLC RB . -0.16 28.16 -8.09
H2'1 PLC RB . -1.83 26.46 -7.50
H2'2 PLC RB . -2.81 27.63 -7.05
H3'1 PLC RB . -1.23 28.25 -5.32
H3'2 PLC RB . -0.28 27.07 -5.77
H4'1 PLC RB . -2.03 25.47 -5.16
H4'2 PLC RB . -2.89 26.68 -4.59
H5'1 PLC RB . -0.36 25.83 -3.44
H5'2 PLC RB . -1.77 25.56 -2.77
H6'1 PLC RB . -2.01 28.03 -2.58
H6'2 PLC RB . -0.48 28.14 -2.96
H7'1 PLC RB . 0.11 26.90 -0.97
H7'2 PLC RB . -1.42 26.79 -0.59
H8'1 PLC RB . -1.55 29.14 -0.20
H8'2 PLC RB . -0.10 29.35 -0.78
H9'1 PLC RB . 0.88 28.27 1.12
H9'2 PLC RB . -0.57 27.93 1.70
HT'1 PLC RB . -0.98 30.25 2.12
HT'2 PLC RB . 0.37 30.66 1.40
HE'1 PLC RB . 0.35 29.16 3.89
HE'2 PLC RB . 0.65 30.73 3.83
HE'3 PLC RB . 1.66 29.69 3.18
H1A1 PLC RB . -1.57 34.36 -9.35
H1A2 PLC RB . -0.98 32.88 -9.33
H2A1 PLC RB . -2.38 32.25 -7.60
H2A2 PLC RB . -3.54 33.23 -8.07
H3A1 PLC RB . -2.45 35.08 -7.08
H3A2 PLC RB . -1.17 34.22 -6.77
H4A1 PLC RB . -2.22 33.11 -5.01
H4A2 PLC RB . -3.66 33.44 -5.56
H5A1 PLC RB . -3.11 34.71 -3.54
H5A2 PLC RB . -3.59 35.65 -4.73
H6A1 PLC RB . -1.31 36.26 -5.18
H6A2 PLC RB . -0.81 35.32 -4.01
H7A1 PLC RB . -1.51 36.80 -2.37
H7A2 PLC RB . -2.64 37.41 -3.30
H8A1 PLC RB . -0.98 38.64 -4.54
H8A2 PLC RB . 0.15 38.04 -3.60
H9A1 PLC RB . -1.93 39.60 -2.35
H9A2 PLC RB . -0.74 40.38 -3.05
HTA1 PLC RB . -0.06 38.47 -1.04
HTA2 PLC RB . -0.51 39.92 -0.55
HEA1 PLC RB . 1.93 39.74 -0.72
HEA2 PLC RB . 1.78 39.51 -2.29
HEA3 PLC RB . 1.38 40.90 -1.65
CAA HXG SB . -23.42 29.44 14.68
CAJ HXG SB . -23.33 29.64 13.18
CAL HXG SB . -24.56 30.27 12.59
CAN HXG SB . -24.63 30.19 11.07
CAQ HXG SB . -25.92 30.71 10.51
CAZ HXG SB . -25.85 31.05 9.05
OAF HXG SB . -25.09 30.57 8.26
OAV HXG SB . -26.78 31.95 8.72
CAT HXG SB . -26.96 32.19 7.31
CBB HXG SB . -28.34 31.74 6.89
OAY HXG SB . -29.30 32.03 7.94
CBA HXG SB . -29.19 33.19 8.60
OAG HXG SB . -28.62 34.14 8.13
CAR HXG SB . -29.82 33.15 9.96
CAO HXG SB . -29.16 34.06 10.96
CAM HXG SB . -28.50 33.29 12.10
CAK HXG SB . -27.76 34.17 13.09
CAB HXG SB . -26.89 33.40 14.05
CAU HXG SB . -28.84 32.39 5.62
OAX HXG SB . -30.23 32.03 5.40
PBD HXG SB . -31.37 33.13 5.63
OAI HXG SB . -31.42 33.45 7.10
OAH HXG SB . -32.61 32.67 4.93
OAW HXG SB . -30.79 34.41 4.85
CAP HXG SB . -30.22 34.24 3.53
CAS HXG SB . -29.13 35.27 3.30
NBC HXG SB . -27.86 34.76 2.64
CAD HXG SB . -28.20 33.99 1.40
CAE HXG SB . -27.12 33.86 3.58
CAC HXG SB . -26.98 35.90 2.27
H1 HXG SB . -22.73 28.82 14.96
H2 HXG SB . -24.30 29.08 14.91
H3 HXG SB . -23.30 30.30 15.13
H4 HXG SB . -23.18 28.77 12.76
H5 HXG SB . -22.55 30.20 12.98
H6 HXG SB . -24.59 31.22 12.85
H7 HXG SB . -25.35 29.84 12.96
H8 HXG SB . -24.51 29.25 10.79
H9 HXG SB . -23.89 30.71 10.69
H10 HXG SB . -26.18 31.53 11.01
H11 HXG SB . -26.62 30.05 10.66
H12 HXG SB . -26.27 31.70 6.80
H13 HXG SB . -26.85 33.16 7.13
H14 HXG SB . -28.31 30.76 6.75
H15 HXG SB . -29.78 32.23 10.30
H16 HXG SB . -30.76 33.40 9.88
H17 HXG SB . -29.83 34.67 11.33
H18 HXG SB . -28.48 34.59 10.50
H19 HXG SB . -27.87 32.64 11.73
H20 HXG SB . -29.19 32.80 12.59
H21 HXG SB . -28.41 34.69 13.59
H22 HXG SB . -27.19 34.80 12.59
H23 HXG SB . -26.44 34.01 14.64
H24 HXG SB . -26.23 32.87 13.55
H25 HXG SB . -27.45 32.79 14.58
H26 HXG SB . -28.29 32.09 4.86
H27 HXG SB . -28.75 33.36 5.70
H29 HXG SB . -30.91 34.34 2.85
H30 HXG SB . -29.83 33.33 3.46
H31 HXG SB . -28.89 35.66 4.16
H32 HXG SB . -29.50 35.98 2.74
H33 HXG SB . -27.60 34.26 0.69
H34 HXG SB . -29.11 34.18 1.17
H35 HXG SB . -28.09 33.05 1.58
H36 HXG SB . -26.18 34.04 3.51
H37 HXG SB . -27.30 32.94 3.33
H38 HXG SB . -27.44 34.03 4.47
H39 HXG SB . -26.17 35.56 1.88
H40 HXG SB . -26.78 36.41 3.08
H41 HXG SB . -27.44 36.47 1.64
C1 PLC TB . -16.79 43.04 -4.21
C2 PLC TB . -16.32 43.61 -2.88
C3 PLC TB . -14.80 43.61 -2.74
C4 PLC TB . -20.78 45.37 -4.09
C5 PLC TB . -20.44 44.92 -2.68
C6 PLC TB . -21.51 42.64 -2.99
C7 PLC TB . -20.65 43.32 -0.75
C8 PLC TB . -22.69 44.42 -1.67
C' PLC TB . -16.66 45.71 -1.68
C1' PLC TB . -17.46 45.37 -0.42
C2' PLC TB . -16.64 44.60 0.65
C3' PLC TB . -17.18 44.78 2.10
C4' PLC TB . -16.33 44.11 3.22
C5' PLC TB . -16.60 44.67 4.66
C6' PLC TB . -17.94 44.16 5.31
C7' PLC TB . -17.77 42.88 6.20
C8' PLC TB . -18.99 42.57 7.14
C9' PLC TB . -19.14 43.53 8.38
CA' PLC TB . -18.41 43.07 9.69
CB' PLC TB . -16.85 43.15 9.62
CB PLC TB . -13.51 41.91 -1.62
C1B PLC TB . -14.18 41.93 -0.25
C2B PLC TB . -13.30 41.35 0.88
C3B PLC TB . -14.05 41.27 2.25
C4B PLC TB . -13.15 41.59 3.49
C5B PLC TB . -11.98 40.58 3.70
C6B PLC TB . -11.13 40.86 4.98
C7B PLC TB . -9.69 40.26 4.93
C8B PLC TB . -8.80 40.66 6.15
C9B PLC TB . -8.99 39.82 7.43
CAA PLC TB . -7.97 40.15 8.56
CBA PLC TB . -7.80 39.01 9.62
O' PLC TB . -15.86 46.62 -1.73
OB PLC TB . -12.35 41.65 -1.81
O2 PLC TB . -16.87 44.97 -2.79
O3 PLC TB . -14.34 42.24 -2.62
O1P PLC TB . -18.62 43.72 -6.85
O2P PLC TB . -18.07 45.67 -5.26
O3P PLC TB . -18.22 43.25 -4.43
O4P PLC TB . -20.30 44.46 -5.15
N PLC TB . -21.33 43.83 -2.04
P PLC TB . -18.74 44.35 -5.49
H11 PLC TB . -16.62 42.06 -4.24
H12 PLC TB . -16.29 43.45 -4.95
H2 PLC TB . -16.72 43.07 -2.13
H31 PLC TB . -14.50 44.15 -1.96
H32 PLC TB . -14.39 44.01 -3.55
H41 PLC TB . -21.76 45.44 -4.19
H42 PLC TB . -20.42 46.28 -4.28
H51 PLC TB . -20.45 45.70 -2.06
H52 PLC TB . -19.52 44.59 -2.67
H61 PLC TB . -20.65 42.33 -3.30
H62 PLC TB . -22.05 42.91 -3.74
H63 PLC TB . -21.96 41.91 -2.52
H71 PLC TB . -21.21 42.64 -0.33
H72 PLC TB . -20.53 44.06 -0.12
H73 PLC TB . -19.79 42.93 -0.95
H81 PLC TB . -23.17 44.68 -2.49
H82 PLC TB . -22.58 45.19 -1.11
H83 PLC TB . -23.22 43.76 -1.21
H1'1 PLC TB . -18.26 44.85 -0.66
H1'2 PLC TB . -17.79 46.21 -0.02
H2'1 PLC TB . -15.69 44.91 0.63
H2'2 PLC TB . -16.62 43.63 0.44
H3'1 PLC TB . -18.12 44.45 2.14
H3'2 PLC TB . -17.23 45.75 2.29
H4'1 PLC TB . -15.37 44.22 2.99
H4'2 PLC TB . -16.50 43.13 3.22
H5'1 PLC TB . -16.61 45.66 4.61
H5'2 PLC TB . -15.84 44.42 5.26
H6'1 PLC TB . -18.59 43.97 4.60
H6'2 PLC TB . -18.34 44.88 5.87
H7'1 PLC TB . -16.96 43.00 6.76
H7'2 PLC TB . -17.58 42.10 5.62
H8'1 PLC TB . -18.93 41.64 7.47
H8'2 PLC TB . -19.82 42.62 6.58
H9'1 PLC TB . -20.11 43.66 8.58
H9'2 PLC TB . -18.80 44.41 8.13
HT'1 PLC TB . -18.68 42.13 9.89
HT'2 PLC TB . -18.74 43.62 10.46
HE'1 PLC TB . -16.45 42.90 10.48
HE'2 PLC TB . -16.57 44.07 9.40
HE'3 PLC TB . -16.51 42.56 8.94
H1A1 PLC TB . -14.43 42.86 -0.02
H1A2 PLC TB . -15.03 41.42 -0.29
H2A1 PLC TB . -12.50 41.92 0.99
H2A2 PLC TB . -12.96 40.46 0.62
H3A1 PLC TB . -14.44 40.37 2.37
H3A2 PLC TB . -14.81 41.90 2.23
H4A1 PLC TB . -13.70 41.61 4.32
H4A2 PLC TB . -12.77 42.50 3.38
H5A1 PLC TB . -11.39 40.61 2.90
H5A2 PLC TB . -12.35 39.66 3.74
H6A1 PLC TB . -11.60 40.52 5.78
H6A2 PLC TB . -11.05 41.84 5.10
H7A1 PLC TB . -9.27 40.55 4.09
H7A2 PLC TB . -9.76 39.28 4.90
H8A1 PLC TB . -7.85 40.60 5.89
H8A2 PLC TB . -8.95 41.62 6.36
H9A1 PLC TB . -8.92 38.87 7.21
H9A2 PLC TB . -9.93 39.95 7.77
HTA1 PLC TB . -8.22 40.99 9.02
HTA2 PLC TB . -7.09 40.33 8.14
HEA1 PLC TB . -8.68 38.81 10.02
HEA2 PLC TB . -7.19 39.27 10.33
HEA3 PLC TB . -7.47 38.20 9.19
O1 P1O UB . -6.71 46.87 25.33
O2 P1O UB . -6.30 45.85 27.70
P1 P1O UB . -6.35 45.70 26.20
O3 P1O UB . -4.93 45.12 25.70
C1 P1O UB . -3.71 45.54 26.30
C2 P1O UB . -3.69 45.14 27.77
N1 P1O UB . -3.24 46.28 28.58
C3 P1O UB . -4.20 47.39 28.46
C4 P1O UB . -3.16 45.87 30.00
C5 P1O UB . -1.92 46.72 28.12
O4 P1O UB . -7.34 44.48 25.85
C6 P1O UB . -8.68 44.74 25.42
C7 P1O UB . -8.86 44.21 24.00
C8 P1O UB . -7.95 44.98 23.06
O5 P1O UB . -6.58 44.73 23.38
C9 P1O UB . -5.57 44.77 22.35
O6 P1O UB . -4.43 45.05 22.65
C10 P1O UB . -5.94 44.48 20.91
C11 P1O UB . -6.54 45.72 20.26
C12 P1O UB . -7.93 45.43 19.72
C13 P1O UB . -7.86 44.72 18.38
C14 P1O UB . -9.01 45.15 17.47
C15 P1O UB . -9.07 44.29 16.23
C16 P1O UB . -9.98 44.91 15.17
C17 P1O UB . -9.70 44.33 13.79
C18 P1O UB . -10.73 44.79 12.78
O7 P1O UB . -8.53 42.83 23.98
C19 P1O UB . -9.50 42.04 23.25
O8 P1O UB . -10.00 41.07 23.79
C20 P1O UB . -9.90 42.42 21.84
C21 P1O UB . -10.32 41.18 21.08
C22 P1O UB . -10.58 41.50 19.61
C23 P1O UB . -10.93 40.25 18.82
C24 P1O UB . -9.82 39.90 17.83
C25 P1O UB . -10.09 40.50 16.46
C26 P1O UB . -9.04 40.06 15.45
C27 P1O UB . -9.62 40.00 14.05
C28 P1O UB . -8.56 39.65 13.03
H1 P1O UB . -3.62 46.64 26.21
H2 P1O UB . -2.86 45.09 25.78
H3 P1O UB . -3.02 44.29 27.92
H4 P1O UB . -4.70 44.84 28.08
H5 P1O UB . -5.18 46.99 28.39
H6 P1O UB . -3.99 47.94 27.58
H7 P1O UB . -4.12 48.02 29.30
H8 P1O UB . -2.21 46.14 30.38
H9 P1O UB . -3.28 44.82 30.06
H10 P1O UB . -3.92 46.35 30.55
H11 P1O UB . -1.50 45.97 27.51
H12 P1O UB . -1.29 46.90 28.95
H13 P1O UB . -2.03 47.61 27.56
H14 P1O UB . -9.38 44.27 26.09
H15 P1O UB . -8.87 45.82 25.43
H16 P1O UB . -9.90 44.36 23.70
H17 P1O UB . -8.16 46.05 23.14
H18 P1O UB . -8.14 44.68 22.03
H19 P1O UB . -6.66 43.67 20.87
H20 P1O UB . -5.05 44.18 20.36
H21 P1O UB . -5.88 46.06 19.45
H22 P1O UB . -6.59 46.52 21.00
H23 P1O UB . -8.47 46.37 19.61
H24 P1O UB . -8.48 44.82 20.44
H25 P1O UB . -7.90 43.64 18.53
H26 P1O UB . -6.91 44.95 17.89
H27 P1O UB . -8.89 46.20 17.19
H28 P1O UB . -9.96 45.05 18.03
H29 P1O UB . -8.06 44.16 15.82
H30 P1O UB . -9.44 43.28 16.48
H31 P1O UB . -9.83 45.99 15.15
H32 P1O UB . -11.02 44.72 15.44
H33 P1O UB . -9.69 43.24 13.85
H34 P1O UB . -8.70 44.65 13.47
H35 P1O UB . -10.24 45.20 11.94
H36 P1O UB . -11.35 45.53 13.23
H37 P1O UB . -11.32 43.96 12.48
H38 P1O UB . -9.05 42.89 21.34
H39 P1O UB . -10.72 43.13 21.87
H40 P1O UB . -11.23 40.76 21.52
H41 P1O UB . -9.54 40.41 21.15
H42 P1O UB . -9.68 41.96 19.18
H43 P1O UB . -11.39 42.22 19.54
H44 P1O UB . -11.86 40.42 18.27
H45 P1O UB . -11.08 39.42 19.50
H46 P1O UB . -9.74 38.82 17.75
H47 P1O UB . -8.86 40.28 18.21
H48 P1O UB . -10.09 41.60 16.53
H49 P1O UB . -11.08 40.20 16.12
H50 P1O UB . -8.67 39.07 15.73
H51 P1O UB . -8.19 40.75 15.47
H52 P1O UB . -10.06 40.97 13.79
H53 P1O UB . -10.41 39.25 14.00
H54 P1O UB . -7.75 40.34 13.11
H55 P1O UB . -8.96 39.70 12.05
H56 P1O UB . -8.20 38.68 13.22
O1 P1O VB . 11.29 35.89 23.74
O2 P1O VB . 10.73 34.90 21.39
P1 P1O VB . 10.82 36.08 22.33
O3 P1O VB . 11.72 37.22 21.63
C1 P1O VB . 11.26 38.56 21.57
C2 P1O VB . 12.11 39.37 20.59
N1 P1O VB . 11.62 39.17 19.23
C3 P1O VB . 10.32 39.85 19.07
C4 P1O VB . 12.57 39.73 18.27
C5 P1O VB . 11.44 37.73 18.97
O4 P1O VB . 9.38 36.80 22.37
C6 P1O VB . 8.24 36.25 21.69
C7 P1O VB . 8.34 36.55 20.21
C8 P1O VB . 8.89 35.33 19.46
O5 P1O VB . 8.54 34.13 20.15
C9 P1O VB . 7.56 33.22 19.57
O6 P1O VB . 6.50 33.67 19.18
C10 P1O VB . 7.88 31.75 19.46
C11 P1O VB . 7.23 31.18 18.21
C12 P1O VB . 7.54 32.03 16.98
C13 P1O VB . 7.99 31.16 15.82
C14 P1O VB . 6.81 30.49 15.15
C15 P1O VB . 6.84 30.68 13.64
C16 P1O VB . 5.70 31.57 13.17
C17 P1O VB . 5.20 31.14 11.80
C18 P1O VB . 5.03 32.33 10.88
O7 P1O VB . 7.05 36.87 19.69
C19 P1O VB . 7.04 38.15 19.01
O8 P1O VB . 7.76 39.05 19.42
C20 P1O VB . 6.17 38.38 17.79
C21 P1O VB . 5.80 39.85 17.69
C22 P1O VB . 6.81 40.61 16.84
C23 P1O VB . 6.63 40.31 15.36
C24 P1O VB . 5.86 41.42 14.67
C25 P1O VB . 6.35 41.62 13.24
C26 P1O VB . 5.68 40.61 12.31
C27 P1O VB . 4.92 41.31 11.19
C28 P1O VB . 4.54 40.34 10.10
H1 P1O VB . 11.31 39.01 22.57
H2 P1O VB . 10.21 38.58 21.25
H3 P1O VB . 13.15 39.03 20.66
H4 P1O VB . 12.07 40.42 20.86
H5 P1O VB . 10.18 40.53 19.88
H6 P1O VB . 9.54 39.13 19.09
H7 P1O VB . 10.30 40.37 18.15
H8 P1O VB . 12.05 40.12 17.44
H9 P1O VB . 13.24 38.98 17.95
H10 P1O VB . 13.12 40.51 18.75
H11 P1O VB . 10.42 37.49 19.05
H12 P1O VB . 11.79 37.51 18.00
H13 P1O VB . 11.99 37.18 19.69
H14 P1O VB . 7.32 36.68 22.10
H15 P1O VB . 8.21 35.17 21.86
H16 P1O VB . 9.02 37.40 20.06
H17 P1O VB . 9.97 35.41 19.39
H18 P1O VB . 8.49 35.31 18.45
H19 P1O VB . 7.51 31.23 20.34
H20 P1O VB . 8.97 31.61 19.41
H21 P1O VB . 6.15 31.13 18.36
H22 P1O VB . 7.59 30.16 18.04
H23 P1O VB . 8.33 32.75 17.23
H24 P1O VB . 6.66 32.60 16.70
H25 P1O VB . 8.70 30.40 16.18
H26 P1O VB . 8.52 31.78 15.09
H27 P1O VB . 5.88 30.91 15.55
H28 P1O VB . 6.82 29.42 15.38
H29 P1O VB . 6.77 29.71 13.15
H30 P1O VB . 7.80 31.13 13.36
H31 P1O VB . 6.04 32.61 13.12
H32 P1O VB . 4.88 31.52 13.89
H33 P1O VB . 4.25 30.63 11.90
H34 P1O VB . 5.91 30.44 11.35
H35 P1O VB . 5.88 32.42 10.25
H36 P1O VB . 4.94 33.22 11.46
H37 P1O VB . 4.16 32.21 10.29
H38 P1O VB . 5.26 37.77 17.88
H39 P1O VB . 6.70 38.06 16.89
H40 P1O VB . 5.75 40.28 18.68
H41 P1O VB . 4.80 39.94 17.23
H42 P1O VB . 7.82 40.33 17.15
H43 P1O VB . 6.70 41.68 17.02
H44 P1O VB . 6.08 39.37 15.24
H45 P1O VB . 7.60 40.19 14.89
H46 P1O VB . 5.98 42.36 15.23
H47 P1O VB . 4.80 41.18 14.65
H48 P1O VB . 7.42 41.49 13.20
H49 P1O VB . 6.11 42.63 12.91
H50 P1O VB . 4.99 39.99 12.88
H51 P1O VB . 6.44 39.96 11.87
H52 P1O VB . 5.54 42.10 10.76
H53 P1O VB . 4.02 41.78 11.60
H54 P1O VB . 5.34 39.68 9.92
H55 P1O VB . 4.29 40.87 9.22
H56 P1O VB . 3.68 39.77 10.42
C1 ETF WB . -11.41 21.33 1.36
C2 ETF WB . -10.44 20.32 1.84
O ETF WB . -10.31 19.27 0.91
F1 ETF WB . -11.55 22.33 2.22
F2 ETF WB . -11.05 21.86 0.20
F3 ETF WB . -12.63 20.81 1.19
H21 ETF WB . -10.76 19.95 2.69
H22 ETF WB . -9.58 20.76 1.98
HO ETF WB . -10.09 18.55 1.31
#